data_5J7O
#
_entry.id   5J7O
#
_cell.length_a   77.330
_cell.length_b   390.650
_cell.length_c   79.490
_cell.angle_alpha   90.00
_cell.angle_beta   112.91
_cell.angle_gamma   90.00
#
_symmetry.space_group_name_H-M   'P 1 21 1'
#
loop_
_entity.id
_entity.type
_entity.pdbx_description
1 polymer 'major capsid protein'
2 polymer unknown
3 water water
#
loop_
_entity_poly.entity_id
_entity_poly.type
_entity_poly.pdbx_seq_one_letter_code
_entity_poly.pdbx_strand_id
1 'polypeptide(L)'
;EAGGVFKLIANDGKADRMIMANDLLNDRIKSIMCLRAKQGFSDPTPTLVDIERTHILLINSHYKPFAAMGYEYQKTRPNT
GNPTYNSTIQFSIPQFGDFFSDMVVHVQLAATSASAGTVPALPAFIGADDQVLTSTSVVSATENTTSGVYTLYTQSYVNQ
QGTTQTVAAAATNFVRYCEYPGLRLFKRVKFEVNGNPLDEYTALAAIMYNKFHVPDFKLTGWKRLIGQEVPVEAASNLVN
IASTTPWGSPIVALSDVNGTAVTGSPVNAAITARKLTQVVFGAQTPKATQEQLNMFVPLLFWFRDPRLAIASVSIPYGQR
FITVDIEQQSNILFTAPGNLFLQTTVETLLTTGAGKGTATGVLLTQYNRYTTYTPTLASGSSIDGTQAVQNIELYINNIF
VTPEIHDIYIKRIGFTLIRVYREQVQREVNAADQVLQSQLKWPVEFIYLGLRPANNIAAGNTYQWRDWHHLTSVTNEPVY
DVSQSYARVSIDDTVAPVGSTTFKQSASQVMQNQYIVPVETETLDTVRVKAHGIELYAQYRAQFYRDYIPWNYGSFNLVT
PQDKGALFLNFCLYPGTYQPSGHVNISRAREFYIEYTSSFCDSSNPCDLISIAKCINFLLISDGSAVLRYSTKEFYLQCL
ILRCI
;
A,B,C,D,E,F
2 'polypeptide(L)'
;(UNK)(UNK)(UNK)(UNK)(UNK)(UNK)(UNK)(UNK)(UNK)(UNK)(UNK)(UNK)(UNK)(UNK)(UNK)(UNK)
(UNK)(UNK)(UNK)(UNK)(UNK)
;
G,H,I,J,K,L
#
# COMPACT_ATOMS: atom_id res chain seq x y z
N ASP A 12 -7.80 -12.54 -4.77
CA ASP A 12 -8.73 -13.58 -5.18
C ASP A 12 -8.39 -14.03 -6.62
N GLY A 13 -8.93 -15.14 -7.11
CA GLY A 13 -9.96 -15.93 -6.45
C GLY A 13 -9.69 -17.38 -6.12
N LYS A 14 -10.27 -18.29 -6.92
CA LYS A 14 -10.33 -19.70 -6.56
C LYS A 14 -8.97 -20.24 -6.14
N ALA A 15 -7.94 -19.96 -6.94
CA ALA A 15 -6.60 -20.45 -6.61
C ALA A 15 -6.09 -19.83 -5.32
N ASP A 16 -6.38 -18.55 -5.10
CA ASP A 16 -5.90 -17.88 -3.89
C ASP A 16 -6.69 -18.27 -2.64
N ARG A 17 -7.94 -18.68 -2.79
CA ARG A 17 -8.70 -19.15 -1.63
C ARG A 17 -8.15 -20.46 -1.08
N MET A 18 -7.57 -21.30 -1.94
CA MET A 18 -7.03 -22.57 -1.52
C MET A 18 -5.58 -22.49 -1.01
N ILE A 19 -4.88 -21.41 -1.34
CA ILE A 19 -3.47 -21.30 -0.98
C ILE A 19 -3.32 -20.46 0.29
N MET A 20 -4.17 -19.46 0.46
CA MET A 20 -4.08 -18.56 1.60
C MET A 20 -5.34 -18.49 2.46
N ALA A 21 -6.52 -18.76 1.89
CA ALA A 21 -7.78 -18.80 2.64
C ALA A 21 -7.94 -17.55 3.50
N ASN A 22 -7.75 -16.39 2.88
CA ASN A 22 -7.74 -15.13 3.63
C ASN A 22 -9.14 -14.70 4.05
N ASP A 23 -10.17 -15.09 3.29
CA ASP A 23 -11.54 -14.82 3.73
C ASP A 23 -11.93 -15.72 4.90
N LEU A 24 -11.42 -16.96 4.92
CA LEU A 24 -11.61 -17.81 6.08
C LEU A 24 -10.86 -17.25 7.29
N LEU A 25 -9.63 -16.80 7.08
CA LEU A 25 -8.81 -16.29 8.18
C LEU A 25 -9.46 -15.07 8.83
N ASN A 26 -9.97 -14.14 8.02
CA ASN A 26 -10.62 -12.96 8.58
C ASN A 26 -11.89 -13.33 9.33
N ASP A 27 -12.67 -14.27 8.81
CA ASP A 27 -13.86 -14.71 9.52
C ASP A 27 -13.51 -15.43 10.82
N ARG A 28 -12.39 -16.15 10.84
CA ARG A 28 -11.93 -16.73 12.11
C ARG A 28 -11.57 -15.63 13.09
N ILE A 29 -10.92 -14.56 12.62
CA ILE A 29 -10.55 -13.46 13.49
C ILE A 29 -11.79 -12.78 14.03
N LYS A 30 -12.77 -12.50 13.16
CA LYS A 30 -14.00 -11.85 13.60
C LYS A 30 -14.75 -12.72 14.61
N SER A 31 -14.72 -14.03 14.42
CA SER A 31 -15.43 -14.92 15.33
C SER A 31 -14.77 -14.95 16.71
N ILE A 32 -13.44 -15.09 16.73
CA ILE A 32 -12.74 -15.23 18.01
C ILE A 32 -12.82 -13.95 18.81
N MET A 33 -12.67 -12.79 18.15
CA MET A 33 -12.75 -11.53 18.88
C MET A 33 -14.12 -11.31 19.51
N CYS A 34 -15.18 -11.85 18.90
CA CYS A 34 -16.51 -11.71 19.46
C CYS A 34 -16.74 -12.68 20.61
N LEU A 35 -16.30 -13.92 20.47
CA LEU A 35 -16.46 -14.89 21.56
C LEU A 35 -15.65 -14.47 22.78
N ARG A 36 -14.47 -13.88 22.57
CA ARG A 36 -13.70 -13.35 23.69
C ARG A 36 -14.43 -12.18 24.35
N ALA A 37 -15.06 -11.32 23.54
CA ALA A 37 -15.85 -10.23 24.11
C ALA A 37 -17.08 -10.76 24.83
N LYS A 38 -17.71 -11.81 24.27
CA LYS A 38 -18.86 -12.42 24.92
C LYS A 38 -18.49 -13.00 26.28
N GLN A 39 -17.35 -13.69 26.36
CA GLN A 39 -16.93 -14.35 27.58
C GLN A 39 -16.31 -13.40 28.60
N GLY A 40 -16.15 -12.12 28.26
CA GLY A 40 -15.66 -11.15 29.21
C GLY A 40 -14.17 -11.00 29.28
N PHE A 41 -13.44 -11.30 28.21
CA PHE A 41 -12.00 -11.08 28.19
C PHE A 41 -11.69 -9.60 28.03
N SER A 42 -10.69 -9.14 28.77
CA SER A 42 -10.28 -7.74 28.66
C SER A 42 -9.71 -7.43 27.28
N ASP A 43 -8.92 -8.34 26.73
CA ASP A 43 -8.28 -8.15 25.43
C ASP A 43 -8.90 -9.12 24.43
N PRO A 44 -9.77 -8.64 23.53
CA PRO A 44 -10.44 -9.55 22.59
C PRO A 44 -9.59 -9.95 21.40
N THR A 45 -8.43 -9.33 21.20
CA THR A 45 -7.61 -9.64 20.03
C THR A 45 -7.10 -11.08 20.12
N PRO A 46 -7.12 -11.82 19.01
CA PRO A 46 -6.82 -13.26 19.07
C PRO A 46 -5.37 -13.53 19.46
N THR A 47 -5.14 -14.78 19.83
CA THR A 47 -3.80 -15.28 20.12
C THR A 47 -3.17 -15.80 18.84
N LEU A 48 -1.84 -15.68 18.75
CA LEU A 48 -1.12 -16.27 17.62
C LEU A 48 -1.41 -17.76 17.48
N VAL A 49 -1.63 -18.45 18.59
CA VAL A 49 -2.00 -19.87 18.53
C VAL A 49 -3.33 -20.04 17.82
N ASP A 50 -4.32 -19.20 18.16
CA ASP A 50 -5.63 -19.29 17.52
C ASP A 50 -5.53 -19.09 16.01
N ILE A 51 -4.66 -18.17 15.57
CA ILE A 51 -4.43 -18.00 14.13
C ILE A 51 -3.76 -19.24 13.56
N GLU A 52 -2.79 -19.80 14.28
CA GLU A 52 -1.99 -20.91 13.76
C GLU A 52 -2.72 -22.24 13.76
N ARG A 53 -3.95 -22.32 14.28
CA ARG A 53 -4.69 -23.56 14.21
C ARG A 53 -5.16 -23.87 12.79
N THR A 54 -5.21 -22.86 11.92
CA THR A 54 -5.55 -23.06 10.52
C THR A 54 -4.50 -22.52 9.55
N HIS A 55 -3.91 -21.36 9.85
CA HIS A 55 -2.98 -20.70 8.95
C HIS A 55 -1.58 -20.67 9.55
N ILE A 56 -0.57 -20.66 8.68
CA ILE A 56 0.82 -20.58 9.09
C ILE A 56 1.31 -19.16 8.96
N LEU A 57 2.13 -18.72 9.90
CA LEU A 57 2.66 -17.35 9.94
C LEU A 57 4.08 -17.38 9.37
N LEU A 58 4.24 -16.85 8.16
CA LEU A 58 5.53 -16.92 7.49
C LEU A 58 6.58 -16.06 8.20
N ILE A 59 6.17 -14.90 8.71
CA ILE A 59 7.02 -14.10 9.59
C ILE A 59 6.61 -14.43 11.02
N ASN A 60 7.54 -15.03 11.78
CA ASN A 60 7.22 -15.50 13.12
C ASN A 60 8.54 -15.72 13.86
N SER A 61 8.80 -14.88 14.85
CA SER A 61 10.01 -14.98 15.66
C SER A 61 9.82 -15.86 16.88
N HIS A 62 8.80 -16.72 16.88
CA HIS A 62 8.54 -17.57 18.03
C HIS A 62 9.56 -18.71 18.09
N TYR A 63 9.96 -19.04 19.32
CA TYR A 63 10.77 -20.22 19.61
C TYR A 63 10.29 -20.78 20.93
N LYS A 64 10.69 -22.00 21.21
CA LYS A 64 10.34 -22.50 22.53
C LYS A 64 11.59 -22.72 23.36
N PRO A 65 11.54 -22.48 24.67
CA PRO A 65 12.72 -22.70 25.51
C PRO A 65 13.07 -24.18 25.54
N PHE A 66 14.36 -24.46 25.55
CA PHE A 66 14.83 -25.83 25.67
C PHE A 66 15.20 -26.12 27.12
N ALA A 67 14.94 -27.35 27.54
CA ALA A 67 15.39 -27.80 28.86
C ALA A 67 16.89 -27.63 28.96
N ALA A 68 17.34 -27.07 30.08
CA ALA A 68 18.75 -26.72 30.26
C ALA A 68 19.65 -27.91 29.95
N MET A 69 20.74 -27.63 29.23
CA MET A 69 21.63 -28.69 28.78
C MET A 69 22.91 -28.05 28.25
N GLY A 70 24.05 -28.65 28.62
CA GLY A 70 25.32 -28.25 28.07
C GLY A 70 26.19 -29.46 27.80
N TYR A 71 27.22 -29.26 26.98
CA TYR A 71 28.12 -30.34 26.62
C TYR A 71 29.56 -29.89 26.74
N GLU A 72 30.44 -30.88 26.94
CA GLU A 72 31.88 -30.66 26.99
C GLU A 72 32.59 -31.93 26.56
N TYR A 73 33.66 -31.77 25.78
CA TYR A 73 34.45 -32.90 25.33
C TYR A 73 35.43 -33.35 26.41
N GLN A 74 35.89 -34.59 26.30
CA GLN A 74 36.88 -35.13 27.21
C GLN A 74 37.82 -36.06 26.45
N LYS A 75 39.08 -36.06 26.88
CA LYS A 75 40.16 -36.80 26.24
C LYS A 75 40.50 -38.03 27.10
N THR A 76 40.80 -39.15 26.44
CA THR A 76 41.09 -40.39 27.15
C THR A 76 42.16 -41.18 26.43
N ARG A 77 43.18 -41.65 27.19
CA ARG A 77 44.23 -42.57 26.78
C ARG A 77 43.77 -44.02 26.93
N PRO A 78 44.31 -44.94 26.14
CA PRO A 78 43.81 -46.31 26.14
C PRO A 78 44.24 -47.11 27.36
N ASN A 79 43.53 -48.21 27.59
CA ASN A 79 43.86 -49.14 28.66
C ASN A 79 44.96 -50.12 28.28
N THR A 80 45.34 -50.18 27.00
CA THR A 80 46.18 -51.26 26.47
C THR A 80 47.63 -50.83 26.29
N GLY A 81 48.10 -49.88 27.08
CA GLY A 81 49.51 -49.54 27.02
C GLY A 81 49.91 -48.76 25.76
N ASN A 82 51.19 -48.86 25.44
CA ASN A 82 51.76 -48.05 24.37
C ASN A 82 51.21 -48.48 23.02
N PRO A 83 50.68 -47.54 22.22
CA PRO A 83 50.06 -47.92 20.95
C PRO A 83 51.07 -48.24 19.87
N THR A 84 50.78 -49.29 19.10
CA THR A 84 51.60 -49.70 17.97
C THR A 84 50.70 -50.00 16.78
N TYR A 85 51.33 -50.18 15.62
CA TYR A 85 50.63 -50.76 14.49
C TYR A 85 50.30 -52.22 14.80
N ASN A 86 49.37 -52.77 14.02
CA ASN A 86 49.03 -54.20 14.08
C ASN A 86 48.74 -54.65 15.50
N SER A 87 47.83 -53.94 16.16
CA SER A 87 47.49 -54.26 17.54
C SER A 87 46.09 -53.78 17.85
N THR A 88 45.53 -54.32 18.93
CA THR A 88 44.19 -53.98 19.38
C THR A 88 44.29 -52.93 20.48
N ILE A 89 43.61 -51.80 20.28
CA ILE A 89 43.60 -50.69 21.23
C ILE A 89 42.18 -50.52 21.73
N GLN A 90 42.03 -50.53 23.06
CA GLN A 90 40.72 -50.46 23.70
C GLN A 90 40.66 -49.24 24.62
N PHE A 91 39.57 -48.49 24.54
CA PHE A 91 39.35 -47.31 25.37
C PHE A 91 38.21 -47.57 26.35
N SER A 92 38.33 -46.99 27.53
CA SER A 92 37.19 -46.86 28.42
C SER A 92 36.42 -45.59 28.07
N ILE A 93 35.12 -45.62 28.32
CA ILE A 93 34.28 -44.45 28.13
C ILE A 93 34.01 -43.86 29.51
N PRO A 94 34.75 -42.83 29.92
CA PRO A 94 34.69 -42.38 31.32
C PRO A 94 33.31 -41.87 31.70
N GLN A 95 33.09 -41.81 33.01
CA GLN A 95 31.86 -41.25 33.56
C GLN A 95 32.02 -39.76 33.73
N PHE A 96 31.24 -38.99 32.97
CA PHE A 96 31.33 -37.54 33.01
C PHE A 96 29.95 -36.92 32.85
N GLY A 97 29.42 -36.94 31.62
CA GLY A 97 28.11 -36.40 31.37
C GLY A 97 26.99 -37.39 31.63
N ASP A 98 25.76 -36.87 31.65
CA ASP A 98 24.59 -37.74 31.77
C ASP A 98 24.40 -38.57 30.51
N PHE A 99 24.79 -38.03 29.36
CA PHE A 99 24.81 -38.74 28.09
C PHE A 99 26.17 -38.55 27.44
N PHE A 100 26.54 -39.47 26.55
CA PHE A 100 27.71 -39.27 25.70
C PHE A 100 27.31 -39.43 24.25
N SER A 101 27.96 -38.64 23.38
CA SER A 101 27.51 -38.52 22.00
C SER A 101 28.64 -38.73 21.00
N ASP A 102 28.94 -37.70 20.21
CA ASP A 102 29.87 -37.85 19.10
C ASP A 102 31.29 -38.13 19.58
N MET A 103 32.00 -38.99 18.84
CA MET A 103 33.34 -39.42 19.20
C MET A 103 34.29 -39.22 18.03
N VAL A 104 35.54 -38.90 18.36
CA VAL A 104 36.62 -38.77 17.39
C VAL A 104 37.92 -39.16 18.07
N VAL A 105 38.82 -39.76 17.32
CA VAL A 105 40.05 -40.33 17.86
C VAL A 105 41.24 -39.64 17.21
N HIS A 106 42.09 -39.03 18.04
CA HIS A 106 43.31 -38.40 17.56
C HIS A 106 44.41 -39.44 17.43
N VAL A 107 44.91 -39.63 16.21
CA VAL A 107 46.01 -40.55 15.95
C VAL A 107 47.21 -39.73 15.48
N GLN A 108 48.37 -40.02 16.05
CA GLN A 108 49.60 -39.30 15.74
C GLN A 108 50.66 -40.30 15.31
N LEU A 109 51.10 -40.18 14.06
CA LEU A 109 52.11 -41.08 13.49
C LEU A 109 53.42 -40.32 13.32
N ALA A 110 54.51 -40.93 13.78
CA ALA A 110 55.80 -40.26 13.82
C ALA A 110 56.28 -39.91 12.42
N ALA A 111 57.06 -38.84 12.32
CA ALA A 111 57.78 -38.54 11.09
C ALA A 111 58.72 -39.68 10.76
N THR A 112 58.80 -40.03 9.48
CA THR A 112 59.49 -41.24 9.09
C THR A 112 60.08 -41.07 7.70
N SER A 113 61.21 -41.77 7.47
CA SER A 113 61.90 -41.73 6.19
C SER A 113 62.37 -43.14 5.84
N ALA A 114 62.71 -43.34 4.58
CA ALA A 114 63.18 -44.64 4.12
C ALA A 114 64.66 -44.80 4.45
N SER A 115 65.07 -46.06 4.61
CA SER A 115 66.48 -46.35 4.85
C SER A 115 67.29 -46.11 3.57
N ALA A 116 68.59 -45.85 3.77
CA ALA A 116 69.45 -45.55 2.64
C ALA A 116 69.62 -46.78 1.74
N GLY A 117 69.58 -46.54 0.43
CA GLY A 117 69.76 -47.61 -0.53
C GLY A 117 70.78 -47.25 -1.59
N THR A 118 70.68 -47.88 -2.76
CA THR A 118 71.67 -47.67 -3.82
C THR A 118 70.97 -47.43 -5.16
N VAL A 119 71.75 -46.93 -6.11
CA VAL A 119 71.28 -46.78 -7.48
C VAL A 119 71.27 -48.16 -8.13
N PRO A 120 70.13 -48.61 -8.67
CA PRO A 120 70.04 -49.97 -9.19
C PRO A 120 70.87 -50.19 -10.45
N ALA A 121 70.91 -51.43 -10.93
CA ALA A 121 71.64 -51.75 -12.14
C ALA A 121 70.93 -51.17 -13.36
N LEU A 122 71.71 -50.85 -14.38
CA LEU A 122 71.18 -50.25 -15.59
C LEU A 122 70.41 -51.29 -16.41
N PRO A 123 69.48 -50.84 -17.26
CA PRO A 123 68.69 -51.78 -18.05
C PRO A 123 69.55 -52.58 -19.03
N ALA A 124 68.93 -53.58 -19.64
CA ALA A 124 69.61 -54.39 -20.63
C ALA A 124 69.81 -53.61 -21.92
N PHE A 125 70.68 -54.15 -22.78
CA PHE A 125 70.94 -53.52 -24.06
C PHE A 125 69.68 -53.54 -24.94
N ILE A 126 69.53 -52.49 -25.74
CA ILE A 126 68.39 -52.39 -26.66
C ILE A 126 68.86 -52.78 -28.06
N GLY A 127 69.78 -52.00 -28.61
CA GLY A 127 70.35 -52.34 -29.91
C GLY A 127 71.35 -53.47 -29.83
N ALA A 128 71.55 -54.13 -30.97
CA ALA A 128 72.46 -55.27 -31.05
C ALA A 128 73.90 -54.87 -31.32
N ASP A 129 74.16 -53.63 -31.73
CA ASP A 129 75.50 -53.18 -32.09
C ASP A 129 76.00 -52.13 -31.11
N ASP A 130 77.32 -51.97 -31.09
CA ASP A 130 78.01 -50.90 -30.36
C ASP A 130 77.53 -50.82 -28.91
N GLN A 131 77.58 -51.96 -28.22
CA GLN A 131 77.07 -52.08 -26.87
C GLN A 131 78.17 -51.77 -25.86
N VAL A 132 77.93 -50.79 -25.00
CA VAL A 132 78.86 -50.38 -23.95
C VAL A 132 78.10 -50.23 -22.65
N LEU A 133 78.71 -50.69 -21.56
CA LEU A 133 78.15 -50.54 -20.23
C LEU A 133 79.20 -49.93 -19.31
N THR A 134 78.88 -48.78 -18.73
CA THR A 134 79.73 -48.14 -17.74
C THR A 134 78.95 -48.01 -16.44
N SER A 135 79.55 -47.30 -15.47
CA SER A 135 78.87 -47.05 -14.21
C SER A 135 77.79 -45.99 -14.33
N THR A 136 77.74 -45.27 -15.45
CA THR A 136 76.85 -44.14 -15.60
C THR A 136 75.86 -44.25 -16.75
N SER A 137 76.06 -45.18 -17.70
CA SER A 137 75.18 -45.27 -18.84
C SER A 137 75.29 -46.64 -19.49
N VAL A 138 74.25 -46.99 -20.24
CA VAL A 138 74.21 -48.22 -21.04
C VAL A 138 73.86 -47.82 -22.46
N VAL A 139 74.73 -48.15 -23.42
CA VAL A 139 74.63 -47.66 -24.79
C VAL A 139 74.57 -48.85 -25.74
N SER A 140 73.66 -48.79 -26.70
CA SER A 140 73.55 -49.78 -27.75
C SER A 140 73.04 -49.09 -29.01
N ALA A 141 73.11 -49.79 -30.14
CA ALA A 141 72.79 -49.15 -31.41
C ALA A 141 72.21 -50.15 -32.39
N THR A 142 71.37 -49.65 -33.29
CA THR A 142 70.83 -50.42 -34.40
C THR A 142 71.30 -49.76 -35.69
N GLU A 143 72.02 -50.52 -36.51
CA GLU A 143 72.49 -50.01 -37.79
C GLU A 143 71.42 -50.19 -38.87
N ASN A 144 71.52 -49.37 -39.92
CA ASN A 144 70.62 -49.47 -41.06
C ASN A 144 71.35 -48.86 -42.26
N THR A 145 72.10 -49.71 -42.96
CA THR A 145 72.84 -49.26 -44.13
C THR A 145 71.94 -48.99 -45.32
N THR A 146 70.70 -49.50 -45.31
CA THR A 146 69.80 -49.29 -46.44
C THR A 146 69.27 -47.86 -46.45
N SER A 147 68.77 -47.38 -45.31
CA SER A 147 68.26 -46.03 -45.22
C SER A 147 69.32 -45.01 -44.79
N GLY A 148 70.45 -45.47 -44.27
CA GLY A 148 71.47 -44.57 -43.79
C GLY A 148 71.20 -43.96 -42.43
N VAL A 149 70.21 -44.47 -41.70
CA VAL A 149 69.85 -43.96 -40.38
C VAL A 149 70.53 -44.82 -39.32
N TYR A 150 71.35 -44.21 -38.49
CA TYR A 150 72.03 -44.87 -37.39
C TYR A 150 71.34 -44.50 -36.09
N THR A 151 70.74 -45.49 -35.43
CA THR A 151 69.95 -45.28 -34.22
C THR A 151 70.76 -45.66 -32.99
N LEU A 152 70.87 -44.74 -32.04
CA LEU A 152 71.65 -44.92 -30.83
C LEU A 152 70.74 -44.87 -29.62
N TYR A 153 70.85 -45.88 -28.75
CA TYR A 153 70.07 -45.96 -27.53
C TYR A 153 70.96 -45.72 -26.33
N THR A 154 70.56 -44.80 -25.46
CA THR A 154 71.31 -44.50 -24.24
C THR A 154 70.33 -44.40 -23.08
N GLN A 155 70.61 -45.12 -22.00
CA GLN A 155 69.82 -45.07 -20.78
C GLN A 155 70.74 -44.83 -19.59
N SER A 156 70.33 -43.92 -18.71
CA SER A 156 71.13 -43.54 -17.56
C SER A 156 70.23 -43.02 -16.45
N TYR A 157 70.77 -42.99 -15.25
CA TYR A 157 70.07 -42.46 -14.08
C TYR A 157 70.51 -41.04 -13.80
N VAL A 158 69.55 -40.16 -13.53
CA VAL A 158 69.81 -38.76 -13.22
C VAL A 158 68.93 -38.36 -12.03
N ASN A 159 69.20 -37.18 -11.49
CA ASN A 159 68.33 -36.56 -10.52
C ASN A 159 67.46 -35.51 -11.23
N GLN A 160 66.75 -34.70 -10.45
CA GLN A 160 65.87 -33.71 -11.05
C GLN A 160 66.66 -32.66 -11.82
N GLN A 161 67.84 -32.28 -11.30
CA GLN A 161 68.68 -31.30 -11.97
C GLN A 161 69.38 -31.87 -13.21
N GLY A 162 69.28 -33.17 -13.45
CA GLY A 162 69.90 -33.79 -14.60
C GLY A 162 71.28 -34.35 -14.37
N THR A 163 71.82 -34.24 -13.16
CA THR A 163 73.15 -34.78 -12.87
C THR A 163 73.10 -36.31 -12.89
N THR A 164 73.99 -36.90 -13.67
CA THR A 164 74.01 -38.35 -13.82
C THR A 164 74.41 -39.02 -12.51
N GLN A 165 73.69 -40.09 -12.15
CA GLN A 165 73.95 -40.86 -10.95
C GLN A 165 74.72 -42.13 -11.30
N THR A 166 75.61 -42.53 -10.39
CA THR A 166 76.46 -43.69 -10.59
C THR A 166 75.80 -44.95 -10.01
N VAL A 167 75.88 -46.05 -10.77
CA VAL A 167 75.33 -47.31 -10.31
C VAL A 167 75.99 -47.72 -8.99
N ALA A 168 75.17 -48.16 -8.04
CA ALA A 168 75.52 -48.65 -6.70
C ALA A 168 75.90 -47.53 -5.75
N ALA A 169 75.86 -46.27 -6.17
CA ALA A 169 76.08 -45.16 -5.25
C ALA A 169 74.84 -44.94 -4.39
N ALA A 170 74.88 -43.93 -3.53
CA ALA A 170 73.81 -43.72 -2.56
C ALA A 170 72.55 -43.20 -3.24
N ALA A 171 71.40 -43.70 -2.78
CA ALA A 171 70.09 -43.25 -3.27
C ALA A 171 69.04 -43.74 -2.30
N THR A 172 68.10 -42.86 -1.93
CA THR A 172 67.09 -43.18 -0.93
C THR A 172 65.69 -42.98 -1.52
N ASN A 173 64.80 -43.93 -1.24
CA ASN A 173 63.41 -43.80 -1.66
C ASN A 173 62.69 -42.75 -0.83
N PHE A 174 61.62 -42.20 -1.41
CA PHE A 174 60.69 -41.38 -0.67
C PHE A 174 59.64 -42.26 -0.01
N VAL A 175 58.80 -41.64 0.82
CA VAL A 175 57.72 -42.36 1.50
C VAL A 175 56.41 -41.60 1.30
N ARG A 176 55.33 -42.37 1.21
CA ARG A 176 53.99 -41.83 1.06
C ARG A 176 53.04 -42.65 1.90
N TYR A 177 51.90 -42.04 2.24
CA TYR A 177 50.81 -42.77 2.85
C TYR A 177 49.81 -43.20 1.78
N CYS A 178 49.09 -44.27 2.07
CA CYS A 178 47.95 -44.61 1.23
C CYS A 178 46.94 -43.47 1.25
N GLU A 179 46.05 -43.48 0.26
CA GLU A 179 44.96 -42.51 0.27
C GLU A 179 44.01 -42.82 1.42
N TYR A 180 43.51 -41.76 2.05
CA TYR A 180 42.62 -41.86 3.20
C TYR A 180 43.20 -42.76 4.29
N PRO A 181 44.38 -42.44 4.82
CA PRO A 181 45.00 -43.33 5.81
C PRO A 181 44.19 -43.45 7.09
N GLY A 182 43.42 -42.43 7.45
CA GLY A 182 42.58 -42.53 8.62
C GLY A 182 41.50 -43.58 8.51
N LEU A 183 41.04 -43.85 7.28
CA LEU A 183 39.98 -44.84 7.09
C LEU A 183 40.53 -46.26 7.08
N ARG A 184 41.73 -46.46 6.53
CA ARG A 184 42.31 -47.80 6.50
C ARG A 184 43.01 -48.17 7.79
N LEU A 185 43.47 -47.17 8.56
CA LEU A 185 44.20 -47.47 9.78
C LEU A 185 43.33 -48.20 10.79
N PHE A 186 42.09 -47.74 10.97
CA PHE A 186 41.15 -48.39 11.88
C PHE A 186 40.58 -49.60 11.15
N LYS A 187 41.31 -50.71 11.25
CA LYS A 187 40.88 -51.96 10.61
C LYS A 187 39.49 -52.39 11.10
N ARG A 188 39.17 -52.10 12.36
CA ARG A 188 37.92 -52.55 12.95
C ARG A 188 37.59 -51.66 14.13
N VAL A 189 36.40 -51.04 14.11
CA VAL A 189 35.94 -50.16 15.17
C VAL A 189 34.66 -50.76 15.76
N LYS A 190 34.63 -50.93 17.08
CA LYS A 190 33.51 -51.62 17.71
C LYS A 190 33.15 -50.98 19.04
N PHE A 191 31.86 -51.04 19.36
CA PHE A 191 31.28 -50.48 20.58
C PHE A 191 30.82 -51.65 21.44
N GLU A 192 31.57 -51.94 22.50
CA GLU A 192 31.26 -53.07 23.38
C GLU A 192 30.43 -52.62 24.56
N VAL A 193 29.34 -53.34 24.82
CA VAL A 193 28.48 -53.09 25.97
C VAL A 193 28.25 -54.42 26.67
N ASN A 194 28.84 -54.58 27.86
CA ASN A 194 28.72 -55.79 28.67
C ASN A 194 29.24 -57.02 27.90
N GLY A 195 30.46 -56.88 27.38
CA GLY A 195 31.10 -57.98 26.68
C GLY A 195 30.70 -58.11 25.23
N ASN A 196 29.43 -57.85 24.93
CA ASN A 196 28.98 -58.09 23.56
C ASN A 196 29.13 -56.83 22.70
N PRO A 197 29.57 -56.99 21.46
CA PRO A 197 29.58 -55.85 20.53
C PRO A 197 28.17 -55.36 20.25
N LEU A 198 27.91 -54.11 20.64
CA LEU A 198 26.63 -53.49 20.33
C LEU A 198 26.55 -53.09 18.87
N ASP A 199 27.65 -52.58 18.32
CA ASP A 199 27.77 -52.27 16.91
C ASP A 199 29.25 -52.24 16.56
N GLU A 200 29.56 -52.60 15.32
CA GLU A 200 30.95 -52.56 14.85
C GLU A 200 30.96 -52.40 13.35
N TYR A 201 32.09 -51.91 12.83
CA TYR A 201 32.28 -51.76 11.40
C TYR A 201 33.76 -51.89 11.08
N THR A 202 34.04 -51.95 9.78
CA THR A 202 35.39 -52.13 9.27
C THR A 202 35.77 -50.95 8.39
N ALA A 203 36.94 -51.05 7.74
CA ALA A 203 37.36 -50.04 6.79
C ALA A 203 36.43 -50.01 5.57
N LEU A 204 35.79 -51.14 5.26
CA LEU A 204 34.87 -51.17 4.13
C LEU A 204 33.65 -50.28 4.39
N ALA A 205 33.14 -50.29 5.63
CA ALA A 205 32.06 -49.36 5.97
C ALA A 205 32.57 -47.93 6.00
N ALA A 206 33.82 -47.72 6.38
CA ALA A 206 34.37 -46.37 6.44
C ALA A 206 34.52 -45.74 5.05
N ILE A 207 34.86 -46.54 4.04
CA ILE A 207 35.00 -45.99 2.70
C ILE A 207 33.66 -45.87 1.99
N MET A 208 32.65 -46.65 2.41
CA MET A 208 31.30 -46.41 1.91
C MET A 208 30.75 -45.10 2.43
N TYR A 209 31.10 -44.73 3.67
CA TYR A 209 30.80 -43.39 4.16
C TYR A 209 31.56 -42.34 3.37
N ASN A 210 32.82 -42.65 3.01
CA ASN A 210 33.63 -41.72 2.25
C ASN A 210 33.02 -41.41 0.90
N LYS A 211 32.40 -42.41 0.26
CA LYS A 211 31.85 -42.23 -1.07
C LYS A 211 30.46 -41.61 -1.04
N PHE A 212 29.66 -41.89 0.00
CA PHE A 212 28.24 -41.60 -0.03
C PHE A 212 27.79 -40.47 0.89
N HIS A 213 28.56 -40.13 1.92
CA HIS A 213 28.05 -39.26 2.98
C HIS A 213 28.97 -38.10 3.32
N VAL A 214 29.82 -37.67 2.40
CA VAL A 214 30.63 -36.46 2.64
C VAL A 214 30.38 -35.48 1.51
N PRO A 215 29.40 -34.58 1.64
CA PRO A 215 29.19 -33.55 0.62
C PRO A 215 30.33 -32.54 0.61
N ASP A 216 30.34 -31.71 -0.43
CA ASP A 216 31.46 -30.80 -0.63
C ASP A 216 31.62 -29.80 0.50
N PHE A 217 30.52 -29.40 1.15
CA PHE A 217 30.67 -28.44 2.24
C PHE A 217 31.26 -29.06 3.50
N LYS A 218 31.56 -30.37 3.49
CA LYS A 218 32.29 -31.02 4.57
C LYS A 218 33.56 -31.70 4.08
N LEU A 219 33.88 -31.62 2.80
CA LEU A 219 34.88 -32.51 2.21
C LEU A 219 36.30 -32.16 2.67
N THR A 220 36.65 -30.87 2.67
CA THR A 220 38.02 -30.49 2.99
C THR A 220 38.40 -30.91 4.40
N GLY A 221 37.49 -30.73 5.36
CA GLY A 221 37.80 -31.09 6.74
C GLY A 221 37.83 -32.59 6.94
N TRP A 222 36.86 -33.29 6.35
CA TRP A 222 36.90 -34.74 6.27
C TRP A 222 38.28 -35.22 5.82
N LYS A 223 38.74 -34.72 4.66
CA LYS A 223 40.07 -35.09 4.18
C LYS A 223 41.15 -34.77 5.19
N ARG A 224 41.10 -33.57 5.80
CA ARG A 224 42.08 -33.24 6.82
C ARG A 224 41.92 -34.12 8.06
N LEU A 225 40.70 -34.56 8.35
CA LEU A 225 40.48 -35.38 9.53
C LEU A 225 41.12 -36.76 9.40
N ILE A 226 41.04 -37.36 8.22
CA ILE A 226 41.49 -38.73 8.03
C ILE A 226 42.79 -38.79 7.21
N GLY A 227 43.56 -37.71 7.17
CA GLY A 227 44.89 -37.75 6.61
C GLY A 227 45.00 -37.67 5.11
N GLN A 228 43.97 -37.20 4.42
CA GLN A 228 44.02 -37.02 2.97
C GLN A 228 44.51 -35.62 2.64
N GLU A 229 45.50 -35.52 1.76
CA GLU A 229 46.03 -34.22 1.37
C GLU A 229 44.98 -33.44 0.58
N VAL A 230 45.00 -32.13 0.73
CA VAL A 230 44.03 -31.23 0.13
C VAL A 230 44.72 -30.45 -1.00
N PRO A 231 44.14 -30.41 -2.19
CA PRO A 231 44.76 -29.66 -3.29
C PRO A 231 44.84 -28.17 -2.99
N VAL A 232 45.88 -27.54 -3.51
CA VAL A 232 46.12 -26.11 -3.32
C VAL A 232 46.13 -25.44 -4.69
N GLU A 233 45.27 -24.45 -4.87
CA GLU A 233 45.19 -23.74 -6.13
C GLU A 233 46.38 -22.78 -6.29
N ALA A 234 46.97 -22.76 -7.49
CA ALA A 234 48.14 -21.95 -7.77
C ALA A 234 47.95 -21.20 -9.08
N ALA A 235 48.32 -19.92 -9.09
CA ALA A 235 48.12 -19.05 -10.24
C ALA A 235 49.44 -18.82 -10.98
N SER A 236 49.37 -18.75 -12.30
CA SER A 236 50.55 -18.59 -13.14
C SER A 236 50.71 -17.13 -13.55
N ASN A 237 51.73 -16.87 -14.36
CA ASN A 237 51.86 -15.57 -15.01
C ASN A 237 50.77 -15.41 -16.06
N LEU A 238 50.65 -14.19 -16.59
CA LEU A 238 49.70 -13.94 -17.67
C LEU A 238 50.09 -14.74 -18.91
N VAL A 239 49.11 -15.43 -19.50
CA VAL A 239 49.36 -16.24 -20.69
C VAL A 239 48.72 -15.55 -21.88
N ASN A 240 47.61 -14.85 -21.63
CA ASN A 240 46.99 -13.99 -22.62
C ASN A 240 47.07 -12.55 -22.15
N ILE A 241 47.50 -11.65 -23.03
CA ILE A 241 47.49 -10.22 -22.78
C ILE A 241 46.81 -9.56 -23.98
N ALA A 242 45.74 -8.81 -23.71
CA ALA A 242 44.91 -8.24 -24.77
C ALA A 242 45.77 -7.42 -25.74
N SER A 243 45.54 -7.65 -27.03
CA SER A 243 46.18 -6.92 -28.13
C SER A 243 47.67 -7.24 -28.28
N THR A 244 48.12 -8.39 -27.78
CA THR A 244 49.47 -8.85 -28.05
C THR A 244 49.50 -10.37 -27.94
N THR A 245 50.68 -10.94 -28.19
CA THR A 245 50.80 -12.38 -28.40
C THR A 245 52.19 -12.83 -27.97
N PRO A 246 52.35 -14.11 -27.59
CA PRO A 246 53.69 -14.65 -27.39
C PRO A 246 54.38 -15.07 -28.68
N TRP A 247 53.65 -15.17 -29.78
CA TRP A 247 54.21 -15.65 -31.03
C TRP A 247 55.00 -14.56 -31.73
N GLY A 248 56.09 -14.97 -32.38
CA GLY A 248 56.88 -14.02 -33.14
C GLY A 248 56.09 -13.43 -34.29
N SER A 249 56.47 -12.21 -34.66
CA SER A 249 55.81 -11.51 -35.76
C SER A 249 55.65 -12.34 -37.04
N PRO A 250 56.63 -13.12 -37.51
CA PRO A 250 56.49 -13.78 -38.82
C PRO A 250 55.29 -14.71 -38.97
N ILE A 251 54.66 -15.16 -37.88
CA ILE A 251 53.56 -16.11 -37.97
C ILE A 251 52.24 -15.52 -37.50
N VAL A 252 52.21 -14.25 -37.11
CA VAL A 252 51.03 -13.63 -36.50
C VAL A 252 50.24 -12.87 -37.57
N ALA A 253 48.94 -13.15 -37.64
CA ALA A 253 48.00 -12.40 -38.48
C ALA A 253 48.41 -12.41 -39.95
N LEU A 254 48.61 -13.61 -40.48
CA LEU A 254 48.95 -13.77 -41.88
C LEU A 254 47.69 -13.83 -42.73
N SER A 255 47.82 -13.41 -43.99
CA SER A 255 46.77 -13.56 -44.98
C SER A 255 47.38 -14.23 -46.21
N ASP A 256 46.59 -15.07 -46.87
CA ASP A 256 47.07 -15.70 -48.09
C ASP A 256 46.97 -14.72 -49.26
N VAL A 257 47.32 -15.19 -50.45
CA VAL A 257 47.31 -14.33 -51.63
C VAL A 257 45.91 -13.89 -52.04
N ASN A 258 44.86 -14.51 -51.49
CA ASN A 258 43.49 -14.14 -51.79
C ASN A 258 42.91 -13.17 -50.75
N GLY A 259 43.67 -12.80 -49.74
CA GLY A 259 43.19 -11.93 -48.69
C GLY A 259 42.58 -12.64 -47.50
N THR A 260 42.45 -13.96 -47.54
CA THR A 260 41.84 -14.71 -46.45
C THR A 260 42.85 -14.91 -45.32
N ALA A 261 42.38 -14.72 -44.09
CA ALA A 261 43.21 -14.98 -42.92
C ALA A 261 43.68 -16.43 -42.93
N VAL A 262 44.93 -16.64 -42.55
CA VAL A 262 45.57 -17.95 -42.65
C VAL A 262 45.13 -18.83 -41.49
N THR A 263 44.69 -20.04 -41.80
CA THR A 263 44.43 -21.03 -40.76
C THR A 263 45.74 -21.46 -40.11
N GLY A 264 45.81 -21.35 -38.79
CA GLY A 264 47.02 -21.67 -38.08
C GLY A 264 47.93 -20.50 -37.80
N SER A 265 47.56 -19.29 -38.24
CA SER A 265 48.32 -18.09 -37.92
C SER A 265 47.71 -17.46 -36.67
N PRO A 266 48.40 -17.43 -35.54
CA PRO A 266 47.83 -16.83 -34.33
C PRO A 266 47.61 -15.34 -34.50
N VAL A 267 46.60 -14.83 -33.81
CA VAL A 267 46.32 -13.40 -33.74
C VAL A 267 46.50 -12.96 -32.29
N ASN A 268 46.48 -11.64 -32.08
CA ASN A 268 46.62 -11.10 -30.75
C ASN A 268 45.50 -11.62 -29.84
N ALA A 269 45.80 -11.72 -28.56
CA ALA A 269 44.80 -12.16 -27.59
C ALA A 269 43.70 -11.10 -27.46
N ALA A 270 42.49 -11.58 -27.21
CA ALA A 270 41.36 -10.69 -26.99
C ALA A 270 41.10 -10.40 -25.53
N ILE A 271 41.56 -11.26 -24.63
CA ILE A 271 41.39 -11.07 -23.20
C ILE A 271 42.76 -11.15 -22.53
N THR A 272 42.82 -10.70 -21.28
CA THR A 272 43.99 -10.84 -20.43
C THR A 272 43.67 -11.88 -19.37
N ALA A 273 44.33 -13.04 -19.45
CA ALA A 273 43.99 -14.17 -18.59
C ALA A 273 45.25 -14.90 -18.14
N ARG A 274 45.16 -15.51 -16.97
CA ARG A 274 46.21 -16.34 -16.41
C ARG A 274 45.63 -17.70 -16.04
N LYS A 275 46.51 -18.69 -15.94
CA LYS A 275 46.09 -20.05 -15.64
C LYS A 275 46.06 -20.32 -14.15
N LEU A 276 45.14 -21.19 -13.74
CA LEU A 276 45.17 -21.83 -12.44
C LEU A 276 45.56 -23.29 -12.61
N THR A 277 46.27 -23.82 -11.62
CA THR A 277 46.50 -25.25 -11.53
C THR A 277 46.52 -25.65 -10.07
N GLN A 278 46.36 -26.93 -9.82
CA GLN A 278 46.32 -27.47 -8.47
C GLN A 278 47.55 -28.31 -8.19
N VAL A 279 48.11 -28.12 -7.00
CA VAL A 279 49.26 -28.90 -6.54
C VAL A 279 48.89 -29.53 -5.20
N VAL A 280 49.44 -30.72 -4.96
CA VAL A 280 49.30 -31.40 -3.68
C VAL A 280 50.69 -31.72 -3.15
N PHE A 281 50.87 -31.53 -1.85
CA PHE A 281 52.15 -31.80 -1.20
C PHE A 281 51.91 -32.26 0.23
N GLY A 282 51.03 -33.26 0.39
CA GLY A 282 50.71 -33.79 1.71
C GLY A 282 51.16 -35.22 1.90
N ALA A 283 50.44 -35.96 2.75
CA ALA A 283 50.86 -37.30 3.14
C ALA A 283 50.85 -38.30 1.99
N GLN A 284 50.07 -38.06 0.95
CA GLN A 284 50.05 -38.96 -0.20
C GLN A 284 51.06 -38.57 -1.28
N THR A 285 51.70 -37.40 -1.14
CA THR A 285 52.74 -37.01 -2.07
C THR A 285 54.08 -37.54 -1.57
N PRO A 286 54.82 -38.30 -2.37
CA PRO A 286 56.09 -38.87 -1.89
C PRO A 286 57.07 -37.78 -1.48
N LYS A 287 57.72 -38.00 -0.33
CA LYS A 287 58.66 -37.05 0.24
C LYS A 287 59.83 -37.79 0.85
N ALA A 288 60.98 -37.12 0.88
CA ALA A 288 62.14 -37.67 1.59
C ALA A 288 61.81 -37.91 3.05
N THR A 289 61.08 -36.99 3.67
CA THR A 289 60.62 -37.14 5.04
C THR A 289 59.14 -36.77 5.10
N GLN A 290 58.30 -37.74 5.44
CA GLN A 290 56.89 -37.46 5.70
C GLN A 290 56.76 -37.02 7.15
N GLU A 291 56.48 -35.75 7.36
CA GLU A 291 56.45 -35.21 8.72
C GLU A 291 55.29 -35.82 9.51
N GLN A 292 55.31 -35.57 10.82
CA GLN A 292 54.37 -36.19 11.75
C GLN A 292 52.93 -35.99 11.29
N LEU A 293 52.20 -37.08 11.16
CA LEU A 293 50.84 -37.08 10.64
C LEU A 293 49.87 -37.10 11.81
N ASN A 294 48.98 -36.11 11.86
CA ASN A 294 47.98 -35.99 12.91
C ASN A 294 46.59 -36.12 12.28
N MET A 295 45.86 -37.15 12.70
CA MET A 295 44.51 -37.40 12.21
C MET A 295 43.53 -37.40 13.37
N PHE A 296 42.32 -36.91 13.11
CA PHE A 296 41.20 -36.96 14.04
C PHE A 296 40.11 -37.79 13.36
N VAL A 297 40.21 -39.10 13.49
CA VAL A 297 39.30 -40.02 12.80
C VAL A 297 37.99 -40.12 13.58
N PRO A 298 36.89 -39.66 13.02
CA PRO A 298 35.61 -39.79 13.72
C PRO A 298 35.13 -41.22 13.71
N LEU A 299 34.42 -41.59 14.78
CA LEU A 299 33.79 -42.90 14.87
C LEU A 299 32.35 -42.80 14.38
N LEU A 300 32.00 -43.62 13.41
CA LEU A 300 30.77 -43.44 12.63
C LEU A 300 29.59 -44.20 13.24
N PHE A 301 29.35 -43.99 14.52
CA PHE A 301 28.26 -44.68 15.20
C PHE A 301 26.99 -43.83 15.19
N TRP A 302 25.85 -44.52 15.34
CA TRP A 302 24.54 -43.89 15.25
C TRP A 302 24.38 -42.77 16.26
N PHE A 303 24.90 -42.96 17.48
CA PHE A 303 24.72 -41.99 18.55
C PHE A 303 25.59 -40.74 18.40
N ARG A 304 26.12 -40.49 17.20
CA ARG A 304 26.78 -39.22 16.93
C ARG A 304 25.75 -38.09 16.89
N ASP A 305 24.55 -38.37 16.41
CA ASP A 305 23.44 -37.44 16.49
C ASP A 305 23.19 -37.06 17.95
N PRO A 306 23.16 -35.77 18.29
CA PRO A 306 22.91 -35.40 19.69
C PRO A 306 21.62 -35.94 20.26
N ARG A 307 20.54 -35.97 19.47
CA ARG A 307 19.26 -36.48 19.98
C ARG A 307 19.40 -37.91 20.46
N LEU A 308 20.21 -38.72 19.77
CA LEU A 308 20.36 -40.13 20.07
C LEU A 308 21.50 -40.39 21.04
N ALA A 309 21.93 -39.38 21.79
CA ALA A 309 22.97 -39.57 22.80
C ALA A 309 22.55 -40.65 23.79
N ILE A 310 23.52 -41.42 24.25
CA ILE A 310 23.27 -42.61 25.05
C ILE A 310 23.32 -42.26 26.53
N ALA A 311 22.24 -42.55 27.24
CA ALA A 311 22.18 -42.29 28.68
C ALA A 311 23.25 -43.12 29.40
N SER A 312 24.05 -42.44 30.22
CA SER A 312 25.14 -43.12 30.91
C SER A 312 24.61 -44.11 31.95
N VAL A 313 23.42 -43.87 32.49
CA VAL A 313 22.88 -44.77 33.51
C VAL A 313 22.43 -46.10 32.90
N SER A 314 22.02 -46.08 31.64
CA SER A 314 21.56 -47.32 30.99
C SER A 314 22.73 -48.15 30.49
N ILE A 315 23.86 -47.52 30.17
CA ILE A 315 25.09 -48.22 29.82
C ILE A 315 26.17 -47.70 30.75
N PRO A 316 26.28 -48.23 31.96
CA PRO A 316 27.18 -47.62 32.96
C PRO A 316 28.65 -47.85 32.64
N TYR A 317 29.48 -47.14 33.39
CA TYR A 317 30.93 -47.30 33.32
C TYR A 317 31.33 -48.72 33.69
N GLY A 318 32.51 -49.12 33.24
CA GLY A 318 33.02 -50.46 33.45
C GLY A 318 32.49 -51.50 32.49
N GLN A 319 31.33 -51.26 31.89
CA GLN A 319 30.74 -52.16 30.90
C GLN A 319 30.47 -51.43 29.59
N ARG A 320 31.40 -50.56 29.19
CA ARG A 320 31.31 -49.86 27.91
C ARG A 320 32.72 -49.56 27.43
N PHE A 321 32.99 -49.91 26.18
CA PHE A 321 34.35 -49.78 25.65
C PHE A 321 34.30 -49.44 24.17
N ILE A 322 35.34 -48.76 23.72
CA ILE A 322 35.62 -48.56 22.29
C ILE A 322 36.90 -49.33 21.97
N THR A 323 36.84 -50.22 21.01
CA THR A 323 37.96 -51.07 20.65
C THR A 323 38.31 -50.86 19.18
N VAL A 324 39.57 -50.55 18.91
CA VAL A 324 40.04 -50.25 17.57
C VAL A 324 41.14 -51.23 17.21
N ASP A 325 40.95 -52.00 16.15
CA ASP A 325 42.00 -52.83 15.58
C ASP A 325 42.79 -52.01 14.57
N ILE A 326 44.10 -51.98 14.75
CA ILE A 326 44.99 -51.12 13.99
C ILE A 326 45.65 -51.93 12.88
N GLU A 327 45.60 -51.41 11.66
CA GLU A 327 46.19 -52.06 10.50
C GLU A 327 47.71 -52.16 10.63
N GLN A 328 48.31 -52.98 9.78
CA GLN A 328 49.76 -53.06 9.71
C GLN A 328 50.34 -51.84 9.00
N GLN A 329 51.57 -51.50 9.36
CA GLN A 329 52.24 -50.36 8.74
C GLN A 329 52.44 -50.56 7.24
N SER A 330 52.66 -51.82 6.82
CA SER A 330 52.92 -52.10 5.41
C SER A 330 51.73 -51.76 4.53
N ASN A 331 50.54 -51.59 5.10
CA ASN A 331 49.36 -51.20 4.35
C ASN A 331 49.06 -49.71 4.48
N ILE A 332 49.82 -48.99 5.29
CA ILE A 332 49.61 -47.56 5.49
C ILE A 332 50.74 -46.73 4.88
N LEU A 333 51.98 -47.17 5.06
CA LEU A 333 53.16 -46.42 4.64
C LEU A 333 53.89 -47.19 3.54
N PHE A 334 54.20 -46.51 2.44
CA PHE A 334 54.82 -47.13 1.28
C PHE A 334 56.01 -46.31 0.82
N THR A 335 56.94 -46.97 0.13
CA THR A 335 58.02 -46.26 -0.53
C THR A 335 57.59 -45.81 -1.92
N ALA A 336 58.29 -44.80 -2.43
CA ALA A 336 58.03 -44.26 -3.75
C ALA A 336 59.33 -43.67 -4.28
N PRO A 337 59.48 -43.57 -5.60
CA PRO A 337 60.72 -43.02 -6.16
C PRO A 337 61.02 -41.62 -5.63
N GLY A 338 62.29 -41.38 -5.36
CA GLY A 338 62.77 -40.10 -4.88
C GLY A 338 63.38 -39.26 -5.99
N ASN A 339 64.50 -38.60 -5.67
CA ASN A 339 65.21 -37.77 -6.64
C ASN A 339 66.11 -38.63 -7.53
N LEU A 340 65.49 -39.62 -8.17
CA LEU A 340 66.18 -40.57 -9.02
C LEU A 340 65.29 -40.92 -10.20
N PHE A 341 65.81 -40.76 -11.41
CA PHE A 341 65.03 -40.94 -12.62
C PHE A 341 65.85 -41.71 -13.65
N LEU A 342 65.17 -42.58 -14.40
CA LEU A 342 65.80 -43.25 -15.54
C LEU A 342 65.58 -42.41 -16.79
N GLN A 343 66.66 -41.95 -17.38
CA GLN A 343 66.60 -41.19 -18.63
C GLN A 343 66.77 -42.15 -19.80
N THR A 344 65.75 -42.22 -20.66
CA THR A 344 65.79 -43.04 -21.87
C THR A 344 65.93 -42.11 -23.06
N THR A 345 67.01 -42.25 -23.82
CA THR A 345 67.32 -41.35 -24.92
C THR A 345 67.59 -42.14 -26.19
N VAL A 346 66.93 -41.74 -27.27
CA VAL A 346 67.17 -42.30 -28.60
C VAL A 346 67.66 -41.18 -29.49
N GLU A 347 68.77 -41.42 -30.19
CA GLU A 347 69.30 -40.50 -31.19
C GLU A 347 69.32 -41.19 -32.55
N THR A 348 68.92 -40.46 -33.58
CA THR A 348 68.96 -40.96 -34.95
C THR A 348 69.80 -40.01 -35.80
N LEU A 349 70.79 -40.58 -36.49
CA LEU A 349 71.69 -39.82 -37.35
C LEU A 349 71.55 -40.35 -38.77
N LEU A 350 70.92 -39.56 -39.64
CA LEU A 350 70.79 -39.91 -41.05
C LEU A 350 71.99 -39.35 -41.80
N THR A 351 72.87 -40.25 -42.25
CA THR A 351 74.00 -39.88 -43.09
C THR A 351 73.78 -40.40 -44.51
N THR A 352 74.44 -39.75 -45.46
CA THR A 352 74.28 -40.07 -46.87
C THR A 352 75.55 -40.52 -47.57
N GLY A 353 76.70 -40.39 -46.92
CA GLY A 353 77.97 -40.76 -47.51
C GLY A 353 78.38 -42.18 -47.21
N ALA A 354 79.69 -42.42 -47.30
CA ALA A 354 80.22 -43.75 -47.06
C ALA A 354 79.99 -44.17 -45.61
N GLY A 355 79.65 -45.44 -45.43
CA GLY A 355 79.38 -45.94 -44.10
C GLY A 355 78.07 -45.49 -43.51
N LYS A 356 77.15 -44.98 -44.33
CA LYS A 356 75.88 -44.48 -43.83
C LYS A 356 75.13 -45.58 -43.09
N GLY A 357 74.38 -45.16 -42.07
CA GLY A 357 73.66 -46.09 -41.23
C GLY A 357 74.48 -46.74 -40.14
N THR A 358 75.78 -46.51 -40.11
CA THR A 358 76.67 -47.04 -39.08
C THR A 358 77.32 -45.88 -38.33
N ALA A 359 78.15 -46.22 -37.35
CA ALA A 359 78.81 -45.20 -36.54
C ALA A 359 79.85 -44.41 -37.33
N THR A 360 80.28 -44.91 -38.49
CA THR A 360 81.32 -44.26 -39.28
C THR A 360 80.76 -43.58 -40.53
N GLY A 361 79.46 -43.30 -40.56
CA GLY A 361 78.88 -42.64 -41.72
C GLY A 361 79.23 -41.17 -41.78
N VAL A 362 79.39 -40.67 -43.00
CA VAL A 362 79.73 -39.27 -43.24
C VAL A 362 78.53 -38.58 -43.90
N LEU A 363 78.57 -37.25 -43.88
CA LEU A 363 77.52 -36.39 -44.44
C LEU A 363 76.24 -36.50 -43.62
N LEU A 364 76.18 -35.81 -42.48
CA LEU A 364 75.02 -35.84 -41.59
C LEU A 364 74.08 -34.69 -41.93
N THR A 365 72.86 -35.04 -42.33
CA THR A 365 71.85 -34.03 -42.69
C THR A 365 70.79 -33.83 -41.62
N GLN A 366 70.38 -34.91 -40.93
CA GLN A 366 69.27 -34.83 -39.98
C GLN A 366 69.65 -35.54 -38.68
N TYR A 367 69.47 -34.85 -37.56
CA TYR A 367 69.67 -35.40 -36.23
C TYR A 367 68.36 -35.30 -35.46
N ASN A 368 68.02 -36.34 -34.71
CA ASN A 368 66.84 -36.35 -33.88
C ASN A 368 67.16 -36.98 -32.53
N ARG A 369 66.61 -36.40 -31.47
CA ARG A 369 66.77 -36.93 -30.12
C ARG A 369 65.40 -37.05 -29.47
N TYR A 370 65.14 -38.19 -28.85
CA TYR A 370 63.92 -38.45 -28.09
C TYR A 370 64.33 -38.86 -26.69
N THR A 371 63.83 -38.15 -25.68
CA THR A 371 64.27 -38.37 -24.31
C THR A 371 63.07 -38.38 -23.36
N THR A 372 62.96 -39.44 -22.56
CA THR A 372 61.96 -39.57 -21.52
C THR A 372 62.64 -39.77 -20.17
N TYR A 373 61.87 -39.54 -19.11
CA TYR A 373 62.36 -39.73 -17.74
C TYR A 373 61.32 -40.51 -16.95
N THR A 374 61.75 -41.58 -16.29
CA THR A 374 60.85 -42.42 -15.51
C THR A 374 61.33 -42.47 -14.07
N PRO A 375 60.51 -42.07 -13.09
CA PRO A 375 60.93 -42.17 -11.69
C PRO A 375 61.17 -43.62 -11.31
N THR A 376 62.30 -43.86 -10.64
CA THR A 376 62.77 -45.22 -10.39
C THR A 376 63.07 -45.41 -8.91
N LEU A 377 62.77 -46.60 -8.40
CA LEU A 377 63.03 -46.94 -7.01
C LEU A 377 64.51 -47.24 -6.80
N ALA A 378 65.01 -46.84 -5.63
CA ALA A 378 66.35 -47.21 -5.24
C ALA A 378 66.35 -48.60 -4.60
N SER A 379 67.44 -49.34 -4.82
CA SER A 379 67.54 -50.69 -4.32
C SER A 379 67.86 -50.70 -2.84
N GLY A 380 67.16 -51.52 -2.08
CA GLY A 380 67.42 -51.66 -0.65
C GLY A 380 67.02 -50.47 0.18
N SER A 381 66.02 -49.71 -0.26
CA SER A 381 65.51 -48.55 0.48
C SER A 381 64.04 -48.82 0.79
N SER A 382 63.73 -49.07 2.05
CA SER A 382 62.40 -49.47 2.48
C SER A 382 61.93 -48.60 3.63
N ILE A 383 60.67 -48.79 4.02
CA ILE A 383 60.08 -47.99 5.09
C ILE A 383 60.69 -48.37 6.43
N ASP A 384 60.58 -47.45 7.39
CA ASP A 384 61.08 -47.66 8.74
C ASP A 384 60.05 -48.45 9.54
N GLY A 385 60.38 -49.70 9.88
CA GLY A 385 59.47 -50.53 10.65
C GLY A 385 59.37 -50.16 12.11
N THR A 386 60.19 -49.24 12.60
CA THR A 386 60.15 -48.80 13.99
C THR A 386 59.37 -47.52 14.17
N GLN A 387 58.71 -47.01 13.11
CA GLN A 387 57.90 -45.82 13.23
C GLN A 387 56.83 -46.02 14.29
N ALA A 388 56.80 -45.13 15.28
CA ALA A 388 55.94 -45.30 16.43
C ALA A 388 54.61 -44.58 16.26
N VAL A 389 53.56 -45.18 16.79
CA VAL A 389 52.29 -44.48 17.03
C VAL A 389 52.53 -43.61 18.25
N GLN A 390 52.80 -42.32 18.03
CA GLN A 390 53.26 -41.46 19.11
C GLN A 390 52.16 -41.07 20.08
N ASN A 391 50.89 -41.12 19.66
CA ASN A 391 49.80 -40.76 20.53
C ASN A 391 48.49 -41.26 19.93
N ILE A 392 47.58 -41.70 20.80
CA ILE A 392 46.23 -42.08 20.40
C ILE A 392 45.31 -41.76 21.58
N GLU A 393 44.23 -41.03 21.31
CA GLU A 393 43.34 -40.58 22.38
C GLU A 393 41.91 -40.52 21.86
N LEU A 394 40.97 -40.88 22.72
CA LEU A 394 39.55 -40.87 22.39
C LEU A 394 38.93 -39.59 22.92
N TYR A 395 38.28 -38.84 22.03
CA TYR A 395 37.51 -37.66 22.40
C TYR A 395 36.03 -38.03 22.45
N ILE A 396 35.38 -37.73 23.57
CA ILE A 396 33.97 -38.05 23.79
C ILE A 396 33.23 -36.76 24.12
N ASN A 397 32.13 -36.53 23.41
CA ASN A 397 31.24 -35.43 23.75
C ASN A 397 30.31 -35.87 24.88
N ASN A 398 30.33 -35.15 25.99
CA ASN A 398 29.55 -35.48 27.16
C ASN A 398 28.44 -34.46 27.35
N ILE A 399 27.21 -34.93 27.49
CA ILE A 399 26.02 -34.08 27.56
C ILE A 399 25.49 -34.09 28.98
N PHE A 400 25.27 -32.91 29.54
CA PHE A 400 24.75 -32.74 30.89
C PHE A 400 23.35 -32.14 30.83
N VAL A 401 22.49 -32.56 31.75
CA VAL A 401 21.13 -32.03 31.86
C VAL A 401 20.82 -31.82 33.33
N THR A 402 19.68 -31.15 33.59
CA THR A 402 19.25 -30.94 34.95
C THR A 402 18.79 -32.26 35.57
N PRO A 403 18.90 -32.40 36.89
CA PRO A 403 18.43 -33.65 37.53
C PRO A 403 16.95 -33.91 37.33
N GLU A 404 16.14 -32.86 37.25
CA GLU A 404 14.68 -33.04 37.14
C GLU A 404 14.30 -33.68 35.81
N ILE A 405 14.90 -33.21 34.71
CA ILE A 405 14.52 -33.72 33.40
C ILE A 405 15.18 -35.07 33.14
N HIS A 406 16.40 -35.28 33.65
CA HIS A 406 17.02 -36.60 33.55
C HIS A 406 16.16 -37.66 34.20
N ASP A 407 15.61 -37.36 35.38
CA ASP A 407 14.73 -38.32 36.07
C ASP A 407 13.52 -38.66 35.21
N ILE A 408 12.83 -37.64 34.70
CA ILE A 408 11.65 -37.87 33.87
C ILE A 408 12.04 -38.64 32.61
N TYR A 409 13.15 -38.27 31.98
CA TYR A 409 13.53 -38.88 30.72
C TYR A 409 13.88 -40.35 30.88
N ILE A 410 14.57 -40.70 31.96
CA ILE A 410 14.99 -42.09 32.16
C ILE A 410 13.79 -42.97 32.47
N LYS A 411 12.76 -42.42 33.11
CA LYS A 411 11.59 -43.21 33.46
C LYS A 411 10.56 -43.29 32.34
N ARG A 412 10.63 -42.42 31.33
CA ARG A 412 9.56 -42.30 30.36
C ARG A 412 9.98 -42.56 28.91
N ILE A 413 11.27 -42.63 28.60
CA ILE A 413 11.66 -42.76 27.21
C ILE A 413 11.43 -44.19 26.70
N GLY A 414 11.60 -45.19 27.55
CA GLY A 414 11.36 -46.57 27.15
C GLY A 414 12.52 -47.20 26.40
N PHE A 415 12.72 -46.78 25.15
CA PHE A 415 13.76 -47.35 24.31
C PHE A 415 14.23 -46.31 23.31
N THR A 416 15.27 -46.66 22.57
CA THR A 416 15.77 -45.82 21.48
C THR A 416 16.05 -46.70 20.27
N LEU A 417 15.57 -46.28 19.10
CA LEU A 417 15.94 -46.95 17.87
C LEU A 417 17.39 -46.63 17.52
N ILE A 418 18.13 -47.66 17.11
CA ILE A 418 19.52 -47.52 16.73
C ILE A 418 19.71 -48.13 15.34
N ARG A 419 20.83 -47.78 14.73
CA ARG A 419 21.23 -48.37 13.46
C ARG A 419 22.58 -49.04 13.60
N VAL A 420 22.76 -50.17 12.93
CA VAL A 420 23.97 -50.97 13.05
C VAL A 420 24.45 -51.39 11.67
N TYR A 421 25.76 -51.62 11.57
CA TYR A 421 26.38 -52.12 10.36
C TYR A 421 26.36 -53.64 10.35
N ARG A 422 26.02 -54.23 9.20
CA ARG A 422 26.09 -55.68 9.00
C ARG A 422 26.80 -55.91 7.68
N GLU A 423 27.98 -56.52 7.74
CA GLU A 423 28.89 -56.62 6.61
C GLU A 423 29.14 -58.08 6.24
N GLN A 424 29.23 -58.34 4.94
CA GLN A 424 29.60 -59.65 4.42
C GLN A 424 30.54 -59.46 3.23
N VAL A 425 31.67 -60.17 3.24
CA VAL A 425 32.62 -60.17 2.13
C VAL A 425 32.64 -61.56 1.53
N GLN A 426 32.47 -61.64 0.21
CA GLN A 426 32.36 -62.91 -0.50
C GLN A 426 33.38 -62.91 -1.64
N ARG A 427 34.41 -63.73 -1.50
CA ARG A 427 35.38 -63.90 -2.58
C ARG A 427 34.72 -64.57 -3.77
N GLU A 428 34.87 -63.99 -4.95
CA GLU A 428 34.14 -64.43 -6.13
C GLU A 428 35.08 -64.67 -7.31
N VAL A 429 34.78 -65.71 -8.09
CA VAL A 429 35.49 -65.98 -9.34
C VAL A 429 34.48 -66.25 -10.44
N ASN A 430 33.20 -66.09 -10.15
CA ASN A 430 32.15 -66.32 -11.13
C ASN A 430 31.76 -65.01 -11.80
N ALA A 431 31.52 -65.09 -13.11
CA ALA A 431 31.06 -63.91 -13.85
C ALA A 431 29.61 -63.56 -13.50
N ALA A 432 28.86 -64.50 -12.96
CA ALA A 432 27.50 -64.26 -12.48
C ALA A 432 27.24 -65.21 -11.33
N ASP A 433 26.59 -64.71 -10.28
CA ASP A 433 26.37 -65.52 -9.09
C ASP A 433 25.20 -64.95 -8.31
N GLN A 434 24.60 -65.82 -7.49
CA GLN A 434 23.53 -65.45 -6.57
C GLN A 434 24.06 -65.68 -5.16
N VAL A 435 24.35 -64.59 -4.44
CA VAL A 435 25.06 -64.65 -3.16
C VAL A 435 24.06 -64.46 -2.04
N LEU A 436 23.93 -65.47 -1.19
CA LEU A 436 23.09 -65.35 -0.01
C LEU A 436 23.70 -64.38 0.98
N GLN A 437 22.89 -63.44 1.47
CA GLN A 437 23.33 -62.46 2.47
C GLN A 437 22.99 -63.03 3.84
N SER A 438 23.92 -63.81 4.40
CA SER A 438 23.69 -64.55 5.63
C SER A 438 23.94 -63.70 6.89
N GLN A 439 24.31 -62.43 6.74
CA GLN A 439 24.65 -61.59 7.88
C GLN A 439 23.49 -60.72 8.34
N LEU A 440 22.33 -60.82 7.71
CA LEU A 440 21.21 -59.90 7.97
C LEU A 440 20.30 -60.50 9.02
N LYS A 441 20.39 -59.99 10.25
CA LYS A 441 19.49 -60.38 11.32
C LYS A 441 18.23 -59.53 11.37
N TRP A 442 18.36 -58.24 11.05
CA TRP A 442 17.41 -57.22 11.46
C TRP A 442 16.83 -56.50 10.24
N PRO A 443 15.81 -55.64 10.40
CA PRO A 443 15.27 -54.92 9.24
C PRO A 443 16.33 -54.09 8.56
N VAL A 444 16.35 -54.14 7.23
CA VAL A 444 17.39 -53.51 6.43
C VAL A 444 16.84 -52.24 5.80
N GLU A 445 17.54 -51.12 6.03
CA GLU A 445 17.16 -49.86 5.40
C GLU A 445 17.78 -49.73 4.01
N PHE A 446 19.08 -49.97 3.90
CA PHE A 446 19.76 -49.94 2.62
C PHE A 446 21.04 -50.74 2.73
N ILE A 447 21.66 -50.98 1.58
CA ILE A 447 22.86 -51.81 1.48
C ILE A 447 23.86 -51.14 0.54
N TYR A 448 25.07 -50.94 1.02
CA TYR A 448 26.18 -50.58 0.14
C TYR A 448 26.69 -51.84 -0.54
N LEU A 449 26.85 -51.78 -1.86
CA LEU A 449 27.30 -52.93 -2.62
C LEU A 449 28.56 -52.59 -3.40
N GLY A 450 29.44 -53.58 -3.54
CA GLY A 450 30.66 -53.39 -4.30
C GLY A 450 31.28 -54.72 -4.65
N LEU A 451 32.01 -54.74 -5.78
CA LEU A 451 32.76 -55.92 -6.23
C LEU A 451 34.20 -55.44 -6.45
N ARG A 452 34.99 -55.46 -5.37
CA ARG A 452 36.35 -54.92 -5.42
C ARG A 452 37.33 -55.99 -5.87
N PRO A 453 38.14 -55.73 -6.88
CA PRO A 453 39.15 -56.72 -7.28
C PRO A 453 40.14 -56.98 -6.17
N ALA A 454 40.53 -58.26 -6.03
CA ALA A 454 41.50 -58.63 -5.01
C ALA A 454 42.84 -57.94 -5.23
N ASN A 455 43.15 -57.57 -6.48
CA ASN A 455 44.41 -56.92 -6.77
C ASN A 455 44.48 -55.50 -6.20
N ASN A 456 43.34 -54.92 -5.84
CA ASN A 456 43.35 -53.57 -5.27
C ASN A 456 44.00 -53.54 -3.89
N ILE A 457 43.96 -54.66 -3.16
CA ILE A 457 44.57 -54.75 -1.85
C ILE A 457 45.75 -55.72 -1.86
N ALA A 458 46.30 -56.01 -3.04
CA ALA A 458 47.43 -56.92 -3.13
C ALA A 458 48.73 -56.19 -2.83
N ALA A 459 49.61 -56.86 -2.07
CA ALA A 459 50.92 -56.29 -1.79
C ALA A 459 51.74 -56.09 -3.05
N GLY A 460 51.54 -56.94 -4.06
CA GLY A 460 52.24 -56.83 -5.31
C GLY A 460 51.76 -55.69 -6.20
N ASN A 461 50.60 -55.12 -5.91
CA ASN A 461 50.08 -54.00 -6.68
C ASN A 461 50.83 -52.74 -6.27
N THR A 462 51.71 -52.25 -7.15
CA THR A 462 52.48 -51.05 -6.84
C THR A 462 51.60 -49.84 -6.59
N TYR A 463 50.35 -49.86 -7.05
CA TYR A 463 49.40 -48.78 -6.83
C TYR A 463 48.40 -49.11 -5.72
N GLN A 464 48.76 -50.02 -4.80
CA GLN A 464 47.85 -50.34 -3.70
C GLN A 464 47.58 -49.13 -2.82
N TRP A 465 48.58 -48.26 -2.66
CA TRP A 465 48.39 -47.05 -1.86
C TRP A 465 47.20 -46.23 -2.33
N ARG A 466 46.84 -46.37 -3.61
CA ARG A 466 45.71 -45.64 -4.19
C ARG A 466 44.50 -46.51 -4.44
N ASP A 467 44.69 -47.74 -4.94
CA ASP A 467 43.58 -48.58 -5.38
C ASP A 467 42.82 -49.25 -4.25
N TRP A 468 43.33 -49.20 -3.02
CA TRP A 468 42.80 -50.08 -1.97
C TRP A 468 41.32 -49.81 -1.68
N HIS A 469 40.87 -48.57 -1.84
CA HIS A 469 39.49 -48.22 -1.53
C HIS A 469 38.59 -48.15 -2.76
N HIS A 470 39.15 -48.33 -3.95
CA HIS A 470 38.35 -48.29 -5.17
C HIS A 470 37.59 -49.61 -5.35
N LEU A 471 36.38 -49.50 -5.88
CA LEU A 471 35.52 -50.65 -6.10
C LEU A 471 35.47 -51.06 -7.57
N THR A 472 36.45 -50.65 -8.37
CA THR A 472 36.59 -51.05 -9.76
C THR A 472 38.01 -51.52 -10.00
N SER A 473 38.24 -52.13 -11.15
CA SER A 473 39.59 -52.44 -11.60
C SER A 473 40.19 -51.19 -12.24
N VAL A 474 41.33 -50.76 -11.71
CA VAL A 474 41.93 -49.48 -12.11
C VAL A 474 43.18 -49.77 -12.93
N THR A 475 43.26 -49.14 -14.10
CA THR A 475 44.43 -49.19 -14.94
C THR A 475 45.02 -47.79 -15.10
N ASN A 476 46.30 -47.73 -15.43
CA ASN A 476 47.05 -46.48 -15.45
C ASN A 476 47.35 -46.09 -16.89
N GLU A 477 46.92 -44.89 -17.28
CA GLU A 477 47.08 -44.39 -18.64
C GLU A 477 47.95 -43.15 -18.66
N PRO A 478 49.15 -43.20 -19.23
CA PRO A 478 50.02 -42.02 -19.21
C PRO A 478 49.50 -40.91 -20.12
N VAL A 479 49.76 -39.68 -19.70
CA VAL A 479 49.53 -38.49 -20.52
C VAL A 479 50.81 -37.67 -20.50
N TYR A 480 51.36 -37.39 -21.67
CA TYR A 480 52.71 -36.84 -21.80
C TYR A 480 52.65 -35.36 -22.15
N ASP A 481 53.47 -34.57 -21.46
CA ASP A 481 53.84 -33.23 -21.90
C ASP A 481 55.16 -33.34 -22.64
N VAL A 482 55.20 -32.88 -23.88
CA VAL A 482 56.35 -33.06 -24.76
C VAL A 482 56.82 -31.70 -25.25
N SER A 483 58.12 -31.41 -25.06
CA SER A 483 58.74 -30.22 -25.61
C SER A 483 59.32 -30.54 -26.99
N GLN A 484 58.91 -29.79 -27.99
CA GLN A 484 59.35 -29.99 -29.36
C GLN A 484 60.31 -28.88 -29.77
N SER A 485 61.39 -29.24 -30.45
CA SER A 485 62.44 -28.30 -30.82
C SER A 485 62.87 -28.54 -32.25
N TYR A 486 63.35 -27.48 -32.89
CA TYR A 486 63.92 -27.55 -34.23
C TYR A 486 65.07 -26.57 -34.33
N ALA A 487 66.09 -26.95 -35.09
CA ALA A 487 67.26 -26.10 -35.28
C ALA A 487 67.86 -26.35 -36.65
N ARG A 488 68.21 -25.26 -37.33
CA ARG A 488 68.85 -25.30 -38.65
C ARG A 488 70.12 -24.48 -38.59
N VAL A 489 71.18 -24.99 -39.23
CA VAL A 489 72.50 -24.36 -39.19
C VAL A 489 73.17 -24.51 -40.55
N SER A 490 73.70 -23.41 -41.07
CA SER A 490 74.56 -23.44 -42.25
C SER A 490 76.01 -23.62 -41.80
N ILE A 491 76.67 -24.63 -42.37
CA ILE A 491 78.05 -24.96 -42.00
C ILE A 491 79.04 -24.52 -43.07
N ASP A 492 78.58 -23.82 -44.11
CA ASP A 492 79.46 -23.26 -45.13
C ASP A 492 78.96 -21.88 -45.49
N ASP A 493 79.77 -20.86 -45.23
CA ASP A 493 79.38 -19.48 -45.47
C ASP A 493 79.47 -19.06 -46.94
N THR A 494 79.89 -19.96 -47.83
CA THR A 494 79.98 -19.64 -49.25
C THR A 494 78.93 -20.35 -50.09
N VAL A 495 78.11 -21.21 -49.49
CA VAL A 495 77.05 -21.93 -50.20
C VAL A 495 75.71 -21.44 -49.68
N ALA A 496 74.79 -21.15 -50.60
CA ALA A 496 73.46 -20.69 -50.20
C ALA A 496 72.73 -21.80 -49.46
N PRO A 497 72.18 -21.54 -48.28
CA PRO A 497 71.60 -22.63 -47.46
C PRO A 497 70.41 -23.32 -48.09
N VAL A 498 69.51 -22.57 -48.73
CA VAL A 498 68.25 -23.15 -49.20
C VAL A 498 68.53 -24.21 -50.25
N GLY A 499 68.07 -25.44 -49.99
CA GLY A 499 68.25 -26.52 -50.93
C GLY A 499 69.63 -27.13 -50.94
N SER A 500 70.35 -27.07 -49.83
CA SER A 500 71.71 -27.57 -49.75
C SER A 500 71.86 -28.52 -48.57
N THR A 501 72.75 -29.51 -48.74
CA THR A 501 73.06 -30.42 -47.64
C THR A 501 73.97 -29.79 -46.59
N THR A 502 74.51 -28.59 -46.86
CA THR A 502 75.22 -27.83 -45.84
C THR A 502 74.26 -27.11 -44.89
N PHE A 503 72.95 -27.20 -45.14
CA PHE A 503 71.92 -26.62 -44.28
C PHE A 503 71.39 -27.74 -43.39
N LYS A 504 71.96 -27.84 -42.20
CA LYS A 504 71.72 -29.00 -41.34
C LYS A 504 70.39 -28.89 -40.60
N GLN A 505 69.82 -30.04 -40.27
CA GLN A 505 68.55 -30.13 -39.56
C GLN A 505 68.75 -30.83 -38.22
N SER A 506 68.02 -30.36 -37.21
CA SER A 506 68.07 -30.95 -35.88
C SER A 506 66.72 -30.78 -35.20
N ALA A 507 66.31 -31.79 -34.45
CA ALA A 507 65.03 -31.75 -33.75
C ALA A 507 65.12 -32.62 -32.51
N SER A 508 64.30 -32.30 -31.52
CA SER A 508 64.30 -33.05 -30.26
C SER A 508 62.91 -33.06 -29.67
N GLN A 509 62.53 -34.21 -29.11
CA GLN A 509 61.34 -34.36 -28.28
C GLN A 509 61.79 -34.73 -26.87
N VAL A 510 61.53 -33.86 -25.92
CA VAL A 510 61.92 -34.07 -24.53
C VAL A 510 60.67 -34.10 -23.67
N MET A 511 60.58 -35.10 -22.79
CA MET A 511 59.43 -35.21 -21.89
C MET A 511 59.50 -34.10 -20.84
N GLN A 512 58.48 -33.25 -20.82
CA GLN A 512 58.41 -32.18 -19.84
C GLN A 512 57.78 -32.63 -18.54
N ASN A 513 56.78 -33.51 -18.61
CA ASN A 513 56.15 -34.11 -17.43
C ASN A 513 55.33 -35.30 -17.90
N GLN A 514 54.71 -35.98 -16.95
CA GLN A 514 53.86 -37.13 -17.26
C GLN A 514 52.83 -37.31 -16.16
N TYR A 515 51.56 -37.41 -16.57
CA TYR A 515 50.46 -37.67 -15.65
C TYR A 515 50.01 -39.12 -15.80
N ILE A 516 49.39 -39.63 -14.74
CA ILE A 516 48.78 -40.96 -14.74
C ILE A 516 47.28 -40.77 -14.53
N VAL A 517 46.49 -41.16 -15.53
CA VAL A 517 45.03 -41.08 -15.44
C VAL A 517 44.53 -42.42 -14.92
N PRO A 518 43.89 -42.46 -13.75
CA PRO A 518 43.26 -43.72 -13.31
C PRO A 518 42.01 -44.03 -14.10
N VAL A 519 42.04 -45.11 -14.87
CA VAL A 519 40.92 -45.51 -15.72
C VAL A 519 40.18 -46.64 -15.05
N GLU A 520 38.89 -46.43 -14.79
CA GLU A 520 38.08 -47.37 -14.03
C GLU A 520 37.37 -48.34 -14.96
N THR A 521 37.47 -49.63 -14.66
CA THR A 521 36.71 -50.67 -15.34
C THR A 521 35.73 -51.25 -14.32
N GLU A 522 34.43 -51.03 -14.55
CA GLU A 522 33.43 -51.48 -13.60
C GLU A 522 33.39 -53.00 -13.52
N THR A 523 33.19 -53.50 -12.30
CA THR A 523 33.16 -54.94 -12.05
C THR A 523 31.75 -55.50 -11.94
N LEU A 524 30.74 -54.64 -11.83
CA LEU A 524 29.34 -55.07 -11.77
C LEU A 524 28.60 -54.51 -12.97
N ASP A 525 27.87 -55.38 -13.67
CA ASP A 525 27.03 -54.95 -14.78
C ASP A 525 25.56 -54.84 -14.37
N THR A 526 25.01 -55.88 -13.73
CA THR A 526 23.62 -55.84 -13.28
C THR A 526 23.54 -56.41 -11.86
N VAL A 527 22.55 -55.92 -11.11
CA VAL A 527 22.29 -56.38 -9.75
C VAL A 527 20.80 -56.66 -9.63
N ARG A 528 20.49 -57.77 -8.94
CA ARG A 528 19.11 -58.18 -8.69
C ARG A 528 18.99 -58.58 -7.22
N VAL A 529 17.88 -58.21 -6.60
CA VAL A 529 17.66 -58.46 -5.19
C VAL A 529 16.43 -59.35 -5.03
N LYS A 530 16.64 -60.53 -4.45
CA LYS A 530 15.59 -61.51 -4.20
C LYS A 530 15.56 -61.83 -2.72
N ALA A 531 14.36 -61.89 -2.14
CA ALA A 531 14.21 -62.10 -0.70
C ALA A 531 12.98 -62.96 -0.44
N HIS A 532 13.20 -64.19 0.00
CA HIS A 532 12.12 -65.12 0.35
C HIS A 532 11.16 -65.32 -0.82
N GLY A 533 11.72 -65.42 -2.02
CA GLY A 533 10.93 -65.63 -3.21
C GLY A 533 10.27 -64.38 -3.76
N ILE A 534 10.78 -63.20 -3.43
CA ILE A 534 10.17 -61.93 -3.81
C ILE A 534 11.23 -61.05 -4.45
N GLU A 535 10.92 -60.49 -5.59
CA GLU A 535 11.84 -59.62 -6.23
C GLU A 535 11.72 -58.23 -5.69
N LEU A 536 12.72 -57.77 -4.97
CA LEU A 536 12.76 -56.40 -4.47
C LEU A 536 13.32 -55.46 -5.52
N TYR A 537 14.27 -55.93 -6.33
CA TYR A 537 14.79 -55.20 -7.47
C TYR A 537 14.94 -56.18 -8.62
N ALA A 538 14.35 -55.85 -9.77
CA ALA A 538 14.62 -56.62 -10.96
C ALA A 538 16.08 -56.43 -11.39
N GLN A 539 16.50 -57.21 -12.37
CA GLN A 539 17.88 -57.14 -12.86
C GLN A 539 18.07 -55.81 -13.58
N TYR A 540 18.64 -54.83 -12.88
CA TYR A 540 18.89 -53.51 -13.42
C TYR A 540 20.38 -53.27 -13.59
N ARG A 541 20.73 -52.37 -14.51
CA ARG A 541 22.12 -52.01 -14.71
C ARG A 541 22.69 -51.39 -13.45
N ALA A 542 24.01 -51.55 -13.27
CA ALA A 542 24.67 -51.01 -12.08
C ALA A 542 24.52 -49.50 -12.00
N GLN A 543 24.41 -48.82 -13.14
CA GLN A 543 24.28 -47.37 -13.16
C GLN A 543 22.98 -46.89 -12.53
N PHE A 544 21.97 -47.77 -12.45
CA PHE A 544 20.74 -47.41 -11.73
C PHE A 544 21.01 -47.22 -10.24
N TYR A 545 21.82 -48.11 -9.64
CA TYR A 545 22.09 -48.04 -8.22
C TYR A 545 23.18 -47.06 -7.84
N ARG A 546 24.08 -46.73 -8.79
CA ARG A 546 25.18 -45.83 -8.49
C ARG A 546 24.82 -44.38 -8.76
N ASP A 547 24.08 -44.11 -9.84
CA ASP A 547 23.77 -42.75 -10.26
C ASP A 547 22.37 -42.33 -9.86
N TYR A 548 21.35 -43.09 -10.27
CA TYR A 548 19.97 -42.63 -10.11
C TYR A 548 19.52 -42.64 -8.66
N ILE A 549 19.69 -43.77 -7.97
CA ILE A 549 19.23 -43.87 -6.58
C ILE A 549 19.92 -42.85 -5.67
N PRO A 550 21.26 -42.69 -5.71
CA PRO A 550 21.86 -41.62 -4.90
C PRO A 550 21.47 -40.22 -5.36
N TRP A 551 21.13 -40.05 -6.64
CA TRP A 551 20.70 -38.73 -7.09
C TRP A 551 19.29 -38.41 -6.61
N ASN A 552 18.39 -39.39 -6.68
CA ASN A 552 16.98 -39.12 -6.38
C ASN A 552 16.72 -39.03 -4.88
N TYR A 553 17.36 -39.89 -4.10
CA TYR A 553 17.05 -40.02 -2.68
C TYR A 553 18.09 -39.35 -1.80
N GLY A 554 17.70 -39.12 -0.54
CA GLY A 554 18.63 -38.77 0.51
C GLY A 554 18.88 -37.29 0.71
N SER A 555 18.56 -36.44 -0.26
CA SER A 555 18.84 -35.02 -0.17
C SER A 555 20.32 -34.79 0.12
N PHE A 556 20.63 -33.83 0.99
CA PHE A 556 22.03 -33.54 1.32
C PHE A 556 22.68 -34.65 2.17
N ASN A 557 21.98 -35.75 2.44
CA ASN A 557 22.53 -36.85 3.22
C ASN A 557 23.04 -38.00 2.37
N LEU A 558 22.80 -37.98 1.05
CA LEU A 558 23.26 -39.03 0.16
C LEU A 558 23.95 -38.39 -1.04
N VAL A 559 25.25 -38.63 -1.17
CA VAL A 559 26.07 -38.05 -2.23
C VAL A 559 26.18 -39.07 -3.36
N THR A 560 25.98 -38.61 -4.58
CA THR A 560 26.24 -39.42 -5.75
C THR A 560 27.72 -39.78 -5.79
N PRO A 561 28.09 -41.05 -5.68
CA PRO A 561 29.50 -41.40 -5.47
C PRO A 561 30.35 -41.16 -6.70
N GLN A 562 31.58 -40.68 -6.47
CA GLN A 562 32.54 -40.53 -7.56
C GLN A 562 33.00 -41.90 -8.07
N ASP A 563 33.19 -42.86 -7.16
CA ASP A 563 33.62 -44.20 -7.54
C ASP A 563 32.60 -44.82 -8.48
N LYS A 564 33.08 -45.30 -9.62
CA LYS A 564 32.22 -45.95 -10.60
C LYS A 564 31.71 -47.31 -10.15
N GLY A 565 32.23 -47.84 -9.03
CA GLY A 565 31.81 -49.13 -8.54
C GLY A 565 30.98 -49.12 -7.28
N ALA A 566 30.54 -47.97 -6.80
CA ALA A 566 29.78 -47.87 -5.56
C ALA A 566 28.28 -47.92 -5.87
N LEU A 567 27.60 -48.92 -5.35
CA LEU A 567 26.18 -49.13 -5.61
C LEU A 567 25.40 -49.06 -4.30
N PHE A 568 24.18 -48.53 -4.38
CA PHE A 568 23.34 -48.25 -3.22
C PHE A 568 22.01 -48.98 -3.41
N LEU A 569 21.77 -50.01 -2.61
CA LEU A 569 20.52 -50.77 -2.65
C LEU A 569 19.58 -50.21 -1.58
N ASN A 570 18.71 -49.29 -1.99
CA ASN A 570 17.86 -48.55 -1.07
C ASN A 570 16.55 -49.29 -0.82
N PHE A 571 16.09 -49.24 0.43
CA PHE A 571 14.80 -49.83 0.80
C PHE A 571 13.98 -48.90 1.69
N CYS A 572 14.35 -47.62 1.78
CA CYS A 572 13.60 -46.63 2.54
C CYS A 572 13.45 -45.37 1.70
N LEU A 573 12.54 -44.50 2.14
CA LEU A 573 12.25 -43.28 1.39
C LEU A 573 13.19 -42.13 1.75
N TYR A 574 13.76 -42.13 2.94
CA TYR A 574 14.61 -41.03 3.42
C TYR A 574 15.83 -41.59 4.11
N PRO A 575 16.78 -42.13 3.35
CA PRO A 575 17.98 -42.72 3.96
C PRO A 575 18.84 -41.66 4.63
N GLY A 576 19.25 -41.95 5.87
CA GLY A 576 20.08 -41.06 6.65
C GLY A 576 19.34 -40.31 7.74
N THR A 577 18.01 -40.25 7.67
CA THR A 577 17.22 -39.57 8.68
C THR A 577 16.75 -40.55 9.75
N TYR A 578 16.55 -40.03 10.96
CA TYR A 578 16.25 -40.91 12.08
C TYR A 578 14.87 -41.55 11.95
N GLN A 579 13.87 -40.77 11.56
CA GLN A 579 12.52 -41.29 11.43
C GLN A 579 12.50 -42.43 10.42
N PRO A 580 12.10 -43.65 10.82
CA PRO A 580 12.06 -44.77 9.86
C PRO A 580 11.11 -44.48 8.70
N SER A 581 11.50 -44.92 7.50
CA SER A 581 10.77 -44.59 6.29
C SER A 581 10.82 -45.75 5.31
N GLY A 582 10.81 -46.97 5.83
CA GLY A 582 10.85 -48.13 4.97
C GLY A 582 12.00 -49.07 5.31
N HIS A 583 11.76 -50.37 5.19
CA HIS A 583 12.78 -51.37 5.50
C HIS A 583 12.36 -52.70 4.88
N VAL A 584 13.29 -53.65 4.92
CA VAL A 584 13.02 -55.02 4.48
C VAL A 584 12.68 -55.83 5.72
N ASN A 585 11.49 -56.45 5.71
CA ASN A 585 11.04 -57.26 6.84
C ASN A 585 12.05 -58.36 7.14
N ILE A 586 12.08 -58.77 8.41
CA ILE A 586 13.08 -59.75 8.84
C ILE A 586 12.85 -61.10 8.19
N SER A 587 11.59 -61.48 7.96
CA SER A 587 11.29 -62.76 7.33
C SER A 587 12.02 -62.90 5.99
N ARG A 588 11.96 -61.86 5.17
CA ARG A 588 12.67 -61.89 3.90
C ARG A 588 14.17 -61.71 4.07
N ALA A 589 14.59 -60.93 5.08
CA ALA A 589 16.01 -60.69 5.31
C ALA A 589 16.74 -61.98 5.64
N ARG A 590 16.04 -62.98 6.18
CA ARG A 590 16.68 -64.23 6.55
C ARG A 590 16.95 -65.14 5.36
N GLU A 591 16.33 -64.87 4.21
CA GLU A 591 16.63 -65.56 2.96
C GLU A 591 16.81 -64.50 1.86
N PHE A 592 17.93 -63.80 1.93
CA PHE A 592 18.18 -62.60 1.13
C PHE A 592 19.32 -62.89 0.16
N TYR A 593 19.09 -62.63 -1.12
CA TYR A 593 20.06 -62.92 -2.17
C TYR A 593 20.35 -61.70 -3.01
N ILE A 594 21.63 -61.51 -3.33
CA ILE A 594 22.08 -60.47 -4.25
C ILE A 594 22.67 -61.18 -5.46
N GLU A 595 22.00 -61.06 -6.61
CA GLU A 595 22.43 -61.69 -7.85
C GLU A 595 23.12 -60.66 -8.73
N TYR A 596 24.34 -60.97 -9.16
CA TYR A 596 25.14 -60.01 -9.91
C TYR A 596 25.53 -60.59 -11.27
N THR A 597 25.93 -59.68 -12.16
CA THR A 597 26.47 -60.00 -13.47
C THR A 597 27.72 -59.16 -13.69
N SER A 598 28.82 -59.79 -14.11
CA SER A 598 30.10 -59.13 -14.19
C SER A 598 30.76 -59.38 -15.53
N SER A 599 31.40 -58.33 -16.06
CA SER A 599 32.24 -58.45 -17.25
C SER A 599 33.70 -58.67 -16.91
N PHE A 600 34.08 -58.56 -15.64
CA PHE A 600 35.48 -58.59 -15.22
C PHE A 600 35.85 -59.80 -14.39
N CYS A 601 34.98 -60.21 -13.46
CA CYS A 601 35.34 -61.25 -12.51
C CYS A 601 35.37 -62.62 -13.18
N ASP A 602 36.49 -63.32 -13.02
CA ASP A 602 36.63 -64.67 -13.53
C ASP A 602 37.71 -65.38 -12.71
N SER A 603 38.14 -66.55 -13.18
CA SER A 603 39.16 -67.33 -12.46
C SER A 603 40.51 -66.61 -12.42
N SER A 604 40.80 -65.73 -13.37
CA SER A 604 42.03 -64.97 -13.40
C SER A 604 41.93 -63.61 -12.71
N ASN A 605 40.71 -63.21 -12.30
CA ASN A 605 40.49 -61.90 -11.70
C ASN A 605 39.53 -62.05 -10.53
N PRO A 606 40.02 -62.51 -9.38
CA PRO A 606 39.16 -62.64 -8.20
C PRO A 606 38.69 -61.27 -7.73
N CYS A 607 37.47 -61.25 -7.20
CA CYS A 607 36.87 -60.03 -6.69
C CYS A 607 36.07 -60.34 -5.43
N ASP A 608 35.89 -59.31 -4.61
CA ASP A 608 35.18 -59.43 -3.34
C ASP A 608 33.83 -58.73 -3.46
N LEU A 609 32.76 -59.51 -3.32
CA LEU A 609 31.42 -58.92 -3.25
C LEU A 609 31.24 -58.37 -1.84
N ILE A 610 31.33 -57.06 -1.71
CA ILE A 610 31.23 -56.38 -0.42
C ILE A 610 29.82 -55.85 -0.27
N SER A 611 29.16 -56.25 0.82
CA SER A 611 27.80 -55.81 1.11
C SER A 611 27.74 -55.36 2.56
N ILE A 612 27.44 -54.08 2.75
CA ILE A 612 27.36 -53.48 4.08
C ILE A 612 25.94 -52.96 4.26
N ALA A 613 25.18 -53.61 5.13
CA ALA A 613 23.79 -53.23 5.37
C ALA A 613 23.70 -52.34 6.61
N LYS A 614 22.73 -51.44 6.60
CA LYS A 614 22.39 -50.63 7.75
C LYS A 614 21.04 -51.10 8.27
N CYS A 615 21.03 -51.63 9.48
CA CYS A 615 19.86 -52.28 10.05
C CYS A 615 19.29 -51.50 11.22
N ILE A 616 18.01 -51.72 11.48
CA ILE A 616 17.31 -51.09 12.59
C ILE A 616 17.36 -52.02 13.79
N ASN A 617 17.64 -51.46 14.96
CA ASN A 617 17.60 -52.23 16.19
C ASN A 617 17.12 -51.32 17.32
N PHE A 618 16.61 -51.95 18.38
CA PHE A 618 16.11 -51.25 19.54
C PHE A 618 17.14 -51.33 20.68
N LEU A 619 16.97 -50.44 21.67
CA LEU A 619 17.88 -50.40 22.80
C LEU A 619 17.11 -49.93 24.03
N LEU A 620 17.12 -50.73 25.08
CA LEU A 620 16.40 -50.39 26.30
C LEU A 620 17.18 -49.37 27.12
N ILE A 621 16.49 -48.77 28.09
CA ILE A 621 17.02 -47.61 28.80
C ILE A 621 17.10 -47.89 30.30
N SER A 622 17.52 -46.89 31.08
CA SER A 622 17.54 -46.94 32.54
C SER A 622 18.52 -47.98 33.08
N LYS B 7 3.76 -57.59 -2.72
CA LYS B 7 3.25 -58.21 -1.49
C LYS B 7 3.76 -57.49 -0.25
N LEU B 8 2.96 -56.56 0.26
CA LEU B 8 3.27 -55.89 1.51
C LEU B 8 3.03 -56.84 2.68
N ILE B 9 3.73 -56.60 3.79
CA ILE B 9 3.74 -57.54 4.90
C ILE B 9 3.14 -56.93 6.16
N ALA B 10 3.75 -55.83 6.64
CA ALA B 10 3.20 -54.98 7.68
C ALA B 10 3.30 -55.54 9.10
N ASN B 11 3.17 -56.85 9.27
CA ASN B 11 3.07 -57.44 10.61
C ASN B 11 3.98 -58.64 10.77
N ASP B 12 5.26 -58.48 10.41
CA ASP B 12 6.23 -59.57 10.55
C ASP B 12 7.07 -59.34 11.80
N GLY B 13 6.59 -59.90 12.92
CA GLY B 13 7.40 -59.97 14.13
C GLY B 13 7.38 -58.69 14.95
N LYS B 14 8.20 -58.73 16.01
CA LYS B 14 8.32 -57.59 16.91
C LYS B 14 8.93 -56.39 16.20
N ALA B 15 9.87 -56.62 15.29
CA ALA B 15 10.52 -55.53 14.57
C ALA B 15 9.50 -54.68 13.82
N ASP B 16 8.66 -55.33 13.01
CA ASP B 16 7.60 -54.62 12.29
C ASP B 16 6.53 -54.08 13.22
N ARG B 17 6.44 -54.60 14.45
CA ARG B 17 5.45 -54.10 15.39
C ARG B 17 5.85 -52.73 15.94
N MET B 18 7.15 -52.49 16.12
CA MET B 18 7.62 -51.24 16.70
C MET B 18 7.89 -50.15 15.67
N ILE B 19 8.06 -50.51 14.41
CA ILE B 19 8.37 -49.55 13.36
C ILE B 19 7.11 -49.08 12.63
N MET B 20 6.14 -49.97 12.45
CA MET B 20 4.92 -49.63 11.74
C MET B 20 3.67 -49.75 12.59
N ALA B 21 3.64 -50.64 13.58
CA ALA B 21 2.51 -50.79 14.49
C ALA B 21 1.19 -50.94 13.74
N ASN B 22 1.16 -51.92 12.83
CA ASN B 22 0.00 -52.07 11.96
C ASN B 22 -1.16 -52.75 12.66
N ASP B 23 -0.90 -53.64 13.62
CA ASP B 23 -1.99 -54.21 14.40
C ASP B 23 -2.63 -53.16 15.30
N LEU B 24 -1.85 -52.21 15.78
CA LEU B 24 -2.42 -51.11 16.55
C LEU B 24 -3.24 -50.17 15.68
N LEU B 25 -2.71 -49.82 14.50
CA LEU B 25 -3.43 -48.90 13.61
C LEU B 25 -4.74 -49.50 13.13
N ASN B 26 -4.75 -50.79 12.80
CA ASN B 26 -6.00 -51.44 12.40
C ASN B 26 -7.03 -51.40 13.52
N ASP B 27 -6.59 -51.60 14.77
CA ASP B 27 -7.50 -51.52 15.89
C ASP B 27 -8.06 -50.11 16.06
N ARG B 28 -7.22 -49.09 15.81
CA ARG B 28 -7.70 -47.72 15.91
C ARG B 28 -8.72 -47.41 14.81
N ILE B 29 -8.48 -47.91 13.60
CA ILE B 29 -9.42 -47.67 12.50
C ILE B 29 -10.73 -48.40 12.76
N LYS B 30 -10.65 -49.70 13.10
CA LYS B 30 -11.86 -50.47 13.38
C LYS B 30 -12.67 -49.86 14.51
N SER B 31 -11.98 -49.34 15.53
CA SER B 31 -12.66 -48.66 16.62
C SER B 31 -13.34 -47.38 16.12
N ILE B 32 -12.56 -46.49 15.49
CA ILE B 32 -13.08 -45.19 15.08
C ILE B 32 -14.30 -45.34 14.18
N MET B 33 -14.30 -46.34 13.30
CA MET B 33 -15.46 -46.57 12.46
C MET B 33 -16.69 -46.96 13.27
N CYS B 34 -16.50 -47.65 14.39
CA CYS B 34 -17.64 -48.11 15.18
C CYS B 34 -18.19 -47.00 16.07
N LEU B 35 -17.31 -46.17 16.63
CA LEU B 35 -17.78 -45.01 17.40
C LEU B 35 -18.63 -44.10 16.53
N ARG B 36 -18.08 -43.66 15.40
CA ARG B 36 -18.82 -42.77 14.50
C ARG B 36 -20.12 -43.40 14.05
N ALA B 37 -20.12 -44.70 13.80
CA ALA B 37 -21.38 -45.39 13.47
C ALA B 37 -22.32 -45.38 14.66
N LYS B 38 -21.80 -45.55 15.87
CA LYS B 38 -22.64 -45.52 17.05
C LYS B 38 -23.09 -44.09 17.38
N GLN B 39 -22.28 -43.10 17.03
CA GLN B 39 -22.59 -41.70 17.29
C GLN B 39 -23.45 -41.06 16.22
N GLY B 40 -23.83 -41.80 15.19
CA GLY B 40 -24.74 -41.30 14.17
C GLY B 40 -24.11 -40.52 13.04
N PHE B 41 -22.83 -40.75 12.75
CA PHE B 41 -22.20 -40.11 11.60
C PHE B 41 -22.65 -40.79 10.31
N SER B 42 -22.74 -40.00 9.24
CA SER B 42 -23.09 -40.56 7.94
C SER B 42 -21.95 -41.37 7.35
N ASP B 43 -20.71 -40.94 7.58
CA ASP B 43 -19.54 -41.63 7.06
C ASP B 43 -18.68 -42.11 8.22
N PRO B 44 -18.53 -43.42 8.42
CA PRO B 44 -17.75 -43.92 9.56
C PRO B 44 -16.25 -43.95 9.33
N THR B 45 -15.77 -43.76 8.10
CA THR B 45 -14.34 -43.86 7.84
C THR B 45 -13.59 -42.74 8.56
N PRO B 46 -12.43 -43.04 9.14
CA PRO B 46 -11.74 -42.05 9.98
C PRO B 46 -11.22 -40.86 9.20
N THR B 47 -10.71 -39.89 9.96
CA THR B 47 -10.10 -38.68 9.44
C THR B 47 -8.58 -38.83 9.43
N LEU B 48 -7.93 -38.23 8.42
CA LEU B 48 -6.47 -38.29 8.35
C LEU B 48 -5.81 -37.78 9.62
N VAL B 49 -6.39 -36.78 10.27
CA VAL B 49 -5.89 -36.33 11.56
C VAL B 49 -6.04 -37.43 12.60
N ASP B 50 -7.17 -38.16 12.58
CA ASP B 50 -7.38 -39.25 13.52
C ASP B 50 -6.27 -40.30 13.42
N ILE B 51 -5.87 -40.65 12.20
CA ILE B 51 -4.78 -41.59 12.02
C ILE B 51 -3.46 -40.98 12.51
N GLU B 52 -3.20 -39.73 12.14
CA GLU B 52 -1.90 -39.12 12.42
C GLU B 52 -1.68 -38.79 13.89
N ARG B 53 -2.68 -39.00 14.76
CA ARG B 53 -2.44 -38.86 16.19
C ARG B 53 -1.46 -39.91 16.71
N THR B 54 -1.30 -41.01 15.98
CA THR B 54 -0.33 -42.05 16.32
C THR B 54 0.65 -42.36 15.20
N HIS B 55 0.17 -42.47 13.97
CA HIS B 55 1.00 -42.91 12.85
C HIS B 55 1.28 -41.77 11.89
N ILE B 56 2.48 -41.81 11.29
CA ILE B 56 2.89 -40.81 10.31
C ILE B 56 2.59 -41.33 8.91
N LEU B 57 2.07 -40.45 8.05
CA LEU B 57 1.65 -40.82 6.70
C LEU B 57 2.74 -40.37 5.73
N LEU B 58 3.44 -41.35 5.15
CA LEU B 58 4.51 -41.04 4.21
C LEU B 58 3.98 -40.53 2.88
N ILE B 59 2.75 -40.85 2.53
CA ILE B 59 2.07 -40.25 1.38
C ILE B 59 1.08 -39.24 1.95
N ASN B 60 1.43 -37.96 1.86
CA ASN B 60 0.58 -36.91 2.43
C ASN B 60 0.84 -35.61 1.70
N SER B 61 -0.17 -35.09 1.01
CA SER B 61 -0.08 -33.83 0.28
C SER B 61 -0.59 -32.66 1.09
N HIS B 62 -0.62 -32.78 2.42
CA HIS B 62 -1.21 -31.76 3.26
C HIS B 62 -0.28 -30.55 3.41
N TYR B 63 -0.89 -29.38 3.48
CA TYR B 63 -0.17 -28.13 3.73
C TYR B 63 -1.10 -27.20 4.49
N LYS B 64 -0.53 -26.15 5.04
CA LYS B 64 -1.35 -25.15 5.70
C LYS B 64 -1.36 -23.86 4.90
N PRO B 65 -2.49 -23.17 4.81
CA PRO B 65 -2.50 -21.86 4.15
C PRO B 65 -1.69 -20.87 4.97
N PHE B 66 -1.00 -19.97 4.28
CA PHE B 66 -0.20 -18.97 4.96
C PHE B 66 -0.96 -17.64 5.00
N ALA B 67 -0.84 -16.95 6.13
CA ALA B 67 -1.35 -15.59 6.23
C ALA B 67 -0.80 -14.76 5.08
N ALA B 68 -1.71 -14.19 4.30
CA ALA B 68 -1.34 -13.57 3.02
C ALA B 68 -0.18 -12.61 3.18
N MET B 69 0.82 -12.76 2.32
CA MET B 69 1.99 -11.90 2.36
C MET B 69 2.58 -11.79 0.96
N GLY B 70 3.36 -10.73 0.76
CA GLY B 70 4.12 -10.54 -0.46
C GLY B 70 5.27 -9.61 -0.17
N TYR B 71 6.31 -9.71 -1.00
CA TYR B 71 7.49 -8.89 -0.81
C TYR B 71 7.83 -8.16 -2.11
N GLU B 72 8.65 -7.12 -1.96
CA GLU B 72 9.12 -6.30 -3.06
C GLU B 72 10.35 -5.54 -2.60
N TYR B 73 11.35 -5.45 -3.47
CA TYR B 73 12.58 -4.75 -3.15
C TYR B 73 12.47 -3.27 -3.48
N GLN B 74 13.22 -2.47 -2.74
CA GLN B 74 13.26 -1.02 -2.92
C GLN B 74 14.68 -0.55 -2.69
N LYS B 75 15.20 0.24 -3.62
CA LYS B 75 16.56 0.75 -3.54
C LYS B 75 16.56 2.24 -3.25
N THR B 76 17.49 2.68 -2.41
CA THR B 76 17.56 4.07 -1.99
C THR B 76 19.01 4.53 -2.01
N ARG B 77 19.18 5.84 -2.08
CA ARG B 77 20.49 6.48 -2.16
C ARG B 77 20.92 6.97 -0.78
N PRO B 78 22.22 7.19 -0.58
CA PRO B 78 22.68 7.67 0.72
C PRO B 78 22.30 9.12 0.97
N ASN B 79 22.23 9.47 2.25
CA ASN B 79 21.98 10.84 2.67
C ASN B 79 23.23 11.71 2.61
N THR B 80 24.38 11.15 2.25
CA THR B 80 25.67 11.81 2.40
C THR B 80 26.29 12.19 1.06
N GLY B 81 25.46 12.39 0.03
CA GLY B 81 25.96 12.92 -1.23
C GLY B 81 26.81 11.94 -2.02
N ASN B 82 27.70 12.48 -2.83
CA ASN B 82 28.50 11.65 -3.73
C ASN B 82 29.44 10.76 -2.93
N PRO B 83 29.42 9.45 -3.16
CA PRO B 83 30.29 8.55 -2.38
C PRO B 83 31.73 8.56 -2.88
N THR B 84 32.65 8.36 -1.94
CA THR B 84 34.07 8.27 -2.24
C THR B 84 34.70 7.18 -1.39
N TYR B 85 35.91 6.78 -1.77
CA TYR B 85 36.74 5.95 -0.92
C TYR B 85 37.02 6.68 0.39
N ASN B 86 37.30 5.89 1.44
CA ASN B 86 37.76 6.42 2.73
C ASN B 86 36.77 7.43 3.30
N SER B 87 35.50 7.01 3.40
CA SER B 87 34.45 7.89 3.88
C SER B 87 33.34 7.06 4.51
N THR B 88 32.41 7.77 5.16
CA THR B 88 31.24 7.16 5.77
C THR B 88 30.01 7.42 4.90
N ILE B 89 29.31 6.36 4.54
CA ILE B 89 28.10 6.42 3.73
C ILE B 89 26.93 5.96 4.59
N GLN B 90 25.85 6.72 4.58
CA GLN B 90 24.70 6.42 5.42
C GLN B 90 23.42 6.41 4.59
N PHE B 91 22.65 5.33 4.72
CA PHE B 91 21.34 5.21 4.10
C PHE B 91 20.26 5.30 5.18
N SER B 92 19.17 5.97 4.86
CA SER B 92 17.95 5.81 5.64
C SER B 92 17.20 4.59 5.13
N ILE B 93 16.52 3.90 6.05
CA ILE B 93 15.66 2.78 5.68
C ILE B 93 14.28 3.35 5.42
N PRO B 94 13.86 3.52 4.16
CA PRO B 94 12.60 4.20 3.88
C PRO B 94 11.41 3.44 4.42
N GLN B 95 10.32 4.17 4.61
CA GLN B 95 9.05 3.57 5.02
C GLN B 95 8.36 3.02 3.78
N PHE B 96 8.17 1.70 3.75
CA PHE B 96 7.58 1.06 2.57
C PHE B 96 6.68 -0.09 3.00
N GLY B 97 7.28 -1.21 3.43
CA GLY B 97 6.50 -2.36 3.83
C GLY B 97 6.17 -2.38 5.32
N ASP B 98 5.35 -3.35 5.69
CA ASP B 98 5.09 -3.59 7.11
C ASP B 98 6.33 -4.11 7.81
N PHE B 99 7.19 -4.82 7.08
CA PHE B 99 8.44 -5.34 7.60
C PHE B 99 9.52 -5.11 6.54
N PHE B 100 10.77 -5.08 6.99
CA PHE B 100 11.90 -5.09 6.07
C PHE B 100 12.85 -6.23 6.43
N SER B 101 13.48 -6.80 5.41
CA SER B 101 14.24 -8.03 5.57
C SER B 101 15.65 -7.91 5.02
N ASP B 102 15.99 -8.77 4.06
CA ASP B 102 17.38 -8.85 3.59
C ASP B 102 17.79 -7.57 2.87
N MET B 103 19.08 -7.24 2.98
CA MET B 103 19.62 -6.02 2.42
C MET B 103 20.88 -6.33 1.62
N VAL B 104 21.06 -5.61 0.51
CA VAL B 104 22.23 -5.78 -0.34
C VAL B 104 22.56 -4.41 -0.94
N VAL B 105 23.85 -4.10 -1.03
CA VAL B 105 24.32 -2.78 -1.43
C VAL B 105 25.02 -2.89 -2.77
N HIS B 106 24.51 -2.17 -3.77
CA HIS B 106 25.15 -2.11 -5.08
C HIS B 106 26.28 -1.08 -5.03
N VAL B 107 27.50 -1.52 -5.33
CA VAL B 107 28.66 -0.63 -5.40
C VAL B 107 29.20 -0.67 -6.83
N GLN B 108 29.54 0.50 -7.36
CA GLN B 108 30.00 0.64 -8.73
C GLN B 108 31.28 1.45 -8.74
N LEU B 109 32.37 0.83 -9.19
CA LEU B 109 33.69 1.44 -9.22
C LEU B 109 34.12 1.63 -10.67
N ALA B 110 34.56 2.84 -11.00
CA ALA B 110 34.86 3.20 -12.38
C ALA B 110 35.99 2.36 -12.93
N ALA B 111 35.92 2.09 -14.24
CA ALA B 111 37.04 1.46 -14.93
C ALA B 111 38.29 2.30 -14.75
N THR B 112 39.43 1.63 -14.56
CA THR B 112 40.61 2.32 -14.08
C THR B 112 41.86 1.67 -14.64
N SER B 113 42.93 2.46 -14.70
CA SER B 113 44.22 1.99 -15.21
C SER B 113 45.32 2.76 -14.50
N ALA B 114 46.55 2.24 -14.63
CA ALA B 114 47.70 2.87 -14.00
C ALA B 114 48.21 4.03 -14.85
N SER B 115 48.99 4.89 -14.21
CA SER B 115 49.58 6.03 -14.91
C SER B 115 50.83 5.60 -15.67
N ALA B 116 51.23 6.45 -16.61
CA ALA B 116 52.39 6.14 -17.45
C ALA B 116 53.68 6.25 -16.65
N GLY B 117 54.58 5.28 -16.87
CA GLY B 117 55.86 5.24 -16.21
C GLY B 117 56.98 4.98 -17.19
N THR B 118 58.06 4.39 -16.68
CA THR B 118 59.24 4.12 -17.49
C THR B 118 59.75 2.71 -17.20
N VAL B 119 60.58 2.21 -18.11
CA VAL B 119 61.29 0.95 -17.88
C VAL B 119 62.42 1.20 -16.88
N PRO B 120 62.49 0.46 -15.78
CA PRO B 120 63.52 0.75 -14.76
C PRO B 120 64.93 0.43 -15.23
N ALA B 121 65.92 0.75 -14.39
CA ALA B 121 67.30 0.47 -14.73
C ALA B 121 67.57 -1.02 -14.69
N LEU B 122 68.50 -1.45 -15.54
CA LEU B 122 68.87 -2.86 -15.62
C LEU B 122 69.52 -3.31 -14.31
N PRO B 123 69.50 -4.61 -14.02
CA PRO B 123 70.15 -5.10 -12.81
C PRO B 123 71.67 -4.96 -12.90
N ALA B 124 72.30 -5.10 -11.74
CA ALA B 124 73.75 -4.96 -11.67
C ALA B 124 74.45 -6.12 -12.38
N PHE B 125 75.77 -6.01 -12.48
CA PHE B 125 76.57 -7.07 -13.09
C PHE B 125 76.57 -8.32 -12.22
N ILE B 126 76.61 -9.48 -12.87
CA ILE B 126 76.72 -10.75 -12.16
C ILE B 126 78.17 -11.20 -12.17
N GLY B 127 78.76 -11.32 -13.36
CA GLY B 127 80.14 -11.70 -13.47
C GLY B 127 81.10 -10.55 -13.26
N ALA B 128 82.36 -10.90 -13.01
CA ALA B 128 83.40 -9.90 -12.79
C ALA B 128 84.12 -9.49 -14.07
N ASP B 129 83.87 -10.16 -15.18
CA ASP B 129 84.63 -9.98 -16.40
C ASP B 129 83.75 -9.51 -17.55
N ASP B 130 84.36 -8.76 -18.47
CA ASP B 130 83.75 -8.38 -19.74
C ASP B 130 82.41 -7.68 -19.53
N GLN B 131 82.40 -6.70 -18.64
CA GLN B 131 81.17 -6.02 -18.26
C GLN B 131 80.79 -4.95 -19.28
N VAL B 132 79.56 -5.02 -19.77
CA VAL B 132 79.03 -4.04 -20.72
C VAL B 132 77.64 -3.63 -20.25
N LEU B 133 77.36 -2.33 -20.25
CA LEU B 133 76.05 -1.80 -19.91
C LEU B 133 75.51 -1.02 -21.09
N THR B 134 74.37 -1.48 -21.62
CA THR B 134 73.66 -0.81 -22.70
C THR B 134 72.37 -0.21 -22.14
N SER B 135 71.72 0.62 -22.94
CA SER B 135 70.35 1.02 -22.63
C SER B 135 69.37 -0.14 -22.78
N THR B 136 69.80 -1.27 -23.39
CA THR B 136 68.90 -2.38 -23.68
C THR B 136 69.34 -3.70 -23.09
N SER B 137 70.54 -3.81 -22.51
CA SER B 137 70.97 -5.06 -21.89
C SER B 137 72.15 -4.79 -20.97
N VAL B 138 72.31 -5.67 -19.98
CA VAL B 138 73.45 -5.65 -19.08
C VAL B 138 74.15 -7.00 -19.20
N VAL B 139 75.44 -6.99 -19.53
CA VAL B 139 76.20 -8.20 -19.84
C VAL B 139 77.42 -8.26 -18.94
N SER B 140 77.65 -9.42 -18.34
CA SER B 140 78.87 -9.72 -17.59
C SER B 140 79.26 -11.15 -17.87
N ALA B 141 80.41 -11.56 -17.33
CA ALA B 141 80.92 -12.89 -17.61
C ALA B 141 81.81 -13.37 -16.48
N THR B 142 82.01 -14.68 -16.42
CA THR B 142 82.93 -15.31 -15.48
C THR B 142 83.85 -16.23 -16.26
N GLU B 143 85.14 -15.90 -16.28
CA GLU B 143 86.12 -16.75 -16.94
C GLU B 143 86.36 -18.02 -16.13
N ASN B 144 86.88 -19.04 -16.81
CA ASN B 144 87.27 -20.28 -16.14
C ASN B 144 88.28 -20.99 -17.05
N THR B 145 89.56 -20.64 -16.89
CA THR B 145 90.60 -21.24 -17.72
C THR B 145 90.86 -22.69 -17.38
N THR B 146 90.50 -23.13 -16.17
CA THR B 146 90.75 -24.52 -15.79
C THR B 146 89.78 -25.47 -16.49
N SER B 147 88.51 -25.10 -16.58
CA SER B 147 87.51 -25.96 -17.18
C SER B 147 87.28 -25.67 -18.66
N GLY B 148 87.71 -24.52 -19.15
CA GLY B 148 87.39 -24.12 -20.50
C GLY B 148 85.97 -23.64 -20.69
N VAL B 149 85.28 -23.30 -19.60
CA VAL B 149 83.89 -22.86 -19.66
C VAL B 149 83.86 -21.34 -19.51
N TYR B 150 83.33 -20.66 -20.51
CA TYR B 150 83.08 -19.23 -20.46
C TYR B 150 81.60 -19.03 -20.17
N THR B 151 81.30 -18.44 -19.02
CA THR B 151 79.92 -18.28 -18.56
C THR B 151 79.50 -16.82 -18.75
N LEU B 152 78.48 -16.62 -19.58
CA LEU B 152 78.04 -15.28 -19.98
C LEU B 152 76.65 -15.02 -19.41
N TYR B 153 76.52 -13.95 -18.63
CA TYR B 153 75.25 -13.56 -18.02
C TYR B 153 74.70 -12.35 -18.75
N THR B 154 73.46 -12.45 -19.22
CA THR B 154 72.80 -11.35 -19.90
C THR B 154 71.41 -11.15 -19.32
N GLN B 155 71.07 -9.91 -18.99
CA GLN B 155 69.74 -9.55 -18.50
C GLN B 155 69.21 -8.37 -19.31
N SER B 156 67.93 -8.43 -19.65
CA SER B 156 67.29 -7.38 -20.43
C SER B 156 65.81 -7.36 -20.10
N TYR B 157 65.09 -6.43 -20.74
CA TYR B 157 63.66 -6.30 -20.58
C TYR B 157 62.97 -6.58 -21.91
N VAL B 158 61.88 -7.35 -21.87
CA VAL B 158 61.11 -7.69 -23.05
C VAL B 158 59.63 -7.57 -22.71
N ASN B 159 58.81 -7.47 -23.77
CA ASN B 159 57.37 -7.61 -23.63
C ASN B 159 57.02 -9.08 -23.85
N GLN B 160 55.71 -9.39 -23.91
CA GLN B 160 55.31 -10.79 -24.05
C GLN B 160 55.82 -11.38 -25.36
N GLN B 161 55.78 -10.59 -26.44
CA GLN B 161 56.23 -11.09 -27.74
C GLN B 161 57.74 -11.27 -27.78
N GLY B 162 58.48 -10.69 -26.84
CA GLY B 162 59.91 -10.85 -26.75
C GLY B 162 60.72 -9.69 -27.27
N THR B 163 60.08 -8.60 -27.69
CA THR B 163 60.81 -7.44 -28.19
C THR B 163 61.50 -6.72 -27.04
N THR B 164 62.77 -6.38 -27.24
CA THR B 164 63.55 -5.73 -26.20
C THR B 164 63.05 -4.32 -25.93
N GLN B 165 62.94 -3.96 -24.65
CA GLN B 165 62.48 -2.66 -24.21
C GLN B 165 63.66 -1.84 -23.70
N THR B 166 63.75 -0.59 -24.14
CA THR B 166 64.85 0.27 -23.75
C THR B 166 64.64 0.81 -22.35
N VAL B 167 65.74 0.89 -21.58
CA VAL B 167 65.68 1.49 -20.26
C VAL B 167 65.21 2.93 -20.38
N ALA B 168 64.35 3.34 -19.44
CA ALA B 168 63.74 4.67 -19.35
C ALA B 168 62.77 4.95 -20.49
N ALA B 169 62.49 4.00 -21.37
CA ALA B 169 61.42 4.16 -22.33
C ALA B 169 60.08 3.96 -21.62
N ALA B 170 59.00 4.21 -22.36
CA ALA B 170 57.67 4.15 -21.78
C ALA B 170 57.32 2.74 -21.32
N ALA B 171 56.55 2.66 -20.24
CA ALA B 171 56.08 1.40 -19.68
C ALA B 171 54.98 1.70 -18.68
N THR B 172 53.93 0.88 -18.70
CA THR B 172 52.78 1.08 -17.83
C THR B 172 52.49 -0.20 -17.06
N ASN B 173 52.22 -0.07 -15.76
CA ASN B 173 51.84 -1.20 -14.95
C ASN B 173 50.39 -1.57 -15.20
N PHE B 174 50.05 -2.81 -14.84
CA PHE B 174 48.66 -3.26 -14.84
C PHE B 174 48.03 -3.01 -13.48
N VAL B 175 46.71 -3.16 -13.41
CA VAL B 175 45.97 -2.97 -12.17
C VAL B 175 45.20 -4.24 -11.86
N ARG B 176 45.01 -4.47 -10.57
CA ARG B 176 44.26 -5.62 -10.08
C ARG B 176 43.52 -5.20 -8.83
N TYR B 177 42.43 -5.91 -8.55
CA TYR B 177 41.73 -5.76 -7.28
C TYR B 177 42.22 -6.80 -6.27
N CYS B 178 42.14 -6.45 -5.00
CA CYS B 178 42.42 -7.42 -3.96
C CYS B 178 41.37 -8.53 -4.01
N GLU B 179 41.71 -9.68 -3.44
CA GLU B 179 40.76 -10.78 -3.39
C GLU B 179 39.59 -10.42 -2.50
N TYR B 180 38.39 -10.78 -2.95
CA TYR B 180 37.14 -10.45 -2.26
C TYR B 180 37.03 -8.95 -1.98
N PRO B 181 37.04 -8.11 -3.02
CA PRO B 181 37.00 -6.66 -2.78
C PRO B 181 35.75 -6.21 -2.05
N GLY B 182 34.62 -6.85 -2.32
CA GLY B 182 33.39 -6.46 -1.64
C GLY B 182 33.43 -6.72 -0.16
N LEU B 183 34.29 -7.65 0.27
CA LEU B 183 34.40 -7.92 1.70
C LEU B 183 35.31 -6.92 2.39
N ARG B 184 36.41 -6.52 1.74
CA ARG B 184 37.31 -5.55 2.36
C ARG B 184 36.80 -4.13 2.22
N LEU B 185 36.01 -3.85 1.18
CA LEU B 185 35.57 -2.48 0.91
C LEU B 185 34.81 -1.90 2.10
N PHE B 186 34.03 -2.72 2.79
CA PHE B 186 33.25 -2.25 3.93
C PHE B 186 34.07 -2.49 5.19
N LYS B 187 34.76 -1.45 5.65
CA LYS B 187 35.47 -1.52 6.92
C LYS B 187 34.51 -1.84 8.05
N ARG B 188 33.45 -1.05 8.18
CA ARG B 188 32.43 -1.26 9.19
C ARG B 188 31.05 -1.11 8.54
N VAL B 189 30.09 -1.88 9.05
CA VAL B 189 28.71 -1.84 8.60
C VAL B 189 27.83 -1.75 9.82
N LYS B 190 27.00 -0.71 9.92
CA LYS B 190 26.24 -0.41 11.12
C LYS B 190 24.75 -0.40 10.84
N PHE B 191 23.98 -1.01 11.75
CA PHE B 191 22.53 -0.88 11.81
C PHE B 191 22.23 -0.03 13.05
N GLU B 192 21.82 1.22 12.82
CA GLU B 192 21.78 2.23 13.86
C GLU B 192 20.33 2.61 14.16
N VAL B 193 19.98 2.61 15.44
CA VAL B 193 18.65 3.00 15.91
C VAL B 193 18.80 3.93 17.10
N ASN B 194 18.17 5.10 17.04
CA ASN B 194 18.18 6.10 18.12
C ASN B 194 19.60 6.57 18.43
N GLY B 195 20.50 6.51 17.45
CA GLY B 195 21.88 6.85 17.66
C GLY B 195 22.73 5.73 18.22
N ASN B 196 22.12 4.68 18.77
CA ASN B 196 22.86 3.55 19.29
C ASN B 196 23.14 2.54 18.18
N PRO B 197 24.38 2.06 18.05
CA PRO B 197 24.61 0.90 17.18
C PRO B 197 23.86 -0.32 17.67
N LEU B 198 22.84 -0.74 16.93
CA LEU B 198 22.10 -1.95 17.33
C LEU B 198 22.87 -3.20 16.97
N ASP B 199 23.58 -3.20 15.84
CA ASP B 199 24.46 -4.29 15.47
C ASP B 199 25.44 -3.78 14.42
N GLU B 200 26.63 -4.36 14.43
CA GLU B 200 27.69 -3.94 13.52
C GLU B 200 28.71 -5.05 13.36
N TYR B 201 29.37 -5.06 12.21
CA TYR B 201 30.44 -6.01 11.94
C TYR B 201 31.46 -5.34 11.03
N THR B 202 32.62 -5.98 10.91
CA THR B 202 33.71 -5.46 10.10
C THR B 202 33.99 -6.40 8.93
N ALA B 203 35.05 -6.09 8.19
CA ALA B 203 35.52 -7.00 7.15
C ALA B 203 36.02 -8.31 7.76
N LEU B 204 36.45 -8.26 9.03
CA LEU B 204 36.87 -9.49 9.70
C LEU B 204 35.70 -10.45 9.86
N ALA B 205 34.53 -9.94 10.23
CA ALA B 205 33.36 -10.80 10.27
C ALA B 205 32.94 -11.26 8.88
N ALA B 206 33.14 -10.40 7.88
CA ALA B 206 32.78 -10.76 6.52
C ALA B 206 33.64 -11.90 5.99
N ILE B 207 34.94 -11.90 6.32
CA ILE B 207 35.79 -12.99 5.85
C ILE B 207 35.55 -14.26 6.66
N MET B 208 35.11 -14.13 7.92
CA MET B 208 34.70 -15.31 8.67
C MET B 208 33.48 -15.96 8.04
N TYR B 209 32.52 -15.15 7.60
CA TYR B 209 31.37 -15.68 6.88
C TYR B 209 31.78 -16.29 5.55
N ASN B 210 32.71 -15.63 4.84
CA ASN B 210 33.20 -16.17 3.57
C ASN B 210 33.82 -17.55 3.76
N LYS B 211 34.40 -17.81 4.93
CA LYS B 211 35.08 -19.09 5.14
C LYS B 211 34.14 -20.18 5.65
N PHE B 212 33.10 -19.81 6.39
CA PHE B 212 32.32 -20.79 7.14
C PHE B 212 30.89 -20.99 6.66
N HIS B 213 30.34 -20.09 5.84
CA HIS B 213 28.91 -20.16 5.58
C HIS B 213 28.57 -19.99 4.10
N VAL B 214 29.50 -20.34 3.21
CA VAL B 214 29.21 -20.31 1.78
C VAL B 214 29.47 -21.69 1.20
N PRO B 215 28.50 -22.59 1.21
CA PRO B 215 28.68 -23.90 0.58
C PRO B 215 28.84 -23.76 -0.93
N ASP B 216 29.19 -24.88 -1.56
CA ASP B 216 29.53 -24.84 -2.98
C ASP B 216 28.32 -24.52 -3.85
N PHE B 217 27.10 -24.86 -3.42
CA PHE B 217 25.94 -24.52 -4.23
C PHE B 217 25.58 -23.04 -4.17
N LYS B 218 26.29 -22.26 -3.34
CA LYS B 218 26.11 -20.81 -3.30
C LYS B 218 27.38 -20.05 -3.64
N LEU B 219 28.48 -20.74 -3.93
CA LEU B 219 29.78 -20.07 -3.99
C LEU B 219 29.92 -19.20 -5.24
N THR B 220 29.52 -19.71 -6.41
CA THR B 220 29.68 -18.95 -7.64
C THR B 220 28.93 -17.62 -7.57
N GLY B 221 27.67 -17.65 -7.14
CA GLY B 221 26.94 -16.41 -6.99
C GLY B 221 27.51 -15.52 -5.91
N TRP B 222 27.99 -16.12 -4.82
CA TRP B 222 28.60 -15.34 -3.73
C TRP B 222 29.83 -14.59 -4.24
N LYS B 223 30.70 -15.28 -4.98
CA LYS B 223 31.90 -14.62 -5.51
C LYS B 223 31.54 -13.49 -6.46
N ARG B 224 30.49 -13.67 -7.28
CA ARG B 224 30.10 -12.61 -8.20
C ARG B 224 29.50 -11.42 -7.46
N LEU B 225 28.86 -11.66 -6.32
CA LEU B 225 28.28 -10.56 -5.55
C LEU B 225 29.35 -9.64 -5.00
N ILE B 226 30.48 -10.20 -4.55
CA ILE B 226 31.53 -9.43 -3.87
C ILE B 226 32.72 -9.16 -4.79
N GLY B 227 32.58 -9.42 -6.09
CA GLY B 227 33.60 -9.02 -7.04
C GLY B 227 34.82 -9.92 -7.12
N GLN B 228 34.70 -11.18 -6.69
CA GLN B 228 35.79 -12.14 -6.84
C GLN B 228 35.64 -12.86 -8.18
N GLU B 229 36.73 -12.96 -8.93
CA GLU B 229 36.69 -13.61 -10.22
C GLU B 229 36.35 -15.09 -10.06
N VAL B 230 35.71 -15.65 -11.08
CA VAL B 230 35.24 -17.04 -11.08
C VAL B 230 36.08 -17.81 -12.09
N PRO B 231 36.58 -18.99 -11.74
CA PRO B 231 37.35 -19.78 -12.72
C PRO B 231 36.49 -20.14 -13.92
N VAL B 232 37.15 -20.29 -15.07
CA VAL B 232 36.50 -20.68 -16.31
C VAL B 232 37.24 -21.90 -16.86
N GLU B 233 36.51 -22.99 -17.05
CA GLU B 233 37.10 -24.25 -17.48
C GLU B 233 37.30 -24.26 -18.99
N ALA B 234 38.52 -24.61 -19.42
CA ALA B 234 38.87 -24.62 -20.84
C ALA B 234 39.45 -25.98 -21.21
N ALA B 235 39.03 -26.50 -22.35
CA ALA B 235 39.48 -27.80 -22.84
C ALA B 235 40.53 -27.61 -23.93
N SER B 236 41.43 -28.59 -24.02
CA SER B 236 42.55 -28.53 -24.95
C SER B 236 42.27 -29.39 -26.17
N ASN B 237 43.27 -29.45 -27.06
CA ASN B 237 43.27 -30.46 -28.10
C ASN B 237 43.38 -31.85 -27.47
N LEU B 238 43.07 -32.87 -28.26
CA LEU B 238 43.26 -34.24 -27.80
C LEU B 238 44.73 -34.47 -27.48
N VAL B 239 45.01 -34.93 -26.26
CA VAL B 239 46.36 -35.24 -25.84
C VAL B 239 46.66 -36.74 -25.98
N ASN B 240 45.66 -37.58 -25.74
CA ASN B 240 45.73 -39.00 -26.01
C ASN B 240 44.75 -39.34 -27.13
N ILE B 241 45.20 -40.14 -28.08
CA ILE B 241 44.35 -40.65 -29.15
C ILE B 241 44.59 -42.15 -29.23
N ALA B 242 43.52 -42.93 -29.10
CA ALA B 242 43.62 -44.38 -29.02
C ALA B 242 44.39 -44.93 -30.21
N SER B 243 45.40 -45.76 -29.92
CA SER B 243 46.21 -46.50 -30.89
C SER B 243 47.22 -45.63 -31.63
N THR B 244 47.58 -44.47 -31.09
CA THR B 244 48.65 -43.67 -31.68
C THR B 244 49.34 -42.89 -30.55
N THR B 245 50.31 -42.06 -30.93
CA THR B 245 51.17 -41.42 -29.96
C THR B 245 51.70 -40.12 -30.53
N PRO B 246 52.01 -39.13 -29.68
CA PRO B 246 52.76 -37.96 -30.15
C PRO B 246 54.25 -38.20 -30.27
N TRP B 247 54.78 -39.23 -29.59
CA TRP B 247 56.21 -39.50 -29.62
C TRP B 247 56.63 -40.02 -30.99
N GLY B 248 57.81 -39.59 -31.42
CA GLY B 248 58.37 -40.16 -32.64
C GLY B 248 58.57 -41.66 -32.52
N SER B 249 58.48 -42.34 -33.65
CA SER B 249 58.55 -43.79 -33.66
C SER B 249 59.84 -44.39 -33.09
N PRO B 250 61.03 -43.78 -33.24
CA PRO B 250 62.24 -44.45 -32.73
C PRO B 250 62.22 -44.79 -31.24
N ILE B 251 61.37 -44.15 -30.44
CA ILE B 251 61.33 -44.40 -29.01
C ILE B 251 60.06 -45.13 -28.58
N VAL B 252 59.17 -45.45 -29.51
CA VAL B 252 57.86 -46.00 -29.19
C VAL B 252 57.91 -47.52 -29.22
N ALA B 253 57.47 -48.14 -28.12
CA ALA B 253 57.27 -49.59 -28.04
C ALA B 253 58.55 -50.36 -28.34
N LEU B 254 59.61 -50.00 -27.64
CA LEU B 254 60.90 -50.68 -27.79
C LEU B 254 60.98 -51.87 -26.85
N SER B 255 61.69 -52.90 -27.30
CA SER B 255 62.01 -54.07 -26.48
C SER B 255 63.52 -54.23 -26.45
N ASP B 256 64.05 -54.68 -25.30
CA ASP B 256 65.47 -54.88 -25.18
C ASP B 256 65.88 -56.19 -25.84
N VAL B 257 67.17 -56.54 -25.73
CA VAL B 257 67.69 -57.74 -26.39
C VAL B 257 67.10 -59.01 -25.81
N ASN B 258 66.47 -58.94 -24.63
CA ASN B 258 65.85 -60.09 -24.01
C ASN B 258 64.35 -60.19 -24.29
N GLY B 259 63.80 -59.26 -25.08
CA GLY B 259 62.40 -59.27 -25.43
C GLY B 259 61.49 -58.49 -24.50
N THR B 260 62.00 -58.02 -23.37
CA THR B 260 61.18 -57.28 -22.41
C THR B 260 60.96 -55.85 -22.88
N ALA B 261 59.73 -55.36 -22.71
CA ALA B 261 59.43 -53.97 -23.03
C ALA B 261 60.33 -53.05 -22.23
N VAL B 262 60.76 -51.96 -22.89
CA VAL B 262 61.74 -51.05 -22.30
C VAL B 262 61.03 -50.06 -21.38
N THR B 263 61.40 -50.08 -20.10
CA THR B 263 60.92 -49.06 -19.18
C THR B 263 61.43 -47.69 -19.61
N GLY B 264 60.49 -46.76 -19.82
CA GLY B 264 60.80 -45.47 -20.38
C GLY B 264 60.48 -45.32 -21.85
N SER B 265 60.11 -46.41 -22.52
CA SER B 265 59.69 -46.37 -23.90
C SER B 265 58.17 -46.23 -23.96
N PRO B 266 57.64 -45.07 -24.33
CA PRO B 266 56.18 -44.92 -24.38
C PRO B 266 55.56 -45.82 -25.44
N VAL B 267 54.30 -46.19 -25.21
CA VAL B 267 53.53 -47.02 -26.12
C VAL B 267 52.28 -46.25 -26.54
N ASN B 268 51.54 -46.84 -27.47
CA ASN B 268 50.30 -46.23 -27.93
C ASN B 268 49.34 -46.00 -26.77
N ALA B 269 48.48 -45.01 -26.90
CA ALA B 269 47.49 -44.70 -25.89
C ALA B 269 46.34 -45.69 -25.96
N ALA B 270 45.74 -45.96 -24.79
CA ALA B 270 44.58 -46.84 -24.71
C ALA B 270 43.26 -46.08 -24.72
N ILE B 271 43.25 -44.81 -24.35
CA ILE B 271 42.06 -43.98 -24.38
C ILE B 271 42.34 -42.72 -25.20
N THR B 272 41.27 -42.02 -25.53
CA THR B 272 41.34 -40.73 -26.22
C THR B 272 40.81 -39.65 -25.28
N ALA B 273 41.65 -38.67 -24.95
CA ALA B 273 41.33 -37.74 -23.88
C ALA B 273 41.75 -36.32 -24.24
N ARG B 274 41.03 -35.37 -23.66
CA ARG B 274 41.40 -33.96 -23.62
C ARG B 274 41.78 -33.58 -22.19
N LYS B 275 42.59 -32.53 -22.06
CA LYS B 275 42.87 -31.95 -20.76
C LYS B 275 41.93 -30.78 -20.50
N LEU B 276 41.57 -30.61 -19.23
CA LEU B 276 40.84 -29.44 -18.77
C LEU B 276 41.77 -28.59 -17.91
N THR B 277 41.88 -27.31 -18.25
CA THR B 277 42.54 -26.35 -17.39
C THR B 277 41.57 -25.23 -17.06
N GLN B 278 41.87 -24.50 -16.00
CA GLN B 278 41.05 -23.39 -15.55
C GLN B 278 41.79 -22.08 -15.74
N VAL B 279 41.08 -21.07 -16.23
CA VAL B 279 41.64 -19.73 -16.41
C VAL B 279 40.74 -18.74 -15.69
N VAL B 280 41.35 -17.66 -15.22
CA VAL B 280 40.64 -16.54 -14.63
C VAL B 280 41.04 -15.28 -15.38
N PHE B 281 40.10 -14.35 -15.51
CA PHE B 281 40.36 -13.09 -16.19
C PHE B 281 39.39 -12.02 -15.68
N GLY B 282 39.32 -11.89 -14.36
CA GLY B 282 38.42 -10.92 -13.75
C GLY B 282 39.11 -9.84 -12.95
N ALA B 283 38.49 -9.44 -11.83
CA ALA B 283 38.97 -8.30 -11.08
C ALA B 283 40.33 -8.53 -10.44
N GLN B 284 40.67 -9.78 -10.14
CA GLN B 284 41.94 -10.09 -9.50
C GLN B 284 43.09 -10.32 -10.48
N THR B 285 42.77 -10.55 -11.75
CA THR B 285 43.82 -10.76 -12.75
C THR B 285 44.33 -9.41 -13.24
N PRO B 286 45.64 -9.18 -13.24
CA PRO B 286 46.16 -7.87 -13.64
C PRO B 286 45.88 -7.58 -15.11
N LYS B 287 45.36 -6.37 -15.36
CA LYS B 287 45.00 -5.96 -16.71
C LYS B 287 45.45 -4.53 -16.95
N ALA B 288 45.68 -4.19 -18.22
CA ALA B 288 45.97 -2.80 -18.58
C ALA B 288 44.84 -1.89 -18.15
N THR B 289 43.59 -2.35 -18.29
CA THR B 289 42.43 -1.63 -17.79
C THR B 289 41.50 -2.62 -17.13
N GLN B 290 41.20 -2.39 -15.85
CA GLN B 290 40.16 -3.15 -15.18
C GLN B 290 38.80 -2.56 -15.52
N GLU B 291 37.86 -3.42 -15.86
CA GLU B 291 36.53 -2.95 -16.24
C GLU B 291 35.79 -2.41 -15.01
N GLN B 292 34.67 -1.74 -15.28
CA GLN B 292 33.82 -1.23 -14.21
C GLN B 292 33.37 -2.36 -13.31
N LEU B 293 33.81 -2.33 -12.06
CA LEU B 293 33.50 -3.39 -11.11
C LEU B 293 32.13 -3.12 -10.48
N ASN B 294 31.20 -4.06 -10.66
CA ASN B 294 29.86 -3.96 -10.11
C ASN B 294 29.68 -5.05 -9.07
N MET B 295 29.36 -4.66 -7.84
CA MET B 295 29.18 -5.59 -6.74
C MET B 295 27.82 -5.35 -6.08
N PHE B 296 27.21 -6.44 -5.62
CA PHE B 296 26.02 -6.40 -4.78
C PHE B 296 26.42 -7.06 -3.46
N VAL B 297 26.92 -6.26 -2.53
CA VAL B 297 27.44 -6.77 -1.27
C VAL B 297 26.27 -6.96 -0.29
N PRO B 298 25.97 -8.19 0.11
CA PRO B 298 24.88 -8.39 1.08
C PRO B 298 25.28 -7.93 2.47
N LEU B 299 24.30 -7.42 3.20
CA LEU B 299 24.51 -6.98 4.58
C LEU B 299 24.17 -8.14 5.51
N LEU B 300 25.18 -8.65 6.20
CA LEU B 300 25.08 -9.94 6.90
C LEU B 300 24.52 -9.77 8.31
N PHE B 301 23.33 -9.19 8.39
CA PHE B 301 22.63 -9.07 9.66
C PHE B 301 21.67 -10.24 9.86
N TRP B 302 21.16 -10.35 11.09
CA TRP B 302 20.32 -11.50 11.43
C TRP B 302 18.97 -11.43 10.71
N PHE B 303 18.46 -10.22 10.46
CA PHE B 303 17.10 -10.07 9.95
C PHE B 303 17.05 -10.35 8.46
N ARG B 304 18.07 -11.03 7.93
CA ARG B 304 18.00 -11.52 6.56
C ARG B 304 17.02 -12.67 6.45
N ASP B 305 16.88 -13.45 7.50
CA ASP B 305 15.89 -14.52 7.59
C ASP B 305 14.49 -13.94 7.43
N PRO B 306 13.71 -14.41 6.45
CA PRO B 306 12.33 -13.90 6.31
C PRO B 306 11.50 -14.06 7.57
N ARG B 307 11.69 -15.15 8.31
CA ARG B 307 10.98 -15.34 9.57
C ARG B 307 11.25 -14.22 10.56
N LEU B 308 12.43 -13.58 10.45
CA LEU B 308 12.88 -12.60 11.43
C LEU B 308 12.84 -11.17 10.88
N ALA B 309 11.95 -10.91 9.94
CA ALA B 309 11.77 -9.56 9.43
C ALA B 309 11.40 -8.61 10.57
N ILE B 310 11.88 -7.38 10.47
CA ILE B 310 11.70 -6.39 11.53
C ILE B 310 10.43 -5.59 11.27
N ALA B 311 9.56 -5.51 12.28
CA ALA B 311 8.34 -4.72 12.16
C ALA B 311 8.68 -3.26 11.96
N SER B 312 8.15 -2.68 10.87
CA SER B 312 8.43 -1.28 10.56
C SER B 312 7.97 -0.35 11.67
N VAL B 313 6.93 -0.75 12.42
CA VAL B 313 6.45 0.09 13.51
C VAL B 313 7.39 0.00 14.72
N SER B 314 8.03 -1.16 14.93
CA SER B 314 8.81 -1.39 16.13
C SER B 314 10.15 -0.65 16.12
N ILE B 315 10.69 -0.36 14.95
CA ILE B 315 11.84 0.52 14.81
C ILE B 315 11.42 1.71 13.95
N PRO B 316 11.03 2.82 14.59
CA PRO B 316 10.40 3.92 13.84
C PRO B 316 11.28 4.51 12.75
N TYR B 317 10.61 5.09 11.75
CA TYR B 317 11.27 5.77 10.65
C TYR B 317 11.84 7.10 11.12
N GLY B 318 12.95 7.51 10.49
CA GLY B 318 13.65 8.72 10.86
C GLY B 318 14.72 8.55 11.90
N GLN B 319 14.78 7.40 12.58
CA GLN B 319 15.81 7.11 13.57
C GLN B 319 16.50 5.78 13.26
N ARG B 320 16.34 5.26 12.05
CA ARG B 320 16.93 3.99 11.63
C ARG B 320 17.81 4.23 10.42
N PHE B 321 19.04 3.73 10.48
CA PHE B 321 20.01 3.99 9.42
C PHE B 321 20.90 2.78 9.21
N ILE B 322 21.43 2.68 8.00
CA ILE B 322 22.51 1.75 7.67
C ILE B 322 23.74 2.59 7.34
N THR B 323 24.76 2.51 8.18
CA THR B 323 26.00 3.27 8.02
C THR B 323 27.10 2.33 7.57
N VAL B 324 27.86 2.75 6.56
CA VAL B 324 28.92 1.93 5.98
C VAL B 324 30.20 2.76 5.91
N ASP B 325 31.27 2.27 6.52
CA ASP B 325 32.59 2.86 6.37
C ASP B 325 33.29 2.20 5.20
N ILE B 326 33.89 3.02 4.34
CA ILE B 326 34.50 2.55 3.09
C ILE B 326 36.01 2.58 3.24
N GLU B 327 36.66 1.49 2.83
CA GLU B 327 38.10 1.35 2.92
C GLU B 327 38.80 2.34 1.98
N GLN B 328 40.05 2.66 2.32
CA GLN B 328 40.89 3.46 1.43
C GLN B 328 41.11 2.74 0.10
N GLN B 329 41.33 3.52 -0.95
CA GLN B 329 41.52 2.93 -2.28
C GLN B 329 42.78 2.07 -2.33
N SER B 330 43.83 2.49 -1.61
CA SER B 330 45.11 1.79 -1.66
C SER B 330 45.06 0.40 -1.05
N ASN B 331 43.98 0.03 -0.36
CA ASN B 331 43.80 -1.33 0.16
C ASN B 331 42.87 -2.18 -0.70
N ILE B 332 42.31 -1.60 -1.77
CA ILE B 332 41.38 -2.30 -2.63
C ILE B 332 41.94 -2.54 -4.02
N LEU B 333 42.62 -1.53 -4.58
CA LEU B 333 43.14 -1.58 -5.94
C LEU B 333 44.66 -1.51 -5.88
N PHE B 334 45.32 -2.37 -6.67
CA PHE B 334 46.76 -2.52 -6.56
C PHE B 334 47.43 -2.53 -7.93
N THR B 335 48.66 -2.04 -7.95
CA THR B 335 49.52 -2.13 -9.11
C THR B 335 50.09 -3.55 -9.21
N ALA B 336 50.22 -4.04 -10.44
CA ALA B 336 50.83 -5.32 -10.73
C ALA B 336 51.63 -5.18 -12.01
N PRO B 337 52.65 -6.02 -12.20
CA PRO B 337 53.46 -5.93 -13.43
C PRO B 337 52.61 -6.09 -14.67
N GLY B 338 52.94 -5.30 -15.69
CA GLY B 338 52.25 -5.31 -16.96
C GLY B 338 53.00 -6.10 -18.01
N ASN B 339 53.00 -5.56 -19.24
CA ASN B 339 53.67 -6.22 -20.36
C ASN B 339 55.15 -5.84 -20.40
N LEU B 340 55.83 -6.14 -19.30
CA LEU B 340 57.26 -5.87 -19.17
C LEU B 340 57.88 -6.99 -18.35
N PHE B 341 58.86 -7.68 -18.92
CA PHE B 341 59.44 -8.86 -18.30
C PHE B 341 60.97 -8.74 -18.28
N LEU B 342 61.57 -9.16 -17.18
CA LEU B 342 63.02 -9.22 -17.06
C LEU B 342 63.50 -10.57 -17.58
N GLN B 343 64.29 -10.55 -18.64
CA GLN B 343 64.85 -11.76 -19.23
C GLN B 343 66.21 -12.04 -18.59
N THR B 344 66.33 -13.18 -17.93
CA THR B 344 67.58 -13.61 -17.31
C THR B 344 68.14 -14.78 -18.11
N THR B 345 69.27 -14.56 -18.77
CA THR B 345 69.88 -15.57 -19.63
C THR B 345 71.30 -15.85 -19.18
N VAL B 346 71.62 -17.14 -19.04
CA VAL B 346 72.97 -17.61 -18.79
C VAL B 346 73.37 -18.50 -19.95
N GLU B 347 74.52 -18.20 -20.56
CA GLU B 347 75.08 -19.02 -21.63
C GLU B 347 76.45 -19.52 -21.21
N THR B 348 76.69 -20.80 -21.41
CA THR B 348 77.98 -21.41 -21.12
C THR B 348 78.60 -21.88 -22.43
N LEU B 349 79.86 -21.54 -22.64
CA LEU B 349 80.61 -21.92 -23.84
C LEU B 349 81.79 -22.77 -23.42
N LEU B 350 81.76 -24.06 -23.80
CA LEU B 350 82.85 -24.98 -23.49
C LEU B 350 83.78 -25.04 -24.70
N THR B 351 84.86 -24.28 -24.64
CA THR B 351 85.93 -24.37 -25.62
C THR B 351 87.09 -25.16 -25.04
N THR B 352 87.94 -25.66 -25.95
CA THR B 352 89.09 -26.47 -25.55
C THR B 352 90.42 -25.93 -26.06
N GLY B 353 90.42 -24.95 -26.96
CA GLY B 353 91.63 -24.46 -27.58
C GLY B 353 92.30 -23.35 -26.79
N ALA B 354 93.11 -22.58 -27.50
CA ALA B 354 93.85 -21.48 -26.88
C ALA B 354 92.88 -20.44 -26.32
N GLY B 355 93.08 -20.06 -25.07
CA GLY B 355 92.20 -19.12 -24.42
C GLY B 355 90.89 -19.71 -23.95
N LYS B 356 90.84 -21.02 -23.68
CA LYS B 356 89.60 -21.65 -23.26
C LYS B 356 89.14 -21.07 -21.92
N GLY B 357 87.82 -20.97 -21.77
CA GLY B 357 87.24 -20.37 -20.59
C GLY B 357 87.14 -18.87 -20.62
N THR B 358 87.73 -18.21 -21.62
CA THR B 358 87.61 -16.77 -21.80
C THR B 358 86.87 -16.48 -23.10
N ALA B 359 86.63 -15.21 -23.37
CA ALA B 359 85.96 -14.80 -24.60
C ALA B 359 86.79 -15.05 -25.84
N THR B 360 88.03 -15.51 -25.70
CA THR B 360 88.89 -15.81 -26.84
C THR B 360 89.08 -17.31 -27.05
N GLY B 361 88.28 -18.14 -26.38
CA GLY B 361 88.34 -19.57 -26.65
C GLY B 361 88.01 -19.90 -28.09
N VAL B 362 88.57 -20.99 -28.59
CA VAL B 362 88.57 -21.24 -30.02
C VAL B 362 87.64 -22.39 -30.40
N LEU B 363 87.99 -23.62 -29.99
CA LEU B 363 87.25 -24.81 -30.42
C LEU B 363 86.05 -25.01 -29.48
N LEU B 364 84.89 -24.51 -29.89
CA LEU B 364 83.68 -24.61 -29.08
C LEU B 364 83.04 -25.98 -29.26
N THR B 365 82.91 -26.73 -28.16
CA THR B 365 82.35 -28.08 -28.18
C THR B 365 80.90 -28.12 -27.75
N GLN B 366 80.56 -27.49 -26.63
CA GLN B 366 79.21 -27.53 -26.09
C GLN B 366 78.74 -26.11 -25.77
N TYR B 367 77.46 -25.85 -26.06
CA TYR B 367 76.81 -24.59 -25.73
C TYR B 367 75.52 -24.88 -24.98
N ASN B 368 75.26 -24.08 -23.95
CA ASN B 368 74.03 -24.18 -23.18
C ASN B 368 73.46 -22.78 -22.95
N ARG B 369 72.14 -22.67 -23.03
CA ARG B 369 71.46 -21.42 -22.71
C ARG B 369 70.36 -21.70 -21.70
N TYR B 370 70.28 -20.86 -20.67
CA TYR B 370 69.25 -20.95 -19.65
C TYR B 370 68.55 -19.61 -19.57
N THR B 371 67.23 -19.60 -19.77
CA THR B 371 66.47 -18.35 -19.88
C THR B 371 65.25 -18.40 -19.00
N THR B 372 65.13 -17.44 -18.08
CA THR B 372 63.96 -17.24 -17.26
C THR B 372 63.40 -15.83 -17.49
N TYR B 373 62.14 -15.65 -17.12
CA TYR B 373 61.46 -14.37 -17.26
C TYR B 373 60.78 -14.00 -15.95
N THR B 374 60.90 -12.74 -15.55
CA THR B 374 60.34 -12.26 -14.30
C THR B 374 59.52 -11.00 -14.58
N PRO B 375 58.20 -11.02 -14.36
CA PRO B 375 57.41 -9.81 -14.53
C PRO B 375 57.94 -8.67 -13.67
N THR B 376 57.96 -7.47 -14.24
CA THR B 376 58.64 -6.33 -13.64
C THR B 376 57.73 -5.13 -13.59
N LEU B 377 57.75 -4.42 -12.45
CA LEU B 377 57.00 -3.19 -12.30
C LEU B 377 57.70 -2.04 -13.01
N ALA B 378 56.92 -1.19 -13.66
CA ALA B 378 57.45 0.04 -14.23
C ALA B 378 57.60 1.09 -13.15
N SER B 379 58.64 1.92 -13.28
CA SER B 379 58.86 2.98 -12.32
C SER B 379 57.87 4.12 -12.53
N GLY B 380 57.32 4.62 -11.45
CA GLY B 380 56.43 5.77 -11.52
C GLY B 380 55.09 5.49 -12.18
N SER B 381 54.62 4.24 -12.16
CA SER B 381 53.30 3.87 -12.67
C SER B 381 52.47 3.38 -11.49
N SER B 382 51.46 4.16 -11.11
CA SER B 382 50.69 3.91 -9.90
C SER B 382 49.20 3.95 -10.22
N ILE B 383 48.39 3.64 -9.20
CA ILE B 383 46.94 3.59 -9.38
C ILE B 383 46.38 5.01 -9.51
N ASP B 384 45.22 5.11 -10.14
CA ASP B 384 44.54 6.38 -10.34
C ASP B 384 43.78 6.74 -9.07
N GLY B 385 44.30 7.72 -8.32
CA GLY B 385 43.67 8.15 -7.08
C GLY B 385 42.37 8.91 -7.27
N THR B 386 42.01 9.25 -8.50
CA THR B 386 40.75 9.91 -8.77
C THR B 386 39.66 8.95 -9.23
N GLN B 387 39.89 7.64 -9.09
CA GLN B 387 38.88 6.66 -9.47
C GLN B 387 37.63 6.85 -8.63
N ALA B 388 36.51 7.08 -9.30
CA ALA B 388 35.28 7.46 -8.64
C ALA B 388 34.44 6.24 -8.26
N VAL B 389 33.72 6.36 -7.15
CA VAL B 389 32.63 5.46 -6.82
C VAL B 389 31.40 5.97 -7.57
N GLN B 390 31.08 5.35 -8.70
CA GLN B 390 30.09 5.89 -9.60
C GLN B 390 28.65 5.74 -9.10
N ASN B 391 28.40 4.76 -8.23
CA ASN B 391 27.06 4.56 -7.70
C ASN B 391 27.12 3.66 -6.47
N ILE B 392 26.31 3.99 -5.47
CA ILE B 392 26.11 3.10 -4.34
C ILE B 392 24.68 3.25 -3.84
N GLU B 393 23.95 2.14 -3.78
CA GLU B 393 22.55 2.14 -3.42
C GLU B 393 22.26 0.94 -2.53
N LEU B 394 21.39 1.14 -1.54
CA LEU B 394 20.98 0.07 -0.63
C LEU B 394 19.67 -0.52 -1.11
N TYR B 395 19.66 -1.83 -1.34
CA TYR B 395 18.46 -2.55 -1.73
C TYR B 395 17.86 -3.22 -0.49
N ILE B 396 16.58 -2.96 -0.25
CA ILE B 396 15.88 -3.45 0.94
C ILE B 396 14.65 -4.22 0.50
N ASN B 397 14.53 -5.46 0.96
CA ASN B 397 13.33 -6.24 0.74
C ASN B 397 12.25 -5.80 1.72
N ASN B 398 11.05 -5.52 1.20
CA ASN B 398 9.94 -5.04 2.00
C ASN B 398 8.81 -6.04 1.95
N ILE B 399 8.35 -6.48 3.13
CA ILE B 399 7.33 -7.50 3.26
C ILE B 399 6.01 -6.83 3.62
N PHE B 400 4.94 -7.22 2.92
CA PHE B 400 3.60 -6.70 3.14
C PHE B 400 2.70 -7.83 3.63
N VAL B 401 1.87 -7.54 4.64
CA VAL B 401 0.94 -8.51 5.20
C VAL B 401 -0.41 -7.84 5.38
N THR B 402 -1.43 -8.66 5.62
CA THR B 402 -2.78 -8.15 5.76
C THR B 402 -2.89 -7.30 7.03
N PRO B 403 -3.78 -6.30 7.04
CA PRO B 403 -3.93 -5.47 8.23
C PRO B 403 -4.39 -6.22 9.46
N GLU B 404 -5.23 -7.26 9.29
CA GLU B 404 -5.74 -7.99 10.44
C GLU B 404 -4.62 -8.76 11.14
N ILE B 405 -3.79 -9.46 10.37
CA ILE B 405 -2.70 -10.22 10.97
C ILE B 405 -1.60 -9.29 11.47
N HIS B 406 -1.43 -8.13 10.84
CA HIS B 406 -0.41 -7.19 11.27
C HIS B 406 -0.67 -6.71 12.70
N ASP B 407 -1.87 -6.20 12.96
CA ASP B 407 -2.17 -5.71 14.30
C ASP B 407 -2.16 -6.82 15.34
N ILE B 408 -2.53 -8.04 14.95
CA ILE B 408 -2.52 -9.16 15.89
C ILE B 408 -1.07 -9.53 16.24
N TYR B 409 -0.21 -9.62 15.23
CA TYR B 409 1.17 -10.04 15.46
C TYR B 409 1.92 -9.01 16.29
N ILE B 410 1.77 -7.71 15.96
CA ILE B 410 2.48 -6.67 16.68
C ILE B 410 2.00 -6.59 18.13
N LYS B 411 0.75 -6.97 18.40
CA LYS B 411 0.21 -6.94 19.75
C LYS B 411 0.48 -8.22 20.54
N ARG B 412 1.02 -9.27 19.91
CA ARG B 412 1.13 -10.56 20.56
C ARG B 412 2.52 -11.20 20.49
N ILE B 413 3.37 -10.83 19.53
CA ILE B 413 4.66 -11.52 19.41
C ILE B 413 5.55 -11.19 20.60
N GLY B 414 5.37 -10.02 21.22
CA GLY B 414 6.17 -9.64 22.36
C GLY B 414 7.58 -9.21 22.00
N PHE B 415 8.42 -10.18 21.62
CA PHE B 415 9.83 -9.89 21.35
C PHE B 415 10.33 -10.84 20.27
N THR B 416 11.53 -10.56 19.78
CA THR B 416 12.22 -11.40 18.82
C THR B 416 13.66 -11.60 19.25
N LEU B 417 14.16 -12.82 19.09
CA LEU B 417 15.57 -13.09 19.30
C LEU B 417 16.37 -12.53 18.14
N ILE B 418 17.55 -11.98 18.45
CA ILE B 418 18.47 -11.47 17.44
C ILE B 418 19.86 -12.02 17.74
N ARG B 419 20.69 -12.07 16.70
CA ARG B 419 22.09 -12.43 16.83
C ARG B 419 22.94 -11.24 16.41
N VAL B 420 23.93 -10.91 17.24
CA VAL B 420 24.75 -9.73 17.03
C VAL B 420 26.22 -10.12 17.04
N TYR B 421 27.02 -9.40 16.26
CA TYR B 421 28.45 -9.63 16.22
C TYR B 421 29.13 -8.93 17.38
N ARG B 422 30.16 -9.58 17.93
CA ARG B 422 30.94 -9.03 19.03
C ARG B 422 32.40 -9.40 18.80
N GLU B 423 33.20 -8.42 18.38
CA GLU B 423 34.54 -8.64 17.85
C GLU B 423 35.59 -8.03 18.78
N GLN B 424 36.72 -8.72 18.90
CA GLN B 424 37.90 -8.20 19.58
C GLN B 424 39.15 -8.64 18.83
N VAL B 425 40.07 -7.70 18.63
CA VAL B 425 41.34 -7.96 17.96
C VAL B 425 42.46 -7.57 18.91
N GLN B 426 43.26 -8.55 19.32
CA GLN B 426 44.38 -8.35 20.23
C GLN B 426 45.68 -8.62 19.48
N ARG B 427 46.51 -7.59 19.33
CA ARG B 427 47.82 -7.78 18.73
C ARG B 427 48.75 -8.48 19.69
N GLU B 428 49.48 -9.47 19.18
CA GLU B 428 50.33 -10.32 20.00
C GLU B 428 51.73 -10.40 19.41
N VAL B 429 52.73 -10.39 20.30
CA VAL B 429 54.08 -10.82 19.99
C VAL B 429 54.52 -11.98 20.88
N ASN B 430 53.60 -12.51 21.68
CA ASN B 430 53.89 -13.62 22.58
C ASN B 430 53.59 -14.95 21.90
N ALA B 431 54.49 -15.92 22.10
CA ALA B 431 54.29 -17.24 21.51
C ALA B 431 53.09 -17.96 22.13
N ALA B 432 52.75 -17.62 23.37
CA ALA B 432 51.60 -18.20 24.05
C ALA B 432 51.03 -17.16 25.00
N ASP B 433 49.71 -17.05 25.04
CA ASP B 433 49.10 -16.03 25.88
C ASP B 433 47.65 -16.42 26.18
N GLN B 434 47.11 -15.79 27.22
CA GLN B 434 45.73 -15.98 27.66
C GLN B 434 45.04 -14.63 27.53
N VAL B 435 44.09 -14.53 26.61
CA VAL B 435 43.53 -13.26 26.19
C VAL B 435 42.10 -13.14 26.71
N LEU B 436 41.90 -12.24 27.66
CA LEU B 436 40.55 -11.94 28.14
C LEU B 436 39.72 -11.33 27.02
N GLN B 437 38.51 -11.83 26.85
CA GLN B 437 37.61 -11.38 25.79
C GLN B 437 36.63 -10.37 26.39
N SER B 438 37.04 -9.10 26.38
CA SER B 438 36.24 -8.04 26.99
C SER B 438 34.99 -7.70 26.20
N GLN B 439 34.95 -8.03 24.91
CA GLN B 439 33.80 -7.69 24.09
C GLN B 439 32.57 -8.50 24.45
N LEU B 440 32.73 -9.61 25.15
CA LEU B 440 31.62 -10.53 25.40
C LEU B 440 30.81 -10.06 26.61
N LYS B 441 29.53 -9.76 26.37
CA LYS B 441 28.61 -9.36 27.42
C LYS B 441 27.36 -10.22 27.52
N TRP B 442 27.02 -10.98 26.49
CA TRP B 442 25.76 -11.68 26.36
C TRP B 442 26.01 -13.15 26.07
N PRO B 443 24.98 -13.99 26.11
CA PRO B 443 25.18 -15.41 25.80
C PRO B 443 25.79 -15.60 24.42
N VAL B 444 26.79 -16.46 24.34
CA VAL B 444 27.57 -16.68 23.13
C VAL B 444 27.20 -18.04 22.56
N GLU B 445 26.82 -18.07 21.28
CA GLU B 445 26.58 -19.33 20.59
C GLU B 445 27.89 -19.96 20.13
N PHE B 446 28.73 -19.18 19.45
CA PHE B 446 30.02 -19.66 18.98
C PHE B 446 30.91 -18.46 18.70
N ILE B 447 32.19 -18.75 18.40
CA ILE B 447 33.21 -17.73 18.22
C ILE B 447 34.09 -18.11 17.04
N TYR B 448 34.23 -17.20 16.08
CA TYR B 448 35.22 -17.35 15.03
C TYR B 448 36.58 -16.87 15.55
N LEU B 449 37.62 -17.66 15.33
CA LEU B 449 38.93 -17.37 15.89
C LEU B 449 40.01 -17.43 14.81
N GLY B 450 41.02 -16.58 14.98
CA GLY B 450 42.17 -16.58 14.10
C GLY B 450 43.29 -15.76 14.68
N LEU B 451 44.51 -16.06 14.24
CA LEU B 451 45.72 -15.34 14.63
C LEU B 451 46.39 -14.90 13.34
N ARG B 452 46.01 -13.72 12.85
CA ARG B 452 46.43 -13.27 11.52
C ARG B 452 47.73 -12.49 11.62
N PRO B 453 48.77 -12.87 10.87
CA PRO B 453 50.01 -12.10 10.89
C PRO B 453 49.79 -10.67 10.42
N ALA B 454 50.42 -9.72 11.12
CA ALA B 454 50.25 -8.32 10.78
C ALA B 454 50.71 -8.01 9.37
N ASN B 455 51.68 -8.76 8.86
CA ASN B 455 52.21 -8.50 7.52
C ASN B 455 51.20 -8.80 6.43
N ASN B 456 50.16 -9.58 6.72
CA ASN B 456 49.15 -9.89 5.70
C ASN B 456 48.39 -8.65 5.24
N ILE B 457 48.34 -7.61 6.06
CA ILE B 457 47.67 -6.36 5.72
C ILE B 457 48.65 -5.19 5.62
N ALA B 458 49.95 -5.47 5.62
CA ALA B 458 50.96 -4.41 5.55
C ALA B 458 51.19 -3.99 4.10
N ALA B 459 51.31 -2.67 3.91
CA ALA B 459 51.55 -2.14 2.57
C ALA B 459 52.86 -2.66 1.98
N GLY B 460 53.85 -2.94 2.83
CA GLY B 460 55.11 -3.48 2.36
C GLY B 460 54.98 -4.87 1.77
N ASN B 461 53.89 -5.57 2.06
CA ASN B 461 53.66 -6.89 1.48
C ASN B 461 53.08 -6.72 0.07
N THR B 462 53.84 -7.18 -0.93
CA THR B 462 53.36 -7.12 -2.31
C THR B 462 52.28 -8.15 -2.60
N TYR B 463 52.05 -9.10 -1.68
CA TYR B 463 50.94 -10.05 -1.78
C TYR B 463 49.82 -9.70 -0.82
N GLN B 464 49.79 -8.47 -0.30
CA GLN B 464 48.71 -8.05 0.59
C GLN B 464 47.35 -8.15 -0.11
N TRP B 465 47.32 -7.91 -1.43
CA TRP B 465 46.08 -8.05 -2.19
C TRP B 465 45.46 -9.43 -2.02
N ARG B 466 46.27 -10.44 -1.70
CA ARG B 466 45.83 -11.81 -1.53
C ARG B 466 45.82 -12.27 -0.07
N ASP B 467 46.82 -11.88 0.72
CA ASP B 467 46.99 -12.39 2.07
C ASP B 467 46.10 -11.72 3.11
N TRP B 468 45.39 -10.65 2.75
CA TRP B 468 44.70 -9.85 3.76
C TRP B 468 43.61 -10.65 4.48
N HIS B 469 42.95 -11.57 3.78
CA HIS B 469 41.90 -12.36 4.40
C HIS B 469 42.39 -13.71 4.92
N HIS B 470 43.64 -14.07 4.64
CA HIS B 470 44.18 -15.32 5.17
C HIS B 470 44.52 -15.17 6.64
N LEU B 471 44.25 -16.22 7.41
CA LEU B 471 44.50 -16.24 8.85
C LEU B 471 45.79 -16.96 9.21
N THR B 472 46.62 -17.30 8.23
CA THR B 472 47.91 -17.92 8.45
C THR B 472 49.01 -17.06 7.83
N SER B 473 50.25 -17.50 8.00
CA SER B 473 51.40 -16.92 7.33
C SER B 473 51.60 -17.64 6.01
N VAL B 474 51.60 -16.89 4.91
CA VAL B 474 51.67 -17.44 3.57
C VAL B 474 53.02 -17.09 2.96
N THR B 475 53.74 -18.11 2.50
CA THR B 475 54.95 -17.94 1.71
C THR B 475 54.68 -18.37 0.27
N ASN B 476 55.53 -17.91 -0.64
CA ASN B 476 55.33 -18.11 -2.07
C ASN B 476 56.36 -19.08 -2.61
N GLU B 477 55.88 -20.20 -3.13
CA GLU B 477 56.74 -21.25 -3.67
C GLU B 477 56.61 -21.32 -5.18
N PRO B 478 57.67 -21.02 -5.93
CA PRO B 478 57.57 -21.09 -7.40
C PRO B 478 57.49 -22.53 -7.91
N VAL B 479 56.70 -22.71 -8.96
CA VAL B 479 56.66 -23.95 -9.72
C VAL B 479 56.94 -23.59 -11.17
N TYR B 480 57.96 -24.22 -11.75
CA TYR B 480 58.47 -23.85 -13.07
C TYR B 480 58.05 -24.87 -14.12
N ASP B 481 57.44 -24.40 -15.19
CA ASP B 481 57.29 -25.17 -16.42
C ASP B 481 58.49 -24.87 -17.31
N VAL B 482 59.31 -25.88 -17.57
CA VAL B 482 60.59 -25.71 -18.23
C VAL B 482 60.55 -26.43 -19.57
N SER B 483 60.94 -25.73 -20.63
CA SER B 483 61.08 -26.31 -21.96
C SER B 483 62.56 -26.64 -22.18
N GLN B 484 62.85 -27.94 -22.31
CA GLN B 484 64.20 -28.41 -22.58
C GLN B 484 64.34 -28.77 -24.05
N SER B 485 65.45 -28.37 -24.66
CA SER B 485 65.73 -28.68 -26.04
C SER B 485 67.18 -29.10 -26.19
N TYR B 486 67.43 -29.92 -27.21
CA TYR B 486 68.78 -30.32 -27.58
C TYR B 486 68.93 -30.20 -29.09
N ALA B 487 70.16 -29.96 -29.53
CA ALA B 487 70.47 -29.84 -30.94
C ALA B 487 71.91 -30.23 -31.18
N ARG B 488 72.13 -31.01 -32.23
CA ARG B 488 73.47 -31.46 -32.62
C ARG B 488 73.64 -31.26 -34.12
N VAL B 489 74.82 -30.77 -34.50
CA VAL B 489 75.13 -30.46 -35.90
C VAL B 489 76.59 -30.82 -36.17
N SER B 490 76.84 -31.43 -37.32
CA SER B 490 78.19 -31.69 -37.79
C SER B 490 78.66 -30.54 -38.67
N ILE B 491 79.82 -29.98 -38.35
CA ILE B 491 80.37 -28.84 -39.09
C ILE B 491 81.45 -29.26 -40.08
N ASP B 492 81.67 -30.56 -40.24
CA ASP B 492 82.66 -31.07 -41.19
C ASP B 492 82.07 -32.31 -41.85
N ASP B 493 81.80 -32.23 -43.15
CA ASP B 493 81.12 -33.31 -43.86
C ASP B 493 82.06 -34.39 -44.37
N THR B 494 83.35 -34.31 -44.07
CA THR B 494 84.30 -35.34 -44.48
C THR B 494 84.69 -36.27 -43.34
N VAL B 495 84.27 -35.99 -42.11
CA VAL B 495 84.57 -36.81 -40.95
C VAL B 495 83.25 -37.24 -40.32
N ALA B 496 83.20 -38.51 -39.88
CA ALA B 496 81.99 -39.03 -39.28
C ALA B 496 81.65 -38.25 -38.01
N PRO B 497 80.38 -37.95 -37.76
CA PRO B 497 80.03 -37.18 -36.55
C PRO B 497 80.31 -37.93 -35.26
N VAL B 498 80.01 -39.23 -35.21
CA VAL B 498 80.10 -39.99 -33.96
C VAL B 498 81.52 -39.96 -33.44
N GLY B 499 81.69 -39.46 -32.22
CA GLY B 499 83.00 -39.45 -31.58
C GLY B 499 83.94 -38.37 -32.05
N SER B 500 83.42 -37.27 -32.60
CA SER B 500 84.25 -36.20 -33.14
C SER B 500 83.85 -34.87 -32.52
N THR B 501 84.85 -34.00 -32.33
CA THR B 501 84.57 -32.65 -31.83
C THR B 501 83.91 -31.77 -32.89
N THR B 502 83.84 -32.22 -34.14
CA THR B 502 83.05 -31.54 -35.16
C THR B 502 81.55 -31.77 -34.98
N PHE B 503 81.17 -32.71 -34.10
CA PHE B 503 79.77 -33.01 -33.80
C PHE B 503 79.37 -32.15 -32.61
N LYS B 504 78.96 -30.91 -32.90
CA LYS B 504 78.73 -29.93 -31.86
C LYS B 504 77.44 -30.22 -31.10
N GLN B 505 77.39 -29.75 -29.86
CA GLN B 505 76.23 -29.92 -28.99
C GLN B 505 75.65 -28.56 -28.62
N SER B 506 74.33 -28.52 -28.47
CA SER B 506 73.64 -27.32 -28.02
C SER B 506 72.40 -27.74 -27.25
N ALA B 507 72.07 -26.97 -26.22
CA ALA B 507 70.93 -27.26 -25.37
C ALA B 507 70.41 -25.97 -24.76
N SER B 508 69.10 -25.92 -24.54
CA SER B 508 68.48 -24.73 -23.95
C SER B 508 67.38 -25.14 -22.99
N GLN B 509 67.30 -24.41 -21.87
CA GLN B 509 66.17 -24.48 -20.95
C GLN B 509 65.54 -23.09 -20.91
N VAL B 510 64.28 -22.99 -21.32
CA VAL B 510 63.55 -21.73 -21.32
C VAL B 510 62.32 -21.90 -20.43
N MET B 511 62.13 -20.94 -19.51
CA MET B 511 60.93 -20.93 -18.70
C MET B 511 59.69 -20.76 -19.57
N GLN B 512 58.83 -21.77 -19.58
CA GLN B 512 57.60 -21.67 -20.35
C GLN B 512 56.51 -20.97 -19.56
N ASN B 513 56.42 -21.25 -18.27
CA ASN B 513 55.47 -20.58 -17.38
C ASN B 513 55.91 -20.82 -15.95
N GLN B 514 55.34 -20.05 -15.03
CA GLN B 514 55.65 -20.16 -13.62
C GLN B 514 54.39 -19.94 -12.79
N TYR B 515 54.15 -20.86 -11.85
CA TYR B 515 53.03 -20.74 -10.91
C TYR B 515 53.56 -20.35 -9.54
N ILE B 516 52.70 -19.68 -8.76
CA ILE B 516 52.98 -19.36 -7.37
C ILE B 516 52.04 -20.19 -6.51
N VAL B 517 52.60 -21.02 -5.64
CA VAL B 517 51.83 -21.85 -4.72
C VAL B 517 51.77 -21.11 -3.38
N PRO B 518 50.58 -20.72 -2.91
CA PRO B 518 50.46 -20.12 -1.57
C PRO B 518 50.53 -21.19 -0.50
N VAL B 519 51.66 -21.23 0.23
CA VAL B 519 51.90 -22.22 1.26
C VAL B 519 51.54 -21.61 2.61
N GLU B 520 50.63 -22.24 3.33
CA GLU B 520 50.12 -21.72 4.59
C GLU B 520 50.90 -22.32 5.76
N THR B 521 51.39 -21.45 6.64
CA THR B 521 52.04 -21.86 7.89
C THR B 521 51.11 -21.47 9.03
N GLU B 522 50.55 -22.47 9.72
CA GLU B 522 49.59 -22.21 10.78
C GLU B 522 50.22 -21.37 11.89
N THR B 523 49.45 -20.41 12.40
CA THR B 523 49.89 -19.55 13.49
C THR B 523 49.37 -20.00 14.85
N LEU B 524 48.38 -20.89 14.89
CA LEU B 524 47.85 -21.41 16.14
C LEU B 524 48.15 -22.90 16.23
N ASP B 525 48.77 -23.31 17.34
CA ASP B 525 49.00 -24.73 17.58
C ASP B 525 47.88 -25.35 18.40
N THR B 526 47.59 -24.77 19.56
CA THR B 526 46.53 -25.26 20.43
C THR B 526 45.67 -24.09 20.89
N VAL B 527 44.43 -24.40 21.26
CA VAL B 527 43.49 -23.42 21.80
C VAL B 527 42.78 -24.02 22.99
N ARG B 528 42.58 -23.20 24.02
CA ARG B 528 41.87 -23.58 25.24
C ARG B 528 40.88 -22.48 25.59
N VAL B 529 39.69 -22.87 26.06
CA VAL B 529 38.62 -21.93 26.39
C VAL B 529 38.31 -22.08 27.87
N LYS B 530 38.55 -21.00 28.62
CA LYS B 530 38.36 -20.99 30.07
C LYS B 530 37.52 -19.79 30.45
N ALA B 531 36.40 -20.04 31.13
CA ALA B 531 35.46 -18.99 31.49
C ALA B 531 34.99 -19.17 32.92
N HIS B 532 35.13 -18.12 33.72
CA HIS B 532 34.73 -18.15 35.13
C HIS B 532 35.46 -19.27 35.87
N GLY B 533 36.74 -19.45 35.56
CA GLY B 533 37.51 -20.53 36.15
C GLY B 533 37.00 -21.91 35.82
N ILE B 534 36.38 -22.06 34.65
CA ILE B 534 35.78 -23.33 34.24
C ILE B 534 36.23 -23.65 32.83
N GLU B 535 36.60 -24.91 32.61
CA GLU B 535 37.11 -25.37 31.32
C GLU B 535 35.92 -25.74 30.44
N LEU B 536 35.67 -24.94 29.41
CA LEU B 536 34.70 -25.30 28.39
C LEU B 536 35.36 -26.02 27.22
N TYR B 537 36.63 -25.75 26.97
CA TYR B 537 37.44 -26.51 26.03
C TYR B 537 38.82 -26.67 26.63
N ALA B 538 39.27 -27.91 26.78
CA ALA B 538 40.63 -28.15 27.21
C ALA B 538 41.60 -27.73 26.11
N GLN B 539 42.89 -27.83 26.40
CA GLN B 539 43.92 -27.44 25.42
C GLN B 539 43.95 -28.50 24.32
N TYR B 540 43.36 -28.17 23.17
CA TYR B 540 43.27 -29.08 22.05
C TYR B 540 44.00 -28.49 20.85
N ARG B 541 44.49 -29.37 19.97
CA ARG B 541 45.16 -28.94 18.76
C ARG B 541 44.23 -28.10 17.89
N ALA B 542 44.84 -27.22 17.09
CA ALA B 542 44.05 -26.27 16.30
C ALA B 542 43.19 -26.97 15.26
N GLN B 543 43.60 -28.17 14.81
CA GLN B 543 42.80 -28.89 13.82
C GLN B 543 41.48 -29.40 14.40
N PHE B 544 41.38 -29.53 15.72
CA PHE B 544 40.11 -29.90 16.34
C PHE B 544 39.06 -28.83 16.07
N TYR B 545 39.43 -27.56 16.19
CA TYR B 545 38.49 -26.47 15.96
C TYR B 545 38.34 -26.11 14.49
N ARG B 546 39.35 -26.39 13.67
CA ARG B 546 39.27 -26.05 12.25
C ARG B 546 38.59 -27.15 11.44
N ASP B 547 38.90 -28.41 11.71
CA ASP B 547 38.43 -29.52 10.89
C ASP B 547 37.31 -30.32 11.54
N TYR B 548 37.44 -30.70 12.81
CA TYR B 548 36.46 -31.60 13.39
C TYR B 548 35.15 -30.90 13.69
N ILE B 549 35.20 -29.76 14.39
CA ILE B 549 33.96 -29.08 14.80
C ILE B 549 33.13 -28.65 13.59
N PRO B 550 33.70 -27.97 12.57
CA PRO B 550 32.87 -27.63 11.41
C PRO B 550 32.36 -28.84 10.64
N TRP B 551 33.08 -29.96 10.69
CA TRP B 551 32.62 -31.16 10.01
C TRP B 551 31.39 -31.75 10.71
N ASN B 552 31.43 -31.80 12.05
CA ASN B 552 30.41 -32.52 12.80
C ASN B 552 29.12 -31.72 12.90
N TYR B 553 29.22 -30.43 13.21
CA TYR B 553 28.06 -29.61 13.54
C TYR B 553 27.58 -28.81 12.34
N GLY B 554 26.35 -28.31 12.45
CA GLY B 554 25.84 -27.28 11.57
C GLY B 554 25.24 -27.74 10.27
N SER B 555 25.59 -28.94 9.79
CA SER B 555 25.06 -29.49 8.53
C SER B 555 25.42 -28.51 7.40
N PHE B 556 24.52 -28.26 6.45
CA PHE B 556 24.82 -27.38 5.32
C PHE B 556 24.99 -25.92 5.72
N ASN B 557 24.70 -25.57 6.98
CA ASN B 557 24.85 -24.19 7.41
C ASN B 557 26.28 -23.85 7.84
N LEU B 558 27.11 -24.86 8.09
CA LEU B 558 28.49 -24.65 8.51
C LEU B 558 29.40 -25.36 7.51
N VAL B 559 30.15 -24.57 6.76
CA VAL B 559 31.08 -25.10 5.77
C VAL B 559 32.43 -25.34 6.44
N THR B 560 33.06 -26.45 6.09
CA THR B 560 34.43 -26.68 6.51
C THR B 560 35.33 -25.62 5.87
N PRO B 561 36.15 -24.93 6.65
CA PRO B 561 36.94 -23.83 6.09
C PRO B 561 38.18 -24.31 5.35
N GLN B 562 38.42 -23.71 4.19
CA GLN B 562 39.66 -23.98 3.46
C GLN B 562 40.85 -23.31 4.14
N ASP B 563 40.66 -22.12 4.68
CA ASP B 563 41.71 -21.40 5.38
C ASP B 563 42.20 -22.22 6.57
N LYS B 564 43.50 -22.52 6.58
CA LYS B 564 44.07 -23.36 7.63
C LYS B 564 44.12 -22.68 8.99
N GLY B 565 43.90 -21.37 9.07
CA GLY B 565 43.91 -20.66 10.32
C GLY B 565 42.54 -20.27 10.84
N ALA B 566 41.46 -20.79 10.26
CA ALA B 566 40.11 -20.45 10.67
C ALA B 566 39.62 -21.48 11.69
N LEU B 567 39.34 -21.03 12.90
CA LEU B 567 38.90 -21.91 13.97
C LEU B 567 37.50 -21.52 14.42
N PHE B 568 36.72 -22.51 14.84
CA PHE B 568 35.31 -22.36 15.16
C PHE B 568 35.07 -22.97 16.55
N LEU B 569 34.88 -22.11 17.55
CA LEU B 569 34.64 -22.55 18.92
C LEU B 569 33.14 -22.61 19.15
N ASN B 570 32.59 -23.82 19.20
CA ASN B 570 31.15 -24.02 19.22
C ASN B 570 30.65 -24.27 20.65
N PHE B 571 29.48 -23.69 20.96
CA PHE B 571 28.85 -23.87 22.26
C PHE B 571 27.36 -24.22 22.14
N CYS B 572 26.86 -24.43 20.92
CA CYS B 572 25.49 -24.84 20.70
C CYS B 572 25.47 -26.09 19.84
N LEU B 573 24.32 -26.77 19.83
CA LEU B 573 24.19 -28.00 19.08
C LEU B 573 23.98 -27.76 17.59
N TYR B 574 23.33 -26.65 17.22
CA TYR B 574 22.95 -26.40 15.83
C TYR B 574 23.28 -24.96 15.46
N PRO B 575 24.57 -24.66 15.28
CA PRO B 575 24.95 -23.32 14.78
C PRO B 575 24.38 -23.10 13.38
N GLY B 576 23.63 -22.01 13.24
CA GLY B 576 22.95 -21.68 11.99
C GLY B 576 21.45 -21.74 12.03
N THR B 577 20.84 -22.25 13.10
CA THR B 577 19.40 -22.33 13.24
C THR B 577 18.91 -21.24 14.18
N TYR B 578 17.66 -20.81 13.97
CA TYR B 578 17.11 -19.75 14.81
C TYR B 578 16.75 -20.26 16.20
N GLN B 579 16.21 -21.47 16.29
CA GLN B 579 15.89 -22.07 17.57
C GLN B 579 17.15 -22.18 18.42
N PRO B 580 17.18 -21.61 19.63
CA PRO B 580 18.37 -21.73 20.47
C PRO B 580 18.68 -23.19 20.79
N SER B 581 19.97 -23.48 20.94
CA SER B 581 20.39 -24.85 21.20
C SER B 581 21.61 -24.94 22.12
N GLY B 582 21.87 -23.92 22.94
CA GLY B 582 23.02 -23.91 23.82
C GLY B 582 23.78 -22.61 23.69
N HIS B 583 24.42 -22.20 24.78
CA HIS B 583 25.17 -20.95 24.81
C HIS B 583 26.07 -20.94 26.04
N VAL B 584 27.01 -19.99 26.04
CA VAL B 584 27.81 -19.69 27.22
C VAL B 584 27.11 -18.57 27.98
N ASN B 585 26.83 -18.79 29.25
CA ASN B 585 25.99 -17.87 30.01
C ASN B 585 26.81 -16.66 30.48
N ILE B 586 26.08 -15.61 30.85
CA ILE B 586 26.69 -14.28 30.96
C ILE B 586 27.68 -14.21 32.11
N SER B 587 27.41 -14.93 33.20
CA SER B 587 28.33 -14.94 34.33
C SER B 587 29.73 -15.37 33.89
N ARG B 588 29.81 -16.43 33.10
CA ARG B 588 31.10 -16.90 32.60
C ARG B 588 31.60 -16.03 31.46
N ALA B 589 30.70 -15.47 30.67
CA ALA B 589 31.10 -14.63 29.53
C ALA B 589 31.80 -13.36 30.00
N ARG B 590 31.52 -12.89 31.21
CA ARG B 590 32.14 -11.67 31.72
C ARG B 590 33.58 -11.88 32.17
N GLU B 591 34.02 -13.13 32.39
CA GLU B 591 35.41 -13.45 32.68
C GLU B 591 35.82 -14.61 31.76
N PHE B 592 36.04 -14.29 30.49
CA PHE B 592 36.19 -15.27 29.43
C PHE B 592 37.59 -15.19 28.85
N TYR B 593 38.24 -16.35 28.70
CA TYR B 593 39.62 -16.40 28.23
C TYR B 593 39.76 -17.39 27.09
N ILE B 594 40.45 -16.96 26.03
CA ILE B 594 40.88 -17.84 24.95
C ILE B 594 42.40 -17.92 25.03
N GLU B 595 42.92 -19.13 25.25
CA GLU B 595 44.35 -19.36 25.41
C GLU B 595 44.89 -20.07 24.18
N TYR B 596 46.03 -19.60 23.69
CA TYR B 596 46.65 -20.15 22.48
C TYR B 596 48.12 -20.42 22.73
N THR B 597 48.66 -21.32 21.92
CA THR B 597 50.10 -21.50 21.78
C THR B 597 50.44 -21.44 20.31
N SER B 598 51.58 -20.82 19.99
CA SER B 598 51.95 -20.54 18.61
C SER B 598 53.38 -20.95 18.34
N SER B 599 53.61 -21.53 17.16
CA SER B 599 54.95 -21.79 16.66
C SER B 599 55.47 -20.67 15.76
N PHE B 600 54.63 -19.67 15.46
CA PHE B 600 54.98 -18.60 14.54
C PHE B 600 55.11 -17.25 15.22
N CYS B 601 54.16 -16.89 16.08
CA CYS B 601 54.06 -15.53 16.60
C CYS B 601 55.20 -15.23 17.57
N ASP B 602 55.98 -14.20 17.26
CA ASP B 602 56.97 -13.64 18.17
C ASP B 602 57.20 -12.18 17.79
N SER B 603 58.21 -11.57 18.40
CA SER B 603 58.46 -10.14 18.18
C SER B 603 58.86 -9.85 16.74
N SER B 604 59.42 -10.83 16.03
CA SER B 604 59.71 -10.65 14.61
C SER B 604 58.50 -10.90 13.72
N ASN B 605 57.42 -11.46 14.27
CA ASN B 605 56.22 -11.77 13.51
C ASN B 605 54.99 -11.47 14.36
N PRO B 606 54.67 -10.20 14.54
CA PRO B 606 53.46 -9.85 15.30
C PRO B 606 52.19 -10.30 14.59
N CYS B 607 51.23 -10.78 15.38
CA CYS B 607 49.96 -11.26 14.85
C CYS B 607 48.81 -10.67 15.65
N ASP B 608 47.64 -10.68 15.05
CA ASP B 608 46.41 -10.18 15.67
C ASP B 608 45.50 -11.35 15.98
N LEU B 609 45.19 -11.56 17.26
CA LEU B 609 44.26 -12.60 17.66
C LEU B 609 42.85 -12.06 17.47
N ILE B 610 42.19 -12.51 16.40
CA ILE B 610 40.87 -12.03 16.03
C ILE B 610 39.83 -12.98 16.60
N SER B 611 38.92 -12.44 17.40
CA SER B 611 37.86 -13.22 18.04
C SER B 611 36.53 -12.52 17.80
N ILE B 612 35.65 -13.15 17.04
CA ILE B 612 34.36 -12.58 16.67
C ILE B 612 33.28 -13.56 17.11
N ALA B 613 32.56 -13.21 18.16
CA ALA B 613 31.52 -14.07 18.70
C ALA B 613 30.15 -13.66 18.19
N LYS B 614 29.27 -14.65 18.05
CA LYS B 614 27.87 -14.44 17.72
C LYS B 614 27.06 -14.58 19.00
N CYS B 615 26.53 -13.47 19.49
CA CYS B 615 25.81 -13.45 20.76
C CYS B 615 24.30 -13.40 20.54
N ILE B 616 23.56 -13.71 21.60
CA ILE B 616 22.11 -13.69 21.58
C ILE B 616 21.64 -12.45 22.35
N ASN B 617 20.76 -11.68 21.74
CA ASN B 617 20.08 -10.58 22.42
C ASN B 617 18.61 -10.63 22.02
N PHE B 618 17.88 -9.57 22.35
CA PHE B 618 16.43 -9.53 22.18
C PHE B 618 16.03 -8.17 21.67
N LEU B 619 14.80 -8.08 21.16
CA LEU B 619 14.28 -6.85 20.58
C LEU B 619 12.80 -6.76 20.88
N LEU B 620 12.40 -5.69 21.58
CA LEU B 620 10.99 -5.51 21.92
C LEU B 620 10.22 -4.98 20.72
N ILE B 621 8.89 -5.10 20.80
CA ILE B 621 8.00 -4.74 19.71
C ILE B 621 7.25 -3.47 20.08
N SER B 622 6.47 -2.92 19.15
CA SER B 622 5.67 -1.74 19.45
C SER B 622 4.20 -1.96 19.04
N PHE C 6 32.98 -29.23 34.52
CA PHE C 6 31.75 -28.67 33.97
C PHE C 6 30.61 -28.76 34.99
N LYS C 7 29.98 -27.62 35.24
CA LYS C 7 28.71 -27.56 35.93
C LYS C 7 27.70 -26.90 35.01
N LEU C 8 26.49 -27.45 34.97
CA LEU C 8 25.41 -26.84 34.22
C LEU C 8 24.82 -25.68 35.01
N ILE C 9 24.58 -24.56 34.31
CA ILE C 9 23.96 -23.40 34.93
C ILE C 9 22.68 -23.11 34.14
N ALA C 10 21.54 -23.45 34.76
CA ALA C 10 20.24 -23.39 34.10
C ALA C 10 19.53 -22.06 34.29
N ASN C 11 19.92 -21.27 35.29
CA ASN C 11 19.22 -20.03 35.64
C ASN C 11 20.27 -19.00 36.06
N ASP C 12 20.69 -18.17 35.10
CA ASP C 12 21.59 -17.06 35.37
C ASP C 12 21.01 -15.82 34.68
N GLY C 13 20.10 -15.14 35.37
CA GLY C 13 19.67 -13.83 34.94
C GLY C 13 18.60 -13.85 33.86
N LYS C 14 18.43 -12.67 33.26
CA LYS C 14 17.36 -12.46 32.29
C LYS C 14 17.56 -13.31 31.04
N ALA C 15 18.80 -13.44 30.59
CA ALA C 15 19.07 -14.15 29.34
C ALA C 15 18.71 -15.63 29.45
N ASP C 16 19.13 -16.28 30.54
CA ASP C 16 18.84 -17.70 30.71
C ASP C 16 17.36 -17.94 30.99
N ARG C 17 16.70 -17.01 31.69
CA ARG C 17 15.27 -17.14 31.93
C ARG C 17 14.48 -17.19 30.63
N MET C 18 14.93 -16.45 29.61
CA MET C 18 14.19 -16.38 28.35
C MET C 18 14.53 -17.53 27.41
N ILE C 19 15.71 -18.12 27.54
CA ILE C 19 16.17 -19.11 26.58
C ILE C 19 15.88 -20.52 27.10
N MET C 20 15.97 -20.70 28.42
CA MET C 20 15.76 -22.01 29.03
C MET C 20 14.57 -22.08 29.96
N ALA C 21 14.24 -20.98 30.66
CA ALA C 21 13.05 -20.91 31.51
C ALA C 21 13.01 -22.07 32.52
N ASN C 22 14.14 -22.28 33.19
CA ASN C 22 14.27 -23.46 34.04
C ASN C 22 13.44 -23.31 35.32
N ASP C 23 13.32 -22.09 35.85
CA ASP C 23 12.44 -21.88 37.00
C ASP C 23 11.01 -22.30 36.69
N LEU C 24 10.51 -21.93 35.51
CA LEU C 24 9.17 -22.34 35.12
C LEU C 24 9.09 -23.83 34.90
N LEU C 25 10.06 -24.41 34.20
CA LEU C 25 10.08 -25.84 33.95
C LEU C 25 10.04 -26.63 35.26
N ASN C 26 10.86 -26.22 36.23
CA ASN C 26 10.83 -26.86 37.54
C ASN C 26 9.51 -26.63 38.25
N ASP C 27 8.89 -25.47 38.06
CA ASP C 27 7.58 -25.23 38.66
C ASP C 27 6.50 -26.07 38.00
N ARG C 28 6.61 -26.28 36.68
CA ARG C 28 5.66 -27.15 35.99
C ARG C 28 5.78 -28.59 36.49
N ILE C 29 7.00 -29.03 36.79
CA ILE C 29 7.21 -30.37 37.30
C ILE C 29 6.60 -30.51 38.69
N LYS C 30 6.89 -29.56 39.57
CA LYS C 30 6.30 -29.57 40.91
C LYS C 30 4.77 -29.60 40.85
N SER C 31 4.20 -28.81 39.93
CA SER C 31 2.74 -28.78 39.81
C SER C 31 2.20 -30.10 39.26
N ILE C 32 2.85 -30.65 38.24
CA ILE C 32 2.33 -31.85 37.59
C ILE C 32 2.44 -33.05 38.52
N MET C 33 3.55 -33.17 39.25
CA MET C 33 3.68 -34.28 40.20
C MET C 33 2.70 -34.16 41.35
N CYS C 34 2.34 -32.93 41.73
CA CYS C 34 1.40 -32.75 42.83
C CYS C 34 -0.03 -33.09 42.42
N LEU C 35 -0.41 -32.73 41.19
CA LEU C 35 -1.74 -33.05 40.69
C LEU C 35 -1.91 -34.54 40.48
N ARG C 36 -0.94 -35.18 39.81
CA ARG C 36 -1.01 -36.61 39.59
C ARG C 36 -1.07 -37.38 40.91
N ALA C 37 -0.36 -36.90 41.93
CA ALA C 37 -0.35 -37.58 43.21
C ALA C 37 -1.73 -37.53 43.88
N LYS C 38 -2.38 -36.36 43.85
CA LYS C 38 -3.68 -36.24 44.49
C LYS C 38 -4.79 -36.89 43.67
N GLN C 39 -4.63 -36.99 42.35
CA GLN C 39 -5.63 -37.62 41.52
C GLN C 39 -5.59 -39.14 41.58
N GLY C 40 -4.66 -39.72 42.34
CA GLY C 40 -4.64 -41.15 42.56
C GLY C 40 -3.69 -41.94 41.68
N PHE C 41 -2.88 -41.29 40.87
CA PHE C 41 -1.87 -42.02 40.10
C PHE C 41 -0.81 -42.59 41.02
N SER C 42 -0.29 -43.77 40.64
CA SER C 42 0.78 -44.37 41.42
C SER C 42 2.14 -43.79 41.05
N ASP C 43 2.35 -43.46 39.78
CA ASP C 43 3.58 -42.85 39.32
C ASP C 43 3.34 -41.37 39.09
N PRO C 44 3.81 -40.48 39.98
CA PRO C 44 3.57 -39.04 39.79
C PRO C 44 4.51 -38.38 38.80
N THR C 45 5.53 -39.08 38.32
CA THR C 45 6.49 -38.45 37.42
C THR C 45 5.81 -38.08 36.09
N PRO C 46 6.08 -36.88 35.58
CA PRO C 46 5.35 -36.41 34.40
C PRO C 46 5.68 -37.21 33.15
N THR C 47 4.81 -37.06 32.15
CA THR C 47 5.03 -37.65 30.84
C THR C 47 5.87 -36.71 29.98
N LEU C 48 6.57 -37.29 29.01
CA LEU C 48 7.42 -36.48 28.14
C LEU C 48 6.59 -35.47 27.34
N VAL C 49 5.32 -35.77 27.09
CA VAL C 49 4.46 -34.81 26.42
C VAL C 49 4.18 -33.62 27.32
N ASP C 50 4.03 -33.86 28.62
CA ASP C 50 3.81 -32.77 29.57
C ASP C 50 4.93 -31.74 29.50
N ILE C 51 6.18 -32.20 29.43
CA ILE C 51 7.30 -31.28 29.31
C ILE C 51 7.30 -30.61 27.93
N GLU C 52 6.98 -31.38 26.89
CA GLU C 52 7.03 -30.85 25.52
C GLU C 52 5.96 -29.80 25.25
N ARG C 53 4.98 -29.63 26.14
CA ARG C 53 3.97 -28.60 25.93
C ARG C 53 4.53 -27.20 26.13
N THR C 54 5.70 -27.07 26.77
CA THR C 54 6.34 -25.77 26.91
C THR C 54 7.78 -25.81 26.44
N HIS C 55 8.53 -26.82 26.85
CA HIS C 55 9.95 -26.90 26.56
C HIS C 55 10.27 -27.99 25.55
N ILE C 56 11.26 -27.73 24.71
CA ILE C 56 11.78 -28.71 23.75
C ILE C 56 12.89 -29.49 24.41
N LEU C 57 12.91 -30.81 24.16
CA LEU C 57 13.94 -31.70 24.69
C LEU C 57 14.96 -31.96 23.58
N LEU C 58 16.18 -31.45 23.77
CA LEU C 58 17.19 -31.56 22.71
C LEU C 58 17.75 -32.98 22.60
N ILE C 59 17.70 -33.76 23.67
CA ILE C 59 17.96 -35.19 23.61
C ILE C 59 16.62 -35.90 23.62
N ASN C 60 16.33 -36.65 22.55
CA ASN C 60 14.99 -37.22 22.39
C ASN C 60 15.07 -38.30 21.33
N SER C 61 14.76 -39.54 21.71
CA SER C 61 14.77 -40.67 20.80
C SER C 61 13.39 -41.02 20.25
N HIS C 62 12.42 -40.12 20.39
CA HIS C 62 11.06 -40.43 20.01
C HIS C 62 10.88 -40.42 18.49
N TYR C 63 9.93 -41.22 18.02
CA TYR C 63 9.60 -41.30 16.60
C TYR C 63 8.17 -41.84 16.50
N LYS C 64 7.61 -41.73 15.31
CA LYS C 64 6.26 -42.23 15.10
C LYS C 64 6.26 -43.41 14.15
N PRO C 65 5.45 -44.43 14.42
CA PRO C 65 5.31 -45.52 13.45
C PRO C 65 4.61 -45.01 12.20
N PHE C 66 5.05 -45.49 11.03
CA PHE C 66 4.44 -45.10 9.77
C PHE C 66 3.46 -46.16 9.32
N ALA C 67 2.35 -45.72 8.74
CA ALA C 67 1.41 -46.64 8.11
C ALA C 67 2.17 -47.51 7.11
N ALA C 68 1.99 -48.82 7.24
CA ALA C 68 2.84 -49.78 6.54
C ALA C 68 2.95 -49.45 5.05
N MET C 69 4.18 -49.52 4.53
CA MET C 69 4.49 -48.99 3.22
C MET C 69 5.67 -49.75 2.64
N GLY C 70 5.63 -49.97 1.32
CA GLY C 70 6.74 -50.53 0.59
C GLY C 70 6.63 -50.13 -0.86
N TYR C 71 7.77 -50.16 -1.55
CA TYR C 71 7.80 -49.72 -2.94
C TYR C 71 8.71 -50.63 -3.77
N GLU C 72 8.54 -50.55 -5.08
CA GLU C 72 9.26 -51.41 -6.02
C GLU C 72 9.16 -50.79 -7.41
N TYR C 73 10.30 -50.70 -8.11
CA TYR C 73 10.33 -50.12 -9.44
C TYR C 73 9.86 -51.14 -10.49
N GLN C 74 9.57 -50.64 -11.69
CA GLN C 74 9.06 -51.48 -12.76
C GLN C 74 9.46 -50.88 -14.11
N LYS C 75 9.96 -51.73 -15.01
CA LYS C 75 10.26 -51.32 -16.37
C LYS C 75 9.02 -51.42 -17.24
N THR C 76 8.91 -50.52 -18.20
CA THR C 76 7.80 -50.51 -19.15
C THR C 76 8.30 -50.05 -20.50
N ARG C 77 7.93 -50.78 -21.54
CA ARG C 77 8.32 -50.49 -22.91
C ARG C 77 7.24 -49.64 -23.59
N PRO C 78 7.59 -48.94 -24.67
CA PRO C 78 6.62 -48.04 -25.30
C PRO C 78 5.56 -48.77 -26.10
N ASN C 79 4.40 -48.12 -26.23
CA ASN C 79 3.33 -48.61 -27.08
C ASN C 79 3.61 -48.37 -28.56
N THR C 80 4.63 -47.57 -28.88
CA THR C 80 4.85 -47.08 -30.23
C THR C 80 5.94 -47.83 -30.98
N GLY C 81 6.16 -49.11 -30.64
CA GLY C 81 7.06 -49.94 -31.41
C GLY C 81 8.52 -49.56 -31.27
N ASN C 82 9.30 -49.87 -32.30
CA ASN C 82 10.75 -49.67 -32.30
C ASN C 82 11.10 -48.21 -32.12
N PRO C 83 11.88 -47.85 -31.10
CA PRO C 83 12.19 -46.44 -30.86
C PRO C 83 13.21 -45.91 -31.85
N THR C 84 13.04 -44.65 -32.24
CA THR C 84 13.92 -44.00 -33.20
C THR C 84 14.17 -42.56 -32.79
N TYR C 85 15.21 -41.97 -33.36
CA TYR C 85 15.37 -40.52 -33.30
C TYR C 85 14.20 -39.84 -34.01
N ASN C 86 13.93 -38.60 -33.62
CA ASN C 86 12.95 -37.75 -34.27
C ASN C 86 11.60 -38.47 -34.37
N SER C 87 11.06 -38.84 -33.21
CA SER C 87 9.80 -39.57 -33.15
C SER C 87 9.12 -39.27 -31.83
N THR C 88 7.84 -39.66 -31.76
CA THR C 88 7.06 -39.54 -30.54
C THR C 88 6.93 -40.91 -29.90
N ILE C 89 7.34 -41.01 -28.64
CA ILE C 89 7.36 -42.28 -27.91
C ILE C 89 6.40 -42.16 -26.73
N GLN C 90 5.48 -43.11 -26.62
CA GLN C 90 4.41 -43.08 -25.64
C GLN C 90 4.48 -44.33 -24.77
N PHE C 91 4.46 -44.14 -23.45
CA PHE C 91 4.41 -45.23 -22.49
C PHE C 91 3.06 -45.25 -21.81
N SER C 92 2.59 -46.45 -21.50
CA SER C 92 1.46 -46.59 -20.58
C SER C 92 1.97 -46.55 -19.15
N ILE C 93 1.15 -45.99 -18.26
CA ILE C 93 1.45 -46.04 -16.83
C ILE C 93 0.73 -47.27 -16.27
N PRO C 94 1.44 -48.36 -16.00
CA PRO C 94 0.78 -49.62 -15.67
C PRO C 94 0.03 -49.55 -14.34
N GLN C 95 -0.96 -50.43 -14.22
CA GLN C 95 -1.68 -50.63 -12.98
C GLN C 95 -0.89 -51.62 -12.14
N PHE C 96 -0.23 -51.12 -11.09
CA PHE C 96 0.66 -51.96 -10.28
C PHE C 96 0.55 -51.57 -8.82
N GLY C 97 1.12 -50.42 -8.46
CA GLY C 97 1.06 -49.95 -7.08
C GLY C 97 -0.18 -49.11 -6.82
N ASP C 98 -0.43 -48.88 -5.53
CA ASP C 98 -1.52 -47.98 -5.15
C ASP C 98 -1.20 -46.55 -5.54
N PHE C 99 0.06 -46.16 -5.46
CA PHE C 99 0.56 -44.87 -5.92
C PHE C 99 1.77 -45.10 -6.80
N PHE C 100 2.07 -44.15 -7.68
CA PHE C 100 3.32 -44.14 -8.42
C PHE C 100 3.99 -42.79 -8.25
N SER C 101 5.33 -42.80 -8.19
CA SER C 101 6.07 -41.63 -7.74
C SER C 101 7.13 -41.29 -8.77
N ASP C 102 8.42 -41.33 -8.39
CA ASP C 102 9.48 -40.87 -9.29
C ASP C 102 9.62 -41.76 -10.52
N MET C 103 9.99 -41.15 -11.64
CA MET C 103 10.13 -41.84 -12.91
C MET C 103 11.48 -41.50 -13.53
N VAL C 104 12.01 -42.45 -14.30
CA VAL C 104 13.28 -42.27 -14.99
C VAL C 104 13.27 -43.17 -16.22
N VAL C 105 13.81 -42.64 -17.31
CA VAL C 105 13.78 -43.32 -18.60
C VAL C 105 15.20 -43.74 -18.97
N HIS C 106 15.38 -45.03 -19.23
CA HIS C 106 16.67 -45.56 -19.68
C HIS C 106 16.72 -45.48 -21.20
N VAL C 107 17.69 -44.75 -21.72
CA VAL C 107 17.92 -44.63 -23.17
C VAL C 107 19.27 -45.23 -23.50
N GLN C 108 19.31 -46.00 -24.58
CA GLN C 108 20.53 -46.67 -25.04
C GLN C 108 20.78 -46.28 -26.48
N LEU C 109 21.86 -45.53 -26.73
CA LEU C 109 22.26 -45.12 -28.06
C LEU C 109 23.43 -45.96 -28.54
N ALA C 110 23.36 -46.40 -29.78
CA ALA C 110 24.33 -47.35 -30.30
C ALA C 110 25.72 -46.74 -30.42
N ALA C 111 26.73 -47.60 -30.41
CA ALA C 111 28.08 -47.17 -30.74
C ALA C 111 28.13 -46.75 -32.20
N THR C 112 28.89 -45.68 -32.47
CA THR C 112 28.83 -45.07 -33.79
C THR C 112 30.18 -44.47 -34.15
N SER C 113 30.44 -44.39 -35.45
CA SER C 113 31.65 -43.80 -35.98
C SER C 113 31.28 -42.94 -37.19
N ALA C 114 32.22 -42.11 -37.62
CA ALA C 114 32.01 -41.30 -38.81
C ALA C 114 32.34 -42.10 -40.06
N SER C 115 31.76 -41.68 -41.18
CA SER C 115 32.02 -42.34 -42.45
C SER C 115 33.44 -42.02 -42.94
N ALA C 116 33.91 -42.83 -43.87
CA ALA C 116 35.23 -42.61 -44.45
C ALA C 116 35.21 -41.37 -45.34
N GLY C 117 36.29 -40.59 -45.25
CA GLY C 117 36.44 -39.37 -46.00
C GLY C 117 37.83 -39.28 -46.62
N THR C 118 38.26 -38.05 -46.89
CA THR C 118 39.57 -37.80 -47.49
C THR C 118 40.22 -36.60 -46.84
N VAL C 119 41.53 -36.53 -46.96
CA VAL C 119 42.28 -35.34 -46.56
C VAL C 119 41.93 -34.21 -47.52
N PRO C 120 41.51 -33.05 -47.02
CA PRO C 120 41.11 -31.97 -47.93
C PRO C 120 42.30 -31.36 -48.65
N ALA C 121 41.98 -30.49 -49.60
CA ALA C 121 43.03 -29.80 -50.34
C ALA C 121 43.83 -28.89 -49.40
N LEU C 122 45.02 -28.51 -49.85
CA LEU C 122 45.91 -27.69 -49.05
C LEU C 122 45.51 -26.22 -49.13
N PRO C 123 45.90 -25.42 -48.14
CA PRO C 123 45.59 -23.99 -48.18
C PRO C 123 46.30 -23.30 -49.33
N ALA C 124 45.85 -22.07 -49.61
CA ALA C 124 46.41 -21.31 -50.72
C ALA C 124 47.82 -20.82 -50.37
N PHE C 125 48.50 -20.30 -51.40
CA PHE C 125 49.82 -19.72 -51.20
C PHE C 125 49.74 -18.51 -50.29
N ILE C 126 50.82 -18.28 -49.54
CA ILE C 126 50.94 -17.12 -48.65
C ILE C 126 51.92 -16.09 -49.23
N GLY C 127 53.18 -16.48 -49.40
CA GLY C 127 54.13 -15.59 -50.03
C GLY C 127 53.95 -15.50 -51.53
N ALA C 128 54.45 -14.39 -52.09
CA ALA C 128 54.34 -14.14 -53.52
C ALA C 128 55.47 -14.76 -54.31
N ASP C 129 56.48 -15.33 -53.67
CA ASP C 129 57.68 -15.82 -54.33
C ASP C 129 57.86 -17.31 -54.08
N ASP C 130 58.48 -17.98 -55.06
CA ASP C 130 58.91 -19.37 -54.93
C ASP C 130 57.76 -20.29 -54.53
N GLN C 131 56.64 -20.16 -55.25
CA GLN C 131 55.45 -20.93 -54.93
C GLN C 131 55.55 -22.34 -55.49
N VAL C 132 55.37 -23.34 -54.62
CA VAL C 132 55.39 -24.74 -55.01
C VAL C 132 54.26 -25.47 -54.29
N LEU C 133 53.46 -26.22 -55.03
CA LEU C 133 52.37 -27.01 -54.45
C LEU C 133 52.51 -28.45 -54.91
N THR C 134 52.66 -29.36 -53.95
CA THR C 134 52.69 -30.79 -54.21
C THR C 134 51.44 -31.43 -53.58
N SER C 135 51.42 -32.77 -53.58
CA SER C 135 50.34 -33.49 -52.91
C SER C 135 50.51 -33.53 -51.40
N THR C 136 51.68 -33.12 -50.89
CA THR C 136 51.97 -33.24 -49.46
C THR C 136 52.31 -31.92 -48.78
N SER C 137 52.49 -30.83 -49.52
CA SER C 137 52.80 -29.55 -48.91
C SER C 137 52.49 -28.42 -49.87
N VAL C 138 52.40 -27.21 -49.32
CA VAL C 138 52.22 -25.98 -50.09
C VAL C 138 53.25 -24.98 -49.58
N VAL C 139 54.14 -24.52 -50.46
CA VAL C 139 55.30 -23.72 -50.08
C VAL C 139 55.25 -22.40 -50.83
N SER C 140 55.46 -21.31 -50.10
CA SER C 140 55.59 -19.98 -50.68
C SER C 140 56.61 -19.20 -49.86
N ALA C 141 56.99 -18.03 -50.35
CA ALA C 141 58.04 -17.26 -49.70
C ALA C 141 57.88 -15.77 -50.00
N THR C 142 58.39 -14.95 -49.08
CA THR C 142 58.46 -13.51 -49.26
C THR C 142 59.91 -13.07 -49.16
N GLU C 143 60.39 -12.37 -50.17
CA GLU C 143 61.76 -11.88 -50.19
C GLU C 143 61.86 -10.54 -49.48
N ASN C 144 63.09 -10.21 -49.08
CA ASN C 144 63.40 -8.90 -48.50
C ASN C 144 64.89 -8.65 -48.61
N THR C 145 65.34 -8.19 -49.78
CA THR C 145 66.76 -7.92 -49.99
C THR C 145 67.24 -6.69 -49.24
N THR C 146 66.34 -5.84 -48.75
CA THR C 146 66.76 -4.69 -47.97
C THR C 146 67.20 -5.10 -46.56
N SER C 147 66.48 -6.01 -45.93
CA SER C 147 66.86 -6.52 -44.62
C SER C 147 67.67 -7.80 -44.70
N GLY C 148 67.61 -8.52 -45.81
CA GLY C 148 68.30 -9.79 -45.92
C GLY C 148 67.62 -10.94 -45.23
N VAL C 149 66.32 -10.82 -44.94
CA VAL C 149 65.54 -11.87 -44.30
C VAL C 149 64.67 -12.54 -45.35
N TYR C 150 64.78 -13.86 -45.45
CA TYR C 150 64.01 -14.67 -46.40
C TYR C 150 62.99 -15.48 -45.60
N THR C 151 61.72 -15.22 -45.83
CA THR C 151 60.64 -15.85 -45.09
C THR C 151 60.00 -16.94 -45.94
N LEU C 152 59.93 -18.16 -45.39
CA LEU C 152 59.41 -19.32 -46.10
C LEU C 152 58.18 -19.85 -45.37
N TYR C 153 57.07 -19.99 -46.09
CA TYR C 153 55.81 -20.45 -45.54
C TYR C 153 55.54 -21.87 -46.03
N THR C 154 55.32 -22.79 -45.08
CA THR C 154 55.01 -24.18 -45.40
C THR C 154 53.77 -24.61 -44.63
N GLN C 155 52.82 -25.22 -45.33
CA GLN C 155 51.64 -25.79 -44.70
C GLN C 155 51.43 -27.20 -45.23
N SER C 156 51.08 -28.11 -44.32
CA SER C 156 50.94 -29.52 -44.66
C SER C 156 50.03 -30.18 -43.62
N TYR C 157 49.59 -31.39 -43.94
CA TYR C 157 48.71 -32.16 -43.06
C TYR C 157 49.50 -33.31 -42.43
N VAL C 158 49.34 -33.48 -41.12
CA VAL C 158 50.01 -34.54 -40.37
C VAL C 158 49.01 -35.14 -39.38
N ASN C 159 49.35 -36.34 -38.89
CA ASN C 159 48.61 -36.94 -37.80
C ASN C 159 49.27 -36.52 -36.48
N GLN C 160 48.85 -37.12 -35.36
CA GLN C 160 49.40 -36.73 -34.07
C GLN C 160 50.89 -37.05 -33.99
N GLN C 161 51.30 -38.20 -34.52
CA GLN C 161 52.71 -38.57 -34.49
C GLN C 161 53.57 -37.70 -35.40
N GLY C 162 52.96 -36.89 -36.26
CA GLY C 162 53.70 -36.00 -37.12
C GLY C 162 53.93 -36.51 -38.53
N THR C 163 53.42 -37.69 -38.87
CA THR C 163 53.61 -38.23 -40.21
C THR C 163 52.74 -37.48 -41.21
N THR C 164 53.35 -37.04 -42.30
CA THR C 164 52.66 -36.24 -43.30
C THR C 164 51.59 -37.06 -44.00
N GLN C 165 50.39 -36.49 -44.12
CA GLN C 165 49.27 -37.13 -44.79
C GLN C 165 49.08 -36.54 -46.18
N THR C 166 48.71 -37.39 -47.13
CA THR C 166 48.57 -36.98 -48.52
C THR C 166 47.19 -36.42 -48.79
N VAL C 167 47.13 -35.34 -49.58
CA VAL C 167 45.85 -34.79 -50.00
C VAL C 167 45.07 -35.83 -50.77
N ALA C 168 43.77 -35.95 -50.45
CA ALA C 168 42.82 -36.88 -51.03
C ALA C 168 43.04 -38.32 -50.60
N ALA C 169 44.02 -38.59 -49.74
CA ALA C 169 44.15 -39.91 -49.14
C ALA C 169 43.05 -40.09 -48.07
N ALA C 170 43.00 -41.28 -47.48
CA ALA C 170 41.92 -41.60 -46.56
C ALA C 170 42.05 -40.81 -45.26
N ALA C 171 40.91 -40.41 -44.71
CA ALA C 171 40.83 -39.72 -43.43
C ALA C 171 39.41 -39.84 -42.90
N THR C 172 39.27 -39.95 -41.58
CA THR C 172 37.98 -40.16 -40.95
C THR C 172 37.84 -39.24 -39.75
N ASN C 173 36.73 -38.49 -39.72
CA ASN C 173 36.45 -37.61 -38.60
C ASN C 173 36.08 -38.41 -37.35
N PHE C 174 36.13 -37.73 -36.22
CA PHE C 174 35.68 -38.30 -34.95
C PHE C 174 34.24 -37.86 -34.68
N VAL C 175 33.61 -38.50 -33.70
CA VAL C 175 32.23 -38.20 -33.34
C VAL C 175 32.17 -37.82 -31.87
N ARG C 176 31.21 -36.96 -31.55
CA ARG C 176 30.99 -36.50 -30.18
C ARG C 176 29.50 -36.30 -29.96
N TYR C 177 29.10 -36.42 -28.70
CA TYR C 177 27.75 -36.02 -28.30
C TYR C 177 27.79 -34.59 -27.79
N CYS C 178 26.69 -33.87 -28.01
CA CYS C 178 26.56 -32.54 -27.44
C CYS C 178 26.62 -32.61 -25.92
N GLU C 179 26.95 -31.49 -25.30
CA GLU C 179 26.95 -31.42 -23.84
C GLU C 179 25.54 -31.64 -23.33
N TYR C 180 25.44 -32.36 -22.21
CA TYR C 180 24.16 -32.72 -21.61
C TYR C 180 23.20 -33.31 -22.64
N PRO C 181 23.58 -34.39 -23.32
CA PRO C 181 22.73 -34.91 -24.40
C PRO C 181 21.41 -35.48 -23.92
N GLY C 182 21.36 -36.02 -22.70
CA GLY C 182 20.10 -36.48 -22.14
C GLY C 182 19.10 -35.36 -21.89
N LEU C 183 19.58 -34.14 -21.69
CA LEU C 183 18.68 -33.00 -21.52
C LEU C 183 18.16 -32.49 -22.85
N ARG C 184 18.99 -32.54 -23.90
CA ARG C 184 18.55 -32.08 -25.22
C ARG C 184 17.76 -33.16 -25.95
N LEU C 185 17.96 -34.43 -25.59
CA LEU C 185 17.33 -35.52 -26.33
C LEU C 185 15.82 -35.46 -26.20
N PHE C 186 15.32 -35.04 -25.04
CA PHE C 186 13.88 -35.00 -24.79
C PHE C 186 13.40 -33.61 -25.22
N LYS C 187 13.07 -33.50 -26.50
CA LYS C 187 12.49 -32.27 -27.04
C LYS C 187 11.32 -31.79 -26.20
N ARG C 188 10.37 -32.68 -25.93
CA ARG C 188 9.24 -32.41 -25.05
C ARG C 188 8.95 -33.65 -24.22
N VAL C 189 8.61 -33.45 -22.95
CA VAL C 189 8.17 -34.52 -22.07
C VAL C 189 6.78 -34.17 -21.55
N LYS C 190 5.84 -35.09 -21.70
CA LYS C 190 4.43 -34.79 -21.45
C LYS C 190 3.79 -35.90 -20.63
N PHE C 191 3.07 -35.51 -19.59
CA PHE C 191 2.25 -36.42 -18.79
C PHE C 191 0.79 -36.02 -19.03
N GLU C 192 0.05 -36.85 -19.76
CA GLU C 192 -1.29 -36.53 -20.18
C GLU C 192 -2.28 -37.57 -19.66
N VAL C 193 -3.46 -37.09 -19.25
CA VAL C 193 -4.56 -37.94 -18.82
C VAL C 193 -5.81 -37.47 -19.55
N ASN C 194 -6.49 -38.40 -20.23
CA ASN C 194 -7.71 -38.11 -20.98
C ASN C 194 -7.46 -37.08 -22.08
N GLY C 195 -6.41 -37.33 -22.88
CA GLY C 195 -6.14 -36.55 -24.07
C GLY C 195 -5.49 -35.21 -23.84
N ASN C 196 -5.63 -34.62 -22.65
CA ASN C 196 -5.07 -33.29 -22.43
C ASN C 196 -3.82 -33.34 -21.57
N PRO C 197 -2.81 -32.51 -21.87
CA PRO C 197 -1.59 -32.52 -21.06
C PRO C 197 -1.81 -32.06 -19.63
N LEU C 198 -1.61 -32.99 -18.68
CA LEU C 198 -1.70 -32.63 -17.27
C LEU C 198 -0.48 -31.81 -16.84
N ASP C 199 0.66 -32.03 -17.47
CA ASP C 199 1.87 -31.23 -17.29
C ASP C 199 2.85 -31.61 -18.38
N GLU C 200 3.71 -30.66 -18.74
CA GLU C 200 4.67 -30.88 -19.82
C GLU C 200 5.82 -29.88 -19.69
N TYR C 201 6.96 -30.24 -20.28
CA TYR C 201 8.12 -29.36 -20.31
C TYR C 201 9.02 -29.76 -21.47
N THR C 202 9.85 -28.81 -21.89
CA THR C 202 10.77 -29.00 -23.00
C THR C 202 12.21 -29.02 -22.50
N ALA C 203 13.15 -29.08 -23.44
CA ALA C 203 14.57 -29.07 -23.10
C ALA C 203 14.99 -27.77 -22.43
N LEU C 204 14.25 -26.69 -22.67
CA LEU C 204 14.56 -25.43 -21.98
C LEU C 204 14.34 -25.57 -20.48
N ALA C 205 13.30 -26.28 -20.07
CA ALA C 205 13.10 -26.53 -18.65
C ALA C 205 14.16 -27.50 -18.12
N ALA C 206 14.56 -28.46 -18.94
CA ALA C 206 15.57 -29.43 -18.50
C ALA C 206 16.90 -28.74 -18.24
N ILE C 207 17.24 -27.71 -19.01
CA ILE C 207 18.50 -27.02 -18.78
C ILE C 207 18.34 -25.95 -17.72
N MET C 208 17.14 -25.41 -17.54
CA MET C 208 16.90 -24.55 -16.39
C MET C 208 17.09 -25.31 -15.10
N TYR C 209 16.62 -26.57 -15.08
CA TYR C 209 16.88 -27.43 -13.92
C TYR C 209 18.37 -27.70 -13.75
N ASN C 210 19.08 -27.87 -14.86
CA ASN C 210 20.50 -28.19 -14.80
C ASN C 210 21.30 -27.07 -14.14
N LYS C 211 20.86 -25.83 -14.29
CA LYS C 211 21.60 -24.68 -13.79
C LYS C 211 21.25 -24.30 -12.35
N PHE C 212 20.00 -24.53 -11.93
CA PHE C 212 19.51 -24.00 -10.67
C PHE C 212 19.27 -25.05 -9.58
N HIS C 213 19.19 -26.34 -9.92
CA HIS C 213 18.70 -27.32 -8.96
C HIS C 213 19.56 -28.58 -8.89
N VAL C 214 20.84 -28.50 -9.25
CA VAL C 214 21.73 -29.65 -9.08
C VAL C 214 22.96 -29.22 -8.30
N PRO C 215 22.93 -29.30 -6.96
CA PRO C 215 24.11 -28.96 -6.18
C PRO C 215 25.21 -30.01 -6.35
N ASP C 216 26.38 -29.69 -5.79
CA ASP C 216 27.57 -30.50 -6.05
C ASP C 216 27.47 -31.90 -5.46
N PHE C 217 26.72 -32.08 -4.37
CA PHE C 217 26.60 -33.43 -3.81
C PHE C 217 25.66 -34.32 -4.63
N LYS C 218 25.08 -33.80 -5.71
CA LYS C 218 24.30 -34.61 -6.64
C LYS C 218 24.83 -34.53 -8.06
N LEU C 219 25.90 -33.79 -8.31
CA LEU C 219 26.27 -33.42 -9.68
C LEU C 219 26.86 -34.61 -10.43
N THR C 220 27.79 -35.34 -9.81
CA THR C 220 28.47 -36.43 -10.51
C THR C 220 27.47 -37.47 -10.99
N GLY C 221 26.52 -37.85 -10.14
CA GLY C 221 25.47 -38.76 -10.59
C GLY C 221 24.55 -38.13 -11.62
N TRP C 222 24.24 -36.85 -11.45
CA TRP C 222 23.41 -36.14 -12.43
C TRP C 222 24.08 -36.13 -13.80
N LYS C 223 25.38 -35.81 -13.83
CA LYS C 223 26.10 -35.83 -15.10
C LYS C 223 26.08 -37.22 -15.74
N ARG C 224 26.16 -38.27 -14.92
CA ARG C 224 26.14 -39.62 -15.46
C ARG C 224 24.76 -40.02 -15.95
N LEU C 225 23.70 -39.49 -15.33
CA LEU C 225 22.35 -39.86 -15.74
C LEU C 225 22.00 -39.33 -17.12
N ILE C 226 22.52 -38.17 -17.50
CA ILE C 226 22.13 -37.51 -18.74
C ILE C 226 23.26 -37.45 -19.74
N GLY C 227 24.34 -38.22 -19.53
CA GLY C 227 25.36 -38.41 -20.56
C GLY C 227 26.44 -37.34 -20.65
N GLN C 228 26.69 -36.60 -19.58
CA GLN C 228 27.77 -35.62 -19.56
C GLN C 228 29.00 -36.24 -18.92
N GLU C 229 30.13 -36.19 -19.63
CA GLU C 229 31.36 -36.76 -19.13
C GLU C 229 31.80 -36.06 -17.85
N VAL C 230 32.38 -36.84 -16.94
CA VAL C 230 32.87 -36.28 -15.68
C VAL C 230 34.40 -36.19 -15.75
N PRO C 231 35.00 -35.11 -15.25
CA PRO C 231 36.46 -35.01 -15.28
C PRO C 231 37.10 -35.99 -14.32
N VAL C 232 38.30 -36.43 -14.66
CA VAL C 232 39.07 -37.38 -13.86
C VAL C 232 40.40 -36.72 -13.50
N GLU C 233 40.71 -36.71 -12.20
CA GLU C 233 41.92 -36.08 -11.70
C GLU C 233 43.13 -36.96 -11.97
N ALA C 234 44.20 -36.36 -12.51
CA ALA C 234 45.43 -37.07 -12.84
C ALA C 234 46.61 -36.38 -12.18
N ALA C 235 47.51 -37.18 -11.61
CA ALA C 235 48.65 -36.68 -10.87
C ALA C 235 49.92 -36.80 -11.70
N SER C 236 50.81 -35.82 -11.58
CA SER C 236 52.03 -35.74 -12.36
C SER C 236 53.21 -36.27 -11.54
N ASN C 237 54.38 -36.28 -12.18
CA ASN C 237 55.62 -36.47 -11.45
C ASN C 237 55.83 -35.29 -10.50
N LEU C 238 56.79 -35.46 -9.60
CA LEU C 238 57.16 -34.36 -8.73
C LEU C 238 57.68 -33.20 -9.55
N VAL C 239 57.06 -32.04 -9.41
CA VAL C 239 57.53 -30.83 -10.07
C VAL C 239 58.43 -30.00 -9.16
N ASN C 240 58.21 -30.04 -7.85
CA ASN C 240 59.12 -29.42 -6.87
C ASN C 240 59.60 -30.52 -5.93
N ILE C 241 60.91 -30.59 -5.71
CA ILE C 241 61.49 -31.54 -4.75
C ILE C 241 62.34 -30.72 -3.78
N ALA C 242 62.02 -30.79 -2.50
CA ALA C 242 62.68 -29.96 -1.50
C ALA C 242 64.19 -30.12 -1.57
N SER C 243 64.89 -28.98 -1.60
CA SER C 243 66.35 -28.85 -1.61
C SER C 243 66.98 -29.10 -2.96
N THR C 244 66.22 -29.11 -4.06
CA THR C 244 66.81 -29.24 -5.38
C THR C 244 65.97 -28.45 -6.38
N THR C 245 66.35 -28.54 -7.65
CA THR C 245 65.75 -27.73 -8.70
C THR C 245 65.96 -28.42 -10.04
N PRO C 246 65.04 -28.26 -11.00
CA PRO C 246 65.28 -28.76 -12.35
C PRO C 246 66.17 -27.86 -13.18
N TRP C 247 66.40 -26.62 -12.76
CA TRP C 247 67.23 -25.70 -13.52
C TRP C 247 68.70 -26.08 -13.42
N GLY C 248 69.42 -25.94 -14.53
CA GLY C 248 70.84 -26.22 -14.52
C GLY C 248 71.59 -25.31 -13.58
N SER C 249 72.69 -25.84 -13.03
CA SER C 249 73.50 -25.11 -12.07
C SER C 249 73.90 -23.69 -12.49
N PRO C 250 74.30 -23.41 -13.74
CA PRO C 250 74.80 -22.07 -14.06
C PRO C 250 73.82 -20.94 -13.79
N ILE C 251 72.53 -21.21 -13.63
CA ILE C 251 71.53 -20.17 -13.46
C ILE C 251 70.91 -20.18 -12.07
N VAL C 252 71.34 -21.07 -11.18
CA VAL C 252 70.67 -21.28 -9.90
C VAL C 252 71.44 -20.56 -8.80
N ALA C 253 70.72 -19.81 -7.96
CA ALA C 253 71.24 -19.23 -6.72
C ALA C 253 72.40 -18.28 -6.99
N LEU C 254 72.18 -17.33 -7.89
CA LEU C 254 73.20 -16.36 -8.26
C LEU C 254 73.11 -15.11 -7.40
N SER C 255 74.26 -14.47 -7.22
CA SER C 255 74.34 -13.15 -6.59
C SER C 255 75.08 -12.21 -7.53
N ASP C 256 74.70 -10.93 -7.51
CA ASP C 256 75.39 -9.96 -8.34
C ASP C 256 76.71 -9.55 -7.69
N VAL C 257 77.39 -8.58 -8.32
CA VAL C 257 78.68 -8.16 -7.81
C VAL C 257 78.57 -7.44 -6.49
N ASN C 258 77.38 -6.96 -6.13
CA ASN C 258 77.14 -6.25 -4.87
C ASN C 258 76.63 -7.18 -3.77
N GLY C 259 76.65 -8.49 -3.99
CA GLY C 259 76.21 -9.45 -2.99
C GLY C 259 74.72 -9.73 -2.99
N THR C 260 73.93 -8.99 -3.75
CA THR C 260 72.48 -9.16 -3.75
C THR C 260 72.08 -10.34 -4.64
N ALA C 261 71.06 -11.07 -4.20
CA ALA C 261 70.54 -12.17 -5.00
C ALA C 261 69.98 -11.65 -6.33
N VAL C 262 70.23 -12.40 -7.39
CA VAL C 262 69.90 -11.96 -8.75
C VAL C 262 68.42 -12.16 -9.01
N THR C 263 67.74 -11.10 -9.46
CA THR C 263 66.35 -11.22 -9.87
C THR C 263 66.26 -12.11 -11.10
N GLY C 264 65.42 -13.14 -11.03
CA GLY C 264 65.29 -14.10 -12.10
C GLY C 264 66.18 -15.32 -11.97
N SER C 265 67.00 -15.40 -10.92
CA SER C 265 67.82 -16.57 -10.69
C SER C 265 67.05 -17.55 -9.81
N PRO C 266 66.68 -18.73 -10.32
CA PRO C 266 65.91 -19.67 -9.50
C PRO C 266 66.73 -20.21 -8.34
N VAL C 267 66.04 -20.47 -7.23
CA VAL C 267 66.65 -21.08 -6.06
C VAL C 267 66.02 -22.45 -5.86
N ASN C 268 66.55 -23.19 -4.87
CA ASN C 268 66.03 -24.52 -4.58
C ASN C 268 64.58 -24.43 -4.09
N ALA C 269 63.82 -25.48 -4.40
CA ALA C 269 62.44 -25.54 -3.95
C ALA C 269 62.38 -25.74 -2.44
N ALA C 270 61.29 -25.26 -1.84
CA ALA C 270 61.07 -25.39 -0.41
C ALA C 270 60.14 -26.53 -0.03
N ILE C 271 59.27 -26.96 -0.95
CA ILE C 271 58.33 -28.04 -0.70
C ILE C 271 58.53 -29.12 -1.76
N THR C 272 57.91 -30.27 -1.53
CA THR C 272 57.93 -31.38 -2.46
C THR C 272 56.48 -31.62 -2.92
N ALA C 273 56.18 -31.21 -4.15
CA ALA C 273 54.80 -31.16 -4.61
C ALA C 273 54.70 -31.76 -6.01
N ARG C 274 53.51 -32.31 -6.29
CA ARG C 274 53.15 -32.83 -7.60
C ARG C 274 51.93 -32.07 -8.11
N LYS C 275 51.73 -32.11 -9.43
CA LYS C 275 50.64 -31.38 -10.05
C LYS C 275 49.42 -32.28 -10.23
N LEU C 276 48.25 -31.66 -10.17
CA LEU C 276 46.99 -32.29 -10.51
C LEU C 276 46.46 -31.65 -11.80
N THR C 277 46.04 -32.49 -12.73
CA THR C 277 45.35 -32.02 -13.92
C THR C 277 44.04 -32.77 -14.05
N GLN C 278 43.11 -32.19 -14.82
CA GLN C 278 41.81 -32.80 -15.05
C GLN C 278 41.73 -33.22 -16.51
N VAL C 279 41.31 -34.45 -16.75
CA VAL C 279 41.13 -34.98 -18.10
C VAL C 279 39.69 -35.47 -18.24
N VAL C 280 39.19 -35.40 -19.46
CA VAL C 280 37.88 -35.95 -19.81
C VAL C 280 38.05 -36.84 -21.03
N PHE C 281 37.29 -37.93 -21.06
CA PHE C 281 37.34 -38.86 -22.19
C PHE C 281 36.01 -39.59 -22.30
N GLY C 282 34.92 -38.82 -22.30
CA GLY C 282 33.59 -39.38 -22.37
C GLY C 282 32.84 -38.99 -23.63
N ALA C 283 31.51 -38.86 -23.51
CA ALA C 283 30.66 -38.66 -24.68
C ALA C 283 30.90 -37.33 -25.38
N GLN C 284 31.45 -36.33 -24.69
CA GLN C 284 31.69 -35.03 -25.29
C GLN C 284 33.08 -34.88 -25.87
N THR C 285 33.99 -35.80 -25.57
CA THR C 285 35.33 -35.77 -26.15
C THR C 285 35.32 -36.46 -27.51
N PRO C 286 35.84 -35.82 -28.55
CA PRO C 286 35.82 -36.45 -29.88
C PRO C 286 36.61 -37.74 -29.90
N LYS C 287 36.03 -38.78 -30.50
CA LYS C 287 36.62 -40.11 -30.52
C LYS C 287 36.35 -40.78 -31.85
N ALA C 288 37.27 -41.68 -32.23
CA ALA C 288 37.08 -42.48 -33.44
C ALA C 288 35.79 -43.28 -33.35
N THR C 289 35.48 -43.81 -32.17
CA THR C 289 34.24 -44.55 -31.94
C THR C 289 33.69 -44.13 -30.58
N GLN C 290 32.55 -43.45 -30.59
CA GLN C 290 31.80 -43.23 -29.36
C GLN C 290 31.15 -44.54 -28.95
N GLU C 291 31.53 -45.06 -27.78
CA GLU C 291 30.94 -46.30 -27.32
C GLU C 291 29.46 -46.10 -27.03
N GLN C 292 28.75 -47.22 -26.84
CA GLN C 292 27.32 -47.20 -26.57
C GLN C 292 27.00 -46.30 -25.40
N LEU C 293 26.14 -45.32 -25.62
CA LEU C 293 25.78 -44.35 -24.60
C LEU C 293 24.57 -44.83 -23.81
N ASN C 294 24.71 -44.86 -22.49
CA ASN C 294 23.64 -45.29 -21.59
C ASN C 294 23.28 -44.12 -20.68
N MET C 295 22.00 -43.76 -20.67
CA MET C 295 21.50 -42.65 -19.88
C MET C 295 20.23 -43.07 -19.16
N PHE C 296 20.04 -42.53 -17.95
CA PHE C 296 18.83 -42.72 -17.16
C PHE C 296 18.28 -41.32 -16.89
N VAL C 297 17.42 -40.85 -17.79
CA VAL C 297 16.91 -39.48 -17.75
C VAL C 297 15.75 -39.40 -16.77
N PRO C 298 15.87 -38.66 -15.66
CA PRO C 298 14.73 -38.49 -14.76
C PRO C 298 13.70 -37.56 -15.35
N LEU C 299 12.44 -37.83 -15.04
CA LEU C 299 11.33 -36.99 -15.47
C LEU C 299 11.05 -35.97 -14.38
N LEU C 300 11.25 -34.69 -14.68
CA LEU C 300 11.24 -33.64 -13.69
C LEU C 300 9.83 -33.18 -13.36
N PHE C 301 8.95 -34.11 -12.98
CA PHE C 301 7.59 -33.76 -12.60
C PHE C 301 7.49 -33.57 -11.09
N TRP C 302 6.36 -33.00 -10.66
CA TRP C 302 6.17 -32.70 -9.25
C TRP C 302 6.10 -33.98 -8.41
N PHE C 303 5.46 -35.03 -8.92
CA PHE C 303 5.22 -36.23 -8.13
C PHE C 303 6.47 -37.08 -7.94
N ARG C 304 7.64 -36.64 -8.40
CA ARG C 304 8.88 -37.29 -8.00
C ARG C 304 9.03 -37.26 -6.48
N ASP C 305 8.46 -36.26 -5.83
CA ASP C 305 8.38 -36.22 -4.38
C ASP C 305 7.50 -37.37 -3.88
N PRO C 306 8.00 -38.20 -2.95
CA PRO C 306 7.15 -39.30 -2.44
C PRO C 306 5.87 -38.82 -1.78
N ARG C 307 5.92 -37.71 -1.04
CA ARG C 307 4.71 -37.17 -0.42
C ARG C 307 3.63 -36.88 -1.45
N LEU C 308 4.03 -36.61 -2.69
CA LEU C 308 3.10 -36.24 -3.76
C LEU C 308 2.84 -37.38 -4.73
N ALA C 309 3.07 -38.62 -4.29
CA ALA C 309 2.80 -39.78 -5.14
C ALA C 309 1.34 -39.79 -5.56
N ILE C 310 1.10 -40.22 -6.80
CA ILE C 310 -0.21 -40.10 -7.44
C ILE C 310 -0.97 -41.40 -7.26
N ALA C 311 -2.16 -41.32 -6.67
CA ALA C 311 -2.97 -42.50 -6.43
C ALA C 311 -3.39 -43.14 -7.74
N SER C 312 -3.20 -44.46 -7.83
CA SER C 312 -3.43 -45.17 -9.09
C SER C 312 -4.90 -45.16 -9.49
N VAL C 313 -5.80 -45.38 -8.52
CA VAL C 313 -7.22 -45.39 -8.83
C VAL C 313 -7.72 -44.02 -9.26
N SER C 314 -6.99 -42.96 -8.93
CA SER C 314 -7.41 -41.60 -9.27
C SER C 314 -7.30 -41.30 -10.75
N ILE C 315 -6.58 -42.11 -11.52
CA ILE C 315 -6.44 -41.87 -12.95
C ILE C 315 -6.78 -43.16 -13.69
N PRO C 316 -7.68 -43.12 -14.67
CA PRO C 316 -8.01 -44.34 -15.43
C PRO C 316 -6.79 -44.84 -16.20
N TYR C 317 -6.73 -46.16 -16.38
CA TYR C 317 -5.67 -46.75 -17.16
C TYR C 317 -5.87 -46.57 -18.66
N GLY C 318 -7.10 -46.27 -19.10
CA GLY C 318 -7.36 -46.15 -20.52
C GLY C 318 -6.53 -45.07 -21.17
N GLN C 319 -6.47 -43.89 -20.55
CA GLN C 319 -5.80 -42.71 -21.14
C GLN C 319 -4.90 -42.06 -20.08
N ARG C 320 -3.84 -42.76 -19.69
CA ARG C 320 -2.76 -42.15 -18.91
C ARG C 320 -1.44 -42.57 -19.52
N PHE C 321 -0.60 -41.59 -19.86
CA PHE C 321 0.58 -41.85 -20.65
C PHE C 321 1.71 -40.92 -20.24
N ILE C 322 2.94 -41.38 -20.50
CA ILE C 322 4.12 -40.53 -20.56
C ILE C 322 4.54 -40.48 -22.02
N THR C 323 4.51 -39.28 -22.61
CA THR C 323 4.78 -39.09 -24.02
C THR C 323 6.00 -38.20 -24.17
N VAL C 324 7.00 -38.68 -24.91
CA VAL C 324 8.27 -37.98 -25.07
C VAL C 324 8.55 -37.77 -26.55
N ASP C 325 8.79 -36.52 -26.94
CA ASP C 325 9.28 -36.21 -28.27
C ASP C 325 10.81 -36.24 -28.26
N ILE C 326 11.38 -36.98 -29.20
CA ILE C 326 12.82 -37.20 -29.25
C ILE C 326 13.44 -36.23 -30.25
N GLU C 327 14.53 -35.58 -29.82
CA GLU C 327 15.27 -34.68 -30.68
C GLU C 327 15.88 -35.44 -31.87
N GLN C 328 16.25 -34.71 -32.90
CA GLN C 328 16.89 -35.30 -34.06
C GLN C 328 18.35 -35.60 -33.78
N GLN C 329 18.89 -36.58 -34.52
CA GLN C 329 20.27 -36.98 -34.30
C GLN C 329 21.25 -35.86 -34.62
N SER C 330 20.93 -35.02 -35.61
CA SER C 330 21.81 -33.94 -36.02
C SER C 330 21.98 -32.88 -34.93
N ASN C 331 21.15 -32.89 -33.90
CA ASN C 331 21.30 -31.98 -32.77
C ASN C 331 21.95 -32.65 -31.56
N ILE C 332 22.23 -33.95 -31.65
CA ILE C 332 22.75 -34.72 -30.52
C ILE C 332 24.16 -35.23 -30.79
N LEU C 333 24.43 -35.69 -32.01
CA LEU C 333 25.72 -36.28 -32.37
C LEU C 333 26.36 -35.44 -33.46
N PHE C 334 27.65 -35.12 -33.28
CA PHE C 334 28.36 -34.23 -34.18
C PHE C 334 29.71 -34.83 -34.56
N THR C 335 30.18 -34.48 -35.75
CA THR C 335 31.53 -34.82 -36.16
C THR C 335 32.52 -33.80 -35.61
N ALA C 336 33.76 -34.25 -35.43
CA ALA C 336 34.84 -33.40 -34.95
C ALA C 336 36.12 -33.88 -35.58
N PRO C 337 37.14 -33.01 -35.67
CA PRO C 337 38.42 -33.44 -36.26
C PRO C 337 39.01 -34.63 -35.53
N GLY C 338 39.59 -35.55 -36.29
CA GLY C 338 40.21 -36.72 -35.72
C GLY C 338 41.72 -36.64 -35.70
N ASN C 339 42.39 -37.68 -36.18
CA ASN C 339 43.85 -37.73 -36.20
C ASN C 339 44.39 -37.06 -37.46
N LEU C 340 44.05 -35.79 -37.60
CA LEU C 340 44.43 -34.99 -38.76
C LEU C 340 44.66 -33.56 -38.31
N PHE C 341 45.82 -33.01 -38.65
CA PHE C 341 46.20 -31.67 -38.20
C PHE C 341 46.87 -30.90 -39.32
N LEU C 342 46.51 -29.63 -39.44
CA LEU C 342 47.18 -28.72 -40.36
C LEU C 342 48.41 -28.15 -39.66
N GLN C 343 49.59 -28.37 -40.23
CA GLN C 343 50.83 -27.82 -39.70
C GLN C 343 51.19 -26.57 -40.49
N THR C 344 51.24 -25.43 -39.81
CA THR C 344 51.60 -24.15 -40.41
C THR C 344 52.97 -23.74 -39.87
N THR C 345 53.94 -23.66 -40.76
CA THR C 345 55.32 -23.37 -40.39
C THR C 345 55.83 -22.16 -41.14
N VAL C 346 56.42 -21.22 -40.40
CA VAL C 346 57.09 -20.05 -40.97
C VAL C 346 58.55 -20.12 -40.60
N GLU C 347 59.43 -19.94 -41.58
CA GLU C 347 60.87 -19.97 -41.37
C GLU C 347 61.48 -18.68 -41.92
N THR C 348 62.33 -18.05 -41.11
CA THR C 348 63.06 -16.86 -41.51
C THR C 348 64.55 -17.18 -41.52
N LEU C 349 65.22 -16.84 -42.62
CA LEU C 349 66.66 -17.03 -42.78
C LEU C 349 67.30 -15.67 -43.01
N LEU C 350 68.18 -15.27 -42.09
CA LEU C 350 68.88 -14.00 -42.19
C LEU C 350 70.26 -14.23 -42.76
N THR C 351 70.46 -13.83 -44.02
CA THR C 351 71.77 -13.87 -44.66
C THR C 351 72.28 -12.45 -44.86
N THR C 352 73.60 -12.32 -44.97
CA THR C 352 74.24 -11.02 -45.07
C THR C 352 75.06 -10.81 -46.33
N GLY C 353 75.23 -11.84 -47.16
CA GLY C 353 76.05 -11.77 -48.35
C GLY C 353 75.25 -11.44 -49.59
N ALA C 354 75.82 -11.80 -50.74
CA ALA C 354 75.18 -11.54 -52.02
C ALA C 354 73.88 -12.33 -52.13
N GLY C 355 72.83 -11.66 -52.62
CA GLY C 355 71.53 -12.28 -52.73
C GLY C 355 70.76 -12.36 -51.43
N LYS C 356 71.17 -11.63 -50.40
CA LYS C 356 70.50 -11.68 -49.11
C LYS C 356 69.02 -11.35 -49.26
N GLY C 357 68.19 -12.01 -48.45
CA GLY C 357 66.77 -11.85 -48.52
C GLY C 357 66.08 -12.74 -49.53
N THR C 358 66.83 -13.43 -50.38
CA THR C 358 66.28 -14.37 -51.36
C THR C 358 66.77 -15.78 -51.03
N ALA C 359 66.28 -16.74 -51.81
CA ALA C 359 66.65 -18.14 -51.57
C ALA C 359 68.11 -18.41 -51.90
N THR C 360 68.78 -17.51 -52.61
CA THR C 360 70.17 -17.70 -53.00
C THR C 360 71.12 -16.85 -52.18
N GLY C 361 70.67 -16.26 -51.08
CA GLY C 361 71.55 -15.48 -50.24
C GLY C 361 72.51 -16.37 -49.47
N VAL C 362 73.73 -15.88 -49.29
CA VAL C 362 74.80 -16.66 -48.67
C VAL C 362 75.10 -16.11 -47.28
N LEU C 363 75.84 -16.91 -46.50
CA LEU C 363 76.23 -16.57 -45.13
C LEU C 363 75.01 -16.42 -44.23
N LEU C 364 74.50 -17.54 -43.72
CA LEU C 364 73.32 -17.54 -42.86
C LEU C 364 73.73 -17.35 -41.41
N THR C 365 73.28 -16.25 -40.80
CA THR C 365 73.67 -15.90 -39.45
C THR C 365 72.61 -16.24 -38.41
N GLN C 366 71.32 -16.08 -38.74
CA GLN C 366 70.25 -16.33 -37.78
C GLN C 366 69.12 -17.07 -38.48
N TYR C 367 68.61 -18.12 -37.81
CA TYR C 367 67.49 -18.90 -38.32
C TYR C 367 66.42 -18.98 -37.24
N ASN C 368 65.16 -18.86 -37.66
CA ASN C 368 64.02 -18.95 -36.76
C ASN C 368 62.94 -19.81 -37.40
N ARG C 369 62.27 -20.62 -36.58
CA ARG C 369 61.15 -21.44 -37.03
C ARG C 369 59.97 -21.26 -36.08
N TYR C 370 58.78 -21.09 -36.66
CA TYR C 370 57.54 -20.97 -35.91
C TYR C 370 56.55 -21.98 -36.48
N THR C 371 55.90 -22.74 -35.60
CA THR C 371 55.02 -23.82 -36.06
C THR C 371 53.83 -23.96 -35.13
N THR C 372 52.63 -23.98 -35.72
CA THR C 372 51.40 -24.30 -35.02
C THR C 372 50.75 -25.53 -35.67
N TYR C 373 49.78 -26.10 -34.96
CA TYR C 373 49.01 -27.24 -35.44
C TYR C 373 47.53 -26.93 -35.25
N THR C 374 46.73 -27.18 -36.29
CA THR C 374 45.29 -26.93 -36.24
C THR C 374 44.53 -28.21 -36.56
N PRO C 375 43.71 -28.73 -35.64
CA PRO C 375 42.85 -29.87 -35.98
C PRO C 375 41.94 -29.53 -37.15
N THR C 376 41.86 -30.45 -38.09
CA THR C 376 41.18 -30.21 -39.36
C THR C 376 40.14 -31.28 -39.63
N LEU C 377 39.00 -30.86 -40.17
CA LEU C 377 37.95 -31.79 -40.56
C LEU C 377 38.31 -32.49 -41.87
N ALA C 378 38.06 -33.79 -41.92
CA ALA C 378 38.21 -34.54 -43.16
C ALA C 378 37.00 -34.31 -44.06
N SER C 379 37.25 -34.24 -45.35
CA SER C 379 36.17 -33.99 -46.31
C SER C 379 35.31 -35.24 -46.48
N GLY C 380 34.00 -35.03 -46.49
CA GLY C 380 33.08 -36.13 -46.75
C GLY C 380 32.96 -37.17 -45.67
N SER C 381 33.25 -36.80 -44.42
CA SER C 381 33.14 -37.71 -43.28
C SER C 381 32.14 -37.11 -42.29
N SER C 382 30.92 -37.66 -42.29
CA SER C 382 29.83 -37.17 -41.46
C SER C 382 29.36 -38.27 -40.50
N ILE C 383 28.37 -37.93 -39.68
CA ILE C 383 27.86 -38.87 -38.69
C ILE C 383 27.10 -39.99 -39.39
N ASP C 384 27.07 -41.15 -38.73
CA ASP C 384 26.30 -42.29 -39.22
C ASP C 384 24.81 -42.03 -38.96
N GLY C 385 24.04 -41.81 -40.03
CA GLY C 385 22.62 -41.58 -39.89
C GLY C 385 21.83 -42.81 -39.50
N THR C 386 22.42 -43.99 -39.59
CA THR C 386 21.75 -45.23 -39.24
C THR C 386 21.94 -45.63 -37.78
N GLN C 387 22.49 -44.75 -36.96
CA GLN C 387 22.70 -45.07 -35.55
C GLN C 387 21.38 -45.39 -34.88
N ALA C 388 21.29 -46.59 -34.30
CA ALA C 388 20.05 -47.09 -33.76
C ALA C 388 19.85 -46.66 -32.32
N VAL C 389 18.62 -46.26 -32.00
CA VAL C 389 18.19 -46.15 -30.60
C VAL C 389 17.89 -47.58 -30.15
N GLN C 390 18.84 -48.18 -29.42
CA GLN C 390 18.80 -49.62 -29.16
C GLN C 390 17.75 -50.00 -28.14
N ASN C 391 17.50 -49.15 -27.14
CA ASN C 391 16.53 -49.49 -26.12
C ASN C 391 16.07 -48.21 -25.42
N ILE C 392 14.79 -48.17 -25.08
CA ILE C 392 14.22 -47.11 -24.26
C ILE C 392 13.13 -47.71 -23.38
N GLU C 393 13.17 -47.42 -22.08
CA GLU C 393 12.26 -48.03 -21.14
C GLU C 393 11.96 -47.07 -19.99
N LEU C 394 10.69 -47.03 -19.59
CA LEU C 394 10.24 -46.16 -18.52
C LEU C 394 10.26 -46.93 -17.20
N TYR C 395 11.00 -46.39 -16.23
CA TYR C 395 11.04 -46.94 -14.88
C TYR C 395 10.09 -46.13 -14.01
N ILE C 396 9.16 -46.81 -13.35
CA ILE C 396 8.15 -46.17 -12.51
C ILE C 396 8.25 -46.76 -11.11
N ASN C 397 8.37 -45.88 -10.12
CA ASN C 397 8.36 -46.30 -8.73
C ASN C 397 6.92 -46.47 -8.26
N ASN C 398 6.55 -47.68 -7.87
CA ASN C 398 5.20 -48.00 -7.44
C ASN C 398 5.17 -48.22 -5.94
N ILE C 399 4.30 -47.48 -5.25
CA ILE C 399 4.21 -47.52 -3.80
C ILE C 399 2.96 -48.30 -3.40
N PHE C 400 3.11 -49.17 -2.41
CA PHE C 400 2.02 -50.00 -1.92
C PHE C 400 1.74 -49.68 -0.45
N VAL C 401 0.46 -49.66 -0.09
CA VAL C 401 0.03 -49.40 1.28
C VAL C 401 -1.01 -50.44 1.66
N THR C 402 -1.35 -50.45 2.95
CA THR C 402 -2.36 -51.39 3.45
C THR C 402 -3.74 -51.00 2.91
N PRO C 403 -4.65 -51.97 2.78
CA PRO C 403 -5.99 -51.65 2.25
C PRO C 403 -6.75 -50.65 3.10
N GLU C 404 -6.60 -50.71 4.42
CA GLU C 404 -7.36 -49.82 5.29
C GLU C 404 -6.97 -48.36 5.09
N ILE C 405 -5.67 -48.08 5.05
CA ILE C 405 -5.20 -46.71 4.89
C ILE C 405 -5.55 -46.17 3.51
N HIS C 406 -5.46 -47.02 2.49
CA HIS C 406 -5.77 -46.60 1.13
C HIS C 406 -7.21 -46.10 1.03
N ASP C 407 -8.16 -46.87 1.58
CA ASP C 407 -9.55 -46.47 1.53
C ASP C 407 -9.79 -45.17 2.30
N ILE C 408 -9.12 -45.02 3.44
CA ILE C 408 -9.21 -43.78 4.20
C ILE C 408 -8.62 -42.62 3.42
N TYR C 409 -7.51 -42.86 2.72
CA TYR C 409 -6.80 -41.77 2.05
C TYR C 409 -7.62 -41.21 0.88
N ILE C 410 -8.27 -42.08 0.10
CA ILE C 410 -9.03 -41.61 -1.05
C ILE C 410 -10.23 -40.78 -0.59
N LYS C 411 -10.90 -41.22 0.47
CA LYS C 411 -12.12 -40.55 0.92
C LYS C 411 -11.85 -39.28 1.70
N ARG C 412 -10.61 -39.02 2.11
CA ARG C 412 -10.32 -37.91 3.01
C ARG C 412 -9.28 -36.93 2.50
N ILE C 413 -8.64 -37.20 1.37
CA ILE C 413 -7.58 -36.31 0.90
C ILE C 413 -8.14 -35.10 0.12
N GLY C 414 -9.26 -35.27 -0.58
CA GLY C 414 -9.87 -34.16 -1.29
C GLY C 414 -9.11 -33.75 -2.53
N PHE C 415 -7.90 -33.19 -2.34
CA PHE C 415 -7.10 -32.71 -3.45
C PHE C 415 -5.63 -32.76 -3.06
N THR C 416 -4.77 -32.48 -4.04
CA THR C 416 -3.35 -32.33 -3.82
C THR C 416 -2.87 -31.06 -4.51
N LEU C 417 -1.92 -30.38 -3.88
CA LEU C 417 -1.29 -29.21 -4.49
C LEU C 417 -0.16 -29.68 -5.40
N ILE C 418 -0.14 -29.16 -6.62
CA ILE C 418 0.83 -29.59 -7.62
C ILE C 418 1.54 -28.37 -8.19
N ARG C 419 2.66 -28.64 -8.85
CA ARG C 419 3.41 -27.62 -9.59
C ARG C 419 3.54 -28.05 -11.04
N VAL C 420 3.41 -27.08 -11.95
CA VAL C 420 3.46 -27.33 -13.38
C VAL C 420 4.37 -26.31 -14.04
N TYR C 421 4.79 -26.63 -15.26
CA TYR C 421 5.59 -25.74 -16.08
C TYR C 421 4.71 -24.95 -17.03
N ARG C 422 5.11 -23.70 -17.28
CA ARG C 422 4.45 -22.86 -18.28
C ARG C 422 5.55 -22.13 -19.05
N GLU C 423 5.64 -22.40 -20.35
CA GLU C 423 6.76 -21.96 -21.17
C GLU C 423 6.32 -20.90 -22.17
N GLN C 424 7.19 -19.91 -22.39
CA GLN C 424 7.03 -18.96 -23.47
C GLN C 424 8.41 -18.59 -24.02
N VAL C 425 8.53 -18.59 -25.34
CA VAL C 425 9.75 -18.19 -26.03
C VAL C 425 9.38 -17.13 -27.05
N GLN C 426 10.02 -15.97 -26.96
CA GLN C 426 9.73 -14.84 -27.84
C GLN C 426 11.01 -14.43 -28.55
N ARG C 427 10.99 -14.49 -29.89
CA ARG C 427 12.14 -14.09 -30.68
C ARG C 427 12.29 -12.57 -30.67
N GLU C 428 13.51 -12.10 -30.45
CA GLU C 428 13.77 -10.68 -30.30
C GLU C 428 14.92 -10.23 -31.20
N VAL C 429 14.76 -9.05 -31.79
CA VAL C 429 15.84 -8.33 -32.45
C VAL C 429 16.03 -6.94 -31.84
N ASN C 430 15.36 -6.66 -30.73
CA ASN C 430 15.38 -5.35 -30.10
C ASN C 430 16.39 -5.34 -28.96
N ALA C 431 17.09 -4.21 -28.81
CA ALA C 431 17.96 -4.03 -27.65
C ALA C 431 17.16 -3.86 -26.38
N ALA C 432 15.93 -3.36 -26.48
CA ALA C 432 15.05 -3.20 -25.33
C ALA C 432 13.62 -3.45 -25.79
N ASP C 433 12.87 -4.20 -24.99
CA ASP C 433 11.49 -4.49 -25.34
C ASP C 433 10.75 -4.95 -24.08
N GLN C 434 9.42 -4.82 -24.15
CA GLN C 434 8.52 -5.21 -23.07
C GLN C 434 7.63 -6.32 -23.61
N VAL C 435 7.80 -7.53 -23.08
CA VAL C 435 7.24 -8.73 -23.69
C VAL C 435 6.10 -9.23 -22.81
N LEU C 436 4.87 -9.16 -23.33
CA LEU C 436 3.73 -9.72 -22.64
C LEU C 436 3.83 -11.24 -22.59
N GLN C 437 3.69 -11.79 -21.39
CA GLN C 437 3.86 -13.23 -21.15
C GLN C 437 2.48 -13.88 -21.21
N SER C 438 2.11 -14.35 -22.40
CA SER C 438 0.75 -14.80 -22.68
C SER C 438 0.50 -16.26 -22.32
N GLN C 439 1.54 -17.04 -22.00
CA GLN C 439 1.36 -18.41 -21.52
C GLN C 439 1.40 -18.49 -20.00
N LEU C 440 1.57 -17.37 -19.32
CA LEU C 440 1.59 -17.31 -17.87
C LEU C 440 0.16 -17.10 -17.38
N LYS C 441 -0.39 -18.08 -16.65
CA LYS C 441 -1.81 -17.99 -16.32
C LYS C 441 -2.23 -18.75 -15.07
N TRP C 442 -1.31 -18.97 -14.13
CA TRP C 442 -1.67 -19.57 -12.86
C TRP C 442 -0.86 -18.90 -11.75
N PRO C 443 -1.11 -19.21 -10.46
CA PRO C 443 -0.21 -18.69 -9.41
C PRO C 443 1.23 -19.11 -9.64
N VAL C 444 2.08 -18.14 -9.97
CA VAL C 444 3.46 -18.41 -10.36
C VAL C 444 4.36 -18.23 -9.15
N GLU C 445 5.10 -19.28 -8.80
CA GLU C 445 6.07 -19.18 -7.71
C GLU C 445 7.32 -18.43 -8.15
N PHE C 446 7.84 -18.72 -9.34
CA PHE C 446 9.03 -18.06 -9.86
C PHE C 446 9.11 -18.31 -11.36
N ILE C 447 10.01 -17.58 -12.01
CA ILE C 447 10.21 -17.68 -13.46
C ILE C 447 11.70 -17.77 -13.73
N TYR C 448 12.11 -18.81 -14.46
CA TYR C 448 13.43 -18.84 -15.06
C TYR C 448 13.43 -17.93 -16.28
N LEU C 449 14.48 -17.12 -16.43
CA LEU C 449 14.55 -16.14 -17.51
C LEU C 449 15.91 -16.19 -18.18
N GLY C 450 15.91 -16.08 -19.51
CA GLY C 450 17.14 -16.03 -20.27
C GLY C 450 16.91 -15.44 -21.64
N LEU C 451 18.02 -15.01 -22.26
CA LEU C 451 18.01 -14.41 -23.60
C LEU C 451 19.10 -15.12 -24.41
N ARG C 452 18.74 -16.27 -24.98
CA ARG C 452 19.71 -17.11 -25.67
C ARG C 452 19.87 -16.66 -27.11
N PRO C 453 21.08 -16.36 -27.58
CA PRO C 453 21.26 -15.99 -28.99
C PRO C 453 20.87 -17.14 -29.91
N ALA C 454 20.28 -16.78 -31.05
CA ALA C 454 19.84 -17.79 -32.01
C ALA C 454 21.01 -18.61 -32.54
N ASN C 455 22.20 -18.03 -32.58
CA ASN C 455 23.37 -18.73 -33.10
C ASN C 455 23.77 -19.92 -32.24
N ASN C 456 23.42 -19.92 -30.95
CA ASN C 456 23.77 -21.03 -30.07
C ASN C 456 23.18 -22.35 -30.52
N ILE C 457 22.07 -22.33 -31.26
CA ILE C 457 21.41 -23.53 -31.74
C ILE C 457 21.44 -23.63 -33.26
N ALA C 458 22.31 -22.86 -33.90
CA ALA C 458 22.39 -22.84 -35.36
C ALA C 458 23.32 -23.95 -35.85
N ALA C 459 22.88 -24.63 -36.91
CA ALA C 459 23.71 -25.65 -37.53
C ALA C 459 25.01 -25.10 -38.08
N GLY C 460 25.04 -23.80 -38.39
CA GLY C 460 26.27 -23.15 -38.84
C GLY C 460 27.27 -22.84 -37.76
N ASN C 461 26.87 -22.95 -36.49
CA ASN C 461 27.76 -22.72 -35.36
C ASN C 461 28.50 -24.01 -35.08
N THR C 462 29.81 -24.03 -35.35
CA THR C 462 30.63 -25.21 -35.11
C THR C 462 30.76 -25.55 -33.62
N TYR C 463 30.26 -24.69 -32.74
CA TYR C 463 30.25 -24.95 -31.30
C TYR C 463 28.83 -25.12 -30.77
N GLN C 464 27.88 -25.52 -31.63
CA GLN C 464 26.52 -25.75 -31.16
C GLN C 464 26.45 -26.90 -30.17
N TRP C 465 27.29 -27.93 -30.35
CA TRP C 465 27.33 -29.05 -29.41
C TRP C 465 27.57 -28.58 -27.98
N ARG C 466 28.20 -27.42 -27.82
CA ARG C 466 28.49 -26.85 -26.51
C ARG C 466 27.60 -25.65 -26.17
N ASP C 467 27.36 -24.77 -27.14
CA ASP C 467 26.67 -23.51 -26.87
C ASP C 467 25.15 -23.67 -26.72
N TRP C 468 24.58 -24.82 -27.09
CA TRP C 468 23.13 -24.92 -27.23
C TRP C 468 22.41 -24.61 -25.93
N HIS C 469 22.98 -25.00 -24.79
CA HIS C 469 22.33 -24.79 -23.50
C HIS C 469 22.79 -23.51 -22.82
N HIS C 470 23.76 -22.80 -23.37
CA HIS C 470 24.19 -21.53 -22.81
C HIS C 470 23.18 -20.44 -23.13
N LEU C 471 23.01 -19.52 -22.17
CA LEU C 471 22.08 -18.41 -22.33
C LEU C 471 22.80 -17.10 -22.62
N THR C 472 24.02 -17.17 -23.14
CA THR C 472 24.80 -15.99 -23.50
C THR C 472 25.43 -16.20 -24.86
N SER C 473 26.06 -15.14 -25.36
CA SER C 473 26.88 -15.23 -26.57
C SER C 473 28.27 -15.67 -26.17
N VAL C 474 28.71 -16.82 -26.67
CA VAL C 474 29.99 -17.42 -26.31
C VAL C 474 30.94 -17.28 -27.47
N THR C 475 32.05 -16.59 -27.24
CA THR C 475 33.17 -16.55 -28.18
C THR C 475 34.32 -17.37 -27.62
N ASN C 476 35.22 -17.77 -28.51
CA ASN C 476 36.26 -18.73 -28.19
C ASN C 476 37.62 -18.03 -28.24
N GLU C 477 38.26 -17.90 -27.07
CA GLU C 477 39.56 -17.26 -26.97
C GLU C 477 40.64 -18.32 -26.85
N PRO C 478 41.61 -18.37 -27.77
CA PRO C 478 42.64 -19.39 -27.68
C PRO C 478 43.68 -19.07 -26.62
N VAL C 479 44.15 -20.12 -25.95
CA VAL C 479 45.27 -20.06 -25.02
C VAL C 479 46.36 -20.99 -25.54
N TYR C 480 47.57 -20.46 -25.73
CA TYR C 480 48.65 -21.19 -26.37
C TYR C 480 49.69 -21.64 -25.33
N ASP C 481 50.13 -22.89 -25.48
CA ASP C 481 51.32 -23.40 -24.80
C ASP C 481 52.41 -23.53 -25.86
N VAL C 482 53.46 -22.71 -25.75
CA VAL C 482 54.48 -22.60 -26.77
C VAL C 482 55.81 -23.07 -26.20
N SER C 483 56.47 -23.95 -26.94
CA SER C 483 57.81 -24.44 -26.56
C SER C 483 58.85 -23.61 -27.28
N GLN C 484 59.67 -22.89 -26.52
CA GLN C 484 60.76 -22.10 -27.07
C GLN C 484 62.06 -22.88 -26.97
N SER C 485 62.87 -22.80 -28.03
CA SER C 485 64.18 -23.43 -28.07
C SER C 485 65.21 -22.46 -28.61
N TYR C 486 66.46 -22.66 -28.20
CA TYR C 486 67.58 -21.86 -28.68
C TYR C 486 68.77 -22.77 -28.91
N ALA C 487 69.60 -22.40 -29.87
CA ALA C 487 70.80 -23.17 -30.18
C ALA C 487 71.82 -22.26 -30.85
N ARG C 488 73.09 -22.41 -30.44
CA ARG C 488 74.21 -21.74 -31.07
C ARG C 488 75.25 -22.79 -31.44
N VAL C 489 75.87 -22.63 -32.60
CA VAL C 489 76.87 -23.57 -33.11
C VAL C 489 77.96 -22.79 -33.82
N SER C 490 79.22 -23.12 -33.53
CA SER C 490 80.36 -22.57 -34.24
C SER C 490 80.75 -23.50 -35.39
N ILE C 491 80.86 -22.95 -36.59
CA ILE C 491 81.16 -23.74 -37.78
C ILE C 491 82.63 -23.67 -38.18
N ASP C 492 83.46 -22.95 -37.41
CA ASP C 492 84.88 -22.79 -37.73
C ASP C 492 85.66 -23.02 -36.44
N ASP C 493 86.28 -24.19 -36.31
CA ASP C 493 87.00 -24.56 -35.10
C ASP C 493 88.29 -23.78 -34.90
N THR C 494 88.62 -22.82 -35.77
CA THR C 494 89.84 -22.04 -35.64
C THR C 494 89.59 -20.58 -35.33
N VAL C 495 88.33 -20.14 -35.29
CA VAL C 495 87.98 -18.75 -35.01
C VAL C 495 87.13 -18.70 -33.75
N ALA C 496 87.44 -17.76 -32.88
CA ALA C 496 86.70 -17.61 -31.62
C ALA C 496 85.23 -17.35 -31.91
N PRO C 497 84.31 -18.08 -31.28
CA PRO C 497 82.88 -17.87 -31.58
C PRO C 497 82.35 -16.53 -31.12
N VAL C 498 82.75 -16.08 -29.92
CA VAL C 498 82.18 -14.86 -29.34
C VAL C 498 82.45 -13.68 -30.26
N GLY C 499 81.39 -13.08 -30.78
CA GLY C 499 81.51 -11.91 -31.63
C GLY C 499 81.80 -12.20 -33.08
N SER C 500 81.59 -13.42 -33.55
CA SER C 500 81.87 -13.80 -34.92
C SER C 500 80.61 -14.33 -35.60
N THR C 501 80.53 -14.13 -36.91
CA THR C 501 79.43 -14.66 -37.70
C THR C 501 79.53 -16.16 -37.95
N THR C 502 80.63 -16.79 -37.54
CA THR C 502 80.71 -18.25 -37.52
C THR C 502 80.01 -18.84 -36.31
N PHE C 503 79.50 -18.00 -35.41
CA PHE C 503 78.77 -18.42 -34.21
C PHE C 503 77.29 -18.28 -34.54
N LYS C 504 76.72 -19.34 -35.13
CA LYS C 504 75.38 -19.27 -35.69
C LYS C 504 74.31 -19.22 -34.61
N GLN C 505 73.12 -18.74 -35.01
CA GLN C 505 71.97 -18.63 -34.13
C GLN C 505 70.80 -19.40 -34.70
N SER C 506 70.08 -20.10 -33.84
CA SER C 506 68.88 -20.85 -34.24
C SER C 506 67.90 -20.85 -33.08
N ALA C 507 66.62 -20.70 -33.41
CA ALA C 507 65.57 -20.69 -32.40
C ALA C 507 64.30 -21.28 -33.00
N SER C 508 63.40 -21.72 -32.14
CA SER C 508 62.16 -22.34 -32.60
C SER C 508 61.05 -22.13 -31.58
N GLN C 509 59.85 -21.85 -32.09
CA GLN C 509 58.62 -21.78 -31.30
C GLN C 509 57.64 -22.79 -31.88
N VAL C 510 57.34 -23.83 -31.11
CA VAL C 510 56.45 -24.90 -31.56
C VAL C 510 55.24 -24.95 -30.63
N MET C 511 54.06 -25.06 -31.21
CA MET C 511 52.83 -25.15 -30.43
C MET C 511 52.78 -26.48 -29.69
N GLN C 512 52.75 -26.41 -28.36
CA GLN C 512 52.68 -27.61 -27.53
C GLN C 512 51.25 -28.09 -27.34
N ASN C 513 50.32 -27.17 -27.15
CA ASN C 513 48.90 -27.46 -26.99
C ASN C 513 48.15 -26.13 -27.11
N GLN C 514 46.83 -26.22 -27.27
CA GLN C 514 46.00 -25.03 -27.37
C GLN C 514 44.67 -25.28 -26.67
N TYR C 515 44.34 -24.39 -25.74
CA TYR C 515 43.06 -24.43 -25.04
C TYR C 515 42.10 -23.42 -25.64
N ILE C 516 40.80 -23.66 -25.42
CA ILE C 516 39.75 -22.77 -25.88
C ILE C 516 39.00 -22.27 -24.64
N VAL C 517 39.11 -20.97 -24.37
CA VAL C 517 38.41 -20.35 -23.25
C VAL C 517 37.04 -19.90 -23.74
N PRO C 518 35.94 -20.48 -23.23
CA PRO C 518 34.60 -20.00 -23.61
C PRO C 518 34.27 -18.71 -22.88
N VAL C 519 34.28 -17.61 -23.62
CA VAL C 519 34.09 -16.28 -23.06
C VAL C 519 32.64 -15.87 -23.26
N GLU C 520 31.92 -15.65 -22.15
CA GLU C 520 30.52 -15.29 -22.19
C GLU C 520 30.35 -13.78 -22.24
N THR C 521 29.56 -13.30 -23.20
CA THR C 521 29.12 -11.92 -23.27
C THR C 521 27.63 -11.91 -22.96
N GLU C 522 27.25 -11.30 -21.84
CA GLU C 522 25.87 -11.34 -21.38
C GLU C 522 24.96 -10.61 -22.38
N THR C 523 23.73 -11.11 -22.48
CA THR C 523 22.75 -10.55 -23.39
C THR C 523 21.70 -9.69 -22.68
N LEU C 524 21.59 -9.78 -21.37
CA LEU C 524 20.62 -9.00 -20.59
C LEU C 524 21.38 -8.00 -19.73
N ASP C 525 21.04 -6.72 -19.88
CA ASP C 525 21.59 -5.69 -19.00
C ASP C 525 20.71 -5.45 -17.79
N THR C 526 19.43 -5.19 -18.01
CA THR C 526 18.49 -4.96 -16.93
C THR C 526 17.20 -5.73 -17.21
N VAL C 527 16.47 -6.05 -16.13
CA VAL C 527 15.19 -6.75 -16.21
C VAL C 527 14.18 -6.03 -15.33
N ARG C 528 12.95 -5.94 -15.82
CA ARG C 528 11.85 -5.30 -15.09
C ARG C 528 10.61 -6.16 -15.22
N VAL C 529 9.89 -6.34 -14.11
CA VAL C 529 8.68 -7.15 -14.07
C VAL C 529 7.51 -6.25 -13.70
N LYS C 530 6.55 -6.13 -14.61
CA LYS C 530 5.44 -5.18 -14.49
C LYS C 530 4.13 -5.90 -14.74
N ALA C 531 3.14 -5.60 -13.90
CA ALA C 531 1.81 -6.21 -14.01
C ALA C 531 0.76 -5.13 -13.84
N HIS C 532 0.02 -4.84 -14.90
CA HIS C 532 -0.99 -3.77 -14.94
C HIS C 532 -0.40 -2.43 -14.52
N GLY C 533 0.63 -2.02 -15.26
CA GLY C 533 1.28 -0.74 -15.01
C GLY C 533 1.75 -0.57 -13.59
N ILE C 534 2.12 -1.68 -12.95
CA ILE C 534 2.59 -1.68 -11.56
C ILE C 534 3.83 -2.56 -11.47
N GLU C 535 4.90 -2.00 -10.92
CA GLU C 535 6.17 -2.72 -10.82
C GLU C 535 6.07 -3.82 -9.78
N LEU C 536 6.29 -5.07 -10.21
CA LEU C 536 6.60 -6.16 -9.29
C LEU C 536 8.09 -6.20 -9.00
N TYR C 537 8.91 -5.93 -10.01
CA TYR C 537 10.35 -5.75 -9.87
C TYR C 537 10.74 -4.51 -10.66
N ALA C 538 11.39 -3.56 -10.00
CA ALA C 538 11.88 -2.39 -10.71
C ALA C 538 13.01 -2.78 -11.66
N GLN C 539 13.44 -1.82 -12.48
CA GLN C 539 14.49 -2.08 -13.46
C GLN C 539 15.82 -2.25 -12.74
N TYR C 540 16.25 -3.49 -12.58
CA TYR C 540 17.49 -3.82 -11.89
C TYR C 540 18.45 -4.51 -12.86
N ARG C 541 19.74 -4.41 -12.53
CA ARG C 541 20.76 -5.09 -13.33
C ARG C 541 20.51 -6.60 -13.32
N ALA C 542 20.80 -7.24 -14.46
CA ALA C 542 20.60 -8.68 -14.56
C ALA C 542 21.38 -9.44 -13.48
N GLN C 543 22.48 -8.86 -13.01
CA GLN C 543 23.27 -9.50 -11.96
C GLN C 543 22.51 -9.59 -10.64
N PHE C 544 21.46 -8.79 -10.45
CA PHE C 544 20.63 -8.92 -9.26
C PHE C 544 19.83 -10.22 -9.29
N TYR C 545 19.34 -10.62 -10.47
CA TYR C 545 18.53 -11.81 -10.59
C TYR C 545 19.36 -13.09 -10.75
N ARG C 546 20.56 -12.97 -11.31
CA ARG C 546 21.40 -14.14 -11.52
C ARG C 546 22.18 -14.52 -10.27
N ASP C 547 22.72 -13.52 -9.57
CA ASP C 547 23.61 -13.74 -8.43
C ASP C 547 22.90 -13.60 -7.08
N TYR C 548 22.19 -12.49 -6.85
CA TYR C 548 21.73 -12.21 -5.50
C TYR C 548 20.51 -13.05 -5.13
N ILE C 549 19.49 -13.09 -5.98
CA ILE C 549 18.29 -13.87 -5.65
C ILE C 549 18.59 -15.35 -5.45
N PRO C 550 19.31 -16.03 -6.35
CA PRO C 550 19.65 -17.43 -6.06
C PRO C 550 20.62 -17.60 -4.90
N TRP C 551 21.38 -16.55 -4.54
CA TRP C 551 22.24 -16.65 -3.36
C TRP C 551 21.44 -16.58 -2.08
N ASN C 552 20.47 -15.66 -2.01
CA ASN C 552 19.78 -15.40 -0.76
C ASN C 552 18.68 -16.43 -0.47
N TYR C 553 17.97 -16.85 -1.50
CA TYR C 553 16.81 -17.73 -1.33
C TYR C 553 17.15 -19.17 -1.65
N GLY C 554 16.28 -20.08 -1.18
CA GLY C 554 16.24 -21.44 -1.67
C GLY C 554 17.05 -22.45 -0.87
N SER C 555 18.03 -22.01 -0.10
CA SER C 555 18.91 -22.92 0.64
C SER C 555 19.54 -23.93 -0.33
N PHE C 556 19.61 -25.20 0.07
CA PHE C 556 20.20 -26.22 -0.78
C PHE C 556 19.33 -26.60 -1.96
N ASN C 557 18.13 -26.03 -2.08
CA ASN C 557 17.28 -26.28 -3.23
C ASN C 557 17.59 -25.36 -4.39
N LEU C 558 18.32 -24.27 -4.16
CA LEU C 558 18.59 -23.26 -5.16
C LEU C 558 20.09 -23.09 -5.30
N VAL C 559 20.60 -23.38 -6.50
CA VAL C 559 22.03 -23.29 -6.81
C VAL C 559 22.29 -21.99 -7.55
N THR C 560 23.30 -21.25 -7.10
CA THR C 560 23.74 -20.08 -7.84
C THR C 560 24.25 -20.51 -9.20
N PRO C 561 23.65 -20.07 -10.29
CA PRO C 561 23.96 -20.65 -11.61
C PRO C 561 25.35 -20.28 -12.09
N GLN C 562 25.98 -21.22 -12.79
CA GLN C 562 27.25 -20.95 -13.44
C GLN C 562 27.06 -20.07 -14.66
N ASP C 563 26.08 -20.40 -15.49
CA ASP C 563 25.75 -19.60 -16.67
C ASP C 563 25.52 -18.15 -16.29
N LYS C 564 26.27 -17.26 -16.93
CA LYS C 564 26.13 -15.82 -16.69
C LYS C 564 24.82 -15.26 -17.23
N GLY C 565 23.98 -16.07 -17.88
CA GLY C 565 22.75 -15.56 -18.44
C GLY C 565 21.49 -16.13 -17.82
N ALA C 566 21.64 -16.95 -16.78
CA ALA C 566 20.50 -17.60 -16.14
C ALA C 566 19.99 -16.70 -15.00
N LEU C 567 18.74 -16.27 -15.11
CA LEU C 567 18.15 -15.35 -14.15
C LEU C 567 16.93 -16.00 -13.48
N PHE C 568 16.67 -15.58 -12.24
CA PHE C 568 15.65 -16.19 -11.39
C PHE C 568 14.73 -15.08 -10.87
N LEU C 569 13.54 -14.98 -11.44
CA LEU C 569 12.53 -14.03 -10.99
C LEU C 569 11.71 -14.72 -9.89
N ASN C 570 11.96 -14.35 -8.64
CA ASN C 570 11.40 -15.04 -7.50
C ASN C 570 10.22 -14.28 -6.92
N PHE C 571 9.19 -15.04 -6.48
CA PHE C 571 8.01 -14.46 -5.87
C PHE C 571 7.61 -15.16 -4.57
N CYS C 572 8.41 -16.11 -4.10
CA CYS C 572 8.12 -16.84 -2.87
C CYS C 572 9.33 -16.79 -1.95
N LEU C 573 9.12 -17.20 -0.71
CA LEU C 573 10.17 -17.14 0.31
C LEU C 573 11.02 -18.41 0.34
N TYR C 574 10.49 -19.54 -0.12
CA TYR C 574 11.19 -20.82 -0.04
C TYR C 574 11.02 -21.55 -1.36
N PRO C 575 11.80 -21.16 -2.38
CA PRO C 575 11.54 -21.67 -3.74
C PRO C 575 11.58 -23.18 -3.90
N GLY C 576 12.28 -23.90 -3.03
CA GLY C 576 12.40 -25.34 -3.21
C GLY C 576 11.37 -26.17 -2.46
N THR C 577 10.73 -25.56 -1.46
CA THR C 577 9.89 -26.32 -0.55
C THR C 577 8.49 -26.53 -1.12
N TYR C 578 7.77 -27.49 -0.53
CA TYR C 578 6.43 -27.81 -0.97
C TYR C 578 5.40 -26.82 -0.41
N GLN C 579 5.58 -26.41 0.84
CA GLN C 579 4.67 -25.47 1.48
C GLN C 579 4.63 -24.17 0.69
N PRO C 580 3.47 -23.71 0.25
CA PRO C 580 3.40 -22.46 -0.50
C PRO C 580 3.88 -21.28 0.35
N SER C 581 4.60 -20.36 -0.29
CA SER C 581 5.17 -19.22 0.44
C SER C 581 5.19 -17.96 -0.41
N GLY C 582 4.22 -17.77 -1.28
CA GLY C 582 4.14 -16.58 -2.11
C GLY C 582 3.97 -16.91 -3.57
N HIS C 583 3.25 -16.05 -4.28
CA HIS C 583 2.96 -16.27 -5.70
C HIS C 583 2.42 -14.98 -6.30
N VAL C 584 2.33 -14.97 -7.63
CA VAL C 584 1.66 -13.92 -8.39
C VAL C 584 0.53 -14.58 -9.16
N ASN C 585 -0.70 -14.20 -8.85
CA ASN C 585 -1.86 -14.83 -9.44
C ASN C 585 -2.26 -14.12 -10.72
N ILE C 586 -2.79 -14.91 -11.65
CA ILE C 586 -3.23 -14.47 -12.96
C ILE C 586 -4.63 -15.05 -13.26
N SER C 587 -5.69 -14.42 -12.76
CA SER C 587 -5.56 -13.22 -11.95
C SER C 587 -5.34 -11.99 -12.82
N ARG C 588 -5.26 -10.84 -12.18
CA ARG C 588 -5.05 -9.58 -12.89
C ARG C 588 -3.70 -9.58 -13.61
N ALA C 589 -3.08 -10.74 -13.69
CA ALA C 589 -1.79 -10.88 -14.36
C ALA C 589 -1.94 -10.90 -15.87
N ARG C 590 -3.14 -10.57 -16.35
CA ARG C 590 -3.42 -10.55 -17.78
C ARG C 590 -2.30 -9.87 -18.55
N GLU C 591 -1.95 -8.66 -18.12
CA GLU C 591 -0.90 -7.89 -18.76
C GLU C 591 0.41 -8.01 -17.97
N PHE C 592 0.93 -9.24 -17.95
CA PHE C 592 2.18 -9.55 -17.28
C PHE C 592 3.32 -9.30 -18.25
N TYR C 593 4.24 -8.39 -17.88
CA TYR C 593 5.31 -7.98 -18.77
C TYR C 593 6.66 -8.23 -18.13
N ILE C 594 7.58 -8.78 -18.92
CA ILE C 594 8.99 -8.85 -18.59
C ILE C 594 9.72 -7.91 -19.55
N GLU C 595 10.33 -6.87 -19.01
CA GLU C 595 11.02 -5.86 -19.79
C GLU C 595 12.52 -6.04 -19.63
N TYR C 596 13.25 -6.05 -20.75
CA TYR C 596 14.68 -6.27 -20.73
C TYR C 596 15.40 -5.12 -21.42
N THR C 597 16.70 -5.04 -21.15
CA THR C 597 17.63 -4.18 -21.89
C THR C 597 18.80 -5.05 -22.33
N SER C 598 19.28 -4.84 -23.55
CA SER C 598 20.34 -5.66 -24.11
C SER C 598 21.38 -4.77 -24.78
N SER C 599 22.64 -5.09 -24.52
CA SER C 599 23.76 -4.54 -25.29
C SER C 599 24.18 -5.45 -26.43
N PHE C 600 23.56 -6.63 -26.54
CA PHE C 600 23.91 -7.61 -27.56
C PHE C 600 22.84 -7.77 -28.63
N CYS C 601 21.57 -7.86 -28.23
CA CYS C 601 20.51 -8.19 -29.17
C CYS C 601 20.25 -7.03 -30.12
N ASP C 602 20.36 -7.30 -31.41
CA ASP C 602 20.00 -6.34 -32.45
C ASP C 602 19.56 -7.13 -33.69
N SER C 603 19.44 -6.43 -34.82
CA SER C 603 19.05 -7.10 -36.05
C SER C 603 20.09 -8.11 -36.51
N SER C 604 21.36 -7.89 -36.16
CA SER C 604 22.44 -8.79 -36.53
C SER C 604 22.63 -9.94 -35.56
N ASN C 605 22.02 -9.88 -34.37
CA ASN C 605 22.17 -10.91 -33.35
C ASN C 605 20.82 -11.17 -32.69
N PRO C 606 19.92 -11.85 -33.40
CA PRO C 606 18.63 -12.18 -32.81
C PRO C 606 18.76 -13.18 -31.69
N CYS C 607 17.89 -13.05 -30.69
CA CYS C 607 17.90 -13.91 -29.51
C CYS C 607 16.48 -14.34 -29.19
N ASP C 608 16.39 -15.37 -28.36
CA ASP C 608 15.12 -15.89 -27.86
C ASP C 608 15.00 -15.56 -26.38
N LEU C 609 14.04 -14.71 -26.03
CA LEU C 609 13.74 -14.43 -24.63
C LEU C 609 12.97 -15.62 -24.07
N ILE C 610 13.63 -16.41 -23.23
CA ILE C 610 13.07 -17.64 -22.69
C ILE C 610 12.61 -17.36 -21.27
N SER C 611 11.32 -17.62 -21.00
CA SER C 611 10.75 -17.47 -19.66
C SER C 611 9.96 -18.72 -19.33
N ILE C 612 10.40 -19.44 -18.30
CA ILE C 612 9.77 -20.67 -17.85
C ILE C 612 9.36 -20.49 -16.40
N ALA C 613 8.06 -20.60 -16.13
CA ALA C 613 7.52 -20.40 -14.80
C ALA C 613 7.05 -21.73 -14.22
N LYS C 614 7.22 -21.88 -12.91
CA LYS C 614 6.64 -22.97 -12.16
C LYS C 614 5.40 -22.43 -11.45
N CYS C 615 4.25 -23.03 -11.72
CA CYS C 615 2.97 -22.54 -11.23
C CYS C 615 2.35 -23.57 -10.29
N ILE C 616 1.45 -23.08 -9.44
CA ILE C 616 0.69 -23.92 -8.52
C ILE C 616 -0.65 -24.23 -9.16
N ASN C 617 -1.04 -25.51 -9.16
CA ASN C 617 -2.37 -25.92 -9.57
C ASN C 617 -2.83 -27.00 -8.59
N PHE C 618 -4.00 -27.59 -8.85
CA PHE C 618 -4.61 -28.52 -7.91
C PHE C 618 -5.19 -29.71 -8.67
N LEU C 619 -4.97 -30.90 -8.12
CA LEU C 619 -5.45 -32.15 -8.69
C LEU C 619 -6.40 -32.79 -7.68
N LEU C 620 -7.62 -33.08 -8.12
CA LEU C 620 -8.65 -33.61 -7.23
C LEU C 620 -8.70 -35.13 -7.33
N ILE C 621 -8.50 -35.79 -6.21
CA ILE C 621 -8.40 -37.25 -6.15
C ILE C 621 -9.71 -37.86 -5.67
N ASP D 12 -17.36 49.95 -30.46
CA ASP D 12 -18.21 51.13 -30.57
C ASP D 12 -17.60 52.31 -29.81
N GLY D 13 -18.28 52.73 -28.75
CA GLY D 13 -17.84 53.86 -27.98
C GLY D 13 -16.58 53.57 -27.17
N LYS D 14 -16.21 54.55 -26.35
CA LYS D 14 -15.03 54.41 -25.51
C LYS D 14 -15.19 53.33 -24.46
N ALA D 15 -16.40 53.18 -23.90
CA ALA D 15 -16.63 52.17 -22.88
C ALA D 15 -16.41 50.76 -23.44
N ASP D 16 -16.96 50.50 -24.64
CA ASP D 16 -16.75 49.21 -25.29
C ASP D 16 -15.28 48.94 -25.53
N ARG D 17 -14.46 49.99 -25.67
CA ARG D 17 -13.04 49.80 -25.99
C ARG D 17 -12.27 49.18 -24.83
N MET D 18 -12.67 49.48 -23.59
CA MET D 18 -11.96 48.98 -22.42
C MET D 18 -12.57 47.71 -21.86
N ILE D 19 -13.77 47.33 -22.29
CA ILE D 19 -14.43 46.14 -21.80
C ILE D 19 -14.25 44.96 -22.77
N MET D 20 -14.31 45.22 -24.07
CA MET D 20 -14.18 44.17 -25.07
C MET D 20 -12.97 44.34 -25.99
N ALA D 21 -12.52 45.57 -26.23
CA ALA D 21 -11.32 45.84 -27.02
C ALA D 21 -11.36 45.11 -28.36
N ASN D 22 -12.48 45.27 -29.07
CA ASN D 22 -12.69 44.51 -30.29
C ASN D 22 -11.79 45.00 -31.42
N ASP D 23 -11.49 46.30 -31.47
CA ASP D 23 -10.52 46.79 -32.44
C ASP D 23 -9.16 46.14 -32.24
N LEU D 24 -8.77 45.95 -30.98
CA LEU D 24 -7.55 45.20 -30.70
C LEU D 24 -7.68 43.75 -31.14
N LEU D 25 -8.81 43.12 -30.80
CA LEU D 25 -9.00 41.70 -31.13
C LEU D 25 -8.96 41.47 -32.64
N ASN D 26 -9.65 42.32 -33.41
CA ASN D 26 -9.62 42.18 -34.86
C ASN D 26 -8.21 42.40 -35.40
N ASP D 27 -7.47 43.36 -34.84
CA ASP D 27 -6.12 43.62 -35.31
C ASP D 27 -5.19 42.44 -35.01
N ARG D 28 -5.37 41.80 -33.86
CA ARG D 28 -4.54 40.64 -33.53
C ARG D 28 -4.84 39.47 -34.45
N ILE D 29 -6.12 39.24 -34.75
CA ILE D 29 -6.50 38.09 -35.58
C ILE D 29 -5.93 38.24 -36.98
N LYS D 30 -6.12 39.40 -37.61
CA LYS D 30 -5.56 39.61 -38.93
C LYS D 30 -4.04 39.55 -38.92
N SER D 31 -3.42 39.97 -37.81
CA SER D 31 -1.97 39.94 -37.72
C SER D 31 -1.45 38.51 -37.63
N ILE D 32 -2.06 37.69 -36.77
CA ILE D 32 -1.57 36.33 -36.58
C ILE D 32 -1.87 35.46 -37.79
N MET D 33 -3.00 35.68 -38.46
CA MET D 33 -3.26 34.99 -39.72
C MET D 33 -2.20 35.32 -40.77
N CYS D 34 -1.79 36.59 -40.82
CA CYS D 34 -0.81 37.01 -41.82
C CYS D 34 0.56 36.43 -41.56
N LEU D 35 0.90 36.20 -40.28
CA LEU D 35 2.18 35.58 -39.97
C LEU D 35 2.17 34.10 -40.34
N ARG D 36 1.14 33.37 -39.90
CA ARG D 36 1.05 31.94 -40.23
C ARG D 36 0.96 31.71 -41.72
N ALA D 37 0.31 32.61 -42.46
CA ALA D 37 0.32 32.51 -43.91
C ALA D 37 1.71 32.76 -44.48
N LYS D 38 2.48 33.66 -43.87
CA LYS D 38 3.84 33.92 -44.32
C LYS D 38 4.80 32.83 -43.87
N GLN D 39 4.57 32.23 -42.71
CA GLN D 39 5.43 31.19 -42.19
C GLN D 39 5.18 29.83 -42.83
N GLY D 40 4.16 29.71 -43.67
CA GLY D 40 3.89 28.48 -44.38
C GLY D 40 3.04 27.47 -43.63
N PHE D 41 2.22 27.91 -42.68
CA PHE D 41 1.30 27.01 -42.00
C PHE D 41 0.14 26.64 -42.92
N SER D 42 -0.32 25.39 -42.83
CA SER D 42 -1.46 24.96 -43.62
C SER D 42 -2.70 25.74 -43.24
N ASP D 43 -2.99 25.84 -41.94
CA ASP D 43 -4.16 26.55 -41.44
C ASP D 43 -3.75 27.88 -40.84
N PRO D 44 -3.97 29.01 -41.51
CA PRO D 44 -3.64 30.31 -40.92
C PRO D 44 -4.64 30.80 -39.88
N THR D 45 -5.72 30.07 -39.64
CA THR D 45 -6.70 30.48 -38.64
C THR D 45 -6.06 30.51 -37.27
N PRO D 46 -6.28 31.56 -36.48
CA PRO D 46 -5.60 31.66 -35.18
C PRO D 46 -6.01 30.54 -34.22
N THR D 47 -5.11 30.26 -33.29
CA THR D 47 -5.36 29.31 -32.22
C THR D 47 -6.15 29.97 -31.09
N LEU D 48 -7.04 29.19 -30.47
CA LEU D 48 -7.80 29.73 -29.35
C LEU D 48 -6.89 30.22 -28.22
N VAL D 49 -5.69 29.63 -28.10
CA VAL D 49 -4.72 30.14 -27.14
C VAL D 49 -4.17 31.48 -27.60
N ASP D 50 -3.97 31.66 -28.91
CA ASP D 50 -3.57 32.97 -29.43
C ASP D 50 -4.57 34.05 -29.02
N ILE D 51 -5.86 33.75 -29.10
CA ILE D 51 -6.87 34.71 -28.69
C ILE D 51 -6.83 34.94 -27.20
N GLU D 52 -6.70 33.86 -26.41
CA GLU D 52 -6.84 33.96 -24.96
C GLU D 52 -5.67 34.68 -24.29
N ARG D 53 -4.60 35.00 -25.01
CA ARG D 53 -3.49 35.71 -24.39
C ARG D 53 -3.83 37.16 -24.07
N THR D 54 -4.90 37.69 -24.63
CA THR D 54 -5.37 39.03 -24.30
C THR D 54 -6.85 39.06 -23.93
N HIS D 55 -7.69 38.29 -24.64
CA HIS D 55 -9.13 38.30 -24.42
C HIS D 55 -9.57 37.02 -23.73
N ILE D 56 -10.59 37.14 -22.87
CA ILE D 56 -11.22 35.99 -22.26
C ILE D 56 -12.40 35.56 -23.13
N LEU D 57 -12.50 34.26 -23.39
CA LEU D 57 -13.58 33.70 -24.20
C LEU D 57 -14.63 33.12 -23.26
N LEU D 58 -15.76 33.84 -23.13
CA LEU D 58 -16.81 33.43 -22.20
C LEU D 58 -17.41 32.08 -22.56
N ILE D 59 -17.19 31.60 -23.78
CA ILE D 59 -17.54 30.24 -24.18
C ILE D 59 -16.22 29.50 -24.37
N ASN D 60 -15.94 28.54 -23.49
CA ASN D 60 -14.71 27.76 -23.57
C ASN D 60 -14.89 26.49 -22.76
N SER D 61 -14.95 25.35 -23.45
CA SER D 61 -15.04 24.05 -22.80
C SER D 61 -13.67 23.45 -22.52
N HIS D 62 -12.64 24.29 -22.42
CA HIS D 62 -11.28 23.79 -22.23
C HIS D 62 -11.04 23.40 -20.78
N TYR D 63 -10.25 22.36 -20.59
CA TYR D 63 -9.91 21.85 -19.27
C TYR D 63 -8.51 21.24 -19.34
N LYS D 64 -8.03 20.77 -18.19
CA LYS D 64 -6.77 20.06 -18.16
C LYS D 64 -6.99 18.65 -17.61
N PRO D 65 -6.34 17.64 -18.19
CA PRO D 65 -6.44 16.29 -17.63
C PRO D 65 -5.68 16.22 -16.31
N PHE D 66 -6.30 15.56 -15.33
CA PHE D 66 -5.66 15.44 -14.03
C PHE D 66 -4.78 14.21 -13.98
N ALA D 67 -3.67 14.32 -13.27
CA ALA D 67 -2.82 13.17 -13.01
C ALA D 67 -3.63 12.08 -12.34
N ALA D 68 -3.59 10.88 -12.91
CA ALA D 68 -4.49 9.79 -12.53
C ALA D 68 -4.57 9.63 -11.02
N MET D 69 -5.78 9.40 -10.53
CA MET D 69 -6.07 9.45 -9.11
C MET D 69 -7.25 8.54 -8.80
N GLY D 70 -7.26 7.99 -7.59
CA GLY D 70 -8.37 7.21 -7.10
C GLY D 70 -8.36 7.16 -5.58
N TYR D 71 -9.52 7.33 -4.95
CA TYR D 71 -9.58 7.31 -3.50
C TYR D 71 -10.54 6.22 -3.00
N GLU D 72 -10.41 5.90 -1.72
CA GLU D 72 -11.14 4.81 -1.12
C GLU D 72 -11.10 4.96 0.40
N TYR D 73 -12.21 4.65 1.05
CA TYR D 73 -12.31 4.75 2.49
C TYR D 73 -11.93 3.44 3.15
N GLN D 74 -11.46 3.53 4.40
CA GLN D 74 -11.07 2.37 5.18
C GLN D 74 -11.26 2.71 6.65
N LYS D 75 -11.92 1.82 7.39
CA LYS D 75 -12.21 2.07 8.79
C LYS D 75 -11.28 1.27 9.70
N THR D 76 -10.97 1.86 10.85
CA THR D 76 -10.02 1.31 11.81
C THR D 76 -10.62 1.35 13.20
N ARG D 77 -10.39 0.27 13.96
CA ARG D 77 -10.83 0.16 15.34
C ARG D 77 -9.73 0.62 16.29
N PRO D 78 -10.08 1.06 17.49
CA PRO D 78 -9.05 1.58 18.41
C PRO D 78 -8.18 0.48 18.99
N ASN D 79 -6.99 0.89 19.43
CA ASN D 79 -6.05 0.00 20.08
C ASN D 79 -6.37 -0.23 21.55
N THR D 80 -7.25 0.58 22.15
CA THR D 80 -7.46 0.61 23.59
C THR D 80 -8.66 -0.20 24.04
N GLY D 81 -8.87 -1.38 23.44
CA GLY D 81 -9.90 -2.27 23.92
C GLY D 81 -11.31 -1.74 23.71
N ASN D 82 -12.19 -2.09 24.64
CA ASN D 82 -13.60 -1.75 24.52
C ASN D 82 -13.81 -0.27 24.84
N PRO D 83 -14.48 0.48 23.97
CA PRO D 83 -14.70 1.90 24.23
C PRO D 83 -15.78 2.13 25.26
N THR D 84 -15.59 3.15 26.08
CA THR D 84 -16.56 3.54 27.10
C THR D 84 -16.64 5.06 27.15
N TYR D 85 -17.67 5.55 27.84
CA TYR D 85 -17.66 6.94 28.28
C TYR D 85 -16.46 7.17 29.20
N ASN D 86 -16.03 8.43 29.28
CA ASN D 86 -15.01 8.84 30.24
C ASN D 86 -13.74 8.00 30.07
N SER D 87 -13.23 7.95 28.84
CA SER D 87 -12.05 7.16 28.54
C SER D 87 -11.34 7.76 27.33
N THR D 88 -10.09 7.33 27.14
CA THR D 88 -9.26 7.79 26.03
C THR D 88 -9.20 6.71 24.96
N ILE D 89 -9.48 7.10 23.72
CA ILE D 89 -9.56 6.18 22.59
C ILE D 89 -8.51 6.60 21.56
N GLN D 90 -7.69 5.64 21.15
CA GLN D 90 -6.59 5.90 20.22
C GLN D 90 -6.73 5.02 18.99
N PHE D 91 -6.65 5.62 17.81
CA PHE D 91 -6.68 4.91 16.54
C PHE D 91 -5.32 4.99 15.88
N SER D 92 -4.93 3.91 15.21
CA SER D 92 -3.76 3.96 14.34
C SER D 92 -4.16 4.50 12.97
N ILE D 93 -3.24 5.24 12.35
CA ILE D 93 -3.41 5.67 10.97
C ILE D 93 -2.74 4.64 10.09
N PRO D 94 -3.48 3.72 9.49
CA PRO D 94 -2.84 2.60 8.78
C PRO D 94 -2.09 3.07 7.55
N GLN D 95 -1.01 2.35 7.25
CA GLN D 95 -0.29 2.55 6.00
C GLN D 95 -1.12 1.94 4.88
N PHE D 96 -1.70 2.79 4.03
CA PHE D 96 -2.58 2.31 2.98
C PHE D 96 -2.39 3.11 1.70
N GLY D 97 -3.00 4.31 1.64
CA GLY D 97 -2.87 5.15 0.48
C GLY D 97 -1.60 5.97 0.48
N ASP D 98 -1.26 6.50 -0.69
CA ASP D 98 -0.13 7.41 -0.80
C ASP D 98 -0.39 8.70 -0.03
N PHE D 99 -1.66 9.09 0.10
CA PHE D 99 -2.08 10.23 0.90
C PHE D 99 -3.34 9.84 1.65
N PHE D 100 -3.56 10.49 2.80
CA PHE D 100 -4.82 10.36 3.51
C PHE D 100 -5.44 11.72 3.72
N SER D 101 -6.77 11.78 3.75
CA SER D 101 -7.49 13.04 3.67
C SER D 101 -8.48 13.22 4.81
N ASP D 102 -9.75 13.42 4.48
CA ASP D 102 -10.75 13.69 5.49
C ASP D 102 -11.01 12.47 6.36
N MET D 103 -11.41 12.73 7.60
CA MET D 103 -11.65 11.68 8.58
C MET D 103 -12.98 11.90 9.28
N VAL D 104 -13.68 10.81 9.56
CA VAL D 104 -14.95 10.84 10.28
C VAL D 104 -15.05 9.60 11.14
N VAL D 105 -15.62 9.74 12.32
CA VAL D 105 -15.66 8.68 13.32
C VAL D 105 -17.11 8.27 13.54
N HIS D 106 -17.41 7.00 13.28
CA HIS D 106 -18.73 6.46 13.56
C HIS D 106 -18.83 6.11 15.05
N VAL D 107 -19.75 6.76 15.75
CA VAL D 107 -20.03 6.44 17.15
C VAL D 107 -21.40 5.80 17.23
N GLN D 108 -21.50 4.71 17.98
CA GLN D 108 -22.76 3.99 18.17
C GLN D 108 -23.01 3.87 19.67
N LEU D 109 -24.05 4.54 20.15
CA LEU D 109 -24.42 4.51 21.56
C LEU D 109 -25.70 3.69 21.71
N ALA D 110 -25.68 2.77 22.68
CA ALA D 110 -26.77 1.83 22.84
C ALA D 110 -28.06 2.54 23.25
N ALA D 111 -29.19 1.97 22.82
CA ALA D 111 -30.48 2.46 23.25
C ALA D 111 -30.58 2.42 24.77
N THR D 112 -31.27 3.41 25.34
CA THR D 112 -31.22 3.59 26.78
C THR D 112 -32.52 4.17 27.28
N SER D 113 -32.91 3.77 28.49
CA SER D 113 -34.09 4.28 29.17
C SER D 113 -33.78 4.41 30.65
N ALA D 114 -34.60 5.20 31.34
CA ALA D 114 -34.36 5.47 32.75
C ALA D 114 -34.80 4.30 33.62
N SER D 115 -34.28 4.27 34.84
CA SER D 115 -34.68 3.26 35.81
C SER D 115 -36.04 3.63 36.42
N ALA D 116 -36.70 2.63 36.99
CA ALA D 116 -38.02 2.84 37.57
C ALA D 116 -37.93 3.77 38.77
N GLY D 117 -38.94 4.64 38.91
CA GLY D 117 -39.03 5.53 40.04
C GLY D 117 -40.44 5.63 40.58
N THR D 118 -40.79 6.74 41.21
CA THR D 118 -42.10 6.92 41.79
C THR D 118 -42.62 8.33 41.56
N VAL D 119 -43.91 8.50 41.79
CA VAL D 119 -44.51 9.84 41.78
C VAL D 119 -44.10 10.58 43.05
N PRO D 120 -43.59 11.80 42.95
CA PRO D 120 -43.14 12.52 44.16
C PRO D 120 -44.32 12.94 45.02
N ALA D 121 -43.98 13.46 46.20
CA ALA D 121 -45.00 13.91 47.14
C ALA D 121 -45.71 15.14 46.60
N LEU D 122 -46.91 15.38 47.11
CA LEU D 122 -47.71 16.52 46.67
C LEU D 122 -47.18 17.81 47.28
N PRO D 123 -47.40 18.94 46.62
CA PRO D 123 -46.94 20.23 47.17
C PRO D 123 -47.65 20.55 48.48
N ALA D 124 -47.12 21.57 49.16
CA ALA D 124 -47.68 21.98 50.43
C ALA D 124 -49.03 22.66 50.23
N PHE D 125 -49.75 22.85 51.33
CA PHE D 125 -50.99 23.60 51.30
C PHE D 125 -50.72 25.02 50.81
N ILE D 126 -51.73 25.61 50.17
CA ILE D 126 -51.67 26.99 49.71
C ILE D 126 -52.54 27.90 50.57
N GLY D 127 -53.84 27.59 50.68
CA GLY D 127 -54.70 28.33 51.57
C GLY D 127 -54.63 27.83 53.00
N ALA D 128 -55.09 28.67 53.92
CA ALA D 128 -55.01 28.36 55.34
C ALA D 128 -56.20 27.57 55.87
N ASP D 129 -57.28 27.47 55.09
CA ASP D 129 -58.52 26.85 55.56
C ASP D 129 -58.85 25.60 54.73
N ASP D 130 -59.64 24.73 55.34
CA ASP D 130 -60.15 23.51 54.70
C ASP D 130 -59.03 22.68 54.08
N GLN D 131 -57.98 22.46 54.87
CA GLN D 131 -56.81 21.75 54.39
C GLN D 131 -57.05 20.25 54.47
N VAL D 132 -56.90 19.56 53.33
CA VAL D 132 -57.05 18.11 53.26
C VAL D 132 -55.91 17.56 52.41
N LEU D 133 -55.27 16.49 52.90
CA LEU D 133 -54.19 15.83 52.18
C LEU D 133 -54.51 14.35 52.07
N THR D 134 -54.67 13.87 50.84
CA THR D 134 -54.92 12.47 50.56
C THR D 134 -53.75 11.88 49.79
N SER D 135 -53.90 10.62 49.36
CA SER D 135 -52.89 9.96 48.55
C SER D 135 -52.89 10.43 47.10
N THR D 136 -53.89 11.22 46.69
CA THR D 136 -54.05 11.60 45.30
C THR D 136 -54.22 13.08 45.06
N SER D 137 -54.41 13.90 46.10
CA SER D 137 -54.58 15.33 45.91
C SER D 137 -54.32 16.05 47.22
N VAL D 138 -53.97 17.33 47.11
CA VAL D 138 -53.78 18.20 48.26
C VAL D 138 -54.67 19.42 48.05
N VAL D 139 -55.56 19.68 49.00
CA VAL D 139 -56.60 20.69 48.85
C VAL D 139 -56.56 21.64 50.05
N SER D 140 -56.53 22.94 49.76
CA SER D 140 -56.63 23.98 50.77
C SER D 140 -57.44 25.13 50.18
N ALA D 141 -57.87 26.05 51.04
CA ALA D 141 -58.78 27.09 50.59
C ALA D 141 -58.54 28.39 51.34
N THR D 142 -58.85 29.49 50.67
CA THR D 142 -58.88 30.82 51.25
C THR D 142 -60.31 31.33 51.17
N GLU D 143 -60.94 31.58 52.33
CA GLU D 143 -62.27 32.15 52.32
C GLU D 143 -62.19 33.67 52.44
N ASN D 144 -63.19 34.32 51.86
CA ASN D 144 -63.28 35.79 51.82
C ASN D 144 -64.75 36.13 52.08
N THR D 145 -65.10 36.26 53.37
CA THR D 145 -66.49 36.50 53.73
C THR D 145 -66.98 37.87 53.29
N THR D 146 -66.08 38.81 53.00
CA THR D 146 -66.49 40.13 52.55
C THR D 146 -67.02 40.08 51.12
N SER D 147 -66.21 39.58 50.19
CA SER D 147 -66.57 39.58 48.78
C SER D 147 -67.49 38.42 48.39
N GLY D 148 -67.59 37.40 49.23
CA GLY D 148 -68.34 36.22 48.85
C GLY D 148 -67.62 35.29 47.90
N VAL D 149 -66.32 35.47 47.71
CA VAL D 149 -65.52 34.63 46.82
C VAL D 149 -64.78 33.61 47.66
N TYR D 150 -65.00 32.32 47.36
CA TYR D 150 -64.35 31.21 48.03
C TYR D 150 -63.36 30.59 47.06
N THR D 151 -62.07 30.69 47.37
CA THR D 151 -61.00 30.22 46.50
C THR D 151 -60.51 28.86 46.99
N LEU D 152 -60.54 27.87 46.11
CA LEU D 152 -60.15 26.51 46.43
C LEU D 152 -58.95 26.12 45.58
N TYR D 153 -57.88 25.67 46.24
CA TYR D 153 -56.65 25.26 45.58
C TYR D 153 -56.54 23.74 45.63
N THR D 154 -56.46 23.12 44.46
CA THR D 154 -56.30 21.67 44.35
C THR D 154 -55.10 21.37 43.45
N GLN D 155 -54.18 20.56 43.95
CA GLN D 155 -53.03 20.11 43.18
C GLN D 155 -52.93 18.60 43.22
N SER D 156 -52.61 18.00 42.08
CA SER D 156 -52.54 16.55 41.96
C SER D 156 -51.64 16.21 40.78
N TYR D 157 -51.38 14.92 40.62
CA TYR D 157 -50.55 14.41 39.55
C TYR D 157 -51.40 13.62 38.57
N VAL D 158 -51.21 13.88 37.27
CA VAL D 158 -51.91 13.18 36.21
C VAL D 158 -50.92 12.84 35.11
N ASN D 159 -51.29 11.87 34.27
CA ASN D 159 -50.54 11.58 33.06
C ASN D 159 -51.10 12.44 31.94
N GLN D 160 -50.68 12.16 30.70
CA GLN D 160 -51.14 12.97 29.57
C GLN D 160 -52.64 12.85 29.37
N GLN D 161 -53.20 11.66 29.60
CA GLN D 161 -54.63 11.43 29.42
C GLN D 161 -55.46 12.02 30.55
N GLY D 162 -54.84 12.49 31.63
CA GLY D 162 -55.55 13.09 32.74
C GLY D 162 -55.93 12.13 33.84
N THR D 163 -55.51 10.87 33.77
CA THR D 163 -55.78 9.92 34.84
C THR D 163 -54.95 10.29 36.07
N THR D 164 -55.60 10.34 37.23
CA THR D 164 -54.91 10.70 38.46
C THR D 164 -53.87 9.64 38.83
N GLN D 165 -52.71 10.10 39.28
CA GLN D 165 -51.61 9.23 39.68
C GLN D 165 -51.44 9.30 41.19
N THR D 166 -51.35 8.12 41.82
CA THR D 166 -51.20 8.06 43.27
C THR D 166 -49.78 8.39 43.68
N VAL D 167 -49.66 9.10 44.81
CA VAL D 167 -48.35 9.44 45.34
C VAL D 167 -47.58 8.17 45.65
N ALA D 168 -46.30 8.15 45.26
CA ALA D 168 -45.36 7.06 45.46
C ALA D 168 -45.66 5.83 44.61
N ALA D 169 -46.63 5.91 43.69
CA ALA D 169 -46.80 4.85 42.72
C ALA D 169 -45.73 4.95 41.63
N ALA D 170 -45.67 3.94 40.77
CA ALA D 170 -44.61 3.86 39.78
C ALA D 170 -44.67 5.03 38.80
N ALA D 171 -43.49 5.53 38.43
CA ALA D 171 -43.35 6.60 37.46
C ALA D 171 -41.90 6.60 36.97
N THR D 172 -41.70 6.81 35.68
CA THR D 172 -40.38 6.70 35.07
C THR D 172 -40.09 7.95 34.25
N ASN D 173 -38.90 8.52 34.45
CA ASN D 173 -38.48 9.68 33.70
C ASN D 173 -38.14 9.31 32.25
N PHE D 174 -38.31 10.27 31.36
CA PHE D 174 -37.82 10.11 30.01
C PHE D 174 -36.34 10.48 29.95
N VAL D 175 -35.69 10.10 28.86
CA VAL D 175 -34.27 10.40 28.66
C VAL D 175 -34.09 11.14 27.35
N ARG D 176 -33.11 12.04 27.33
CA ARG D 176 -32.84 12.85 26.16
C ARG D 176 -31.34 13.09 26.08
N TYR D 177 -30.86 13.35 24.88
CA TYR D 177 -29.47 13.72 24.66
C TYR D 177 -29.33 15.24 24.69
N CYS D 178 -28.13 15.69 25.06
CA CYS D 178 -27.82 17.10 24.95
C CYS D 178 -27.81 17.51 23.48
N GLU D 179 -27.91 18.81 23.25
CA GLU D 179 -27.86 19.31 21.87
C GLU D 179 -26.46 19.12 21.30
N TYR D 180 -26.40 18.78 20.02
CA TYR D 180 -25.16 18.52 19.31
C TYR D 180 -24.28 17.53 20.08
N PRO D 181 -24.75 16.30 20.30
CA PRO D 181 -23.98 15.38 21.16
C PRO D 181 -22.64 14.98 20.57
N GLY D 182 -22.56 14.81 19.25
CA GLY D 182 -21.29 14.49 18.63
C GLY D 182 -20.23 15.53 18.92
N LEU D 183 -20.61 16.80 19.03
CA LEU D 183 -19.65 17.85 19.32
C LEU D 183 -19.19 17.79 20.76
N ARG D 184 -20.05 17.39 21.70
CA ARG D 184 -19.67 17.33 23.10
C ARG D 184 -19.04 16.01 23.49
N LEU D 185 -19.38 14.93 22.79
CA LEU D 185 -18.85 13.60 23.15
C LEU D 185 -17.34 13.57 23.05
N PHE D 186 -16.77 14.25 22.06
CA PHE D 186 -15.32 14.28 21.86
C PHE D 186 -14.77 15.46 22.65
N LYS D 187 -14.40 15.21 23.91
CA LYS D 187 -13.87 16.26 24.76
C LYS D 187 -12.59 16.86 24.17
N ARG D 188 -11.72 16.00 23.63
CA ARG D 188 -10.49 16.44 22.99
C ARG D 188 -10.16 15.49 21.85
N VAL D 189 -9.76 16.07 20.71
CA VAL D 189 -9.33 15.32 19.54
C VAL D 189 -7.91 15.75 19.21
N LYS D 190 -7.03 14.78 18.97
CA LYS D 190 -5.64 15.11 18.68
C LYS D 190 -5.08 14.22 17.58
N PHE D 191 -4.31 14.85 16.69
CA PHE D 191 -3.53 14.16 15.66
C PHE D 191 -2.07 14.16 16.14
N GLU D 192 -1.57 13.00 16.51
CA GLU D 192 -0.31 12.88 17.24
C GLU D 192 0.75 12.22 16.38
N VAL D 193 1.98 12.76 16.44
CA VAL D 193 3.13 12.19 15.76
C VAL D 193 4.31 12.23 16.73
N ASN D 194 4.90 11.06 16.98
CA ASN D 194 6.07 10.94 17.86
C ASN D 194 5.82 11.53 19.25
N GLY D 195 4.63 11.27 19.79
CA GLY D 195 4.26 11.72 21.12
C GLY D 195 3.70 13.12 21.19
N ASN D 196 4.12 14.01 20.27
CA ASN D 196 3.58 15.36 20.35
C ASN D 196 2.44 15.54 19.36
N PRO D 197 1.38 16.24 19.76
CA PRO D 197 0.30 16.55 18.81
C PRO D 197 0.78 17.49 17.73
N LEU D 198 0.48 17.15 16.47
CA LEU D 198 0.63 18.11 15.38
C LEU D 198 -0.46 19.18 15.45
N ASP D 199 -1.67 18.76 15.83
CA ASP D 199 -2.80 19.66 16.00
C ASP D 199 -3.83 18.97 16.86
N GLU D 200 -4.51 19.75 17.70
CA GLU D 200 -5.55 19.20 18.55
C GLU D 200 -6.55 20.31 18.87
N TYR D 201 -7.76 19.89 19.23
CA TYR D 201 -8.82 20.82 19.56
C TYR D 201 -9.80 20.14 20.50
N THR D 202 -10.65 20.95 21.11
CA THR D 202 -11.63 20.49 22.08
C THR D 202 -13.05 20.68 21.54
N ALA D 203 -14.02 20.37 22.39
CA ALA D 203 -15.42 20.57 22.01
C ALA D 203 -15.73 22.04 21.83
N LEU D 204 -14.95 22.93 22.46
CA LEU D 204 -15.12 24.36 22.25
C LEU D 204 -14.78 24.73 20.81
N ALA D 205 -13.76 24.10 20.24
CA ALA D 205 -13.45 24.34 18.84
C ALA D 205 -14.55 23.79 17.93
N ALA D 206 -15.15 22.67 18.34
CA ALA D 206 -16.21 22.06 17.52
C ALA D 206 -17.45 22.94 17.49
N ILE D 207 -17.81 23.55 18.63
CA ILE D 207 -18.99 24.40 18.63
C ILE D 207 -18.72 25.73 17.91
N MET D 208 -17.46 26.18 17.89
CA MET D 208 -17.13 27.33 17.05
C MET D 208 -17.30 27.00 15.58
N TYR D 209 -16.98 25.77 15.18
CA TYR D 209 -17.27 25.33 13.81
C TYR D 209 -18.78 25.30 13.57
N ASN D 210 -19.55 24.84 14.55
CA ASN D 210 -20.99 24.73 14.39
C ASN D 210 -21.64 26.11 14.17
N LYS D 211 -21.04 27.16 14.73
CA LYS D 211 -21.62 28.49 14.65
C LYS D 211 -21.20 29.26 13.41
N PHE D 212 -19.98 29.02 12.91
CA PHE D 212 -19.41 29.87 11.87
C PHE D 212 -19.23 29.18 10.52
N HIS D 213 -19.23 27.84 10.45
CA HIS D 213 -18.78 27.16 9.25
C HIS D 213 -19.76 26.11 8.75
N VAL D 214 -21.03 26.21 9.10
CA VAL D 214 -22.03 25.29 8.57
C VAL D 214 -23.14 26.09 7.90
N PRO D 215 -23.02 26.42 6.63
CA PRO D 215 -24.11 27.15 5.93
C PRO D 215 -25.37 26.31 5.81
N ASP D 216 -26.43 26.92 5.28
CA ASP D 216 -27.73 26.27 5.22
C ASP D 216 -27.70 25.01 4.36
N PHE D 217 -26.95 25.04 3.26
CA PHE D 217 -26.96 23.91 2.33
C PHE D 217 -26.15 22.71 2.81
N LYS D 218 -25.57 22.77 4.02
CA LYS D 218 -24.94 21.62 4.64
C LYS D 218 -25.50 21.31 6.01
N LEU D 219 -26.49 22.09 6.49
CA LEU D 219 -26.87 22.04 7.89
C LEU D 219 -27.58 20.73 8.24
N THR D 220 -28.48 20.26 7.38
CA THR D 220 -29.25 19.07 7.70
C THR D 220 -28.34 17.85 7.81
N GLY D 221 -27.44 17.67 6.85
CA GLY D 221 -26.47 16.59 6.96
C GLY D 221 -25.58 16.75 8.18
N TRP D 222 -25.20 17.98 8.51
CA TRP D 222 -24.36 18.23 9.67
C TRP D 222 -25.05 17.80 10.96
N LYS D 223 -26.31 18.19 11.13
CA LYS D 223 -27.04 17.82 12.35
C LYS D 223 -27.17 16.31 12.48
N ARG D 224 -27.43 15.62 11.38
CA ARG D 224 -27.52 14.16 11.43
C ARG D 224 -26.16 13.50 11.66
N LEU D 225 -25.07 14.15 11.27
CA LEU D 225 -23.75 13.58 11.50
C LEU D 225 -23.37 13.56 12.98
N ILE D 226 -23.83 14.54 13.75
CA ILE D 226 -23.42 14.71 15.13
C ILE D 226 -24.57 14.49 16.11
N GLY D 227 -25.73 14.06 15.63
CA GLY D 227 -26.80 13.63 16.51
C GLY D 227 -27.79 14.70 16.94
N GLN D 228 -27.92 15.78 16.20
CA GLN D 228 -28.93 16.79 16.49
C GLN D 228 -30.20 16.50 15.68
N GLU D 229 -31.34 16.63 16.34
CA GLU D 229 -32.61 16.33 15.69
C GLU D 229 -32.94 17.39 14.65
N VAL D 230 -33.55 16.95 13.56
CA VAL D 230 -33.91 17.82 12.43
C VAL D 230 -35.42 18.09 12.51
N PRO D 231 -35.86 19.34 12.42
CA PRO D 231 -37.30 19.61 12.46
C PRO D 231 -38.01 19.01 11.25
N VAL D 232 -39.23 18.52 11.49
CA VAL D 232 -40.07 17.93 10.45
C VAL D 232 -41.26 18.84 10.24
N GLU D 233 -41.45 19.31 9.01
CA GLU D 233 -42.57 20.18 8.70
C GLU D 233 -43.86 19.36 8.66
N ALA D 234 -44.90 19.87 9.31
CA ALA D 234 -46.20 19.21 9.35
C ALA D 234 -47.28 20.20 9.00
N ALA D 235 -48.26 19.75 8.21
CA ALA D 235 -49.35 20.59 7.74
C ALA D 235 -50.64 20.26 8.47
N SER D 236 -51.41 21.29 8.78
CA SER D 236 -52.67 21.14 9.49
C SER D 236 -53.83 21.05 8.50
N ASN D 237 -55.03 20.87 9.04
CA ASN D 237 -56.24 20.99 8.24
C ASN D 237 -56.39 22.43 7.75
N LEU D 238 -57.30 22.62 6.82
CA LEU D 238 -57.59 23.97 6.34
C LEU D 238 -58.09 24.83 7.50
N VAL D 239 -57.44 25.98 7.69
CA VAL D 239 -57.88 26.94 8.69
C VAL D 239 -58.60 28.13 8.05
N ASN D 240 -58.29 28.46 6.79
CA ASN D 240 -59.04 29.48 6.05
C ASN D 240 -59.65 28.81 4.82
N ILE D 241 -60.94 29.03 4.60
CA ILE D 241 -61.63 28.53 3.41
C ILE D 241 -62.38 29.71 2.82
N ALA D 242 -62.09 30.03 1.56
CA ALA D 242 -62.65 31.23 0.94
C ALA D 242 -64.18 31.21 1.00
N SER D 243 -64.75 32.38 1.34
CA SER D 243 -66.19 32.63 1.37
C SER D 243 -66.89 31.98 2.55
N THR D 244 -66.16 31.56 3.58
CA THR D 244 -66.79 31.00 4.78
C THR D 244 -65.88 31.28 5.97
N THR D 245 -66.29 30.76 7.13
CA THR D 245 -65.63 31.10 8.38
C THR D 245 -65.95 30.04 9.42
N PRO D 246 -65.03 29.78 10.36
CA PRO D 246 -65.36 28.90 11.48
C PRO D 246 -66.24 29.56 12.54
N TRP D 247 -66.38 30.89 12.50
CA TRP D 247 -67.18 31.58 13.48
C TRP D 247 -68.67 31.37 13.22
N GLY D 248 -69.43 31.23 14.31
CA GLY D 248 -70.88 31.13 14.18
C GLY D 248 -71.48 32.38 13.56
N SER D 249 -72.65 32.18 12.97
CA SER D 249 -73.33 33.27 12.28
C SER D 249 -73.66 34.48 13.16
N PRO D 250 -74.00 34.34 14.46
CA PRO D 250 -74.37 35.54 15.23
C PRO D 250 -73.28 36.59 15.33
N ILE D 251 -72.02 36.26 15.08
CA ILE D 251 -70.92 37.22 15.24
C ILE D 251 -70.30 37.60 13.90
N VAL D 252 -70.74 37.02 12.80
CA VAL D 252 -70.11 37.25 11.50
C VAL D 252 -70.79 38.42 10.80
N ALA D 253 -69.99 39.35 10.29
CA ALA D 253 -70.45 40.42 9.41
C ALA D 253 -71.52 41.29 10.06
N LEU D 254 -71.23 41.77 11.26
CA LEU D 254 -72.13 42.67 11.96
C LEU D 254 -71.93 44.10 11.47
N SER D 255 -72.99 44.90 11.57
CA SER D 255 -72.94 46.30 11.17
C SER D 255 -73.49 47.16 12.29
N ASP D 256 -73.15 48.45 12.27
CA ASP D 256 -73.57 49.37 13.31
C ASP D 256 -74.88 50.08 13.01
N VAL D 257 -75.60 50.47 14.04
CA VAL D 257 -76.86 51.18 13.84
C VAL D 257 -76.69 52.36 12.90
N ASN D 258 -75.44 52.73 12.61
CA ASN D 258 -75.09 53.78 11.67
C ASN D 258 -74.60 53.23 10.33
N GLY D 259 -74.66 51.91 10.13
CA GLY D 259 -74.22 51.29 8.90
C GLY D 259 -72.76 50.90 8.86
N THR D 260 -72.02 51.09 9.95
CA THR D 260 -70.59 50.81 9.98
C THR D 260 -70.34 49.35 10.34
N ALA D 261 -69.44 48.70 9.60
CA ALA D 261 -69.04 47.35 9.94
C ALA D 261 -68.44 47.32 11.35
N VAL D 262 -68.91 46.37 12.16
CA VAL D 262 -68.52 46.33 13.57
C VAL D 262 -67.09 45.83 13.70
N THR D 263 -66.26 46.60 14.40
CA THR D 263 -64.93 46.14 14.74
C THR D 263 -65.02 44.95 15.69
N GLY D 264 -64.28 43.89 15.38
CA GLY D 264 -64.35 42.66 16.13
C GLY D 264 -65.33 41.64 15.60
N SER D 265 -66.08 41.97 14.55
CA SER D 265 -66.96 41.01 13.90
C SER D 265 -66.21 40.36 12.75
N PRO D 266 -65.85 39.08 12.84
CA PRO D 266 -65.11 38.44 11.74
C PRO D 266 -65.97 38.36 10.49
N VAL D 267 -65.29 38.35 9.34
CA VAL D 267 -65.95 38.20 8.05
C VAL D 267 -65.38 36.96 7.35
N ASN D 268 -66.00 36.60 6.24
CA ASN D 268 -65.58 35.42 5.49
C ASN D 268 -64.10 35.52 5.11
N ALA D 269 -63.46 34.37 4.99
CA ALA D 269 -62.08 34.33 4.54
C ALA D 269 -62.01 34.68 3.05
N ALA D 270 -60.90 35.28 2.65
CA ALA D 270 -60.67 35.63 1.26
C ALA D 270 -59.70 34.68 0.56
N ILE D 271 -58.96 33.86 1.32
CA ILE D 271 -58.05 32.87 0.76
C ILE D 271 -58.37 31.53 1.39
N THR D 272 -57.79 30.47 0.81
CA THR D 272 -57.86 29.13 1.33
C THR D 272 -56.48 28.72 1.81
N ALA D 273 -56.32 28.49 3.10
CA ALA D 273 -55.00 28.29 3.68
C ALA D 273 -55.04 27.21 4.76
N ARG D 274 -53.89 26.56 4.93
CA ARG D 274 -53.61 25.68 6.05
C ARG D 274 -52.30 26.13 6.69
N LYS D 275 -52.08 25.75 7.93
CA LYS D 275 -50.91 26.17 8.68
C LYS D 275 -49.82 25.10 8.62
N LEU D 276 -48.57 25.56 8.56
CA LEU D 276 -47.41 24.69 8.71
C LEU D 276 -46.87 24.82 10.13
N THR D 277 -46.47 23.68 10.71
CA THR D 277 -45.79 23.68 11.99
C THR D 277 -44.58 22.75 11.89
N GLN D 278 -43.63 22.95 12.80
CA GLN D 278 -42.47 22.10 12.90
C GLN D 278 -42.60 21.23 14.15
N VAL D 279 -42.27 19.95 14.01
CA VAL D 279 -42.19 19.04 15.13
C VAL D 279 -40.81 18.41 15.14
N VAL D 280 -40.36 18.03 16.34
CA VAL D 280 -39.11 17.32 16.50
C VAL D 280 -39.38 16.08 17.36
N PHE D 281 -38.76 14.97 16.98
CA PHE D 281 -38.88 13.72 17.72
C PHE D 281 -37.57 12.95 17.59
N GLY D 282 -36.46 13.63 17.88
CA GLY D 282 -35.16 13.04 17.74
C GLY D 282 -34.41 12.86 19.04
N ALA D 283 -33.08 13.07 19.01
CA ALA D 283 -32.23 12.76 20.15
C ALA D 283 -32.40 13.73 21.31
N GLN D 284 -32.82 14.97 21.06
CA GLN D 284 -32.94 15.99 22.11
C GLN D 284 -34.34 16.11 22.66
N THR D 285 -35.29 15.34 22.13
CA THR D 285 -36.66 15.27 22.62
C THR D 285 -36.77 14.15 23.65
N PRO D 286 -37.35 14.40 24.82
CA PRO D 286 -37.44 13.34 25.84
C PRO D 286 -38.33 12.20 25.38
N LYS D 287 -37.85 10.98 25.60
CA LYS D 287 -38.56 9.79 25.17
C LYS D 287 -38.48 8.72 26.25
N ALA D 288 -39.45 7.80 26.23
CA ALA D 288 -39.40 6.65 27.11
C ALA D 288 -38.09 5.89 26.94
N THR D 289 -37.73 5.60 25.69
CA THR D 289 -36.42 5.05 25.36
C THR D 289 -35.86 5.82 24.16
N GLN D 290 -34.61 6.23 24.26
CA GLN D 290 -33.92 6.78 23.10
C GLN D 290 -33.40 5.63 22.24
N GLU D 291 -33.56 5.77 20.92
CA GLU D 291 -33.06 4.74 20.01
C GLU D 291 -31.55 4.62 20.12
N GLN D 292 -31.02 3.55 19.53
CA GLN D 292 -29.59 3.46 19.32
C GLN D 292 -29.13 4.66 18.50
N LEU D 293 -28.22 5.45 19.06
CA LEU D 293 -27.77 6.68 18.42
C LEU D 293 -26.53 6.38 17.57
N ASN D 294 -26.62 6.68 16.28
CA ASN D 294 -25.51 6.50 15.35
C ASN D 294 -25.09 7.88 14.85
N MET D 295 -23.86 8.27 15.21
CA MET D 295 -23.29 9.54 14.77
C MET D 295 -22.05 9.28 13.93
N PHE D 296 -21.79 10.18 12.99
CA PHE D 296 -20.58 10.18 12.17
C PHE D 296 -19.93 11.54 12.37
N VAL D 297 -19.00 11.62 13.31
CA VAL D 297 -18.41 12.88 13.74
C VAL D 297 -17.22 13.18 12.83
N PRO D 298 -17.24 14.25 12.05
CA PRO D 298 -16.06 14.60 11.23
C PRO D 298 -14.96 15.20 12.10
N LEU D 299 -13.73 14.87 11.76
CA LEU D 299 -12.57 15.44 12.43
C LEU D 299 -12.14 16.70 11.68
N LEU D 300 -12.13 17.83 12.40
CA LEU D 300 -12.00 19.14 11.78
C LEU D 300 -10.53 19.57 11.68
N PHE D 301 -9.75 18.73 11.02
CA PHE D 301 -8.34 19.00 10.78
C PHE D 301 -8.15 19.64 9.42
N TRP D 302 -7.02 20.35 9.27
CA TRP D 302 -6.78 21.13 8.06
C TRP D 302 -6.70 20.25 6.82
N PHE D 303 -6.26 19.00 6.96
CA PHE D 303 -6.03 18.15 5.80
C PHE D 303 -7.30 17.53 5.25
N ARG D 304 -8.47 18.00 5.68
CA ARG D 304 -9.72 17.56 5.05
C ARG D 304 -9.84 18.07 3.63
N ASP D 305 -9.23 19.22 3.34
CA ASP D 305 -9.13 19.73 1.98
C ASP D 305 -8.41 18.72 1.11
N PRO D 306 -9.02 18.26 0.00
CA PRO D 306 -8.37 17.19 -0.79
C PRO D 306 -6.98 17.54 -1.28
N ARG D 307 -6.75 18.80 -1.68
CA ARG D 307 -5.41 19.20 -2.12
C ARG D 307 -4.39 19.18 -0.98
N LEU D 308 -4.84 19.13 0.27
CA LEU D 308 -3.95 19.18 1.43
C LEU D 308 -3.75 17.80 2.06
N ALA D 309 -4.10 16.74 1.36
CA ALA D 309 -3.93 15.39 1.89
C ALA D 309 -2.46 15.14 2.24
N ILE D 310 -2.25 14.36 3.29
CA ILE D 310 -0.93 14.16 3.87
C ILE D 310 -0.27 12.94 3.24
N ALA D 311 0.93 13.14 2.70
CA ALA D 311 1.69 12.03 2.15
C ALA D 311 2.03 11.03 3.25
N SER D 312 1.72 9.76 3.01
CA SER D 312 1.93 8.73 4.04
C SER D 312 3.40 8.55 4.34
N VAL D 313 4.26 8.59 3.31
CA VAL D 313 5.69 8.45 3.52
C VAL D 313 6.26 9.55 4.39
N SER D 314 5.58 10.70 4.46
CA SER D 314 6.09 11.85 5.20
C SER D 314 5.83 11.76 6.70
N ILE D 315 5.01 10.82 7.16
CA ILE D 315 4.72 10.68 8.58
C ILE D 315 5.03 9.24 9.01
N PRO D 316 5.80 9.04 10.07
CA PRO D 316 6.27 7.69 10.40
C PRO D 316 5.14 6.78 10.85
N TYR D 317 5.04 5.62 10.20
CA TYR D 317 4.09 4.59 10.58
C TYR D 317 4.41 4.06 11.98
N GLY D 318 3.37 3.69 12.72
CA GLY D 318 3.52 3.23 14.08
C GLY D 318 3.73 4.30 15.11
N GLN D 319 3.94 5.56 14.69
CA GLN D 319 4.03 6.69 15.61
C GLN D 319 3.03 7.78 15.27
N ARG D 320 2.02 7.46 14.45
CA ARG D 320 0.97 8.40 14.09
C ARG D 320 -0.37 7.86 14.58
N PHE D 321 -1.13 8.69 15.30
CA PHE D 321 -2.36 8.24 15.92
C PHE D 321 -3.39 9.35 15.91
N ILE D 322 -4.65 8.95 15.98
CA ILE D 322 -5.76 9.84 16.27
C ILE D 322 -6.31 9.44 17.64
N THR D 323 -6.19 10.34 18.61
CA THR D 323 -6.59 10.06 19.99
C THR D 323 -7.75 10.98 20.36
N VAL D 324 -8.79 10.40 20.97
CA VAL D 324 -10.00 11.13 21.29
C VAL D 324 -10.34 10.91 22.77
N ASP D 325 -10.53 12.00 23.51
CA ASP D 325 -11.03 11.94 24.87
C ASP D 325 -12.55 11.98 24.85
N ILE D 326 -13.18 11.03 25.52
CA ILE D 326 -14.63 10.88 25.52
C ILE D 326 -15.21 11.53 26.77
N GLU D 327 -16.20 12.40 26.58
CA GLU D 327 -16.90 13.01 27.70
C GLU D 327 -17.60 11.92 28.51
N GLN D 328 -17.82 12.21 29.80
CA GLN D 328 -18.54 11.24 30.62
C GLN D 328 -20.04 11.33 30.36
N GLN D 329 -20.73 10.23 30.71
CA GLN D 329 -22.12 10.04 30.29
C GLN D 329 -23.04 11.12 30.83
N SER D 330 -22.80 11.58 32.06
CA SER D 330 -23.71 12.51 32.71
C SER D 330 -23.80 13.87 32.02
N ASN D 331 -22.91 14.17 31.08
CA ASN D 331 -22.98 15.39 30.30
C ASN D 331 -23.52 15.16 28.90
N ILE D 332 -23.84 13.92 28.54
CA ILE D 332 -24.36 13.58 27.23
C ILE D 332 -25.82 13.14 27.30
N LEU D 333 -26.17 12.36 28.32
CA LEU D 333 -27.50 11.78 28.47
C LEU D 333 -28.12 12.29 29.75
N PHE D 334 -29.38 12.74 29.67
CA PHE D 334 -30.05 13.40 30.78
C PHE D 334 -31.45 12.83 30.97
N THR D 335 -31.92 12.85 32.21
CA THR D 335 -33.32 12.58 32.48
C THR D 335 -34.17 13.81 32.22
N ALA D 336 -35.45 13.57 31.95
CA ALA D 336 -36.40 14.64 31.69
C ALA D 336 -37.77 14.16 32.14
N PRO D 337 -38.69 15.08 32.44
CA PRO D 337 -40.04 14.66 32.81
C PRO D 337 -40.70 13.85 31.70
N GLY D 338 -41.32 12.75 32.08
CA GLY D 338 -42.00 11.89 31.13
C GLY D 338 -43.50 12.05 31.18
N ASN D 339 -44.23 10.93 31.23
CA ASN D 339 -45.69 10.96 31.26
C ASN D 339 -46.19 11.16 32.69
N LEU D 340 -45.78 12.29 33.27
CA LEU D 340 -46.17 12.64 34.63
C LEU D 340 -46.30 14.16 34.70
N PHE D 341 -47.44 14.64 35.18
CA PHE D 341 -47.74 16.06 35.18
C PHE D 341 -48.36 16.47 36.50
N LEU D 342 -47.93 17.62 37.01
CA LEU D 342 -48.57 18.23 38.17
C LEU D 342 -49.71 19.13 37.68
N GLN D 343 -50.93 18.81 38.10
CA GLN D 343 -52.10 19.61 37.76
C GLN D 343 -52.38 20.58 38.90
N THR D 344 -52.20 21.87 38.63
CA THR D 344 -52.55 22.92 39.57
C THR D 344 -53.87 23.55 39.14
N THR D 345 -54.87 23.50 40.02
CA THR D 345 -56.21 23.99 39.72
C THR D 345 -56.64 24.98 40.79
N VAL D 346 -57.16 26.12 40.35
CA VAL D 346 -57.75 27.11 41.24
C VAL D 346 -59.21 27.29 40.84
N GLU D 347 -60.10 27.19 41.82
CA GLU D 347 -61.53 27.38 41.61
C GLU D 347 -62.03 28.49 42.52
N THR D 348 -62.78 29.43 41.97
CA THR D 348 -63.39 30.51 42.74
C THR D 348 -64.90 30.39 42.64
N LEU D 349 -65.56 30.39 43.80
CA LEU D 349 -67.01 30.27 43.89
C LEU D 349 -67.56 31.56 44.48
N LEU D 350 -68.27 32.34 43.67
CA LEU D 350 -68.93 33.55 44.14
C LEU D 350 -70.33 33.18 44.60
N THR D 351 -70.55 33.19 45.92
CA THR D 351 -71.87 33.04 46.49
C THR D 351 -72.33 34.36 47.08
N THR D 352 -73.65 34.53 47.16
CA THR D 352 -74.24 35.78 47.63
C THR D 352 -75.16 35.61 48.83
N GLY D 353 -75.47 34.39 49.23
CA GLY D 353 -76.41 34.12 50.30
C GLY D 353 -75.72 33.89 51.63
N ALA D 354 -76.32 33.02 52.44
CA ALA D 354 -75.80 32.74 53.78
C ALA D 354 -74.43 32.08 53.69
N GLY D 355 -73.50 32.56 54.51
CA GLY D 355 -72.16 32.02 54.52
C GLY D 355 -71.34 32.34 53.29
N LYS D 356 -71.66 33.41 52.57
CA LYS D 356 -70.98 33.73 51.33
C LYS D 356 -69.48 33.87 51.56
N GLY D 357 -68.70 33.36 50.60
CA GLY D 357 -67.26 33.39 50.70
C GLY D 357 -66.64 32.20 51.40
N THR D 358 -67.46 31.34 52.02
CA THR D 358 -66.97 30.16 52.73
C THR D 358 -67.45 28.90 52.02
N ALA D 359 -67.03 27.74 52.55
CA ALA D 359 -67.39 26.48 51.93
C ALA D 359 -68.88 26.18 52.05
N THR D 360 -69.53 26.71 53.09
CA THR D 360 -70.97 26.53 53.28
C THR D 360 -71.78 27.67 52.68
N GLY D 361 -71.18 28.45 51.78
CA GLY D 361 -71.91 29.56 51.19
C GLY D 361 -73.03 29.05 50.29
N VAL D 362 -74.12 29.80 50.25
CA VAL D 362 -75.33 29.42 49.54
C VAL D 362 -75.58 30.43 48.42
N LEU D 363 -76.16 29.94 47.31
CA LEU D 363 -76.56 30.74 46.16
C LEU D 363 -75.34 31.11 45.32
N LEU D 364 -74.92 30.17 44.46
CA LEU D 364 -73.73 30.34 43.64
C LEU D 364 -74.11 30.99 42.31
N THR D 365 -73.56 32.16 42.04
CA THR D 365 -73.85 32.89 40.81
C THR D 365 -72.78 32.71 39.74
N GLN D 366 -71.51 32.66 40.11
CA GLN D 366 -70.41 32.53 39.16
C GLN D 366 -69.44 31.46 39.62
N TYR D 367 -69.03 30.60 38.69
CA TYR D 367 -68.00 29.60 38.93
C TYR D 367 -66.87 29.82 37.96
N ASN D 368 -65.63 29.82 38.47
CA ASN D 368 -64.44 29.98 37.65
C ASN D 368 -63.42 28.92 38.01
N ARG D 369 -62.77 28.36 36.99
CA ARG D 369 -61.70 27.39 37.18
C ARG D 369 -60.48 27.82 36.38
N TYR D 370 -59.30 27.65 36.99
CA TYR D 370 -58.02 27.92 36.35
C TYR D 370 -57.15 26.70 36.54
N THR D 371 -56.57 26.18 35.45
CA THR D 371 -55.83 24.93 35.51
C THR D 371 -54.59 25.02 34.64
N THR D 372 -53.44 24.66 35.23
CA THR D 372 -52.18 24.52 34.51
C THR D 372 -51.65 23.11 34.69
N TYR D 373 -50.66 22.76 33.87
CA TYR D 373 -49.98 21.48 33.97
C TYR D 373 -48.48 21.71 33.84
N THR D 374 -47.71 21.05 34.69
CA THR D 374 -46.25 21.16 34.68
C THR D 374 -45.65 19.77 34.63
N PRO D 375 -44.93 19.41 33.56
CA PRO D 375 -44.25 18.11 33.54
C PRO D 375 -43.29 18.00 34.72
N THR D 376 -43.25 16.82 35.32
CA THR D 376 -42.60 16.62 36.61
C THR D 376 -41.69 15.40 36.56
N LEU D 377 -40.48 15.56 37.11
CA LEU D 377 -39.56 14.44 37.24
C LEU D 377 -40.08 13.40 38.23
N ALA D 378 -39.88 12.13 37.90
CA ALA D 378 -40.18 11.06 38.83
C ALA D 378 -39.05 10.92 39.83
N SER D 379 -39.41 10.54 41.06
CA SER D 379 -38.42 10.39 42.12
C SER D 379 -37.57 9.15 41.88
N GLY D 380 -36.27 9.29 42.09
CA GLY D 380 -35.35 8.16 41.99
C GLY D 380 -35.28 7.52 40.63
N SER D 381 -35.39 8.31 39.57
CA SER D 381 -35.32 7.82 38.20
C SER D 381 -34.18 8.53 37.48
N SER D 382 -33.06 7.83 37.30
CA SER D 382 -31.87 8.40 36.69
C SER D 382 -31.47 7.61 35.46
N ILE D 383 -30.45 8.12 34.76
CA ILE D 383 -30.01 7.47 33.53
C ILE D 383 -29.28 6.17 33.84
N ASP D 384 -29.26 5.28 32.85
CA ASP D 384 -28.63 3.97 32.99
C ASP D 384 -27.12 4.14 32.83
N GLY D 385 -26.40 4.01 33.93
CA GLY D 385 -24.94 4.12 33.90
C GLY D 385 -24.24 2.99 33.17
N THR D 386 -24.96 1.93 32.81
CA THR D 386 -24.37 0.80 32.10
C THR D 386 -24.56 0.91 30.59
N GLN D 387 -25.04 2.05 30.09
CA GLN D 387 -25.23 2.23 28.66
C GLN D 387 -23.91 2.02 27.92
N ALA D 388 -23.91 1.07 26.99
CA ALA D 388 -22.68 0.65 26.33
C ALA D 388 -22.41 1.48 25.09
N VAL D 389 -21.14 1.79 24.86
CA VAL D 389 -20.68 2.30 23.57
C VAL D 389 -20.56 1.09 22.65
N GLN D 390 -21.57 0.88 21.81
CA GLN D 390 -21.65 -0.38 21.07
C GLN D 390 -20.58 -0.47 19.98
N ASN D 391 -20.13 0.66 19.44
CA ASN D 391 -19.14 0.63 18.37
C ASN D 391 -18.57 2.02 18.18
N ILE D 392 -17.30 2.08 17.81
CA ILE D 392 -16.65 3.32 17.41
C ILE D 392 -15.55 2.98 16.42
N GLU D 393 -15.54 3.68 15.28
CA GLU D 393 -14.60 3.39 14.20
C GLU D 393 -14.18 4.69 13.54
N LEU D 394 -12.88 4.78 13.23
CA LEU D 394 -12.32 5.91 12.51
C LEU D 394 -12.33 5.62 11.01
N TYR D 395 -12.91 6.52 10.23
CA TYR D 395 -12.91 6.42 8.78
C TYR D 395 -11.87 7.38 8.21
N ILE D 396 -10.97 6.87 7.39
CA ILE D 396 -9.90 7.65 6.78
C ILE D 396 -10.00 7.52 5.28
N ASN D 397 -10.17 8.64 4.59
CA ASN D 397 -10.14 8.63 3.13
C ASN D 397 -8.70 8.48 2.65
N ASN D 398 -8.45 7.47 1.83
CA ASN D 398 -7.12 7.17 1.32
C ASN D 398 -7.08 7.44 -0.17
N ILE D 399 -6.12 8.25 -0.60
CA ILE D 399 -6.00 8.69 -1.99
C ILE D 399 -4.79 8.00 -2.60
N PHE D 400 -4.98 7.47 -3.81
CA PHE D 400 -3.93 6.76 -4.53
C PHE D 400 -3.63 7.49 -5.85
N VAL D 401 -2.35 7.61 -6.17
CA VAL D 401 -1.90 8.21 -7.42
C VAL D 401 -0.95 7.22 -8.09
N THR D 402 -0.58 7.53 -9.33
CA THR D 402 0.35 6.68 -10.06
C THR D 402 1.70 6.69 -9.34
N PRO D 403 2.45 5.58 -9.41
CA PRO D 403 3.78 5.56 -8.79
C PRO D 403 4.72 6.61 -9.37
N GLU D 404 4.59 6.91 -10.66
CA GLU D 404 5.46 7.89 -11.29
C GLU D 404 5.23 9.29 -10.71
N ILE D 405 3.98 9.64 -10.43
CA ILE D 405 3.68 10.95 -9.88
C ILE D 405 4.03 11.02 -8.39
N HIS D 406 3.86 9.91 -7.67
CA HIS D 406 4.21 9.88 -6.25
C HIS D 406 5.68 10.23 -6.04
N ASP D 407 6.57 9.64 -6.84
CA ASP D 407 8.00 9.88 -6.67
C ASP D 407 8.35 11.33 -6.94
N ILE D 408 7.74 11.93 -7.96
CA ILE D 408 8.05 13.33 -8.29
C ILE D 408 7.54 14.26 -7.21
N TYR D 409 6.34 14.00 -6.68
CA TYR D 409 5.74 14.92 -5.72
C TYR D 409 6.53 14.97 -4.42
N ILE D 410 6.96 13.81 -3.90
CA ILE D 410 7.57 13.77 -2.59
C ILE D 410 8.91 14.49 -2.56
N LYS D 411 9.62 14.53 -3.69
CA LYS D 411 10.92 15.18 -3.76
C LYS D 411 10.87 16.60 -4.31
N ARG D 412 9.69 17.09 -4.70
CA ARG D 412 9.56 18.41 -5.30
C ARG D 412 8.77 19.40 -4.45
N ILE D 413 7.67 18.97 -3.83
CA ILE D 413 6.76 19.91 -3.18
C ILE D 413 7.47 20.68 -2.07
N GLY D 414 8.35 20.01 -1.33
CA GLY D 414 9.11 20.66 -0.29
C GLY D 414 8.40 20.71 1.05
N PHE D 415 7.32 21.49 1.14
CA PHE D 415 6.62 21.68 2.40
C PHE D 415 5.14 21.90 2.12
N THR D 416 4.36 21.93 3.20
CA THR D 416 2.93 22.19 3.10
C THR D 416 2.51 23.16 4.21
N LEU D 417 1.64 24.10 3.86
CA LEU D 417 1.09 25.04 4.82
C LEU D 417 -0.10 24.41 5.53
N ILE D 418 -0.14 24.54 6.86
CA ILE D 418 -1.19 23.92 7.66
C ILE D 418 -1.77 24.95 8.62
N ARG D 419 -2.95 24.61 9.16
CA ARG D 419 -3.62 25.40 10.18
C ARG D 419 -3.87 24.55 11.42
N VAL D 420 -3.72 25.16 12.59
CA VAL D 420 -3.84 24.46 13.86
C VAL D 420 -4.64 25.31 14.84
N TYR D 421 -5.21 24.65 15.84
CA TYR D 421 -5.99 25.31 16.88
C TYR D 421 -5.09 25.66 18.06
N ARG D 422 -5.18 26.91 18.53
CA ARG D 422 -4.52 27.34 19.75
C ARG D 422 -5.57 27.94 20.66
N GLU D 423 -5.76 27.33 21.83
CA GLU D 423 -6.97 27.48 22.62
C GLU D 423 -6.63 27.88 24.04
N GLN D 424 -7.39 28.85 24.57
CA GLN D 424 -7.24 29.28 25.96
C GLN D 424 -8.60 29.54 26.57
N VAL D 425 -8.80 29.06 27.79
CA VAL D 425 -10.02 29.31 28.56
C VAL D 425 -9.60 29.93 29.89
N GLN D 426 -10.05 31.16 30.13
CA GLN D 426 -9.69 31.92 31.32
C GLN D 426 -10.96 32.19 32.13
N ARG D 427 -11.08 31.52 33.28
CA ARG D 427 -12.19 31.77 34.18
C ARG D 427 -12.15 33.21 34.67
N GLU D 428 -13.30 33.90 34.59
CA GLU D 428 -13.37 35.33 34.85
C GLU D 428 -14.48 35.65 35.84
N VAL D 429 -14.21 36.60 36.72
CA VAL D 429 -15.21 37.13 37.65
C VAL D 429 -15.17 38.65 37.60
N ASN D 430 -14.46 39.21 36.63
CA ASN D 430 -14.31 40.64 36.49
C ASN D 430 -15.23 41.18 35.41
N ALA D 431 -15.85 42.34 35.69
CA ALA D 431 -16.68 42.99 34.69
C ALA D 431 -15.85 43.48 33.51
N ALA D 432 -14.56 43.74 33.73
CA ALA D 432 -13.65 44.13 32.67
C ALA D 432 -12.26 43.62 33.00
N ASP D 433 -11.59 43.02 32.02
CA ASP D 433 -10.26 42.49 32.25
C ASP D 433 -9.50 42.43 30.93
N GLN D 434 -8.18 42.43 31.05
CA GLN D 434 -7.27 42.36 29.90
C GLN D 434 -6.50 41.04 30.04
N VAL D 435 -6.77 40.10 29.14
CA VAL D 435 -6.32 38.72 29.29
C VAL D 435 -5.21 38.45 28.28
N LEU D 436 -4.02 38.17 28.79
CA LEU D 436 -2.92 37.74 27.95
C LEU D 436 -3.22 36.36 27.37
N GLN D 437 -3.15 36.24 26.04
CA GLN D 437 -3.38 34.97 25.36
C GLN D 437 -2.05 34.24 25.27
N SER D 438 -1.78 33.40 26.28
CA SER D 438 -0.47 32.78 26.40
C SER D 438 -0.21 31.71 25.35
N GLN D 439 -1.26 31.19 24.71
CA GLN D 439 -1.11 30.03 23.84
C GLN D 439 -0.65 30.38 22.42
N LEU D 440 -0.55 31.66 22.08
CA LEU D 440 -0.28 32.06 20.71
C LEU D 440 1.21 32.05 20.43
N LYS D 441 1.67 31.06 19.66
CA LYS D 441 3.07 30.96 19.27
C LYS D 441 3.32 31.29 17.81
N TRP D 442 2.30 31.19 16.96
CA TRP D 442 2.44 31.22 15.51
C TRP D 442 1.52 32.27 14.93
N PRO D 443 1.71 32.66 13.66
CA PRO D 443 0.84 33.67 13.06
C PRO D 443 -0.63 33.27 13.13
N VAL D 444 -1.47 34.22 13.50
CA VAL D 444 -2.89 33.97 13.71
C VAL D 444 -3.68 34.53 12.54
N GLU D 445 -4.51 33.68 11.92
CA GLU D 445 -5.42 34.13 10.88
C GLU D 445 -6.62 34.86 11.49
N PHE D 446 -7.22 34.27 12.51
CA PHE D 446 -8.38 34.84 13.18
C PHE D 446 -8.57 34.11 14.51
N ILE D 447 -9.53 34.58 15.29
CA ILE D 447 -9.75 34.09 16.66
C ILE D 447 -11.24 33.99 16.91
N TYR D 448 -11.72 32.79 17.21
CA TYR D 448 -13.07 32.63 17.75
C TYR D 448 -13.06 33.05 19.22
N LEU D 449 -13.99 33.94 19.58
CA LEU D 449 -14.00 34.53 20.91
C LEU D 449 -15.39 34.41 21.52
N GLY D 450 -15.42 34.12 22.83
CA GLY D 450 -16.68 34.05 23.55
C GLY D 450 -16.43 34.14 25.04
N LEU D 451 -17.50 34.48 25.77
CA LEU D 451 -17.48 34.58 27.23
C LEU D 451 -18.67 33.78 27.74
N ARG D 452 -18.45 32.49 27.95
CA ARG D 452 -19.56 31.60 28.32
C ARG D 452 -19.72 31.54 29.83
N PRO D 453 -20.92 31.79 30.36
CA PRO D 453 -21.12 31.71 31.81
C PRO D 453 -20.81 30.32 32.34
N ALA D 454 -20.27 30.27 33.55
CA ALA D 454 -19.92 28.99 34.17
C ALA D 454 -21.15 28.09 34.32
N ASN D 455 -22.30 28.68 34.61
CA ASN D 455 -23.49 27.90 34.89
C ASN D 455 -24.03 27.18 33.65
N ASN D 456 -23.60 27.59 32.45
CA ASN D 456 -24.05 26.93 31.23
C ASN D 456 -23.62 25.47 31.16
N ILE D 457 -22.57 25.09 31.89
CA ILE D 457 -22.08 23.73 31.91
C ILE D 457 -22.21 23.11 33.30
N ALA D 458 -23.11 23.65 34.13
CA ALA D 458 -23.25 23.23 35.51
C ALA D 458 -24.17 22.02 35.61
N ALA D 459 -23.79 21.07 36.48
CA ALA D 459 -24.67 19.93 36.75
C ALA D 459 -25.95 20.37 37.44
N GLY D 460 -25.91 21.50 38.15
CA GLY D 460 -27.10 22.06 38.76
C GLY D 460 -28.01 22.81 37.81
N ASN D 461 -27.55 23.07 36.59
CA ASN D 461 -28.36 23.75 35.59
C ASN D 461 -29.25 22.72 34.90
N THR D 462 -30.56 22.81 35.15
CA THR D 462 -31.47 21.83 34.59
C THR D 462 -31.57 21.93 33.06
N TYR D 463 -31.11 23.03 32.48
CA TYR D 463 -31.09 23.21 31.03
C TYR D 463 -29.69 23.07 30.45
N GLN D 464 -28.76 22.44 31.19
CA GLN D 464 -27.39 22.31 30.71
C GLN D 464 -27.33 21.58 29.38
N TRP D 465 -28.15 20.53 29.22
CA TRP D 465 -28.23 19.79 27.97
C TRP D 465 -28.39 20.70 26.76
N ARG D 466 -28.98 21.88 26.97
CA ARG D 466 -29.20 22.86 25.91
C ARG D 466 -28.22 24.03 25.97
N ASP D 467 -27.86 24.48 27.17
CA ASP D 467 -27.05 25.70 27.32
C ASP D 467 -25.56 25.47 27.12
N TRP D 468 -25.10 24.22 27.01
CA TRP D 468 -23.67 23.95 27.12
C TRP D 468 -22.86 24.60 26.00
N HIS D 469 -23.44 24.73 24.82
CA HIS D 469 -22.74 25.35 23.69
C HIS D 469 -23.07 26.82 23.51
N HIS D 470 -24.03 27.35 24.25
CA HIS D 470 -24.38 28.76 24.13
C HIS D 470 -23.32 29.64 24.77
N LEU D 471 -22.97 30.73 24.09
CA LEU D 471 -21.97 31.67 24.57
C LEU D 471 -22.61 32.91 25.21
N THR D 472 -23.87 32.81 25.65
CA THR D 472 -24.55 33.85 26.39
C THR D 472 -25.19 33.24 27.62
N SER D 473 -25.68 34.11 28.50
CA SER D 473 -26.54 33.68 29.59
C SER D 473 -27.96 33.53 29.06
N VAL D 474 -28.55 32.36 29.27
CA VAL D 474 -29.87 32.04 28.73
C VAL D 474 -30.85 31.93 29.88
N THR D 475 -31.96 32.66 29.78
CA THR D 475 -33.07 32.57 30.71
C THR D 475 -34.29 32.04 29.96
N ASN D 476 -35.18 31.38 30.69
CA ASN D 476 -36.29 30.65 30.11
C ASN D 476 -37.59 31.43 30.33
N GLU D 477 -38.20 31.90 29.25
CA GLU D 477 -39.46 32.61 29.32
C GLU D 477 -40.58 31.71 28.83
N PRO D 478 -41.59 31.42 29.64
CA PRO D 478 -42.70 30.58 29.19
C PRO D 478 -43.69 31.34 28.33
N VAL D 479 -44.23 30.65 27.34
CA VAL D 479 -45.34 31.14 26.52
C VAL D 479 -46.51 30.18 26.69
N TYR D 480 -47.68 30.71 27.04
CA TYR D 480 -48.83 29.90 27.36
C TYR D 480 -49.85 29.92 26.22
N ASP D 481 -50.28 28.73 25.80
CA ASP D 481 -51.47 28.57 24.99
C ASP D 481 -52.62 28.23 25.93
N VAL D 482 -53.61 29.11 26.01
CA VAL D 482 -54.68 29.02 27.00
C VAL D 482 -56.01 28.85 26.28
N SER D 483 -56.82 27.90 26.75
CA SER D 483 -58.16 27.65 26.22
C SER D 483 -59.18 28.28 27.16
N GLN D 484 -59.87 29.31 26.67
CA GLN D 484 -60.90 29.99 27.43
C GLN D 484 -62.27 29.43 27.08
N SER D 485 -63.11 29.23 28.08
CA SER D 485 -64.44 28.70 27.87
C SER D 485 -65.43 29.41 28.79
N TYR D 486 -66.65 29.61 28.29
CA TYR D 486 -67.74 30.16 29.06
C TYR D 486 -68.96 29.25 28.91
N ALA D 487 -69.81 29.25 29.93
CA ALA D 487 -71.03 28.46 29.91
C ALA D 487 -72.05 29.11 30.84
N ARG D 488 -73.28 29.25 30.35
CA ARG D 488 -74.36 29.84 31.13
C ARG D 488 -75.59 28.94 31.06
N VAL D 489 -76.25 28.77 32.20
CA VAL D 489 -77.35 27.82 32.34
C VAL D 489 -78.41 28.45 33.24
N SER D 490 -79.68 28.30 32.84
CA SER D 490 -80.80 28.68 33.67
C SER D 490 -81.27 27.48 34.47
N ILE D 491 -81.41 27.65 35.79
CA ILE D 491 -81.82 26.56 36.68
C ILE D 491 -83.28 26.65 37.07
N ASP D 492 -84.02 27.63 36.57
CA ASP D 492 -85.44 27.79 36.86
C ASP D 492 -86.17 28.06 35.55
N ASP D 493 -87.03 27.13 35.14
CA ASP D 493 -87.75 27.22 33.88
C ASP D 493 -88.98 28.12 33.97
N THR D 494 -89.23 28.78 35.10
CA THR D 494 -90.34 29.71 35.22
C THR D 494 -89.89 31.17 35.28
N VAL D 495 -88.59 31.42 35.37
CA VAL D 495 -88.06 32.77 35.52
C VAL D 495 -87.16 33.06 34.31
N ALA D 496 -87.38 34.22 33.69
CA ALA D 496 -86.58 34.61 32.55
C ALA D 496 -85.11 34.70 32.96
N PRO D 497 -84.19 34.13 32.18
CA PRO D 497 -82.77 34.16 32.58
C PRO D 497 -82.19 35.55 32.66
N VAL D 498 -82.48 36.41 31.68
CA VAL D 498 -81.85 37.73 31.60
C VAL D 498 -82.15 38.52 32.85
N GLY D 499 -81.09 38.91 33.57
CA GLY D 499 -81.24 39.71 34.76
C GLY D 499 -81.59 38.94 36.02
N SER D 500 -81.34 37.63 36.05
CA SER D 500 -81.69 36.80 37.18
C SER D 500 -80.47 36.05 37.69
N THR D 501 -80.49 35.75 38.99
CA THR D 501 -79.45 34.94 39.60
C THR D 501 -79.65 33.44 39.36
N THR D 502 -80.80 33.05 38.79
CA THR D 502 -80.95 31.69 38.29
C THR D 502 -80.17 31.47 37.01
N PHE D 503 -79.66 32.53 36.40
CA PHE D 503 -78.89 32.45 35.15
C PHE D 503 -77.42 32.33 35.53
N LYS D 504 -76.97 31.10 35.77
CA LYS D 504 -75.65 30.87 36.33
C LYS D 504 -74.55 31.14 35.32
N GLN D 505 -73.39 31.53 35.83
CA GLN D 505 -72.19 31.76 35.03
C GLN D 505 -71.13 30.73 35.39
N SER D 506 -70.48 30.18 34.37
CA SER D 506 -69.31 29.35 34.56
C SER D 506 -68.27 29.71 33.52
N ALA D 507 -67.00 29.59 33.92
CA ALA D 507 -65.90 29.94 33.03
C ALA D 507 -64.66 29.18 33.47
N SER D 508 -63.88 28.74 32.50
CA SER D 508 -62.63 28.02 32.78
C SER D 508 -61.58 28.43 31.77
N GLN D 509 -60.33 28.51 32.23
CA GLN D 509 -59.18 28.62 31.33
C GLN D 509 -58.18 27.55 31.73
N VAL D 510 -57.86 26.67 30.78
CA VAL D 510 -57.01 25.52 31.01
C VAL D 510 -55.77 25.64 30.12
N MET D 511 -54.62 25.24 30.64
CA MET D 511 -53.40 25.30 29.86
C MET D 511 -53.44 24.26 28.75
N GLN D 512 -53.38 24.73 27.51
CA GLN D 512 -53.39 23.81 26.37
C GLN D 512 -52.00 23.29 26.05
N ASN D 513 -50.99 24.15 26.18
CA ASN D 513 -49.59 23.80 25.94
C ASN D 513 -48.74 24.94 26.48
N GLN D 514 -47.44 24.68 26.57
CA GLN D 514 -46.49 25.69 27.04
C GLN D 514 -45.19 25.57 26.26
N TYR D 515 -44.71 26.70 25.75
CA TYR D 515 -43.41 26.79 25.11
C TYR D 515 -42.43 27.46 26.06
N ILE D 516 -41.15 27.13 25.89
CA ILE D 516 -40.06 27.76 26.63
C ILE D 516 -39.19 28.50 25.64
N VAL D 517 -39.15 29.82 25.76
CA VAL D 517 -38.37 30.68 24.86
C VAL D 517 -37.00 30.88 25.48
N PRO D 518 -35.91 30.53 24.79
CA PRO D 518 -34.57 30.84 25.31
C PRO D 518 -34.22 32.29 25.01
N VAL D 519 -34.04 33.08 26.07
CA VAL D 519 -33.73 34.50 25.95
C VAL D 519 -32.26 34.69 26.24
N GLU D 520 -31.51 35.11 25.22
CA GLU D 520 -30.07 35.29 25.36
C GLU D 520 -29.75 36.66 25.95
N THR D 521 -28.84 36.68 26.91
CA THR D 521 -28.35 37.92 27.53
C THR D 521 -26.84 37.97 27.30
N GLU D 522 -26.41 38.90 26.45
CA GLU D 522 -25.01 38.95 26.03
C GLU D 522 -24.09 39.19 27.22
N THR D 523 -22.95 38.50 27.21
CA THR D 523 -21.94 38.63 28.26
C THR D 523 -20.81 39.57 27.87
N LEU D 524 -20.70 39.97 26.60
CA LEU D 524 -19.67 40.86 26.13
C LEU D 524 -20.30 42.13 25.55
N ASP D 525 -19.87 43.27 26.06
CA ASP D 525 -20.31 44.57 25.55
C ASP D 525 -19.34 45.12 24.51
N THR D 526 -18.07 45.29 24.90
CA THR D 526 -17.02 45.72 23.99
C THR D 526 -15.87 44.73 24.06
N VAL D 527 -15.09 44.68 22.98
CA VAL D 527 -13.88 43.87 22.92
C VAL D 527 -12.77 44.70 22.29
N ARG D 528 -11.58 44.60 22.87
CA ARG D 528 -10.39 45.28 22.37
C ARG D 528 -9.27 44.27 22.21
N VAL D 529 -8.39 44.52 21.24
CA VAL D 529 -7.31 43.60 20.92
C VAL D 529 -6.01 44.41 20.82
N LYS D 530 -5.08 44.17 21.74
CA LYS D 530 -3.77 44.81 21.73
C LYS D 530 -2.69 43.75 21.64
N ALA D 531 -1.69 44.01 20.80
CA ALA D 531 -0.61 43.07 20.56
C ALA D 531 0.71 43.85 20.48
N HIS D 532 1.59 43.59 21.45
CA HIS D 532 2.91 44.23 21.52
C HIS D 532 2.76 45.76 21.53
N GLY D 533 2.03 46.25 22.54
CA GLY D 533 1.81 47.68 22.68
C GLY D 533 1.13 48.34 21.51
N ILE D 534 0.42 47.57 20.69
CA ILE D 534 -0.19 48.07 19.46
C ILE D 534 -1.64 47.61 19.40
N GLU D 535 -2.52 48.52 19.00
CA GLU D 535 -3.94 48.26 18.88
C GLU D 535 -4.23 47.66 17.51
N LEU D 536 -4.74 46.42 17.48
CA LEU D 536 -5.20 45.81 16.24
C LEU D 536 -6.69 46.02 16.01
N TYR D 537 -7.49 46.02 17.08
CA TYR D 537 -8.88 46.45 17.04
C TYR D 537 -9.09 47.41 18.20
N ALA D 538 -9.62 48.59 17.90
CA ALA D 538 -10.01 49.51 18.96
C ALA D 538 -11.17 48.92 19.76
N GLN D 539 -11.53 49.60 20.84
CA GLN D 539 -12.64 49.14 21.68
C GLN D 539 -13.95 49.36 20.93
N TYR D 540 -14.48 48.29 20.33
CA TYR D 540 -15.70 48.33 19.56
C TYR D 540 -16.76 47.46 20.22
N ARG D 541 -18.03 47.79 19.93
CA ARG D 541 -19.14 47.00 20.45
C ARG D 541 -19.07 45.57 19.91
N ALA D 542 -19.60 44.63 20.69
CA ALA D 542 -19.46 43.22 20.36
C ALA D 542 -20.17 42.86 19.07
N GLN D 543 -21.27 43.56 18.75
CA GLN D 543 -21.99 43.28 17.51
C GLN D 543 -21.15 43.55 16.27
N PHE D 544 -20.06 44.31 16.41
CA PHE D 544 -19.14 44.50 15.29
C PHE D 544 -18.36 43.22 15.01
N TYR D 545 -17.97 42.49 16.05
CA TYR D 545 -17.24 41.24 15.89
C TYR D 545 -18.17 40.04 15.68
N ARG D 546 -19.46 40.16 16.02
CA ARG D 546 -20.42 39.08 15.83
C ARG D 546 -21.19 39.21 14.53
N ASP D 547 -21.68 40.41 14.21
CA ASP D 547 -22.56 40.61 13.07
C ASP D 547 -21.82 41.10 11.83
N TYR D 548 -21.05 42.18 11.95
CA TYR D 548 -20.52 42.83 10.74
C TYR D 548 -19.36 42.05 10.14
N ILE D 549 -18.34 41.73 10.94
CA ILE D 549 -17.16 41.05 10.40
C ILE D 549 -17.50 39.72 9.76
N PRO D 550 -18.30 38.84 10.37
CA PRO D 550 -18.72 37.62 9.65
C PRO D 550 -19.61 37.91 8.45
N TRP D 551 -20.33 39.03 8.43
CA TRP D 551 -21.16 39.35 7.28
C TRP D 551 -20.31 39.81 6.10
N ASN D 552 -19.27 40.60 6.37
CA ASN D 552 -18.48 41.19 5.30
C ASN D 552 -17.49 40.19 4.72
N TYR D 553 -16.79 39.45 5.57
CA TYR D 553 -15.69 38.60 5.15
C TYR D 553 -16.15 37.15 4.97
N GLY D 554 -15.35 36.40 4.20
CA GLY D 554 -15.41 34.95 4.20
C GLY D 554 -16.33 34.32 3.18
N SER D 555 -17.30 35.07 2.64
CA SER D 555 -18.28 34.53 1.70
C SER D 555 -18.99 33.31 2.31
N PHE D 556 -19.21 32.27 1.50
CA PHE D 556 -19.89 31.08 2.00
C PHE D 556 -19.07 30.26 2.98
N ASN D 557 -17.84 30.69 3.29
CA ASN D 557 -17.02 30.00 4.27
C ASN D 557 -17.24 30.50 5.69
N LEU D 558 -17.84 31.69 5.86
CA LEU D 558 -18.06 32.28 7.17
C LEU D 558 -19.55 32.59 7.31
N VAL D 559 -20.19 31.95 8.28
CA VAL D 559 -21.62 32.10 8.53
C VAL D 559 -21.81 33.06 9.68
N THR D 560 -22.66 34.07 9.48
CA THR D 560 -23.03 34.96 10.56
C THR D 560 -23.69 34.15 11.67
N PRO D 561 -23.10 34.08 12.87
CA PRO D 561 -23.56 33.11 13.86
C PRO D 561 -24.93 33.46 14.43
N GLN D 562 -25.68 32.40 14.75
CA GLN D 562 -26.97 32.58 15.42
C GLN D 562 -26.77 32.92 16.89
N ASP D 563 -25.75 32.33 17.51
CA ASP D 563 -25.42 32.61 18.90
C ASP D 563 -25.06 34.08 19.06
N LYS D 564 -25.77 34.77 19.96
CA LYS D 564 -25.54 36.18 20.19
C LYS D 564 -24.19 36.47 20.85
N GLY D 565 -23.49 35.47 21.36
CA GLY D 565 -22.25 35.71 22.06
C GLY D 565 -21.00 35.27 21.32
N ALA D 566 -21.17 34.78 20.10
CA ALA D 566 -20.03 34.28 19.31
C ALA D 566 -19.44 35.43 18.51
N LEU D 567 -18.18 35.76 18.81
CA LEU D 567 -17.48 36.86 18.16
C LEU D 567 -16.34 36.32 17.30
N PHE D 568 -16.08 37.00 16.18
CA PHE D 568 -15.08 36.60 15.20
C PHE D 568 -14.08 37.74 15.04
N LEU D 569 -12.87 37.55 15.55
CA LEU D 569 -11.79 38.53 15.40
C LEU D 569 -10.97 38.16 14.17
N ASN D 570 -11.11 38.94 13.11
CA ASN D 570 -10.48 38.64 11.83
C ASN D 570 -9.17 39.41 11.68
N PHE D 571 -8.16 38.71 11.12
CA PHE D 571 -6.88 39.33 10.80
C PHE D 571 -6.42 39.00 9.39
N CYS D 572 -7.27 38.38 8.58
CA CYS D 572 -6.98 38.08 7.18
C CYS D 572 -8.13 38.57 6.33
N LEU D 573 -7.89 38.63 5.02
CA LEU D 573 -8.89 39.14 4.08
C LEU D 573 -9.89 38.08 3.66
N TYR D 574 -9.47 36.81 3.54
CA TYR D 574 -10.33 35.74 3.04
C TYR D 574 -10.28 34.57 4.01
N PRO D 575 -11.04 34.63 5.11
CA PRO D 575 -11.06 33.52 6.06
C PRO D 575 -11.63 32.25 5.42
N GLY D 576 -11.03 31.12 5.76
CA GLY D 576 -11.43 29.84 5.20
C GLY D 576 -10.74 29.47 3.90
N THR D 577 -9.94 30.36 3.34
CA THR D 577 -9.20 30.10 2.11
C THR D 577 -7.80 29.57 2.45
N TYR D 578 -7.30 28.68 1.61
CA TYR D 578 -5.95 28.14 1.82
C TYR D 578 -4.90 29.21 1.55
N GLN D 579 -5.03 29.93 0.45
CA GLN D 579 -4.07 30.98 0.11
C GLN D 579 -3.99 31.99 1.23
N PRO D 580 -2.80 32.29 1.75
CA PRO D 580 -2.69 33.27 2.85
C PRO D 580 -3.16 34.64 2.40
N SER D 581 -3.76 35.37 3.34
CA SER D 581 -4.32 36.69 3.03
C SER D 581 -4.15 37.66 4.20
N GLY D 582 -3.11 37.47 5.01
CA GLY D 582 -2.89 38.34 6.15
C GLY D 582 -2.92 37.60 7.47
N HIS D 583 -2.17 38.09 8.45
CA HIS D 583 -2.04 37.41 9.73
C HIS D 583 -1.45 38.38 10.74
N VAL D 584 -1.44 37.96 12.00
CA VAL D 584 -0.77 38.71 13.06
C VAL D 584 0.63 38.14 13.21
N ASN D 585 1.64 39.01 13.05
CA ASN D 585 3.02 38.58 13.13
C ASN D 585 3.34 38.02 14.51
N ILE D 586 4.33 37.11 14.55
CA ILE D 586 4.61 36.36 15.78
C ILE D 586 5.09 37.30 16.89
N SER D 587 5.88 38.32 16.53
CA SER D 587 6.38 39.26 17.52
C SER D 587 5.24 39.86 18.35
N ARG D 588 4.19 40.30 17.68
CA ARG D 588 3.01 40.81 18.39
C ARG D 588 2.22 39.69 19.03
N ALA D 589 2.17 38.52 18.40
CA ALA D 589 1.41 37.40 18.95
C ALA D 589 1.93 36.96 20.30
N ARG D 590 3.21 37.21 20.58
CA ARG D 590 3.81 36.78 21.84
C ARG D 590 3.44 37.69 23.01
N GLU D 591 2.92 38.89 22.74
CA GLU D 591 2.38 39.78 23.79
C GLU D 591 1.01 40.26 23.32
N PHE D 592 0.03 39.36 23.38
CA PHE D 592 -1.28 39.53 22.75
C PHE D 592 -2.34 39.61 23.84
N TYR D 593 -3.11 40.70 23.86
CA TYR D 593 -4.13 40.92 24.86
C TYR D 593 -5.50 41.06 24.21
N ILE D 594 -6.51 40.44 24.82
CA ILE D 594 -7.91 40.64 24.47
C ILE D 594 -8.58 41.32 25.64
N GLU D 595 -9.07 42.54 25.42
CA GLU D 595 -9.66 43.37 26.46
C GLU D 595 -11.16 43.47 26.24
N TYR D 596 -11.94 43.07 27.24
CA TYR D 596 -13.39 43.05 27.13
C TYR D 596 -14.02 43.89 28.23
N THR D 597 -15.25 44.33 27.97
CA THR D 597 -16.14 44.87 28.98
C THR D 597 -17.40 44.03 29.04
N SER D 598 -17.96 43.88 30.23
CA SER D 598 -19.07 42.96 30.43
C SER D 598 -20.14 43.59 31.32
N SER D 599 -21.40 43.33 30.98
CA SER D 599 -22.53 43.70 31.83
C SER D 599 -23.01 42.55 32.70
N PHE D 600 -22.48 41.34 32.49
CA PHE D 600 -22.96 40.14 33.15
C PHE D 600 -21.94 39.54 34.12
N CYS D 601 -20.68 39.43 33.70
CA CYS D 601 -19.68 38.69 34.47
C CYS D 601 -19.34 39.42 35.76
N ASP D 602 -19.57 38.76 36.89
CA ASP D 602 -19.12 39.22 38.18
C ASP D 602 -18.83 38.00 39.05
N SER D 603 -18.65 38.23 40.36
CA SER D 603 -18.28 37.14 41.25
C SER D 603 -19.39 36.10 41.38
N SER D 604 -20.65 36.54 41.29
CA SER D 604 -21.78 35.63 41.34
C SER D 604 -22.13 35.02 39.98
N ASN D 605 -21.57 35.56 38.91
CA ASN D 605 -21.77 35.03 37.55
C ASN D 605 -20.42 34.78 36.90
N PRO D 606 -19.73 33.71 37.31
CA PRO D 606 -18.45 33.39 36.68
C PRO D 606 -18.64 33.01 35.23
N CYS D 607 -17.71 33.48 34.40
CA CYS D 607 -17.72 33.18 32.97
C CYS D 607 -16.32 32.77 32.54
N ASP D 608 -16.25 32.10 31.39
CA ASP D 608 -15.00 31.64 30.82
C ASP D 608 -14.75 32.37 29.51
N LEU D 609 -13.66 33.12 29.45
CA LEU D 609 -13.26 33.81 28.23
C LEU D 609 -12.61 32.79 27.32
N ILE D 610 -13.37 32.31 26.33
CA ILE D 610 -12.94 31.27 25.43
C ILE D 610 -12.38 31.91 24.17
N SER D 611 -11.09 31.71 23.92
CA SER D 611 -10.43 32.22 22.72
C SER D 611 -9.74 31.05 22.03
N ILE D 612 -10.17 30.75 20.81
CA ILE D 612 -9.60 29.69 19.99
C ILE D 612 -9.05 30.34 18.74
N ALA D 613 -7.72 30.40 18.63
CA ALA D 613 -7.08 31.02 17.48
C ALA D 613 -6.74 30.00 16.42
N LYS D 614 -6.95 30.38 15.16
CA LYS D 614 -6.54 29.57 14.02
C LYS D 614 -5.21 30.10 13.53
N CYS D 615 -4.16 29.29 13.65
CA CYS D 615 -2.80 29.70 13.36
C CYS D 615 -2.28 29.05 12.10
N ILE D 616 -1.25 29.66 11.53
CA ILE D 616 -0.55 29.12 10.37
C ILE D 616 0.76 28.51 10.82
N ASN D 617 1.03 27.28 10.39
CA ASN D 617 2.31 26.64 10.61
C ASN D 617 2.71 25.95 9.32
N PHE D 618 3.74 25.10 9.39
CA PHE D 618 4.26 24.44 8.21
C PHE D 618 4.56 22.98 8.53
N LEU D 619 4.74 22.20 7.47
CA LEU D 619 5.01 20.78 7.60
C LEU D 619 5.90 20.35 6.45
N LEU D 620 7.02 19.72 6.77
CA LEU D 620 8.00 19.36 5.76
C LEU D 620 7.78 17.93 5.28
N ILE D 621 7.98 17.72 3.98
CA ILE D 621 7.70 16.43 3.35
C ILE D 621 9.00 15.80 2.85
N LYS E 7 1.81 50.74 11.51
CA LYS E 7 3.06 50.07 11.18
C LYS E 7 2.88 48.67 10.59
N LEU E 8 3.17 48.54 9.32
CA LEU E 8 3.04 47.28 8.67
C LEU E 8 4.35 46.59 8.82
N ILE E 9 4.30 45.30 9.01
CA ILE E 9 5.50 44.54 9.19
C ILE E 9 5.51 43.51 8.10
N ALA E 10 6.58 43.49 7.32
CA ALA E 10 6.74 42.58 6.20
C ALA E 10 7.84 41.55 6.43
N ASN E 11 8.61 41.70 7.51
CA ASN E 11 9.81 40.92 7.72
C ASN E 11 9.93 40.52 9.18
N ASP E 12 8.93 39.83 9.72
CA ASP E 12 8.94 39.41 11.12
C ASP E 12 9.13 37.90 11.18
N GLY E 13 10.38 37.46 11.10
CA GLY E 13 10.72 36.09 11.43
C GLY E 13 10.76 35.17 10.24
N LYS E 14 10.83 33.88 10.54
CA LYS E 14 10.83 32.86 9.49
C LYS E 14 9.46 32.71 8.86
N ALA E 15 8.39 32.76 9.67
CA ALA E 15 7.04 32.57 9.13
C ALA E 15 6.70 33.65 8.12
N ASP E 16 7.02 34.90 8.42
CA ASP E 16 6.77 35.98 7.47
C ASP E 16 7.67 35.86 6.25
N ARG E 17 8.84 35.24 6.41
CA ARG E 17 9.71 34.99 5.26
C ARG E 17 9.03 34.08 4.24
N MET E 18 8.23 33.13 4.71
CA MET E 18 7.61 32.15 3.85
C MET E 18 6.23 32.56 3.34
N ILE E 19 5.54 33.46 4.04
CA ILE E 19 4.17 33.84 3.69
C ILE E 19 4.14 35.09 2.82
N MET E 20 5.05 36.03 3.06
CA MET E 20 5.10 37.26 2.28
C MET E 20 6.38 37.42 1.48
N ALA E 21 7.50 36.87 1.94
CA ALA E 21 8.76 36.87 1.19
C ALA E 21 9.17 38.29 0.78
N ASN E 22 9.05 39.23 1.72
CA ASN E 22 9.32 40.62 1.38
C ASN E 22 10.78 40.87 1.07
N ASP E 23 11.69 40.14 1.73
CA ASP E 23 13.10 40.24 1.38
C ASP E 23 13.35 39.85 -0.06
N LEU E 24 12.61 38.85 -0.55
CA LEU E 24 12.74 38.43 -1.96
C LEU E 24 12.07 39.43 -2.90
N LEU E 25 10.88 39.93 -2.52
CA LEU E 25 10.15 40.84 -3.39
C LEU E 25 10.93 42.13 -3.64
N ASN E 26 11.50 42.71 -2.59
CA ASN E 26 12.28 43.93 -2.76
C ASN E 26 13.52 43.68 -3.61
N ASP E 27 14.14 42.51 -3.47
CA ASP E 27 15.34 42.21 -4.24
C ASP E 27 15.02 42.04 -5.72
N ARG E 28 13.86 41.47 -6.05
CA ARG E 28 13.45 41.40 -7.45
C ARG E 28 13.26 42.80 -8.02
N ILE E 29 12.64 43.69 -7.25
CA ILE E 29 12.41 45.06 -7.73
C ILE E 29 13.73 45.77 -7.98
N LYS E 30 14.66 45.68 -7.04
CA LYS E 30 15.99 46.27 -7.23
C LYS E 30 16.69 45.65 -8.42
N SER E 31 16.53 44.34 -8.62
CA SER E 31 17.15 43.68 -9.77
C SER E 31 16.46 44.05 -11.07
N ILE E 32 15.12 44.14 -11.05
CA ILE E 32 14.38 44.48 -12.28
C ILE E 32 14.75 45.89 -12.73
N MET E 33 14.62 46.87 -11.84
CA MET E 33 14.90 48.26 -12.20
C MET E 33 16.32 48.42 -12.74
N CYS E 34 17.28 47.68 -12.18
CA CYS E 34 18.66 47.84 -12.60
C CYS E 34 18.91 47.30 -14.00
N LEU E 35 18.19 46.24 -14.39
CA LEU E 35 18.35 45.70 -15.74
C LEU E 35 17.74 46.63 -16.78
N ARG E 36 16.52 47.10 -16.53
CA ARG E 36 15.83 47.92 -17.53
C ARG E 36 16.58 49.22 -17.80
N ALA E 37 17.15 49.83 -16.76
CA ALA E 37 17.99 51.00 -16.97
C ALA E 37 19.26 50.64 -17.74
N LYS E 38 19.90 49.52 -17.37
CA LYS E 38 21.12 49.10 -18.06
C LYS E 38 20.84 48.66 -19.49
N GLN E 39 19.61 48.25 -19.79
CA GLN E 39 19.26 47.76 -21.13
C GLN E 39 18.63 48.83 -22.01
N GLY E 40 18.53 50.07 -21.52
CA GLY E 40 18.10 51.18 -22.34
C GLY E 40 16.64 51.56 -22.27
N PHE E 41 15.90 51.05 -21.29
CA PHE E 41 14.51 51.45 -21.11
C PHE E 41 14.44 52.82 -20.45
N SER E 42 13.42 53.59 -20.83
CA SER E 42 13.29 54.95 -20.31
C SER E 42 12.83 54.95 -18.86
N ASP E 43 11.89 54.08 -18.52
CA ASP E 43 11.31 54.04 -17.17
C ASP E 43 11.63 52.71 -16.51
N PRO E 44 12.48 52.68 -15.47
CA PRO E 44 12.94 51.40 -14.90
C PRO E 44 11.94 50.70 -13.98
N THR E 45 10.82 51.33 -13.64
CA THR E 45 9.91 50.72 -12.69
C THR E 45 9.32 49.43 -13.27
N PRO E 46 9.22 48.37 -12.47
CA PRO E 46 8.75 47.09 -13.02
C PRO E 46 7.29 47.15 -13.46
N THR E 47 6.94 46.20 -14.32
CA THR E 47 5.54 46.01 -14.69
C THR E 47 4.86 45.12 -13.65
N LEU E 48 3.53 45.28 -13.55
CA LEU E 48 2.79 44.47 -12.57
C LEU E 48 2.86 42.99 -12.92
N VAL E 49 3.06 42.65 -14.19
CA VAL E 49 3.27 41.25 -14.56
C VAL E 49 4.57 40.74 -13.98
N ASP E 50 5.61 41.58 -13.95
CA ASP E 50 6.90 41.17 -13.38
C ASP E 50 6.74 40.73 -11.93
N ILE E 51 6.08 41.56 -11.12
CA ILE E 51 5.90 41.23 -9.70
C ILE E 51 5.11 39.94 -9.55
N GLU E 52 4.06 39.77 -10.35
CA GLU E 52 3.13 38.66 -10.16
C GLU E 52 3.67 37.32 -10.63
N ARG E 53 4.89 37.28 -11.18
CA ARG E 53 5.52 36.00 -11.43
C ARG E 53 5.98 35.32 -10.15
N THR E 54 6.00 36.03 -9.03
CA THR E 54 6.34 35.48 -7.72
C THR E 54 5.30 35.78 -6.66
N HIS E 55 4.75 36.99 -6.63
CA HIS E 55 3.85 37.42 -5.57
C HIS E 55 2.46 37.71 -6.11
N ILE E 56 1.47 37.54 -5.24
CA ILE E 56 0.08 37.84 -5.57
C ILE E 56 -0.29 39.18 -4.92
N LEU E 57 -0.98 40.03 -5.68
CA LEU E 57 -1.33 41.38 -5.23
C LEU E 57 -2.78 41.35 -4.74
N LEU E 58 -2.95 41.40 -3.42
CA LEU E 58 -4.30 41.34 -2.84
C LEU E 58 -5.12 42.57 -3.18
N ILE E 59 -4.49 43.70 -3.47
CA ILE E 59 -5.17 44.87 -4.01
C ILE E 59 -4.84 44.93 -5.49
N ASN E 60 -5.82 44.60 -6.34
CA ASN E 60 -5.57 44.47 -7.77
C ASN E 60 -6.88 44.66 -8.51
N SER E 61 -6.94 45.65 -9.40
CA SER E 61 -8.14 45.97 -10.16
C SER E 61 -8.02 45.56 -11.63
N HIS E 62 -7.20 44.54 -11.91
CA HIS E 62 -6.98 44.09 -13.27
C HIS E 62 -8.05 43.09 -13.68
N TYR E 63 -8.45 43.17 -14.95
CA TYR E 63 -9.37 42.22 -15.55
C TYR E 63 -8.96 42.00 -16.99
N LYS E 64 -9.58 41.01 -17.63
CA LYS E 64 -9.28 40.78 -19.03
C LYS E 64 -10.49 41.12 -19.89
N PRO E 65 -10.28 41.78 -21.03
CA PRO E 65 -11.41 42.05 -21.93
C PRO E 65 -11.94 40.76 -22.52
N PHE E 66 -13.26 40.71 -22.72
CA PHE E 66 -13.85 39.52 -23.30
C PHE E 66 -14.20 39.76 -24.76
N ALA E 67 -14.08 38.69 -25.55
CA ALA E 67 -14.54 38.73 -26.94
C ALA E 67 -16.00 39.15 -26.97
N ALA E 68 -16.29 40.17 -27.78
CA ALA E 68 -17.61 40.78 -27.81
C ALA E 68 -18.71 39.73 -27.97
N MET E 69 -19.69 39.77 -27.06
CA MET E 69 -20.79 38.83 -27.10
C MET E 69 -22.02 39.46 -26.48
N GLY E 70 -23.18 39.00 -26.91
CA GLY E 70 -24.45 39.40 -26.33
C GLY E 70 -25.45 38.28 -26.51
N TYR E 71 -26.38 38.18 -25.57
CA TYR E 71 -27.32 37.07 -25.56
C TYR E 71 -28.75 37.59 -25.51
N GLU E 72 -29.68 36.71 -25.88
CA GLU E 72 -31.10 37.03 -25.92
C GLU E 72 -31.91 35.75 -25.85
N TYR E 73 -33.03 35.81 -25.13
CA TYR E 73 -33.95 34.69 -25.06
C TYR E 73 -34.98 34.78 -26.17
N GLN E 74 -35.39 33.61 -26.68
CA GLN E 74 -36.43 33.50 -27.70
C GLN E 74 -37.29 32.29 -27.37
N LYS E 75 -38.61 32.48 -27.37
CA LYS E 75 -39.53 31.41 -27.02
C LYS E 75 -40.17 30.83 -28.28
N THR E 76 -40.37 29.51 -28.27
CA THR E 76 -40.83 28.78 -29.43
C THR E 76 -41.94 27.82 -29.03
N ARG E 77 -42.85 27.54 -29.99
CA ARG E 77 -43.95 26.61 -29.78
C ARG E 77 -43.65 25.25 -30.39
N PRO E 78 -44.27 24.19 -29.89
CA PRO E 78 -43.92 22.85 -30.36
C PRO E 78 -44.35 22.60 -31.80
N ASN E 79 -43.58 21.75 -32.48
CA ASN E 79 -44.01 21.18 -33.75
C ASN E 79 -45.04 20.09 -33.56
N THR E 80 -45.46 19.83 -32.31
CA THR E 80 -46.35 18.73 -31.99
C THR E 80 -47.82 19.13 -32.06
N GLY E 81 -48.13 20.42 -32.02
CA GLY E 81 -49.50 20.87 -32.17
C GLY E 81 -50.15 21.28 -30.86
N ASN E 82 -51.42 20.96 -30.70
CA ASN E 82 -52.16 21.38 -29.52
C ASN E 82 -51.79 20.50 -28.33
N PRO E 83 -51.24 21.06 -27.26
CA PRO E 83 -50.70 20.23 -26.17
C PRO E 83 -51.79 19.71 -25.25
N THR E 84 -51.58 18.49 -24.76
CA THR E 84 -52.47 17.86 -23.80
C THR E 84 -51.64 17.10 -22.78
N TYR E 85 -52.31 16.63 -21.73
CA TYR E 85 -51.72 15.64 -20.84
C TYR E 85 -51.48 14.34 -21.60
N ASN E 86 -50.54 13.54 -21.10
CA ASN E 86 -50.32 12.17 -21.58
C ASN E 86 -50.02 12.14 -23.07
N SER E 87 -49.00 12.90 -23.47
CA SER E 87 -48.62 12.96 -24.87
C SER E 87 -47.14 13.32 -24.97
N THR E 88 -46.61 13.19 -26.19
CA THR E 88 -45.24 13.57 -26.49
C THR E 88 -45.25 14.94 -27.19
N ILE E 89 -44.45 15.86 -26.69
CA ILE E 89 -44.38 17.23 -27.20
C ILE E 89 -42.97 17.48 -27.69
N GLN E 90 -42.85 18.04 -28.91
CA GLN E 90 -41.58 18.18 -29.58
C GLN E 90 -41.37 19.62 -30.03
N PHE E 91 -40.23 20.19 -29.64
CA PHE E 91 -39.82 21.52 -30.08
C PHE E 91 -38.59 21.40 -30.97
N SER E 92 -38.58 22.17 -32.05
CA SER E 92 -37.36 22.37 -32.82
C SER E 92 -36.61 23.57 -32.28
N ILE E 93 -35.28 23.48 -32.26
CA ILE E 93 -34.43 24.56 -31.78
C ILE E 93 -34.15 25.49 -32.97
N PRO E 94 -34.68 26.71 -32.99
CA PRO E 94 -34.57 27.55 -34.18
C PRO E 94 -33.13 27.93 -34.48
N GLN E 95 -32.92 28.38 -35.72
CA GLN E 95 -31.61 28.83 -36.18
C GLN E 95 -31.53 30.32 -35.93
N PHE E 96 -31.05 30.69 -34.74
CA PHE E 96 -31.02 32.08 -34.32
C PHE E 96 -29.62 32.50 -33.91
N GLY E 97 -29.19 32.11 -32.71
CA GLY E 97 -27.89 32.47 -32.21
C GLY E 97 -26.78 31.59 -32.74
N ASP E 98 -25.55 32.03 -32.51
CA ASP E 98 -24.40 31.22 -32.86
C ASP E 98 -24.25 30.03 -31.91
N PHE E 99 -24.68 30.19 -30.68
CA PHE E 99 -24.67 29.12 -29.72
C PHE E 99 -25.96 29.20 -28.97
N PHE E 100 -26.42 28.09 -28.42
CA PHE E 100 -27.62 28.12 -27.60
C PHE E 100 -27.30 27.55 -26.23
N SER E 101 -27.81 28.20 -25.21
CA SER E 101 -27.53 27.84 -23.84
C SER E 101 -28.68 27.31 -22.98
N ASP E 102 -29.06 28.03 -21.92
CA ASP E 102 -30.10 27.58 -21.02
C ASP E 102 -31.45 27.42 -21.67
N MET E 103 -32.21 26.46 -21.19
CA MET E 103 -33.54 26.19 -21.70
C MET E 103 -34.57 26.04 -20.58
N VAL E 104 -35.76 26.56 -20.79
CA VAL E 104 -36.80 26.49 -19.77
C VAL E 104 -38.16 26.48 -20.47
N VAL E 105 -39.07 25.67 -19.95
CA VAL E 105 -40.37 25.45 -20.57
C VAL E 105 -41.45 26.10 -19.70
N HIS E 106 -42.16 27.06 -20.26
CA HIS E 106 -43.36 27.59 -19.62
C HIS E 106 -44.53 26.67 -19.91
N VAL E 107 -45.10 26.08 -18.86
CA VAL E 107 -46.31 25.28 -18.97
C VAL E 107 -47.43 26.02 -18.26
N GLN E 108 -48.58 26.11 -18.92
CA GLN E 108 -49.74 26.85 -18.42
C GLN E 108 -50.93 25.91 -18.36
N LEU E 109 -51.34 25.55 -17.14
CA LEU E 109 -52.44 24.64 -16.92
C LEU E 109 -53.68 25.43 -16.50
N ALA E 110 -54.81 25.11 -17.12
CA ALA E 110 -56.02 25.91 -16.92
C ALA E 110 -56.49 25.85 -15.47
N ALA E 111 -57.17 26.91 -15.06
CA ALA E 111 -57.87 26.89 -13.77
C ALA E 111 -58.87 25.74 -13.77
N THR E 112 -59.05 25.11 -12.62
CA THR E 112 -59.82 23.87 -12.58
C THR E 112 -60.52 23.73 -11.24
N SER E 113 -61.61 22.96 -11.26
CA SER E 113 -62.39 22.66 -10.06
C SER E 113 -62.85 21.21 -10.15
N ALA E 114 -63.41 20.72 -9.07
CA ALA E 114 -63.96 19.37 -9.05
C ALA E 114 -65.41 19.37 -9.51
N SER E 115 -65.86 18.20 -9.96
CA SER E 115 -67.26 18.04 -10.36
C SER E 115 -68.15 17.96 -9.12
N ALA E 116 -69.43 18.27 -9.32
CA ALA E 116 -70.37 18.25 -8.22
C ALA E 116 -70.62 16.82 -7.74
N GLY E 117 -70.72 16.66 -6.43
CA GLY E 117 -70.94 15.36 -5.81
C GLY E 117 -72.05 15.42 -4.77
N THR E 118 -71.95 14.53 -3.80
CA THR E 118 -72.97 14.41 -2.77
C THR E 118 -72.32 14.17 -1.41
N VAL E 119 -73.04 14.55 -0.36
CA VAL E 119 -72.66 14.23 1.01
C VAL E 119 -72.76 12.72 1.18
N PRO E 120 -71.67 12.04 1.50
CA PRO E 120 -71.69 10.57 1.53
C PRO E 120 -72.57 10.05 2.66
N ALA E 121 -72.82 8.74 2.62
CA ALA E 121 -73.64 8.10 3.63
C ALA E 121 -72.94 8.11 4.98
N LEU E 122 -73.74 8.02 6.04
CA LEU E 122 -73.24 8.08 7.41
C LEU E 122 -72.56 6.78 7.80
N PRO E 123 -71.61 6.83 8.74
CA PRO E 123 -70.95 5.60 9.20
C PRO E 123 -71.92 4.68 9.92
N ALA E 124 -71.45 3.45 10.15
CA ALA E 124 -72.27 2.45 10.80
C ALA E 124 -72.41 2.77 12.29
N PHE E 125 -73.37 2.11 12.92
CA PHE E 125 -73.55 2.25 14.36
C PHE E 125 -72.28 1.86 15.10
N ILE E 126 -72.08 2.53 16.24
CA ILE E 126 -71.00 2.17 17.18
C ILE E 126 -71.53 1.38 18.38
N GLY E 127 -72.44 1.94 19.15
CA GLY E 127 -73.01 1.20 20.26
C GLY E 127 -74.07 0.22 19.80
N ALA E 128 -74.48 -0.64 20.73
CA ALA E 128 -75.44 -1.69 20.44
C ALA E 128 -76.87 -1.31 20.79
N ASP E 129 -77.07 -0.26 21.57
CA ASP E 129 -78.39 0.11 22.05
C ASP E 129 -78.81 1.47 21.53
N ASP E 130 -80.13 1.67 21.47
CA ASP E 130 -80.73 2.96 21.15
C ASP E 130 -80.22 3.53 19.82
N GLN E 131 -80.18 2.66 18.81
CA GLN E 131 -79.66 3.04 17.50
C GLN E 131 -80.72 3.78 16.70
N VAL E 132 -80.37 4.98 16.22
CA VAL E 132 -81.25 5.78 15.38
C VAL E 132 -80.43 6.35 14.23
N LEU E 133 -80.92 6.18 13.00
CA LEU E 133 -80.27 6.72 11.81
C LEU E 133 -81.25 7.63 11.09
N THR E 134 -80.91 8.90 10.97
CA THR E 134 -81.69 9.87 10.22
C THR E 134 -80.92 10.29 8.97
N SER E 135 -81.45 11.27 8.26
CA SER E 135 -80.75 11.85 7.13
C SER E 135 -79.63 12.79 7.55
N THR E 136 -79.54 13.12 8.84
CA THR E 136 -78.57 14.10 9.32
C THR E 136 -77.67 13.59 10.43
N SER E 137 -77.89 12.40 10.97
CA SER E 137 -77.04 11.89 12.05
C SER E 137 -77.27 10.40 12.21
N VAL E 138 -76.27 9.73 12.79
CA VAL E 138 -76.35 8.34 13.19
C VAL E 138 -76.00 8.26 14.67
N VAL E 139 -76.92 7.73 15.46
CA VAL E 139 -76.81 7.75 16.92
C VAL E 139 -76.91 6.33 17.46
N SER E 140 -76.04 6.01 18.42
CA SER E 140 -76.08 4.74 19.11
C SER E 140 -75.52 4.93 20.52
N ALA E 141 -75.67 3.91 21.36
CA ALA E 141 -75.31 4.04 22.76
C ALA E 141 -74.89 2.70 23.32
N THR E 142 -74.11 2.76 24.41
CA THR E 142 -73.71 1.59 25.18
C THR E 142 -74.16 1.80 26.62
N GLU E 143 -75.05 0.94 27.10
CA GLU E 143 -75.49 1.03 28.48
C GLU E 143 -74.43 0.48 29.42
N ASN E 144 -74.50 0.90 30.68
CA ASN E 144 -73.63 0.37 31.73
C ASN E 144 -74.38 0.53 33.05
N THR E 145 -75.22 -0.47 33.38
CA THR E 145 -75.98 -0.43 34.61
C THR E 145 -75.09 -0.52 35.84
N THR E 146 -73.90 -1.12 35.70
CA THR E 146 -73.03 -1.33 36.85
C THR E 146 -72.40 -0.01 37.31
N SER E 147 -71.81 0.74 36.38
CA SER E 147 -71.17 2.00 36.74
C SER E 147 -72.13 3.18 36.73
N GLY E 148 -73.26 3.07 36.03
CA GLY E 148 -74.19 4.17 35.93
C GLY E 148 -73.87 5.17 34.84
N VAL E 149 -72.89 4.88 34.00
CA VAL E 149 -72.46 5.79 32.93
C VAL E 149 -73.18 5.40 31.65
N TYR E 150 -73.88 6.35 31.04
CA TYR E 150 -74.54 6.17 29.76
C TYR E 150 -73.70 6.85 28.68
N THR E 151 -73.17 6.05 27.76
CA THR E 151 -72.33 6.55 26.68
C THR E 151 -73.14 6.61 25.39
N LEU E 152 -73.12 7.77 24.75
CA LEU E 152 -73.91 8.03 23.55
C LEU E 152 -72.98 8.44 22.41
N TYR E 153 -73.08 7.72 21.29
CA TYR E 153 -72.25 7.97 20.12
C TYR E 153 -73.09 8.65 19.03
N THR E 154 -72.58 9.77 18.52
CA THR E 154 -73.27 10.52 17.47
C THR E 154 -72.27 10.97 16.43
N GLN E 155 -72.58 10.73 15.16
CA GLN E 155 -71.75 11.16 14.04
C GLN E 155 -72.61 11.85 13.00
N SER E 156 -72.08 12.94 12.44
CA SER E 156 -72.80 13.72 11.45
C SER E 156 -71.80 14.51 10.63
N TYR E 157 -72.28 15.06 9.51
CA TYR E 157 -71.46 15.89 8.63
C TYR E 157 -71.80 17.35 8.83
N VAL E 158 -70.76 18.19 8.87
CA VAL E 158 -70.90 19.64 9.00
C VAL E 158 -69.93 20.31 8.04
N ASN E 159 -70.14 21.61 7.84
CA ASN E 159 -69.17 22.43 7.12
C ASN E 159 -68.19 23.03 8.13
N GLN E 160 -67.39 24.00 7.71
CA GLN E 160 -66.44 24.62 8.63
C GLN E 160 -67.18 25.40 9.71
N GLN E 161 -68.28 26.06 9.34
CA GLN E 161 -69.02 26.88 10.29
C GLN E 161 -69.78 26.05 11.32
N GLY E 162 -69.89 24.74 11.13
CA GLY E 162 -70.59 23.87 12.05
C GLY E 162 -72.00 23.50 11.65
N THR E 163 -72.47 23.95 10.49
CA THR E 163 -73.82 23.66 10.05
C THR E 163 -73.94 22.22 9.55
N THR E 164 -74.92 21.50 10.06
CA THR E 164 -75.10 20.09 9.70
C THR E 164 -75.50 19.96 8.23
N GLN E 165 -74.84 19.05 7.52
CA GLN E 165 -75.15 18.77 6.13
C GLN E 165 -75.96 17.48 6.03
N THR E 166 -76.94 17.47 5.14
CA THR E 166 -77.83 16.33 4.98
C THR E 166 -77.22 15.32 4.02
N VAL E 167 -77.42 14.03 4.33
CA VAL E 167 -76.88 12.97 3.49
C VAL E 167 -77.48 13.06 2.09
N ALA E 168 -76.62 12.90 1.08
CA ALA E 168 -76.93 12.90 -0.34
C ALA E 168 -77.30 14.28 -0.87
N ALA E 169 -77.13 15.34 -0.08
CA ALA E 169 -77.26 16.68 -0.58
C ALA E 169 -76.00 17.06 -1.36
N ALA E 170 -75.99 18.25 -1.95
CA ALA E 170 -74.88 18.65 -2.80
C ALA E 170 -73.62 18.91 -1.97
N ALA E 171 -72.48 18.48 -2.51
CA ALA E 171 -71.18 18.69 -1.87
C ALA E 171 -70.10 18.45 -2.91
N THR E 172 -69.10 19.33 -2.93
CA THR E 172 -68.05 19.28 -3.94
C THR E 172 -66.67 19.19 -3.27
N ASN E 173 -65.83 18.29 -3.77
CA ASN E 173 -64.47 18.15 -3.27
C ASN E 173 -63.61 19.34 -3.72
N PHE E 174 -62.47 19.48 -3.07
CA PHE E 174 -61.44 20.43 -3.47
C PHE E 174 -60.40 19.74 -4.34
N VAL E 175 -59.61 20.54 -5.05
CA VAL E 175 -58.59 20.00 -5.94
C VAL E 175 -57.24 20.53 -5.50
N ARG E 176 -56.20 19.72 -5.75
CA ARG E 176 -54.83 20.06 -5.39
C ARG E 176 -53.90 19.51 -6.46
N TYR E 177 -52.68 20.05 -6.47
CA TYR E 177 -51.62 19.51 -7.30
C TYR E 177 -50.65 18.70 -6.45
N CYS E 178 -50.02 17.71 -7.08
CA CYS E 178 -48.95 17.00 -6.42
C CYS E 178 -47.81 17.96 -6.09
N GLU E 179 -47.01 17.61 -5.10
CA GLU E 179 -45.82 18.40 -4.80
C GLU E 179 -44.86 18.39 -5.97
N TYR E 180 -44.26 19.53 -6.24
CA TYR E 180 -43.34 19.71 -7.35
C TYR E 180 -43.96 19.29 -8.69
N PRO E 181 -45.04 19.94 -9.13
CA PRO E 181 -45.70 19.48 -10.36
C PRO E 181 -44.82 19.57 -11.59
N GLY E 182 -43.97 20.59 -11.67
CA GLY E 182 -43.10 20.74 -12.82
C GLY E 182 -42.11 19.61 -12.97
N LEU E 183 -41.71 19.00 -11.84
CA LEU E 183 -40.76 17.90 -11.90
C LEU E 183 -41.43 16.57 -12.26
N ARG E 184 -42.72 16.40 -11.93
CA ARG E 184 -43.42 15.18 -12.29
C ARG E 184 -44.11 15.28 -13.64
N LEU E 185 -44.52 16.50 -14.04
CA LEU E 185 -45.19 16.68 -15.32
C LEU E 185 -44.37 16.12 -16.46
N PHE E 186 -43.07 16.42 -16.48
CA PHE E 186 -42.18 15.96 -17.54
C PHE E 186 -41.69 14.56 -17.18
N LYS E 187 -42.38 13.54 -17.69
CA LYS E 187 -41.96 12.17 -17.49
C LYS E 187 -40.55 11.94 -18.01
N ARG E 188 -40.28 12.41 -19.22
CA ARG E 188 -38.95 12.33 -19.82
C ARG E 188 -38.67 13.60 -20.59
N VAL E 189 -37.48 14.15 -20.41
CA VAL E 189 -36.97 15.25 -21.22
C VAL E 189 -35.81 14.70 -22.04
N LYS E 190 -35.78 15.03 -23.32
CA LYS E 190 -34.83 14.41 -24.23
C LYS E 190 -34.28 15.42 -25.23
N PHE E 191 -32.97 15.40 -25.40
CA PHE E 191 -32.27 16.19 -26.41
C PHE E 191 -31.86 15.26 -27.55
N GLU E 192 -32.42 15.50 -28.74
CA GLU E 192 -32.21 14.62 -29.88
C GLU E 192 -31.46 15.34 -30.99
N VAL E 193 -30.38 14.72 -31.45
CA VAL E 193 -29.72 15.10 -32.70
C VAL E 193 -29.50 13.82 -33.48
N ASN E 194 -30.01 13.78 -34.72
CA ASN E 194 -29.95 12.71 -35.72
C ASN E 194 -31.07 11.70 -35.56
N GLY E 195 -31.90 11.81 -34.52
CA GLY E 195 -32.93 10.84 -34.21
C GLY E 195 -32.61 10.01 -32.97
N ASN E 196 -31.33 9.84 -32.66
CA ASN E 196 -30.86 9.14 -31.47
C ASN E 196 -30.71 10.14 -30.33
N PRO E 197 -31.17 9.79 -29.11
CA PRO E 197 -31.05 10.72 -27.98
C PRO E 197 -29.60 11.10 -27.71
N LEU E 198 -29.34 12.41 -27.71
CA LEU E 198 -28.02 12.91 -27.35
C LEU E 198 -27.86 13.04 -25.85
N ASP E 199 -28.94 13.33 -25.13
CA ASP E 199 -29.02 13.20 -23.68
C ASP E 199 -30.50 13.11 -23.32
N GLU E 200 -30.76 12.58 -22.12
CA GLU E 200 -32.12 12.23 -21.76
C GLU E 200 -32.19 11.93 -20.27
N TYR E 201 -33.22 12.45 -19.60
CA TYR E 201 -33.45 12.20 -18.19
C TYR E 201 -34.96 12.12 -17.93
N THR E 202 -35.30 11.58 -16.78
CA THR E 202 -36.68 11.39 -16.36
C THR E 202 -36.98 12.22 -15.11
N ALA E 203 -38.22 12.09 -14.62
CA ALA E 203 -38.62 12.80 -13.41
C ALA E 203 -37.79 12.35 -12.22
N LEU E 204 -37.24 11.14 -12.27
CA LEU E 204 -36.40 10.68 -11.16
C LEU E 204 -35.11 11.47 -11.07
N ALA E 205 -34.48 11.77 -12.21
CA ALA E 205 -33.31 12.64 -12.20
C ALA E 205 -33.68 14.05 -11.75
N ALA E 206 -34.91 14.47 -12.01
CA ALA E 206 -35.35 15.80 -11.60
C ALA E 206 -35.53 15.88 -10.08
N ILE E 207 -36.05 14.80 -9.47
CA ILE E 207 -36.24 14.84 -8.02
C ILE E 207 -34.91 14.63 -7.31
N MET E 208 -33.95 13.95 -7.94
CA MET E 208 -32.60 13.92 -7.39
C MET E 208 -31.97 15.31 -7.39
N TYR E 209 -32.16 16.05 -8.48
CA TYR E 209 -31.67 17.42 -8.55
C TYR E 209 -32.32 18.29 -7.48
N ASN E 210 -33.62 18.09 -7.24
CA ASN E 210 -34.33 18.90 -6.25
C ASN E 210 -33.76 18.71 -4.86
N LYS E 211 -33.20 17.54 -4.58
CA LYS E 211 -32.69 17.23 -3.25
C LYS E 211 -31.23 17.64 -3.06
N PHE E 212 -30.42 17.60 -4.11
CA PHE E 212 -28.98 17.76 -3.97
C PHE E 212 -28.43 19.08 -4.48
N HIS E 213 -29.18 19.82 -5.32
CA HIS E 213 -28.56 20.94 -6.03
C HIS E 213 -29.44 22.19 -6.03
N VAL E 214 -30.27 22.37 -5.00
CA VAL E 214 -31.00 23.62 -4.84
C VAL E 214 -30.76 24.15 -3.42
N PRO E 215 -29.70 24.92 -3.20
CA PRO E 215 -29.51 25.55 -1.89
C PRO E 215 -30.54 26.63 -1.64
N ASP E 216 -30.57 27.10 -0.39
CA ASP E 216 -31.65 27.99 0.05
C ASP E 216 -31.65 29.31 -0.72
N PHE E 217 -30.48 29.81 -1.11
CA PHE E 217 -30.47 31.07 -1.84
C PHE E 217 -31.02 30.94 -3.26
N LYS E 218 -31.40 29.73 -3.67
CA LYS E 218 -32.10 29.52 -4.93
C LYS E 218 -33.43 28.81 -4.74
N LEU E 219 -33.84 28.53 -3.49
CA LEU E 219 -34.97 27.64 -3.26
C LEU E 219 -36.32 28.30 -3.54
N THR E 220 -36.51 29.54 -3.07
CA THR E 220 -37.80 30.21 -3.27
C THR E 220 -38.14 30.34 -4.75
N GLY E 221 -37.16 30.74 -5.58
CA GLY E 221 -37.42 30.84 -7.00
C GLY E 221 -37.62 29.48 -7.65
N TRP E 222 -36.79 28.49 -7.28
CA TRP E 222 -36.91 27.16 -7.84
C TRP E 222 -38.30 26.58 -7.61
N LYS E 223 -38.82 26.71 -6.39
CA LYS E 223 -40.18 26.24 -6.10
C LYS E 223 -41.20 26.97 -6.96
N ARG E 224 -41.04 28.28 -7.13
CA ARG E 224 -41.96 29.02 -7.99
C ARG E 224 -41.80 28.62 -9.46
N LEU E 225 -40.62 28.14 -9.84
CA LEU E 225 -40.41 27.71 -11.23
C LEU E 225 -41.16 26.42 -11.53
N ILE E 226 -41.24 25.52 -10.55
CA ILE E 226 -41.80 24.19 -10.77
C ILE E 226 -43.15 24.02 -10.08
N GLY E 227 -43.75 25.11 -9.60
CA GLY E 227 -45.11 25.05 -9.09
C GLY E 227 -45.26 24.49 -7.69
N GLN E 228 -44.22 24.54 -6.87
CA GLN E 228 -44.33 24.17 -5.46
C GLN E 228 -44.62 25.42 -4.64
N GLU E 229 -45.61 25.33 -3.76
CA GLU E 229 -46.02 26.49 -2.99
C GLU E 229 -44.94 26.92 -2.01
N VAL E 230 -44.93 28.21 -1.70
CA VAL E 230 -43.95 28.82 -0.81
C VAL E 230 -44.65 29.19 0.49
N PRO E 231 -44.08 28.87 1.65
CA PRO E 231 -44.67 29.32 2.91
C PRO E 231 -44.63 30.83 3.04
N VAL E 232 -45.61 31.37 3.76
CA VAL E 232 -45.70 32.80 4.02
C VAL E 232 -45.76 33.00 5.53
N GLU E 233 -44.80 33.75 6.06
CA GLU E 233 -44.70 33.99 7.50
C GLU E 233 -45.77 34.98 7.94
N ALA E 234 -46.57 34.58 8.93
CA ALA E 234 -47.65 35.41 9.44
C ALA E 234 -47.50 35.57 10.94
N ALA E 235 -47.63 36.80 11.42
CA ALA E 235 -47.44 37.13 12.83
C ALA E 235 -48.79 37.16 13.55
N SER E 236 -48.75 36.86 14.85
CA SER E 236 -49.93 36.85 15.70
C SER E 236 -49.96 38.10 16.57
N ASN E 237 -50.99 38.18 17.41
CA ASN E 237 -51.03 39.20 18.44
C ASN E 237 -49.96 38.91 19.49
N LEU E 238 -49.72 39.90 20.34
CA LEU E 238 -48.82 39.69 21.46
C LEU E 238 -49.33 38.54 22.33
N VAL E 239 -48.45 37.56 22.58
CA VAL E 239 -48.75 36.50 23.52
C VAL E 239 -48.13 36.74 24.88
N ASN E 240 -46.96 37.39 24.94
CA ASN E 240 -46.32 37.78 26.21
C ASN E 240 -46.25 39.30 26.25
N ILE E 241 -46.70 39.92 27.34
CA ILE E 241 -46.56 41.35 27.56
C ILE E 241 -45.87 41.51 28.89
N ALA E 242 -44.73 42.21 28.90
CA ALA E 242 -43.91 42.32 30.09
C ALA E 242 -44.72 42.90 31.26
N SER E 243 -44.53 42.31 32.44
CA SER E 243 -45.16 42.73 33.69
C SER E 243 -46.66 42.46 33.73
N THR E 244 -47.16 41.52 32.91
CA THR E 244 -48.55 41.11 32.99
C THR E 244 -48.67 39.70 32.41
N THR E 245 -49.89 39.17 32.40
CA THR E 245 -50.11 37.76 32.10
C THR E 245 -51.50 37.62 31.49
N PRO E 246 -51.73 36.56 30.71
CA PRO E 246 -53.11 36.26 30.27
C PRO E 246 -53.94 35.55 31.33
N TRP E 247 -53.32 34.95 32.33
CA TRP E 247 -54.05 34.17 33.31
C TRP E 247 -54.84 35.08 34.25
N GLY E 248 -56.02 34.61 34.66
CA GLY E 248 -56.76 35.29 35.70
C GLY E 248 -55.97 35.30 37.00
N SER E 249 -56.13 36.38 37.76
CA SER E 249 -55.37 36.64 38.99
C SER E 249 -55.43 35.55 40.05
N PRO E 250 -56.53 34.79 40.21
CA PRO E 250 -56.56 33.76 41.27
C PRO E 250 -55.47 32.70 41.16
N ILE E 251 -54.76 32.60 40.03
CA ILE E 251 -53.72 31.59 39.85
C ILE E 251 -52.35 32.20 39.64
N VAL E 252 -52.22 33.52 39.66
CA VAL E 252 -50.98 34.21 39.33
C VAL E 252 -50.16 34.46 40.58
N ALA E 253 -48.90 34.02 40.56
CA ALA E 253 -47.91 34.37 41.59
C ALA E 253 -48.37 34.00 42.99
N LEU E 254 -48.77 32.73 43.15
CA LEU E 254 -49.18 32.22 44.45
C LEU E 254 -47.98 31.69 45.22
N SER E 255 -48.09 31.70 46.54
CA SER E 255 -47.10 31.11 47.42
C SER E 255 -47.78 30.13 48.36
N ASP E 256 -47.06 29.10 48.77
CA ASP E 256 -47.63 28.14 49.70
C ASP E 256 -47.56 28.69 51.12
N VAL E 257 -48.15 27.96 52.06
CA VAL E 257 -48.20 28.39 53.45
C VAL E 257 -46.82 28.51 54.09
N ASN E 258 -45.79 27.98 53.45
CA ASN E 258 -44.41 28.14 53.89
C ASN E 258 -43.74 29.36 53.27
N GLY E 259 -44.42 30.07 52.37
CA GLY E 259 -43.84 31.19 51.67
C GLY E 259 -43.15 30.84 50.36
N THR E 260 -43.06 29.56 50.03
CA THR E 260 -42.40 29.12 48.81
C THR E 260 -43.33 29.30 47.60
N ALA E 261 -42.75 29.74 46.48
CA ALA E 261 -43.53 29.94 45.27
C ALA E 261 -44.15 28.64 44.80
N VAL E 262 -45.40 28.71 44.38
CA VAL E 262 -46.16 27.52 43.99
C VAL E 262 -45.74 27.09 42.58
N THR E 263 -45.29 25.84 42.46
CA THR E 263 -45.01 25.28 41.15
C THR E 263 -46.31 25.10 40.39
N GLY E 264 -46.36 25.60 39.16
CA GLY E 264 -47.56 25.61 38.36
C GLY E 264 -48.33 26.91 38.39
N SER E 265 -47.96 27.84 39.27
CA SER E 265 -48.60 29.15 39.34
C SER E 265 -47.87 30.10 38.41
N PRO E 266 -48.48 30.57 37.32
CA PRO E 266 -47.77 31.44 36.39
C PRO E 266 -47.44 32.79 37.01
N VAL E 267 -46.37 33.40 36.49
CA VAL E 267 -45.93 34.73 36.90
C VAL E 267 -45.98 35.64 35.67
N ASN E 268 -45.81 36.94 35.93
CA ASN E 268 -45.85 37.93 34.86
C ASN E 268 -44.78 37.63 33.81
N ALA E 269 -45.08 38.00 32.57
CA ALA E 269 -44.11 37.82 31.49
C ALA E 269 -42.91 38.74 31.69
N ALA E 270 -41.74 38.24 31.27
CA ALA E 270 -40.52 39.02 31.35
C ALA E 270 -40.18 39.74 30.05
N ILE E 271 -40.68 39.24 28.91
CA ILE E 271 -40.47 39.87 27.62
C ILE E 271 -41.82 40.19 27.00
N THR E 272 -41.80 40.99 25.94
CA THR E 272 -42.98 41.30 25.14
C THR E 272 -42.76 40.71 23.75
N ALA E 273 -43.51 39.66 23.42
CA ALA E 273 -43.23 38.90 22.21
C ALA E 273 -44.53 38.50 21.52
N ARG E 274 -44.40 38.18 20.24
CA ARG E 274 -45.47 37.64 19.42
C ARG E 274 -44.94 36.43 18.67
N LYS E 275 -45.85 35.58 18.23
CA LYS E 275 -45.46 34.38 17.51
C LYS E 275 -45.50 34.60 16.00
N LEU E 276 -44.60 33.93 15.31
CA LEU E 276 -44.66 33.79 13.86
C LEU E 276 -45.13 32.39 13.52
N THR E 277 -45.98 32.28 12.50
CA THR E 277 -46.41 30.99 12.00
C THR E 277 -46.32 30.97 10.49
N GLN E 278 -46.14 29.78 9.94
CA GLN E 278 -46.03 29.59 8.50
C GLN E 278 -47.38 29.16 7.94
N VAL E 279 -47.73 29.71 6.78
CA VAL E 279 -48.99 29.45 6.11
C VAL E 279 -48.70 29.13 4.66
N VAL E 280 -49.44 28.16 4.11
CA VAL E 280 -49.38 27.82 2.69
C VAL E 280 -50.77 28.00 2.10
N PHE E 281 -50.82 28.59 0.91
CA PHE E 281 -52.07 28.75 0.19
C PHE E 281 -51.80 28.77 -1.31
N GLY E 282 -51.07 27.77 -1.79
CA GLY E 282 -50.70 27.67 -3.18
C GLY E 282 -51.26 26.46 -3.89
N ALA E 283 -50.49 25.91 -4.84
CA ALA E 283 -50.98 24.83 -5.68
C ALA E 283 -51.20 23.53 -4.93
N GLN E 284 -50.52 23.34 -3.79
CA GLN E 284 -50.63 22.08 -3.06
C GLN E 284 -51.69 22.09 -1.97
N THR E 285 -52.18 23.26 -1.57
CA THR E 285 -53.27 23.29 -0.60
C THR E 285 -54.60 23.09 -1.32
N PRO E 286 -55.46 22.22 -0.81
CA PRO E 286 -56.75 21.99 -1.48
C PRO E 286 -57.60 23.25 -1.53
N LYS E 287 -58.08 23.59 -2.72
CA LYS E 287 -58.95 24.73 -2.92
C LYS E 287 -60.14 24.32 -3.79
N ALA E 288 -61.26 25.01 -3.60
CA ALA E 288 -62.43 24.75 -4.43
C ALA E 288 -62.10 24.92 -5.90
N THR E 289 -61.40 26.00 -6.24
CA THR E 289 -60.82 26.18 -7.57
C THR E 289 -59.37 26.63 -7.38
N GLN E 290 -58.46 26.01 -8.12
CA GLN E 290 -57.07 26.41 -8.13
C GLN E 290 -56.79 27.17 -9.41
N GLU E 291 -56.27 28.38 -9.27
CA GLU E 291 -56.05 29.25 -10.42
C GLU E 291 -55.07 28.62 -11.41
N GLN E 292 -55.06 29.17 -12.61
CA GLN E 292 -54.15 28.77 -13.68
C GLN E 292 -52.73 28.60 -13.17
N LEU E 293 -52.16 27.42 -13.38
CA LEU E 293 -50.82 27.12 -12.89
C LEU E 293 -49.80 27.51 -13.96
N ASN E 294 -48.87 28.39 -13.58
CA ASN E 294 -47.84 28.88 -14.48
C ASN E 294 -46.48 28.46 -13.94
N MET E 295 -45.79 27.60 -14.68
CA MET E 295 -44.48 27.09 -14.29
C MET E 295 -43.48 27.35 -15.41
N PHE E 296 -42.25 27.66 -15.03
CA PHE E 296 -41.12 27.76 -15.96
C PHE E 296 -40.14 26.66 -15.57
N VAL E 297 -40.33 25.48 -16.16
CA VAL E 297 -39.58 24.28 -15.79
C VAL E 297 -38.22 24.28 -16.48
N PRO E 298 -37.13 24.37 -15.74
CA PRO E 298 -35.80 24.31 -16.37
C PRO E 298 -35.49 22.91 -16.88
N LEU E 299 -34.78 22.87 -18.00
CA LEU E 299 -34.27 21.62 -18.55
C LEU E 299 -32.84 21.42 -18.06
N LEU E 300 -32.62 20.34 -17.32
CA LEU E 300 -31.38 20.14 -16.58
C LEU E 300 -30.31 19.47 -17.45
N PHE E 301 -30.01 20.12 -18.57
CA PHE E 301 -28.94 19.67 -19.44
C PHE E 301 -27.65 20.41 -19.12
N TRP E 302 -26.53 19.82 -19.58
CA TRP E 302 -25.23 20.34 -19.21
C TRP E 302 -24.95 21.70 -19.84
N PHE E 303 -25.50 21.97 -21.02
CA PHE E 303 -25.20 23.22 -21.72
C PHE E 303 -25.91 24.42 -21.11
N ARG E 304 -26.50 24.27 -19.92
CA ARG E 304 -26.93 25.44 -19.15
C ARG E 304 -25.74 26.32 -18.82
N ASP E 305 -24.60 25.70 -18.51
CA ASP E 305 -23.34 26.43 -18.36
C ASP E 305 -23.04 27.18 -19.66
N PRO E 306 -22.97 28.51 -19.63
CA PRO E 306 -22.68 29.26 -20.86
C PRO E 306 -21.36 28.88 -21.49
N ARG E 307 -20.35 28.53 -20.69
CA ARG E 307 -19.07 28.07 -21.23
C ARG E 307 -19.23 26.82 -22.09
N LEU E 308 -20.30 26.06 -21.88
CA LEU E 308 -20.57 24.83 -22.61
C LEU E 308 -21.69 24.99 -23.63
N ALA E 309 -22.04 26.22 -23.98
CA ALA E 309 -23.08 26.46 -24.97
C ALA E 309 -22.72 25.79 -26.28
N ILE E 310 -23.73 25.25 -26.95
CA ILE E 310 -23.53 24.41 -28.13
C ILE E 310 -23.63 25.28 -29.38
N ALA E 311 -22.58 25.26 -30.19
CA ALA E 311 -22.58 26.01 -31.45
C ALA E 311 -23.68 25.49 -32.37
N SER E 312 -24.49 26.42 -32.87
CA SER E 312 -25.64 26.01 -33.69
C SER E 312 -25.20 25.42 -35.01
N VAL E 313 -24.13 25.97 -35.61
CA VAL E 313 -23.60 25.41 -36.85
C VAL E 313 -23.07 23.99 -36.60
N SER E 314 -22.61 23.70 -35.39
CA SER E 314 -22.02 22.40 -35.09
C SER E 314 -23.05 21.27 -35.08
N ILE E 315 -24.34 21.58 -35.15
CA ILE E 315 -25.38 20.55 -35.12
C ILE E 315 -26.43 20.87 -36.18
N PRO E 316 -26.76 19.91 -37.05
CA PRO E 316 -27.64 20.23 -38.19
C PRO E 316 -29.05 20.58 -37.76
N TYR E 317 -29.68 21.46 -38.54
CA TYR E 317 -31.08 21.83 -38.36
C TYR E 317 -31.96 20.92 -39.20
N GLY E 318 -33.06 20.47 -38.60
CA GLY E 318 -33.96 19.49 -39.20
C GLY E 318 -34.06 18.21 -38.39
N GLN E 319 -33.01 17.86 -37.67
CA GLN E 319 -32.99 16.68 -36.80
C GLN E 319 -32.47 17.03 -35.42
N ARG E 320 -32.69 18.26 -34.96
CA ARG E 320 -32.38 18.66 -33.59
C ARG E 320 -33.66 19.13 -32.92
N PHE E 321 -34.02 18.50 -31.80
CA PHE E 321 -35.30 18.75 -31.17
C PHE E 321 -35.15 18.70 -29.65
N ILE E 322 -36.12 19.32 -28.97
CA ILE E 322 -36.37 19.11 -27.55
C ILE E 322 -37.69 18.37 -27.45
N THR E 323 -37.65 17.17 -26.90
CA THR E 323 -38.82 16.30 -26.81
C THR E 323 -39.11 15.97 -25.36
N VAL E 324 -40.37 16.15 -24.96
CA VAL E 324 -40.80 15.96 -23.58
C VAL E 324 -42.00 15.02 -23.56
N ASP E 325 -41.96 14.04 -22.67
CA ASP E 325 -43.13 13.22 -22.37
C ASP E 325 -43.91 13.86 -21.24
N ILE E 326 -45.22 13.94 -21.40
CA ILE E 326 -46.09 14.57 -20.42
C ILE E 326 -46.77 13.49 -19.60
N GLU E 327 -46.72 13.64 -18.28
CA GLU E 327 -47.42 12.73 -17.37
C GLU E 327 -48.93 12.87 -17.55
N GLN E 328 -49.65 11.81 -17.22
CA GLN E 328 -51.10 11.86 -17.29
C GLN E 328 -51.66 12.67 -16.12
N GLN E 329 -52.88 13.17 -16.32
CA GLN E 329 -53.43 14.17 -15.41
C GLN E 329 -53.66 13.61 -14.01
N SER E 330 -54.11 12.36 -13.92
CA SER E 330 -54.44 11.79 -12.62
C SER E 330 -53.23 11.63 -11.70
N ASN E 331 -52.02 11.84 -12.22
CA ASN E 331 -50.82 11.89 -11.39
C ASN E 331 -50.40 13.32 -11.05
N ILE E 332 -51.03 14.32 -11.65
CA ILE E 332 -50.68 15.71 -11.43
C ILE E 332 -51.73 16.43 -10.60
N LEU E 333 -53.01 16.16 -10.85
CA LEU E 333 -54.12 16.85 -10.21
C LEU E 333 -54.95 15.85 -9.42
N PHE E 334 -55.27 16.20 -8.17
CA PHE E 334 -55.95 15.29 -7.27
C PHE E 334 -57.11 16.00 -6.58
N THR E 335 -58.13 15.22 -6.21
CA THR E 335 -59.20 15.74 -5.37
C THR E 335 -58.80 15.63 -3.90
N ALA E 336 -59.52 16.37 -3.06
CA ALA E 336 -59.22 16.42 -1.63
C ALA E 336 -60.50 16.81 -0.91
N PRO E 337 -60.60 16.51 0.39
CA PRO E 337 -61.80 16.92 1.14
C PRO E 337 -61.96 18.43 1.13
N GLY E 338 -63.20 18.86 0.91
CA GLY E 338 -63.53 20.27 0.82
C GLY E 338 -64.18 20.79 2.10
N ASN E 339 -65.21 21.61 1.92
CA ASN E 339 -65.96 22.16 3.05
C ASN E 339 -66.98 21.15 3.56
N LEU E 340 -66.44 20.01 4.02
CA LEU E 340 -67.24 18.89 4.49
C LEU E 340 -66.44 18.12 5.52
N PHE E 341 -67.03 17.90 6.70
CA PHE E 341 -66.33 17.27 7.80
C PHE E 341 -67.22 16.26 8.50
N LEU E 342 -66.64 15.13 8.88
CA LEU E 342 -67.33 14.14 9.70
C LEU E 342 -67.13 14.48 11.16
N GLN E 343 -68.21 14.86 11.84
CA GLN E 343 -68.15 15.14 13.27
C GLN E 343 -68.41 13.86 14.05
N THR E 344 -67.44 13.46 14.86
CA THR E 344 -67.57 12.30 15.75
C THR E 344 -67.64 12.81 17.18
N THR E 345 -68.76 12.55 17.85
CA THR E 345 -69.01 13.06 19.19
C THR E 345 -69.40 11.92 20.11
N VAL E 346 -68.73 11.83 21.26
CA VAL E 346 -69.05 10.86 22.30
C VAL E 346 -69.40 11.62 23.57
N GLU E 347 -70.57 11.32 24.13
CA GLU E 347 -71.04 11.93 25.37
C GLU E 347 -71.27 10.86 26.41
N THR E 348 -70.82 11.10 27.64
CA THR E 348 -71.03 10.21 28.76
C THR E 348 -71.82 10.92 29.84
N LEU E 349 -72.93 10.33 30.26
CA LEU E 349 -73.79 10.87 31.30
C LEU E 349 -73.72 9.93 32.49
N LEU E 350 -73.13 10.41 33.59
CA LEU E 350 -73.04 9.63 34.82
C LEU E 350 -74.22 9.96 35.71
N THR E 351 -75.14 9.01 35.85
CA THR E 351 -76.28 9.15 36.74
C THR E 351 -76.15 8.18 37.91
N THR E 352 -76.84 8.51 39.00
CA THR E 352 -76.77 7.73 40.23
C THR E 352 -78.12 7.19 40.70
N GLY E 353 -79.20 7.56 40.05
CA GLY E 353 -80.54 7.18 40.46
C GLY E 353 -81.06 5.96 39.73
N ALA E 354 -82.39 5.89 39.60
CA ALA E 354 -83.01 4.77 38.92
C ALA E 354 -82.72 4.80 37.42
N GLY E 355 -82.38 3.64 36.88
CA GLY E 355 -82.04 3.54 35.47
C GLY E 355 -80.65 4.00 35.12
N LYS E 356 -79.73 4.03 36.08
CA LYS E 356 -78.40 4.56 35.84
C LYS E 356 -77.67 3.72 34.79
N GLY E 357 -76.92 4.41 33.92
CA GLY E 357 -76.24 3.77 32.82
C GLY E 357 -77.07 3.62 31.56
N THR E 358 -78.39 3.79 31.66
CA THR E 358 -79.29 3.70 30.52
C THR E 358 -79.83 5.09 30.20
N ALA E 359 -80.66 5.17 29.16
CA ALA E 359 -81.26 6.44 28.77
C ALA E 359 -82.29 6.94 29.77
N THR E 360 -82.66 6.12 30.77
CA THR E 360 -83.65 6.50 31.77
C THR E 360 -83.02 6.81 33.12
N GLY E 361 -81.70 6.94 33.19
CA GLY E 361 -81.07 7.39 34.42
C GLY E 361 -81.60 8.75 34.85
N VAL E 362 -81.61 8.98 36.17
CA VAL E 362 -82.39 10.07 36.76
C VAL E 362 -81.50 11.23 37.23
N LEU E 363 -80.54 10.95 38.12
CA LEU E 363 -79.76 12.01 38.78
C LEU E 363 -78.42 12.16 38.08
N LEU E 364 -78.32 13.15 37.20
CA LEU E 364 -77.11 13.38 36.41
C LEU E 364 -76.13 14.25 37.19
N THR E 365 -74.93 13.73 37.44
CA THR E 365 -73.90 14.45 38.17
C THR E 365 -72.75 14.93 37.27
N GLN E 366 -72.27 14.08 36.36
CA GLN E 366 -71.11 14.40 35.53
C GLN E 366 -71.44 14.17 34.07
N TYR E 367 -71.23 15.19 33.25
CA TYR E 367 -71.42 15.11 31.80
C TYR E 367 -70.09 15.40 31.12
N ASN E 368 -69.74 14.57 30.14
CA ASN E 368 -68.51 14.73 29.37
C ASN E 368 -68.81 14.63 27.89
N ARG E 369 -68.16 15.48 27.10
CA ARG E 369 -68.29 15.45 25.66
C ARG E 369 -66.91 15.42 25.01
N TYR E 370 -66.76 14.57 24.01
CA TYR E 370 -65.54 14.45 23.23
C TYR E 370 -65.94 14.53 21.76
N THR E 371 -65.33 15.47 21.02
CA THR E 371 -65.72 15.72 19.65
C THR E 371 -64.49 15.89 18.77
N THR E 372 -64.47 15.20 17.64
CA THR E 372 -63.44 15.34 16.63
C THR E 372 -64.09 15.73 15.30
N TYR E 373 -63.25 16.17 14.36
CA TYR E 373 -63.68 16.49 13.02
C TYR E 373 -62.71 15.86 12.03
N THR E 374 -63.24 15.21 11.00
CA THR E 374 -62.44 14.53 10.00
C THR E 374 -62.81 15.05 8.62
N PRO E 375 -61.89 15.68 7.90
CA PRO E 375 -62.19 16.10 6.52
C PRO E 375 -62.60 14.89 5.68
N THR E 376 -63.67 15.07 4.90
CA THR E 376 -64.33 13.97 4.23
C THR E 376 -64.56 14.29 2.76
N LEU E 377 -64.21 13.36 1.89
CA LEU E 377 -64.48 13.50 0.46
C LEU E 377 -65.97 13.39 0.19
N ALA E 378 -66.45 14.19 -0.76
CA ALA E 378 -67.81 14.05 -1.25
C ALA E 378 -67.88 12.96 -2.31
N SER E 379 -68.97 12.20 -2.30
CA SER E 379 -69.12 11.11 -3.26
C SER E 379 -69.38 11.67 -4.66
N GLY E 380 -68.68 11.11 -5.64
CA GLY E 380 -68.91 11.50 -7.02
C GLY E 380 -68.33 12.84 -7.43
N SER E 381 -67.42 13.39 -6.65
CA SER E 381 -66.72 14.61 -6.99
C SER E 381 -65.33 14.25 -7.48
N SER E 382 -65.06 14.53 -8.76
CA SER E 382 -63.84 14.11 -9.42
C SER E 382 -63.15 15.30 -10.06
N ILE E 383 -61.90 15.08 -10.47
CA ILE E 383 -61.15 16.12 -11.16
C ILE E 383 -61.67 16.26 -12.59
N ASP E 384 -61.59 17.47 -13.13
CA ASP E 384 -62.08 17.76 -14.47
C ASP E 384 -61.16 17.10 -15.48
N GLY E 385 -61.68 16.07 -16.17
CA GLY E 385 -60.90 15.37 -17.18
C GLY E 385 -60.56 16.19 -18.40
N THR E 386 -61.22 17.33 -18.60
CA THR E 386 -61.01 18.17 -19.76
C THR E 386 -60.11 19.37 -19.48
N GLN E 387 -59.40 19.37 -18.36
CA GLN E 387 -58.51 20.49 -18.02
C GLN E 387 -57.47 20.68 -19.12
N ALA E 388 -57.56 21.80 -19.83
CA ALA E 388 -56.69 22.03 -20.97
C ALA E 388 -55.30 22.48 -20.53
N VAL E 389 -54.30 22.11 -21.33
CA VAL E 389 -52.98 22.70 -21.24
C VAL E 389 -53.03 23.94 -22.12
N GLN E 390 -53.16 25.12 -21.49
CA GLN E 390 -53.50 26.32 -22.23
C GLN E 390 -52.33 26.85 -23.06
N ASN E 391 -51.09 26.60 -22.64
CA ASN E 391 -49.95 27.08 -23.40
C ASN E 391 -48.69 26.35 -22.94
N ILE E 392 -47.81 26.04 -23.88
CA ILE E 392 -46.50 25.48 -23.59
C ILE E 392 -45.51 26.04 -24.60
N GLU E 393 -44.39 26.56 -24.10
CA GLU E 393 -43.42 27.21 -24.97
C GLU E 393 -42.02 26.99 -24.41
N LEU E 394 -41.08 26.71 -25.32
CA LEU E 394 -39.69 26.48 -24.96
C LEU E 394 -38.91 27.79 -25.08
N TYR E 395 -38.32 28.24 -23.99
CA TYR E 395 -37.45 29.40 -23.97
C TYR E 395 -36.00 28.94 -24.10
N ILE E 396 -35.26 29.55 -25.01
CA ILE E 396 -33.85 29.22 -25.24
C ILE E 396 -33.04 30.50 -25.22
N ASN E 397 -31.92 30.47 -24.51
CA ASN E 397 -30.99 31.60 -24.52
C ASN E 397 -30.08 31.48 -25.73
N ASN E 398 -30.10 32.49 -26.59
CA ASN E 398 -29.29 32.54 -27.80
C ASN E 398 -28.08 33.43 -27.55
N ILE E 399 -26.89 32.88 -27.75
CA ILE E 399 -25.64 33.60 -27.56
C ILE E 399 -25.06 33.95 -28.92
N PHE E 400 -24.69 35.22 -29.09
CA PHE E 400 -24.13 35.73 -30.33
C PHE E 400 -22.69 36.19 -30.08
N VAL E 401 -21.82 35.98 -31.06
CA VAL E 401 -20.43 36.40 -31.00
C VAL E 401 -20.08 37.09 -32.32
N THR E 402 -18.84 37.57 -32.41
CA THR E 402 -18.37 38.23 -33.61
C THR E 402 -18.16 37.21 -34.73
N PRO E 403 -18.28 37.63 -35.99
CA PRO E 403 -18.05 36.67 -37.09
C PRO E 403 -16.65 36.08 -37.11
N GLU E 404 -15.64 36.89 -36.77
CA GLU E 404 -14.27 36.37 -36.73
C GLU E 404 -14.12 35.28 -35.69
N ILE E 405 -14.65 35.52 -34.48
CA ILE E 405 -14.48 34.57 -33.38
C ILE E 405 -15.21 33.26 -33.68
N HIS E 406 -16.39 33.34 -34.31
CA HIS E 406 -17.15 32.12 -34.61
C HIS E 406 -16.35 31.16 -35.48
N ASP E 407 -15.54 31.69 -36.40
CA ASP E 407 -14.75 30.83 -37.28
C ASP E 407 -13.57 30.21 -36.54
N ILE E 408 -12.87 30.99 -35.72
CA ILE E 408 -11.72 30.48 -34.99
C ILE E 408 -12.16 29.41 -33.99
N TYR E 409 -13.34 29.58 -33.39
CA TYR E 409 -13.83 28.60 -32.43
C TYR E 409 -14.04 27.25 -33.09
N ILE E 410 -15.00 27.18 -34.02
CA ILE E 410 -15.40 25.90 -34.60
C ILE E 410 -14.27 25.21 -35.35
N LYS E 411 -13.24 25.95 -35.76
CA LYS E 411 -12.07 25.33 -36.38
C LYS E 411 -11.03 24.88 -35.37
N ARG E 412 -10.89 25.60 -34.26
CA ARG E 412 -9.90 25.25 -33.25
C ARG E 412 -10.48 24.52 -32.05
N ILE E 413 -11.78 24.66 -31.77
CA ILE E 413 -12.42 23.73 -30.85
C ILE E 413 -12.54 22.38 -31.54
N GLY E 414 -12.12 21.33 -30.85
CA GLY E 414 -12.16 20.01 -31.45
C GLY E 414 -13.30 19.20 -30.89
N PHE E 415 -13.32 19.10 -29.56
CA PHE E 415 -14.34 18.38 -28.84
C PHE E 415 -14.73 19.18 -27.61
N THR E 416 -15.87 18.85 -27.03
CA THR E 416 -16.28 19.44 -25.76
C THR E 416 -16.64 18.33 -24.79
N LEU E 417 -16.10 18.43 -23.57
CA LEU E 417 -16.43 17.49 -22.51
C LEU E 417 -17.79 17.86 -21.92
N ILE E 418 -18.70 16.88 -21.86
CA ILE E 418 -20.06 17.11 -21.40
C ILE E 418 -20.43 16.07 -20.36
N ARG E 419 -21.58 16.26 -19.73
CA ARG E 419 -22.11 15.36 -18.72
C ARG E 419 -23.51 14.91 -19.10
N VAL E 420 -23.78 13.61 -18.94
CA VAL E 420 -25.05 13.03 -19.35
C VAL E 420 -25.59 12.14 -18.23
N TYR E 421 -26.90 11.90 -18.27
CA TYR E 421 -27.58 11.05 -17.31
C TYR E 421 -27.65 9.61 -17.82
N ARG E 422 -27.57 8.67 -16.87
CA ARG E 422 -27.74 7.25 -17.15
C ARG E 422 -28.46 6.62 -15.97
N GLU E 423 -29.65 6.06 -16.23
CA GLU E 423 -30.54 5.61 -15.16
C GLU E 423 -30.77 4.10 -15.24
N GLN E 424 -30.99 3.50 -14.07
CA GLN E 424 -31.44 2.12 -13.95
C GLN E 424 -32.40 2.02 -12.77
N VAL E 425 -33.54 1.38 -13.00
CA VAL E 425 -34.56 1.16 -11.96
C VAL E 425 -34.79 -0.33 -11.85
N GLN E 426 -34.63 -0.88 -10.65
CA GLN E 426 -34.77 -2.30 -10.39
C GLN E 426 -35.87 -2.52 -9.36
N ARG E 427 -36.99 -3.09 -9.79
CA ARG E 427 -38.05 -3.49 -8.87
C ARG E 427 -37.54 -4.60 -7.96
N GLU E 428 -37.60 -4.39 -6.66
CA GLU E 428 -36.98 -5.28 -5.70
C GLU E 428 -38.00 -5.85 -4.72
N VAL E 429 -37.80 -7.12 -4.39
CA VAL E 429 -38.59 -7.81 -3.37
C VAL E 429 -37.72 -8.31 -2.22
N ASN E 430 -36.42 -8.44 -2.42
CA ASN E 430 -35.53 -9.02 -1.42
C ASN E 430 -35.17 -7.99 -0.35
N ALA E 431 -34.98 -8.47 0.88
CA ALA E 431 -34.49 -7.62 1.94
C ALA E 431 -33.05 -7.20 1.70
N ALA E 432 -32.28 -8.03 0.99
CA ALA E 432 -30.91 -7.71 0.62
C ALA E 432 -30.64 -8.35 -0.73
N ASP E 433 -29.93 -7.63 -1.59
CA ASP E 433 -29.67 -8.14 -2.93
C ASP E 433 -28.45 -7.43 -3.51
N GLN E 434 -27.99 -7.95 -4.65
CA GLN E 434 -26.85 -7.42 -5.38
C GLN E 434 -27.32 -7.13 -6.80
N VAL E 435 -27.32 -5.85 -7.18
CA VAL E 435 -27.99 -5.40 -8.38
C VAL E 435 -26.94 -5.03 -9.42
N LEU E 436 -26.90 -5.79 -10.52
CA LEU E 436 -26.02 -5.47 -11.63
C LEU E 436 -26.49 -4.20 -12.31
N GLN E 437 -25.56 -3.25 -12.49
CA GLN E 437 -25.87 -1.97 -13.12
C GLN E 437 -25.61 -2.10 -14.62
N SER E 438 -26.53 -2.78 -15.30
CA SER E 438 -26.41 -3.01 -16.74
C SER E 438 -26.71 -1.77 -17.57
N GLN E 439 -27.27 -0.73 -16.96
CA GLN E 439 -27.55 0.52 -17.67
C GLN E 439 -26.45 1.56 -17.52
N LEU E 440 -25.57 1.42 -16.53
CA LEU E 440 -24.57 2.43 -16.21
C LEU E 440 -23.29 2.12 -16.99
N LYS E 441 -22.95 3.01 -17.92
CA LYS E 441 -21.70 2.92 -18.66
C LYS E 441 -21.00 4.28 -18.63
N TRP E 442 -19.86 4.37 -19.32
CA TRP E 442 -19.07 5.59 -19.44
C TRP E 442 -18.46 5.97 -18.09
N PRO E 443 -17.45 6.85 -18.07
CA PRO E 443 -16.88 7.27 -16.77
C PRO E 443 -17.92 7.95 -15.90
N VAL E 444 -18.06 7.48 -14.67
CA VAL E 444 -19.12 7.91 -13.76
C VAL E 444 -18.51 8.74 -12.65
N GLU E 445 -18.93 10.01 -12.56
CA GLU E 445 -18.49 10.88 -11.47
C GLU E 445 -19.14 10.46 -10.15
N PHE E 446 -20.45 10.31 -10.16
CA PHE E 446 -21.18 9.93 -8.95
C PHE E 446 -22.52 9.32 -9.36
N ILE E 447 -23.21 8.74 -8.38
CA ILE E 447 -24.46 8.02 -8.62
C ILE E 447 -25.45 8.43 -7.55
N TYR E 448 -26.59 8.98 -7.98
CA TYR E 448 -27.71 9.19 -7.07
C TYR E 448 -28.36 7.84 -6.78
N LEU E 449 -28.58 7.55 -5.50
CA LEU E 449 -29.12 6.26 -5.10
C LEU E 449 -30.29 6.43 -4.15
N GLY E 450 -31.32 5.60 -4.34
CA GLY E 450 -32.47 5.56 -3.46
C GLY E 450 -33.30 4.31 -3.69
N LEU E 451 -34.00 3.86 -2.66
CA LEU E 451 -34.87 2.70 -2.73
C LEU E 451 -36.28 3.16 -2.41
N ARG E 452 -37.02 3.55 -3.45
CA ARG E 452 -38.34 4.13 -3.24
C ARG E 452 -39.41 3.05 -3.20
N PRO E 453 -40.25 3.02 -2.17
CA PRO E 453 -41.34 2.04 -2.14
C PRO E 453 -42.28 2.22 -3.32
N ALA E 454 -42.77 1.09 -3.84
CA ALA E 454 -43.71 1.14 -4.96
C ALA E 454 -44.99 1.88 -4.58
N ASN E 455 -45.38 1.81 -3.30
CA ASN E 455 -46.63 2.42 -2.86
C ASN E 455 -46.61 3.93 -2.95
N ASN E 456 -45.43 4.55 -2.97
CA ASN E 456 -45.35 6.01 -3.04
C ASN E 456 -45.96 6.57 -4.31
N ILE E 457 -46.01 5.79 -5.39
CA ILE E 457 -46.60 6.21 -6.66
C ILE E 457 -47.88 5.45 -6.97
N ALA E 458 -48.42 4.72 -5.99
CA ALA E 458 -49.59 3.89 -6.22
C ALA E 458 -50.86 4.72 -6.23
N ALA E 459 -51.79 4.35 -7.12
CA ALA E 459 -53.07 5.06 -7.20
C ALA E 459 -53.89 4.85 -5.94
N GLY E 460 -53.84 3.66 -5.37
CA GLY E 460 -54.54 3.37 -4.13
C GLY E 460 -54.01 4.12 -2.93
N ASN E 461 -52.83 4.70 -3.02
CA ASN E 461 -52.25 5.50 -1.94
C ASN E 461 -52.85 6.91 -2.02
N THR E 462 -53.67 7.25 -1.03
CA THR E 462 -54.28 8.57 -0.99
C THR E 462 -53.29 9.68 -0.67
N TYR E 463 -52.05 9.34 -0.31
CA TYR E 463 -50.99 10.32 -0.11
C TYR E 463 -49.95 10.29 -1.22
N GLN E 464 -50.32 9.79 -2.40
CA GLN E 464 -49.39 9.78 -3.53
C GLN E 464 -49.00 11.18 -3.95
N TRP E 465 -49.93 12.15 -3.82
CA TRP E 465 -49.64 13.53 -4.19
C TRP E 465 -48.41 14.07 -3.47
N ARG E 466 -48.11 13.53 -2.30
CA ARG E 466 -46.98 13.94 -1.47
C ARG E 466 -45.83 12.96 -1.51
N ASP E 467 -46.12 11.65 -1.50
CA ASP E 467 -45.08 10.63 -1.35
C ASP E 467 -44.37 10.28 -2.65
N TRP E 468 -44.84 10.77 -3.80
CA TRP E 468 -44.32 10.28 -5.08
C TRP E 468 -42.83 10.52 -5.23
N HIS E 469 -42.32 11.62 -4.68
CA HIS E 469 -40.91 11.95 -4.81
C HIS E 469 -40.07 11.51 -3.61
N HIS E 470 -40.70 10.95 -2.58
CA HIS E 470 -39.96 10.50 -1.41
C HIS E 470 -39.30 9.15 -1.68
N LEU E 471 -38.06 9.01 -1.22
CA LEU E 471 -37.31 7.77 -1.36
C LEU E 471 -37.35 6.93 -0.09
N THR E 472 -38.30 7.19 0.80
CA THR E 472 -38.49 6.42 2.01
C THR E 472 -39.95 6.00 2.12
N SER E 473 -40.23 5.14 3.11
CA SER E 473 -41.59 4.76 3.43
C SER E 473 -42.18 5.79 4.39
N VAL E 474 -43.27 6.44 3.96
CA VAL E 474 -43.85 7.55 4.70
C VAL E 474 -45.12 7.07 5.39
N THR E 475 -45.16 7.22 6.71
CA THR E 475 -46.37 7.04 7.49
C THR E 475 -46.84 8.38 8.03
N ASN E 476 -48.14 8.47 8.32
CA ASN E 476 -48.77 9.72 8.73
C ASN E 476 -49.12 9.64 10.20
N GLU E 477 -48.46 10.46 11.01
CA GLU E 477 -48.71 10.50 12.44
C GLU E 477 -49.53 11.73 12.78
N PRO E 478 -50.75 11.59 13.29
CA PRO E 478 -51.56 12.76 13.60
C PRO E 478 -51.15 13.43 14.91
N VAL E 479 -51.17 14.76 14.90
CA VAL E 479 -50.91 15.58 16.07
C VAL E 479 -52.16 16.41 16.35
N TYR E 480 -52.64 16.35 17.58
CA TYR E 480 -53.94 16.93 17.94
C TYR E 480 -53.76 18.20 18.78
N ASP E 481 -54.47 19.25 18.40
CA ASP E 481 -54.66 20.43 19.24
C ASP E 481 -56.07 20.35 19.82
N VAL E 482 -56.15 20.21 21.15
CA VAL E 482 -57.41 19.90 21.82
C VAL E 482 -57.77 21.04 22.76
N SER E 483 -59.01 21.50 22.66
CA SER E 483 -59.54 22.52 23.57
C SER E 483 -60.21 21.83 24.75
N GLN E 484 -59.70 22.06 25.96
CA GLN E 484 -60.27 21.52 27.17
C GLN E 484 -61.08 22.59 27.89
N SER E 485 -62.24 22.20 28.41
CA SER E 485 -63.11 23.13 29.12
C SER E 485 -63.77 22.42 30.29
N TYR E 486 -64.01 23.19 31.35
CA TYR E 486 -64.73 22.71 32.52
C TYR E 486 -65.81 23.72 32.89
N ALA E 487 -66.87 23.22 33.52
CA ALA E 487 -67.97 24.08 33.95
C ALA E 487 -68.71 23.39 35.09
N ARG E 488 -69.15 24.18 36.06
CA ARG E 488 -69.91 23.66 37.19
C ARG E 488 -71.05 24.60 37.50
N VAL E 489 -72.22 24.04 37.80
CA VAL E 489 -73.44 24.80 38.02
C VAL E 489 -74.18 24.23 39.23
N SER E 490 -74.67 25.13 40.08
CA SER E 490 -75.54 24.75 41.19
C SER E 490 -76.99 24.92 40.76
N ILE E 491 -77.78 23.85 40.90
CA ILE E 491 -79.18 23.87 40.49
C ILE E 491 -80.12 24.01 41.68
N ASP E 492 -79.58 24.23 42.89
CA ASP E 492 -80.39 24.42 44.09
C ASP E 492 -79.83 25.62 44.84
N ASP E 493 -80.55 26.73 44.82
CA ASP E 493 -80.08 27.97 45.44
C ASP E 493 -80.28 28.01 46.95
N THR E 494 -80.75 26.93 47.56
CA THR E 494 -80.89 26.87 49.02
C THR E 494 -79.92 25.87 49.65
N VAL E 495 -79.09 25.20 48.86
CA VAL E 495 -78.14 24.22 49.34
C VAL E 495 -76.74 24.68 48.95
N ALA E 496 -75.80 24.59 49.89
CA ALA E 496 -74.42 24.95 49.60
C ALA E 496 -73.87 24.03 48.52
N PRO E 497 -73.24 24.57 47.47
CA PRO E 497 -72.80 23.71 46.36
C PRO E 497 -71.68 22.75 46.75
N VAL E 498 -70.70 23.20 47.54
CA VAL E 498 -69.56 22.37 47.87
C VAL E 498 -70.04 21.13 48.62
N GLY E 499 -69.75 19.95 48.07
CA GLY E 499 -70.13 18.71 48.69
C GLY E 499 -71.54 18.26 48.42
N SER E 500 -72.18 18.77 47.36
CA SER E 500 -73.56 18.46 47.05
C SER E 500 -73.66 17.91 45.63
N THR E 501 -74.58 16.95 45.43
CA THR E 501 -74.85 16.44 44.10
C THR E 501 -75.66 17.42 43.26
N THR E 502 -76.16 18.50 43.86
CA THR E 502 -76.75 19.60 43.10
C THR E 502 -75.69 20.49 42.45
N PHE E 503 -74.42 20.29 42.80
CA PHE E 503 -73.30 21.02 42.19
C PHE E 503 -72.80 20.19 41.02
N LYS E 504 -73.33 20.48 39.84
CA LYS E 504 -73.10 19.64 38.67
C LYS E 504 -71.71 19.85 38.10
N GLN E 505 -71.29 18.91 37.24
CA GLN E 505 -70.01 18.94 36.56
C GLN E 505 -70.22 18.77 35.07
N SER E 506 -69.44 19.51 34.28
CA SER E 506 -69.48 19.38 32.84
C SER E 506 -68.08 19.63 32.27
N ALA E 507 -67.71 18.85 31.26
CA ALA E 507 -66.41 18.99 30.63
C ALA E 507 -66.55 18.68 29.14
N SER E 508 -65.59 19.16 28.36
CA SER E 508 -65.61 18.92 26.92
C SER E 508 -64.19 18.94 26.37
N GLN E 509 -63.91 18.00 25.48
CA GLN E 509 -62.70 17.98 24.68
C GLN E 509 -63.11 18.15 23.22
N VAL E 510 -62.73 19.26 22.61
CA VAL E 510 -63.06 19.55 21.22
C VAL E 510 -61.77 19.70 20.43
N MET E 511 -61.68 19.01 19.31
CA MET E 511 -60.50 19.09 18.45
C MET E 511 -60.42 20.48 17.82
N GLN E 512 -59.34 21.20 18.10
CA GLN E 512 -59.16 22.53 17.53
C GLN E 512 -58.53 22.46 16.15
N ASN E 513 -57.51 21.62 15.99
CA ASN E 513 -56.87 21.42 14.70
C ASN E 513 -56.04 20.14 14.77
N GLN E 514 -55.65 19.64 13.61
CA GLN E 514 -54.88 18.41 13.52
C GLN E 514 -53.82 18.55 12.45
N TYR E 515 -52.57 18.29 12.81
CA TYR E 515 -51.45 18.24 11.87
C TYR E 515 -51.14 16.79 11.52
N ILE E 516 -50.49 16.61 10.38
CA ILE E 516 -50.03 15.30 9.93
C ILE E 516 -48.52 15.34 9.79
N VAL E 517 -47.84 14.52 10.58
CA VAL E 517 -46.38 14.47 10.58
C VAL E 517 -45.95 13.36 9.63
N PRO E 518 -45.25 13.66 8.54
CA PRO E 518 -44.73 12.62 7.65
C PRO E 518 -43.51 11.94 8.27
N VAL E 519 -43.71 10.73 8.76
CA VAL E 519 -42.66 9.97 9.43
C VAL E 519 -41.98 9.07 8.41
N GLU E 520 -40.70 9.31 8.16
CA GLU E 520 -39.94 8.56 7.16
C GLU E 520 -39.27 7.36 7.81
N THR E 521 -39.50 6.17 7.24
CA THR E 521 -38.84 4.94 7.66
C THR E 521 -37.91 4.52 6.52
N GLU E 522 -36.61 4.55 6.79
CA GLU E 522 -35.61 4.36 5.75
C GLU E 522 -35.69 2.96 5.14
N THR E 523 -35.49 2.89 3.82
CA THR E 523 -35.54 1.63 3.10
C THR E 523 -34.16 1.01 2.91
N LEU E 524 -33.09 1.77 3.12
CA LEU E 524 -31.73 1.28 2.93
C LEU E 524 -30.99 1.30 4.26
N ASP E 525 -30.56 0.13 4.72
CA ASP E 525 -29.73 0.06 5.91
C ASP E 525 -28.25 0.25 5.56
N THR E 526 -27.75 -0.58 4.65
CA THR E 526 -26.37 -0.50 4.20
C THR E 526 -26.31 -0.53 2.68
N VAL E 527 -25.27 0.08 2.13
CA VAL E 527 -25.01 0.07 0.70
C VAL E 527 -23.53 -0.22 0.48
N ARG E 528 -23.23 -1.06 -0.52
CA ARG E 528 -21.87 -1.43 -0.87
C ARG E 528 -21.71 -1.34 -2.38
N VAL E 529 -20.59 -0.77 -2.81
CA VAL E 529 -20.27 -0.61 -4.22
C VAL E 529 -19.13 -1.55 -4.56
N LYS E 530 -19.35 -2.40 -5.57
CA LYS E 530 -18.43 -3.49 -5.86
C LYS E 530 -18.28 -3.65 -7.37
N ALA E 531 -17.04 -3.85 -7.82
CA ALA E 531 -16.75 -3.97 -9.25
C ALA E 531 -15.62 -4.97 -9.44
N HIS E 532 -15.90 -6.04 -10.19
CA HIS E 532 -14.91 -7.08 -10.51
C HIS E 532 -14.43 -7.79 -9.24
N GLY E 533 -15.37 -8.13 -8.36
CA GLY E 533 -15.01 -8.71 -7.09
C GLY E 533 -14.33 -7.76 -6.14
N ILE E 534 -14.37 -6.46 -6.44
CA ILE E 534 -13.53 -5.48 -5.78
C ILE E 534 -14.43 -4.37 -5.23
N GLU E 535 -14.19 -3.99 -3.96
CA GLU E 535 -15.06 -3.04 -3.25
C GLU E 535 -14.57 -1.60 -3.47
N LEU E 536 -15.32 -0.81 -4.23
CA LEU E 536 -15.06 0.62 -4.29
C LEU E 536 -15.54 1.31 -3.01
N TYR E 537 -16.66 0.85 -2.47
CA TYR E 537 -17.13 1.21 -1.14
C TYR E 537 -17.40 -0.07 -0.37
N ALA E 538 -16.82 -0.20 0.81
CA ALA E 538 -17.20 -1.29 1.68
C ALA E 538 -18.64 -1.09 2.16
N GLN E 539 -19.18 -2.10 2.82
CA GLN E 539 -20.55 -2.03 3.31
C GLN E 539 -20.62 -0.98 4.41
N TYR E 540 -21.24 0.16 4.11
CA TYR E 540 -21.36 1.26 5.04
C TYR E 540 -22.83 1.61 5.25
N ARG E 541 -23.16 2.06 6.46
CA ARG E 541 -24.52 2.47 6.77
C ARG E 541 -24.97 3.58 5.84
N ALA E 542 -26.29 3.66 5.62
CA ALA E 542 -26.84 4.60 4.65
C ALA E 542 -26.48 6.04 5.00
N GLN E 543 -26.43 6.38 6.28
CA GLN E 543 -26.14 7.76 6.69
C GLN E 543 -24.77 8.23 6.22
N PHE E 544 -23.86 7.31 5.90
CA PHE E 544 -22.56 7.71 5.37
C PHE E 544 -22.70 8.32 3.98
N TYR E 545 -23.60 7.77 3.16
CA TYR E 545 -23.80 8.27 1.80
C TYR E 545 -24.81 9.40 1.73
N ARG E 546 -25.69 9.54 2.72
CA ARG E 546 -26.71 10.57 2.71
C ARG E 546 -26.25 11.84 3.42
N ASP E 547 -25.53 11.70 4.53
CA ASP E 547 -25.14 12.84 5.35
C ASP E 547 -23.67 13.22 5.17
N TYR E 548 -22.75 12.27 5.36
CA TYR E 548 -21.33 12.64 5.40
C TYR E 548 -20.82 13.07 4.03
N ILE E 549 -21.05 12.25 3.00
CA ILE E 549 -20.52 12.56 1.68
C ILE E 549 -21.12 13.86 1.12
N PRO E 550 -22.43 14.08 1.15
CA PRO E 550 -22.94 15.41 0.74
C PRO E 550 -22.44 16.53 1.63
N TRP E 551 -22.13 16.27 2.90
CA TRP E 551 -21.62 17.33 3.76
C TRP E 551 -20.17 17.67 3.45
N ASN E 552 -19.35 16.66 3.15
CA ASN E 552 -17.92 16.89 3.01
C ASN E 552 -17.55 17.36 1.61
N TYR E 553 -18.21 16.84 0.59
CA TYR E 553 -17.87 17.13 -0.80
C TYR E 553 -18.84 18.14 -1.41
N GLY E 554 -18.36 18.83 -2.44
CA GLY E 554 -19.22 19.56 -3.35
C GLY E 554 -19.39 21.04 -3.05
N SER E 555 -19.09 21.47 -1.82
CA SER E 555 -19.26 22.87 -1.43
C SER E 555 -20.69 23.34 -1.70
N PHE E 556 -20.85 24.57 -2.20
CA PHE E 556 -22.19 25.06 -2.50
C PHE E 556 -22.84 24.38 -3.70
N ASN E 557 -22.15 23.44 -4.34
CA ASN E 557 -22.71 22.68 -5.45
C ASN E 557 -23.37 21.38 -5.01
N LEU E 558 -23.38 21.08 -3.71
CA LEU E 558 -23.96 19.83 -3.21
C LEU E 558 -24.67 20.11 -1.90
N VAL E 559 -25.99 19.97 -1.91
CA VAL E 559 -26.82 20.16 -0.73
C VAL E 559 -26.95 18.83 -0.01
N THR E 560 -26.81 18.86 1.31
CA THR E 560 -27.11 17.69 2.12
C THR E 560 -28.62 17.45 2.08
N PRO E 561 -29.08 16.34 1.52
CA PRO E 561 -30.52 16.19 1.23
C PRO E 561 -31.36 16.08 2.49
N GLN E 562 -32.56 16.65 2.41
CA GLN E 562 -33.53 16.50 3.50
C GLN E 562 -34.11 15.10 3.52
N ASP E 563 -34.43 14.55 2.34
CA ASP E 563 -34.98 13.21 2.24
C ASP E 563 -34.02 12.19 2.87
N LYS E 564 -34.56 11.40 3.80
CA LYS E 564 -33.75 10.41 4.50
C LYS E 564 -33.36 9.22 3.65
N GLY E 565 -33.73 9.19 2.36
CA GLY E 565 -33.41 8.06 1.51
C GLY E 565 -32.55 8.40 0.32
N ALA E 566 -32.12 9.66 0.22
CA ALA E 566 -31.29 10.12 -0.90
C ALA E 566 -29.83 9.87 -0.56
N LEU E 567 -29.20 8.96 -1.30
CA LEU E 567 -27.81 8.58 -1.05
C LEU E 567 -26.94 9.04 -2.21
N PHE E 568 -25.70 9.44 -1.88
CA PHE E 568 -24.77 10.02 -2.84
C PHE E 568 -23.50 9.16 -2.85
N LEU E 569 -23.31 8.40 -3.92
CA LEU E 569 -22.11 7.57 -4.10
C LEU E 569 -21.12 8.37 -4.93
N ASN E 570 -20.08 8.88 -4.29
CA ASN E 570 -19.16 9.82 -4.92
C ASN E 570 -17.89 9.11 -5.37
N PHE E 571 -17.45 9.42 -6.60
CA PHE E 571 -16.18 8.91 -7.11
C PHE E 571 -15.25 10.03 -7.55
N CYS E 572 -15.64 11.29 -7.36
CA CYS E 572 -14.81 12.43 -7.69
C CYS E 572 -14.61 13.30 -6.45
N LEU E 573 -13.60 14.16 -6.51
CA LEU E 573 -13.27 14.99 -5.36
C LEU E 573 -14.09 16.27 -5.29
N TYR E 574 -14.57 16.79 -6.42
CA TYR E 574 -15.30 18.06 -6.47
C TYR E 574 -16.57 17.87 -7.28
N PRO E 575 -17.59 17.27 -6.68
CA PRO E 575 -18.86 17.07 -7.40
C PRO E 575 -19.48 18.40 -7.79
N GLY E 576 -19.86 18.51 -9.07
CA GLY E 576 -20.48 19.71 -9.59
C GLY E 576 -19.56 20.65 -10.33
N THR E 577 -18.25 20.39 -10.32
CA THR E 577 -17.29 21.24 -11.00
C THR E 577 -17.02 20.68 -12.41
N TYR E 578 -16.80 21.58 -13.36
CA TYR E 578 -16.58 21.15 -14.73
C TYR E 578 -15.26 20.41 -14.88
N GLN E 579 -14.19 20.95 -14.29
CA GLN E 579 -12.90 20.27 -14.32
C GLN E 579 -13.03 18.88 -13.73
N PRO E 580 -12.77 17.82 -14.50
CA PRO E 580 -12.94 16.46 -13.98
C PRO E 580 -12.02 16.22 -12.78
N SER E 581 -12.54 15.48 -11.81
CA SER E 581 -11.82 15.23 -10.57
C SER E 581 -11.96 13.80 -10.09
N GLY E 582 -12.05 12.85 -11.02
CA GLY E 582 -12.16 11.46 -10.63
C GLY E 582 -13.41 10.79 -11.14
N HIS E 583 -13.25 9.54 -11.56
CA HIS E 583 -14.35 8.75 -12.11
C HIS E 583 -13.97 7.29 -12.00
N VAL E 584 -14.96 6.43 -12.15
CA VAL E 584 -14.74 5.03 -12.44
C VAL E 584 -15.37 4.74 -13.79
N ASN E 585 -14.59 4.15 -14.69
CA ASN E 585 -15.05 3.83 -16.03
C ASN E 585 -15.48 2.38 -16.06
N ILE E 586 -16.48 2.10 -16.89
CA ILE E 586 -16.98 0.74 -17.03
C ILE E 586 -16.22 0.09 -18.17
N SER E 587 -14.95 0.47 -18.31
CA SER E 587 -14.01 -0.39 -19.03
C SER E 587 -13.99 -1.78 -18.40
N ARG E 588 -13.88 -1.84 -17.09
CA ARG E 588 -13.93 -3.08 -16.35
C ARG E 588 -14.93 -2.94 -15.20
N ALA E 589 -15.84 -3.90 -15.10
CA ALA E 589 -15.90 -5.03 -16.02
C ALA E 589 -17.29 -5.14 -16.64
N ARG E 590 -18.00 -4.01 -16.66
CA ARG E 590 -19.45 -3.96 -16.76
C ARG E 590 -20.05 -4.63 -15.53
N GLU E 591 -19.18 -5.12 -14.64
CA GLU E 591 -19.57 -5.85 -13.44
C GLU E 591 -19.70 -4.90 -12.25
N PHE E 592 -20.64 -3.96 -12.40
CA PHE E 592 -20.88 -2.94 -11.39
C PHE E 592 -22.13 -3.34 -10.60
N TYR E 593 -21.93 -3.70 -9.33
CA TYR E 593 -23.01 -4.11 -8.46
C TYR E 593 -23.19 -3.09 -7.34
N ILE E 594 -24.44 -2.67 -7.13
CA ILE E 594 -24.82 -1.91 -5.94
C ILE E 594 -25.55 -2.89 -5.03
N GLU E 595 -24.93 -3.22 -3.90
CA GLU E 595 -25.48 -4.18 -2.96
C GLU E 595 -26.08 -3.43 -1.78
N TYR E 596 -27.31 -3.80 -1.41
CA TYR E 596 -28.01 -3.17 -0.30
C TYR E 596 -28.51 -4.22 0.66
N THR E 597 -28.82 -3.77 1.87
CA THR E 597 -29.59 -4.54 2.84
C THR E 597 -30.69 -3.64 3.36
N SER E 598 -31.88 -4.21 3.58
CA SER E 598 -33.06 -3.42 3.91
C SER E 598 -33.81 -4.05 5.08
N SER E 599 -34.20 -3.20 6.02
CA SER E 599 -35.12 -3.59 7.08
C SER E 599 -36.58 -3.39 6.70
N PHE E 600 -36.84 -2.89 5.49
CA PHE E 600 -38.20 -2.57 5.05
C PHE E 600 -38.64 -3.40 3.85
N CYS E 601 -37.78 -3.55 2.84
CA CYS E 601 -38.18 -4.17 1.59
C CYS E 601 -38.36 -5.68 1.78
N ASP E 602 -39.55 -6.18 1.45
CA ASP E 602 -39.80 -7.61 1.37
C ASP E 602 -40.90 -7.83 0.34
N SER E 603 -41.45 -9.05 0.31
CA SER E 603 -42.51 -9.36 -0.66
C SER E 603 -43.77 -8.54 -0.39
N SER E 604 -44.01 -8.18 0.88
CA SER E 604 -45.16 -7.34 1.21
C SER E 604 -44.92 -5.87 0.90
N ASN E 605 -43.67 -5.47 0.68
CA ASN E 605 -43.32 -4.07 0.43
C ASN E 605 -42.38 -3.98 -0.75
N PRO E 606 -42.91 -4.08 -1.98
CA PRO E 606 -42.09 -3.88 -3.18
C PRO E 606 -41.46 -2.49 -3.24
N CYS E 607 -40.21 -2.46 -3.67
CA CYS E 607 -39.49 -1.21 -3.82
C CYS E 607 -38.76 -1.18 -5.15
N ASP E 608 -38.39 0.04 -5.56
CA ASP E 608 -37.61 0.28 -6.77
C ASP E 608 -36.26 0.84 -6.38
N LEU E 609 -35.19 0.12 -6.72
CA LEU E 609 -33.84 0.62 -6.48
C LEU E 609 -33.48 1.55 -7.63
N ILE E 610 -33.54 2.85 -7.36
CA ILE E 610 -33.31 3.87 -8.37
C ILE E 610 -31.84 4.24 -8.38
N SER E 611 -31.22 4.18 -9.55
CA SER E 611 -29.80 4.45 -9.73
C SER E 611 -29.62 5.36 -10.93
N ILE E 612 -29.23 6.61 -10.69
CA ILE E 612 -29.05 7.61 -11.73
C ILE E 612 -27.62 8.12 -11.65
N ALA E 613 -26.83 7.84 -12.68
CA ALA E 613 -25.42 8.20 -12.70
C ALA E 613 -25.19 9.41 -13.58
N LYS E 614 -24.29 10.29 -13.15
CA LYS E 614 -23.80 11.40 -13.95
C LYS E 614 -22.48 10.98 -14.59
N CYS E 615 -22.46 10.90 -15.91
CA CYS E 615 -21.34 10.36 -16.65
C CYS E 615 -20.67 11.45 -17.49
N ILE E 616 -19.38 11.26 -17.74
CA ILE E 616 -18.63 12.15 -18.62
C ILE E 616 -18.66 11.58 -20.03
N ASN E 617 -18.85 12.45 -21.01
CA ASN E 617 -18.80 12.06 -22.41
C ASN E 617 -18.26 13.23 -23.21
N PHE E 618 -18.19 13.06 -24.53
CA PHE E 618 -17.56 14.05 -25.39
C PHE E 618 -18.38 14.24 -26.66
N LEU E 619 -18.51 15.50 -27.07
CA LEU E 619 -19.24 15.87 -28.27
C LEU E 619 -18.23 16.41 -29.29
N LEU E 620 -18.06 15.68 -30.38
CA LEU E 620 -17.09 16.06 -31.41
C LEU E 620 -17.67 17.11 -32.35
N PHE F 6 -6.76 2.80 -6.34
CA PHE F 6 -7.49 1.56 -6.16
C PHE F 6 -7.45 0.72 -7.43
N LYS F 7 -8.62 0.55 -8.04
CA LYS F 7 -8.69 -0.02 -9.37
C LYS F 7 -8.37 1.05 -10.41
N LEU F 8 -7.56 2.04 -10.02
CA LEU F 8 -7.02 2.95 -11.02
C LEU F 8 -6.18 2.22 -12.06
N ILE F 9 -5.93 0.93 -11.84
CA ILE F 9 -5.35 0.03 -12.84
C ILE F 9 -6.49 -0.54 -13.68
N ALA F 10 -7.66 0.11 -13.63
CA ALA F 10 -8.77 -0.23 -14.51
C ALA F 10 -9.34 0.96 -15.27
N ASN F 11 -8.95 2.19 -14.92
CA ASN F 11 -9.41 3.37 -15.64
C ASN F 11 -8.57 3.59 -16.90
N ASP F 12 -8.46 2.56 -17.74
CA ASP F 12 -7.88 2.69 -19.06
C ASP F 12 -9.00 2.71 -20.10
N GLY F 13 -8.63 2.81 -21.36
CA GLY F 13 -9.59 2.92 -22.44
C GLY F 13 -9.70 4.34 -22.97
N LYS F 14 -10.47 4.46 -24.06
CA LYS F 14 -10.51 5.72 -24.81
C LYS F 14 -10.95 6.88 -23.93
N ALA F 15 -12.07 6.73 -23.23
CA ALA F 15 -12.63 7.84 -22.46
C ALA F 15 -11.65 8.36 -21.42
N ASP F 16 -10.81 7.49 -20.86
CA ASP F 16 -9.90 7.89 -19.80
C ASP F 16 -8.66 8.59 -20.32
N ARG F 17 -8.28 8.38 -21.57
CA ARG F 17 -7.13 9.08 -22.13
C ARG F 17 -7.43 10.55 -22.39
N MET F 18 -8.69 10.91 -22.56
CA MET F 18 -9.07 12.30 -22.72
C MET F 18 -9.32 13.02 -21.40
N ILE F 19 -9.41 12.30 -20.28
CA ILE F 19 -9.78 12.89 -19.00
C ILE F 19 -8.55 12.92 -18.12
N MET F 20 -7.66 11.95 -18.28
CA MET F 20 -6.44 11.93 -17.51
C MET F 20 -5.17 11.87 -18.34
N ALA F 21 -5.18 11.20 -19.50
CA ALA F 21 -4.03 11.14 -20.40
C ALA F 21 -2.79 10.62 -19.69
N ASN F 22 -2.96 9.51 -18.96
CA ASN F 22 -1.85 8.96 -18.18
C ASN F 22 -0.77 8.39 -19.09
N ASP F 23 -1.16 7.75 -20.19
CA ASP F 23 -0.18 7.23 -21.14
C ASP F 23 0.71 8.34 -21.67
N LEU F 24 0.13 9.51 -21.94
CA LEU F 24 0.94 10.65 -22.35
C LEU F 24 1.76 11.20 -21.19
N LEU F 25 1.18 11.21 -19.98
CA LEU F 25 1.91 11.74 -18.83
C LEU F 25 3.18 10.94 -18.56
N ASN F 26 3.09 9.61 -18.61
CA ASN F 26 4.28 8.78 -18.40
C ASN F 26 5.32 9.02 -19.48
N ASP F 27 4.89 9.22 -20.73
CA ASP F 27 5.84 9.50 -21.80
C ASP F 27 6.54 10.83 -21.60
N ARG F 28 5.85 11.82 -21.01
CA ARG F 28 6.52 13.08 -20.68
C ARG F 28 7.52 12.88 -19.55
N ILE F 29 7.20 12.04 -18.57
CA ILE F 29 8.13 11.76 -17.49
C ILE F 29 9.43 11.18 -18.03
N LYS F 30 9.31 10.18 -18.91
CA LYS F 30 10.50 9.55 -19.47
C LYS F 30 11.33 10.54 -20.28
N SER F 31 10.67 11.34 -21.12
CA SER F 31 11.40 12.29 -21.96
C SER F 31 12.02 13.39 -21.12
N ILE F 32 11.32 13.86 -20.08
CA ILE F 32 11.87 14.90 -19.22
C ILE F 32 13.08 14.36 -18.46
N MET F 33 12.95 13.18 -17.86
CA MET F 33 14.09 12.56 -17.17
C MET F 33 15.23 12.29 -18.13
N CYS F 34 14.93 11.94 -19.39
CA CYS F 34 15.98 11.57 -20.32
C CYS F 34 16.72 12.79 -20.85
N LEU F 35 16.02 13.90 -21.07
CA LEU F 35 16.68 15.10 -21.58
C LEU F 35 17.39 15.88 -20.50
N ARG F 36 16.86 15.88 -19.27
CA ARG F 36 17.55 16.54 -18.17
C ARG F 36 18.90 15.91 -17.90
N ALA F 37 18.98 14.57 -17.95
CA ALA F 37 20.26 13.91 -17.79
C ALA F 37 21.19 14.21 -18.96
N LYS F 38 20.64 14.31 -20.18
CA LYS F 38 21.45 14.61 -21.34
C LYS F 38 22.04 16.02 -21.26
N GLN F 39 21.27 16.98 -20.77
CA GLN F 39 21.73 18.35 -20.62
C GLN F 39 22.66 18.54 -19.43
N GLY F 40 22.88 17.51 -18.63
CA GLY F 40 23.82 17.60 -17.53
C GLY F 40 23.24 18.03 -16.21
N PHE F 41 21.94 17.79 -15.97
CA PHE F 41 21.35 18.12 -14.68
C PHE F 41 21.78 17.12 -13.62
N SER F 42 21.89 17.61 -12.38
CA SER F 42 22.18 16.72 -11.27
C SER F 42 21.01 15.79 -10.98
N ASP F 43 19.81 16.36 -10.89
CA ASP F 43 18.62 15.59 -10.55
C ASP F 43 17.76 15.39 -11.80
N PRO F 44 17.64 14.17 -12.32
CA PRO F 44 16.80 13.94 -13.50
C PRO F 44 15.32 13.98 -13.20
N THR F 45 14.93 14.09 -11.93
CA THR F 45 13.52 14.12 -11.57
C THR F 45 12.83 15.33 -12.19
N PRO F 46 11.68 15.17 -12.83
CA PRO F 46 10.97 16.33 -13.38
C PRO F 46 10.56 17.29 -12.27
N THR F 47 10.31 18.53 -12.67
CA THR F 47 9.79 19.53 -11.75
C THR F 47 8.26 19.52 -11.79
N LEU F 48 7.66 20.01 -10.70
CA LEU F 48 6.22 20.18 -10.68
C LEU F 48 5.75 21.10 -11.80
N VAL F 49 6.56 22.11 -12.14
CA VAL F 49 6.22 23.01 -13.22
C VAL F 49 6.32 22.29 -14.57
N ASP F 50 7.29 21.40 -14.72
CA ASP F 50 7.34 20.56 -15.92
C ASP F 50 6.05 19.77 -16.08
N ILE F 51 5.51 19.25 -14.98
CA ILE F 51 4.32 18.41 -15.05
C ILE F 51 3.09 19.23 -15.37
N GLU F 52 2.91 20.35 -14.66
CA GLU F 52 1.70 21.14 -14.81
C GLU F 52 1.61 21.87 -16.14
N ARG F 53 2.64 21.81 -16.98
CA ARG F 53 2.52 22.30 -18.35
C ARG F 53 1.51 21.48 -19.15
N THR F 54 1.13 20.30 -18.66
CA THR F 54 0.17 19.44 -19.34
C THR F 54 -0.97 19.05 -18.42
N HIS F 55 -0.65 18.59 -17.21
CA HIS F 55 -1.63 18.02 -16.30
C HIS F 55 -1.85 18.92 -15.10
N ILE F 56 -2.95 18.68 -14.40
CA ILE F 56 -3.26 19.35 -13.15
C ILE F 56 -3.11 18.36 -12.01
N LEU F 57 -2.49 18.79 -10.92
CA LEU F 57 -2.28 17.96 -9.74
C LEU F 57 -3.38 18.29 -8.74
N LEU F 58 -4.26 17.31 -8.50
CA LEU F 58 -5.37 17.54 -7.58
C LEU F 58 -4.89 17.65 -6.14
N ILE F 59 -3.76 17.02 -5.81
CA ILE F 59 -3.11 17.19 -4.53
C ILE F 59 -1.92 18.12 -4.75
N ASN F 60 -2.04 19.36 -4.27
CA ASN F 60 -1.03 20.39 -4.52
C ASN F 60 -1.09 21.41 -3.40
N SER F 61 -0.02 21.50 -2.62
CA SER F 61 0.04 22.39 -1.48
C SER F 61 0.64 23.75 -1.83
N HIS F 62 0.77 24.06 -3.12
CA HIS F 62 1.42 25.30 -3.52
C HIS F 62 0.54 26.51 -3.25
N TYR F 63 1.19 27.61 -2.90
CA TYR F 63 0.55 28.91 -2.76
C TYR F 63 1.57 29.96 -3.17
N LYS F 64 1.12 31.21 -3.26
CA LYS F 64 2.09 32.24 -3.56
C LYS F 64 2.19 33.22 -2.40
N PRO F 65 3.38 33.72 -2.11
CA PRO F 65 3.49 34.80 -1.13
C PRO F 65 2.82 36.05 -1.65
N PHE F 66 2.08 36.72 -0.77
CA PHE F 66 1.44 37.98 -1.15
C PHE F 66 2.31 39.15 -0.75
N ALA F 67 2.25 40.20 -1.57
CA ALA F 67 2.90 41.46 -1.20
C ALA F 67 2.36 41.92 0.15
N ALA F 68 3.27 42.26 1.06
CA ALA F 68 2.91 42.54 2.44
C ALA F 68 1.76 43.53 2.51
N MET F 69 0.78 43.20 3.34
CA MET F 69 -0.45 43.97 3.44
C MET F 69 -1.01 43.84 4.84
N GLY F 70 -1.62 44.91 5.32
CA GLY F 70 -2.28 44.90 6.62
C GLY F 70 -3.34 45.95 6.65
N TYR F 71 -4.36 45.73 7.49
CA TYR F 71 -5.47 46.65 7.58
C TYR F 71 -5.90 46.80 9.03
N GLU F 72 -6.72 47.81 9.26
CA GLU F 72 -7.41 48.02 10.52
C GLU F 72 -8.48 49.08 10.31
N TYR F 73 -9.55 48.99 11.09
CA TYR F 73 -10.66 49.93 10.98
C TYR F 73 -10.39 51.17 11.82
N GLN F 74 -11.03 52.26 11.43
CA GLN F 74 -10.91 53.52 12.14
C GLN F 74 -12.29 54.14 12.30
N LYS F 75 -12.59 54.62 13.50
CA LYS F 75 -13.89 55.18 13.83
C LYS F 75 -13.85 56.69 13.66
N THR F 76 -14.92 57.24 13.09
CA THR F 76 -14.97 58.66 12.76
C THR F 76 -16.36 59.22 13.03
N ARG F 77 -16.41 60.43 13.68
CA ARG F 77 -17.57 61.25 14.00
C ARG F 77 -17.77 62.31 12.92
N PRO F 78 -19.01 62.72 12.67
CA PRO F 78 -19.29 63.59 11.52
C PRO F 78 -18.84 65.02 11.74
N ASN F 79 -18.70 65.74 10.62
CA ASN F 79 -18.43 67.17 10.65
C ASN F 79 -19.70 67.99 10.86
N THR F 80 -20.88 67.38 10.66
CA THR F 80 -22.15 68.09 10.68
C THR F 80 -22.79 68.12 12.06
N GLY F 81 -22.00 68.17 13.13
CA GLY F 81 -22.53 68.40 14.45
C GLY F 81 -23.29 67.23 15.04
N ASN F 82 -24.17 67.55 15.98
CA ASN F 82 -24.95 66.53 16.67
C ASN F 82 -26.07 66.03 15.76
N PRO F 83 -26.19 64.72 15.56
CA PRO F 83 -27.12 64.20 14.56
C PRO F 83 -28.56 64.21 15.03
N THR F 84 -29.47 64.28 14.05
CA THR F 84 -30.90 64.22 14.30
C THR F 84 -31.56 63.38 13.22
N TYR F 85 -32.81 63.00 13.47
CA TYR F 85 -33.67 62.56 12.37
C TYR F 85 -33.86 63.70 11.38
N ASN F 86 -34.11 63.34 10.12
CA ASN F 86 -34.46 64.32 9.08
C ASN F 86 -33.39 65.40 8.95
N SER F 87 -32.13 64.95 8.79
CA SER F 87 -31.02 65.88 8.62
C SER F 87 -29.95 65.22 7.76
N THR F 88 -28.97 66.02 7.36
CA THR F 88 -27.85 65.55 6.55
C THR F 88 -26.62 65.41 7.42
N ILE F 89 -25.96 64.26 7.32
CA ILE F 89 -24.75 63.96 8.09
C ILE F 89 -23.60 63.75 7.11
N GLN F 90 -22.45 64.37 7.40
CA GLN F 90 -21.28 64.30 6.54
C GLN F 90 -20.07 63.88 7.35
N PHE F 91 -19.34 62.87 6.85
CA PHE F 91 -18.13 62.38 7.48
C PHE F 91 -16.92 62.71 6.62
N SER F 92 -15.83 63.12 7.26
CA SER F 92 -14.55 63.12 6.58
C SER F 92 -14.00 61.70 6.52
N ILE F 93 -13.29 61.41 5.44
CA ILE F 93 -12.60 60.13 5.32
C ILE F 93 -11.14 60.40 5.67
N PRO F 94 -10.70 60.07 6.89
CA PRO F 94 -9.40 60.54 7.37
C PRO F 94 -8.25 60.02 6.52
N GLN F 95 -7.13 60.74 6.59
CA GLN F 95 -5.89 60.35 5.94
C GLN F 95 -5.20 59.33 6.83
N PHE F 96 -5.36 58.04 6.51
CA PHE F 96 -4.76 56.99 7.30
C PHE F 96 -4.07 55.96 6.41
N GLY F 97 -4.85 55.02 5.86
CA GLY F 97 -4.27 53.97 5.05
C GLY F 97 -3.92 54.45 3.65
N ASP F 98 -3.09 53.64 2.98
CA ASP F 98 -2.80 53.87 1.57
C ASP F 98 -4.05 53.67 0.73
N PHE F 99 -4.90 52.73 1.12
CA PHE F 99 -6.19 52.49 0.50
C PHE F 99 -7.26 52.43 1.58
N PHE F 100 -8.50 52.73 1.21
CA PHE F 100 -9.63 52.52 2.10
C PHE F 100 -10.69 51.68 1.39
N SER F 101 -11.36 50.84 2.16
CA SER F 101 -12.23 49.81 1.58
C SER F 101 -13.63 49.86 2.16
N ASP F 102 -14.06 48.78 2.82
CA ASP F 102 -15.44 48.66 3.26
C ASP F 102 -15.75 49.63 4.40
N MET F 103 -16.98 50.13 4.40
CA MET F 103 -17.43 51.12 5.37
C MET F 103 -18.74 50.68 6.02
N VAL F 104 -18.89 51.01 7.29
CA VAL F 104 -20.11 50.71 8.02
C VAL F 104 -20.35 51.81 9.05
N VAL F 105 -21.61 52.19 9.23
CA VAL F 105 -21.99 53.28 10.12
C VAL F 105 -22.70 52.70 11.33
N HIS F 106 -22.18 52.97 12.52
CA HIS F 106 -22.88 52.64 13.75
C HIS F 106 -23.90 53.73 14.04
N VAL F 107 -25.17 53.34 14.16
CA VAL F 107 -26.23 54.26 14.51
C VAL F 107 -26.82 53.83 15.85
N GLN F 108 -27.09 54.81 16.71
CA GLN F 108 -27.61 54.55 18.05
C GLN F 108 -28.81 55.45 18.28
N LEU F 109 -29.99 54.85 18.35
CA LEU F 109 -31.23 55.57 18.59
C LEU F 109 -31.67 55.36 20.03
N ALA F 110 -31.98 56.46 20.71
CA ALA F 110 -32.33 56.39 22.12
C ALA F 110 -33.58 55.55 22.34
N ALA F 111 -33.67 54.92 23.51
CA ALA F 111 -34.86 54.20 23.90
C ALA F 111 -36.01 55.19 24.08
N THR F 112 -37.21 54.78 23.69
CA THR F 112 -38.36 55.67 23.74
C THR F 112 -39.63 54.89 24.04
N SER F 113 -40.61 55.62 24.56
CA SER F 113 -41.95 55.11 24.79
C SER F 113 -42.95 56.09 24.20
N ALA F 114 -44.20 55.65 24.09
CA ALA F 114 -45.26 56.56 23.67
C ALA F 114 -45.75 57.39 24.84
N SER F 115 -46.31 58.55 24.51
CA SER F 115 -46.85 59.42 25.55
C SER F 115 -48.13 58.83 26.13
N ALA F 116 -48.43 59.25 27.36
CA ALA F 116 -49.60 58.72 28.05
C ALA F 116 -50.88 59.25 27.41
N GLY F 117 -51.81 58.34 27.10
CA GLY F 117 -53.08 58.72 26.52
C GLY F 117 -54.26 58.27 27.35
N THR F 118 -55.37 57.94 26.71
CA THR F 118 -56.58 57.53 27.41
C THR F 118 -57.27 56.42 26.65
N VAL F 119 -58.17 55.73 27.35
CA VAL F 119 -59.02 54.72 26.70
C VAL F 119 -60.04 55.41 25.81
N PRO F 120 -60.20 55.00 24.55
CA PRO F 120 -61.16 55.66 23.67
C PRO F 120 -62.59 55.36 24.08
N ALA F 121 -63.51 56.08 23.44
CA ALA F 121 -64.93 55.87 23.69
C ALA F 121 -65.38 54.52 23.13
N LEU F 122 -66.45 53.99 23.73
CA LEU F 122 -66.96 52.69 23.32
C LEU F 122 -67.69 52.80 21.98
N PRO F 123 -67.75 51.72 21.21
CA PRO F 123 -68.41 51.76 19.91
C PRO F 123 -69.91 52.02 20.04
N ALA F 124 -70.52 52.34 18.91
CA ALA F 124 -71.96 52.58 18.88
C ALA F 124 -72.72 51.27 19.09
N PHE F 125 -74.02 51.39 19.32
CA PHE F 125 -74.86 50.23 19.54
C PHE F 125 -74.95 49.37 18.28
N ILE F 126 -75.14 48.07 18.48
CA ILE F 126 -75.30 47.13 17.38
C ILE F 126 -76.78 46.79 17.24
N GLY F 127 -77.39 46.28 18.31
CA GLY F 127 -78.80 46.01 18.31
C GLY F 127 -79.62 47.25 18.60
N ALA F 128 -80.88 47.20 18.17
CA ALA F 128 -81.78 48.34 18.35
C ALA F 128 -82.56 48.30 19.65
N ASP F 129 -82.45 47.22 20.42
CA ASP F 129 -83.24 47.04 21.63
C ASP F 129 -82.33 46.95 22.85
N ASP F 130 -82.91 47.29 24.00
CA ASP F 130 -82.28 47.08 25.31
C ASP F 130 -80.89 47.71 25.37
N GLN F 131 -80.80 48.94 24.91
CA GLN F 131 -79.51 49.64 24.81
C GLN F 131 -79.15 50.27 26.16
N VAL F 132 -78.00 49.87 26.71
CA VAL F 132 -77.44 50.50 27.90
C VAL F 132 -75.99 50.83 27.62
N LEU F 133 -75.54 51.97 28.13
CA LEU F 133 -74.17 52.43 27.97
C LEU F 133 -73.63 52.85 29.33
N THR F 134 -72.54 52.21 29.75
CA THR F 134 -71.87 52.54 30.99
C THR F 134 -70.46 53.02 30.68
N SER F 135 -69.70 53.29 31.75
CA SER F 135 -68.31 53.71 31.58
C SER F 135 -67.40 52.58 31.15
N THR F 136 -67.89 51.34 31.13
CA THR F 136 -67.03 50.19 30.89
C THR F 136 -67.57 49.19 29.86
N SER F 137 -68.80 49.36 29.36
CA SER F 137 -69.33 48.44 28.37
C SER F 137 -70.53 49.08 27.69
N VAL F 138 -70.81 48.61 26.47
CA VAL F 138 -71.96 49.04 25.67
C VAL F 138 -72.73 47.80 25.25
N VAL F 139 -74.02 47.76 25.58
CA VAL F 139 -74.85 46.59 25.36
C VAL F 139 -76.05 46.98 24.50
N SER F 140 -76.36 46.12 23.53
CA SER F 140 -77.58 46.25 22.73
C SER F 140 -78.06 44.86 22.37
N ALA F 141 -79.25 44.78 21.79
CA ALA F 141 -79.87 43.48 21.58
C ALA F 141 -80.72 43.49 20.31
N THR F 142 -80.90 42.29 19.76
CA THR F 142 -81.80 42.05 18.64
C THR F 142 -82.83 41.01 19.06
N GLU F 143 -84.10 41.38 19.02
CA GLU F 143 -85.18 40.46 19.38
C GLU F 143 -85.65 39.67 18.17
N ASN F 144 -86.19 38.49 18.43
CA ASN F 144 -86.75 37.65 17.36
C ASN F 144 -87.77 36.71 18.02
N THR F 145 -89.03 37.16 18.05
CA THR F 145 -90.10 36.35 18.62
C THR F 145 -90.50 35.19 17.71
N THR F 146 -90.02 35.16 16.47
CA THR F 146 -90.38 34.08 15.56
C THR F 146 -89.59 32.81 15.87
N SER F 147 -88.28 32.94 16.05
CA SER F 147 -87.42 31.80 16.30
C SER F 147 -87.17 31.52 17.77
N GLY F 148 -87.43 32.50 18.64
CA GLY F 148 -87.12 32.33 20.05
C GLY F 148 -85.70 32.65 20.44
N VAL F 149 -84.92 33.27 19.55
CA VAL F 149 -83.53 33.59 19.80
C VAL F 149 -83.42 35.06 20.16
N TYR F 150 -82.82 35.34 21.32
CA TYR F 150 -82.55 36.70 21.79
C TYR F 150 -81.05 36.94 21.72
N THR F 151 -80.63 37.87 20.87
CA THR F 151 -79.22 38.13 20.62
C THR F 151 -78.76 39.35 21.41
N LEU F 152 -77.67 39.20 22.15
CA LEU F 152 -77.14 40.25 23.01
C LEU F 152 -75.72 40.59 22.59
N TYR F 153 -75.46 41.86 22.32
CA TYR F 153 -74.14 42.33 21.91
C TYR F 153 -73.51 43.11 23.06
N THR F 154 -72.24 42.82 23.34
CA THR F 154 -71.50 43.49 24.39
C THR F 154 -70.11 43.82 23.88
N GLN F 155 -69.70 45.08 24.04
CA GLN F 155 -68.36 45.52 23.67
C GLN F 155 -67.75 46.29 24.83
N SER F 156 -66.49 46.01 25.12
CA SER F 156 -65.81 46.60 26.26
C SER F 156 -64.30 46.55 26.00
N TYR F 157 -63.56 47.27 26.83
CA TYR F 157 -62.10 47.34 26.74
C TYR F 157 -61.49 46.58 27.90
N VAL F 158 -60.48 45.75 27.60
CA VAL F 158 -59.80 44.93 28.58
C VAL F 158 -58.31 44.93 28.28
N ASN F 159 -57.53 44.60 29.31
CA ASN F 159 -56.11 44.33 29.11
C ASN F 159 -55.92 42.85 28.78
N GLN F 160 -54.67 42.41 28.67
CA GLN F 160 -54.42 41.02 28.34
C GLN F 160 -54.97 40.08 29.41
N GLN F 161 -54.97 40.51 30.66
CA GLN F 161 -55.52 39.70 31.74
C GLN F 161 -57.04 39.67 31.73
N GLY F 162 -57.69 40.53 30.94
CA GLY F 162 -59.14 40.56 30.89
C GLY F 162 -59.80 41.50 31.87
N THR F 163 -59.04 42.37 32.53
CA THR F 163 -59.62 43.34 33.45
C THR F 163 -60.26 44.47 32.65
N THR F 164 -61.52 44.76 32.96
CA THR F 164 -62.25 45.78 32.21
C THR F 164 -61.63 47.15 32.42
N GLN F 165 -61.50 47.90 31.33
CA GLN F 165 -60.89 49.23 31.35
C GLN F 165 -61.97 50.30 31.20
N THR F 166 -61.83 51.37 31.96
CA THR F 166 -62.81 52.45 31.96
C THR F 166 -62.54 53.41 30.81
N VAL F 167 -63.62 53.87 30.17
CA VAL F 167 -63.51 54.91 29.16
C VAL F 167 -62.89 56.15 29.80
N ALA F 168 -61.94 56.76 29.09
CA ALA F 168 -61.19 57.95 29.48
C ALA F 168 -60.21 57.71 30.61
N ALA F 169 -60.08 56.48 31.10
CA ALA F 169 -59.00 56.16 32.02
C ALA F 169 -57.67 56.15 31.27
N ALA F 170 -56.58 55.99 32.02
CA ALA F 170 -55.25 56.02 31.42
C ALA F 170 -55.05 54.84 30.49
N ALA F 171 -54.36 55.08 29.37
CA ALA F 171 -54.07 54.04 28.39
C ALA F 171 -52.93 54.54 27.50
N THR F 172 -51.93 53.68 27.27
CA THR F 172 -50.73 54.08 26.55
C THR F 172 -50.46 53.11 25.41
N ASN F 173 -50.10 53.67 24.25
CA ASN F 173 -49.74 52.88 23.10
C ASN F 173 -48.33 52.32 23.23
N PHE F 174 -48.07 51.25 22.48
CA PHE F 174 -46.72 50.74 22.33
C PHE F 174 -46.06 51.37 21.11
N VAL F 175 -44.75 51.20 21.00
CA VAL F 175 -44.00 51.73 19.88
C VAL F 175 -43.27 50.59 19.17
N ARG F 176 -43.04 50.77 17.87
CA ARG F 176 -42.34 49.79 17.06
C ARG F 176 -41.55 50.51 15.99
N TYR F 177 -40.48 49.87 15.55
CA TYR F 177 -39.74 50.35 14.39
C TYR F 177 -40.27 49.70 13.12
N CYS F 178 -40.11 50.40 12.00
CA CYS F 178 -40.43 49.79 10.72
C CYS F 178 -39.47 48.65 10.43
N GLU F 179 -39.87 47.78 9.51
CA GLU F 179 -39.02 46.66 9.13
C GLU F 179 -37.77 47.17 8.45
N TYR F 180 -36.64 46.51 8.72
CA TYR F 180 -35.34 46.91 8.22
C TYR F 180 -35.09 48.41 8.40
N PRO F 181 -35.13 48.90 9.64
CA PRO F 181 -35.10 50.36 9.85
C PRO F 181 -33.79 51.01 9.45
N GLY F 182 -32.67 50.28 9.55
CA GLY F 182 -31.40 50.80 9.06
C GLY F 182 -31.38 51.06 7.56
N LEU F 183 -32.19 50.31 6.80
CA LEU F 183 -32.26 50.51 5.35
C LEU F 183 -33.13 51.71 4.97
N ARG F 184 -34.14 52.02 5.79
CA ARG F 184 -34.96 53.20 5.55
C ARG F 184 -34.40 54.45 6.22
N LEU F 185 -33.56 54.30 7.24
CA LEU F 185 -33.01 55.46 7.92
C LEU F 185 -32.14 56.29 7.00
N PHE F 186 -31.32 55.63 6.19
CA PHE F 186 -30.43 56.32 5.24
C PHE F 186 -31.22 56.58 3.97
N LYS F 187 -31.89 57.73 3.93
CA LYS F 187 -32.66 58.08 2.74
C LYS F 187 -31.76 58.19 1.51
N ARG F 188 -30.60 58.81 1.67
CA ARG F 188 -29.59 58.85 0.62
C ARG F 188 -28.23 58.61 1.22
N VAL F 189 -27.36 57.94 0.46
CA VAL F 189 -25.99 57.65 0.87
C VAL F 189 -25.07 58.05 -0.27
N LYS F 190 -24.19 59.01 -0.02
CA LYS F 190 -23.30 59.55 -1.04
C LYS F 190 -21.85 59.29 -0.68
N PHE F 191 -21.04 59.00 -1.69
CA PHE F 191 -19.58 59.05 -1.62
C PHE F 191 -19.15 60.15 -2.57
N GLU F 192 -18.82 61.32 -2.04
CA GLU F 192 -18.60 62.50 -2.86
C GLU F 192 -17.13 62.90 -2.83
N VAL F 193 -16.58 63.19 -4.01
CA VAL F 193 -15.21 63.67 -4.18
C VAL F 193 -15.29 65.03 -4.88
N ASN F 194 -14.61 66.02 -4.31
CA ASN F 194 -14.67 67.40 -4.81
C ASN F 194 -16.11 67.87 -4.89
N GLY F 195 -16.96 67.40 -3.96
CA GLY F 195 -18.38 67.64 -4.00
C GLY F 195 -19.15 66.82 -5.01
N ASN F 196 -18.47 66.16 -5.94
CA ASN F 196 -19.15 65.42 -6.99
C ASN F 196 -19.75 64.14 -6.44
N PRO F 197 -21.04 63.90 -6.62
CA PRO F 197 -21.61 62.60 -6.23
C PRO F 197 -21.05 61.47 -7.08
N LEU F 198 -19.82 61.04 -6.80
CA LEU F 198 -19.19 59.98 -7.59
C LEU F 198 -20.06 58.73 -7.61
N ASP F 199 -20.63 58.37 -6.47
CA ASP F 199 -21.64 57.33 -6.42
C ASP F 199 -22.58 57.62 -5.27
N GLU F 200 -23.85 57.31 -5.47
CA GLU F 200 -24.87 57.51 -4.45
C GLU F 200 -26.01 56.53 -4.70
N TYR F 201 -26.74 56.23 -3.64
CA TYR F 201 -27.91 55.37 -3.75
C TYR F 201 -28.93 55.79 -2.71
N THR F 202 -30.15 55.31 -2.89
CA THR F 202 -31.26 55.59 -1.99
C THR F 202 -31.67 54.32 -1.27
N ALA F 203 -32.63 54.46 -0.36
CA ALA F 203 -33.15 53.30 0.36
C ALA F 203 -33.75 52.26 -0.57
N LEU F 204 -34.20 52.68 -1.76
CA LEU F 204 -34.71 51.72 -2.73
C LEU F 204 -33.62 50.75 -3.17
N ALA F 205 -32.40 51.25 -3.42
CA ALA F 205 -31.29 50.37 -3.74
C ALA F 205 -30.96 49.46 -2.55
N ALA F 206 -31.11 49.98 -1.33
CA ALA F 206 -30.81 49.19 -0.14
C ALA F 206 -31.74 48.00 -0.04
N ILE F 207 -33.05 48.20 -0.28
CA ILE F 207 -33.98 47.09 -0.18
C ILE F 207 -33.85 46.14 -1.36
N MET F 208 -33.35 46.62 -2.50
CA MET F 208 -33.03 45.71 -3.60
C MET F 208 -31.89 44.77 -3.21
N TYR F 209 -30.86 45.31 -2.57
CA TYR F 209 -29.80 44.46 -2.03
C TYR F 209 -30.35 43.46 -1.03
N ASN F 210 -31.35 43.88 -0.24
CA ASN F 210 -31.95 42.99 0.75
C ASN F 210 -32.64 41.80 0.09
N LYS F 211 -33.25 42.02 -1.07
CA LYS F 211 -34.01 40.96 -1.73
C LYS F 211 -33.14 40.05 -2.58
N PHE F 212 -32.02 40.56 -3.11
CA PHE F 212 -31.24 39.84 -4.11
C PHE F 212 -29.87 39.37 -3.64
N HIS F 213 -29.29 39.99 -2.61
CA HIS F 213 -27.87 39.77 -2.35
C HIS F 213 -27.58 39.51 -0.87
N VAL F 214 -28.51 38.88 -0.16
CA VAL F 214 -28.24 38.43 1.21
C VAL F 214 -28.64 36.96 1.31
N PRO F 215 -27.74 36.03 1.01
CA PRO F 215 -28.07 34.60 1.18
C PRO F 215 -28.17 34.24 2.66
N ASP F 216 -28.74 33.06 2.90
CA ASP F 216 -29.11 32.68 4.27
C ASP F 216 -27.89 32.56 5.19
N PHE F 217 -26.73 32.21 4.65
CA PHE F 217 -25.56 32.15 5.52
C PHE F 217 -25.03 33.52 5.91
N LYS F 218 -25.64 34.60 5.41
CA LYS F 218 -25.34 35.96 5.85
C LYS F 218 -26.56 36.66 6.45
N LEU F 219 -27.70 35.99 6.57
CA LEU F 219 -28.95 36.69 6.85
C LEU F 219 -29.05 37.12 8.30
N THR F 220 -28.69 36.25 9.25
CA THR F 220 -28.81 36.60 10.67
C THR F 220 -27.99 37.85 10.99
N GLY F 221 -26.70 37.85 10.63
CA GLY F 221 -25.89 39.02 10.85
C GLY F 221 -26.42 40.24 10.12
N TRP F 222 -26.90 40.05 8.88
CA TRP F 222 -27.45 41.15 8.11
C TRP F 222 -28.63 41.79 8.83
N LYS F 223 -29.58 40.97 9.30
CA LYS F 223 -30.75 41.51 9.99
C LYS F 223 -30.38 42.23 11.27
N ARG F 224 -29.33 41.76 11.96
CA ARG F 224 -28.87 42.47 13.15
C ARG F 224 -28.14 43.76 12.80
N LEU F 225 -27.45 43.78 11.65
CA LEU F 225 -26.75 44.99 11.23
C LEU F 225 -27.72 46.13 10.96
N ILE F 226 -28.89 45.82 10.41
CA ILE F 226 -29.84 46.84 9.97
C ILE F 226 -31.06 46.88 10.88
N GLY F 227 -30.98 46.29 12.06
CA GLY F 227 -32.02 46.47 13.06
C GLY F 227 -33.30 45.71 12.83
N GLN F 228 -33.27 44.64 12.05
CA GLN F 228 -34.44 43.78 11.87
C GLN F 228 -34.40 42.67 12.92
N GLU F 229 -35.51 42.49 13.62
CA GLU F 229 -35.59 41.47 14.66
C GLU F 229 -35.43 40.08 14.04
N VAL F 230 -34.86 39.17 14.83
CA VAL F 230 -34.59 37.81 14.37
C VAL F 230 -35.55 36.86 15.06
N PRO F 231 -36.16 35.92 14.33
CA PRO F 231 -37.01 34.92 14.99
C PRO F 231 -36.20 34.04 15.94
N VAL F 232 -36.86 33.60 17.01
CA VAL F 232 -36.24 32.76 18.03
C VAL F 232 -37.08 31.50 18.17
N GLU F 233 -36.43 30.34 18.01
CA GLU F 233 -37.12 29.06 18.07
C GLU F 233 -37.40 28.66 19.50
N ALA F 234 -38.62 28.23 19.78
CA ALA F 234 -39.05 27.83 21.10
C ALA F 234 -39.76 26.49 21.04
N ALA F 235 -39.49 25.63 22.02
CA ALA F 235 -40.00 24.27 22.05
C ALA F 235 -41.12 24.14 23.07
N SER F 236 -42.16 23.40 22.70
CA SER F 236 -43.27 23.13 23.59
C SER F 236 -43.04 21.84 24.37
N ASN F 237 -43.95 21.58 25.31
CA ASN F 237 -43.98 20.28 25.96
C ASN F 237 -44.34 19.21 24.95
N LEU F 238 -44.24 17.95 25.39
CA LEU F 238 -44.61 16.86 24.51
C LEU F 238 -46.08 16.95 24.14
N VAL F 239 -46.37 16.90 22.85
CA VAL F 239 -47.73 16.82 22.37
C VAL F 239 -48.10 15.41 21.92
N ASN F 240 -47.12 14.61 21.49
CA ASN F 240 -47.33 13.18 21.18
C ASN F 240 -46.43 12.37 22.12
N ILE F 241 -47.01 11.40 22.82
CA ILE F 241 -46.27 10.49 23.68
C ILE F 241 -46.62 9.09 23.24
N ALA F 242 -45.62 8.32 22.80
CA ALA F 242 -45.88 7.01 22.23
C ALA F 242 -46.64 6.12 23.21
N SER F 243 -47.65 5.42 22.69
CA SER F 243 -48.50 4.44 23.39
C SER F 243 -49.56 5.09 24.29
N THR F 244 -49.79 6.39 24.19
CA THR F 244 -50.85 7.03 24.94
C THR F 244 -51.41 8.20 24.11
N THR F 245 -52.43 8.84 24.66
CA THR F 245 -53.18 9.86 23.92
C THR F 245 -53.63 10.94 24.87
N PRO F 246 -53.74 12.19 24.41
CA PRO F 246 -54.34 13.23 25.26
C PRO F 246 -55.85 13.12 25.36
N TRP F 247 -56.49 12.36 24.47
CA TRP F 247 -57.93 12.23 24.45
C TRP F 247 -58.41 11.29 25.56
N GLY F 248 -59.59 11.58 26.08
CA GLY F 248 -60.21 10.69 27.04
C GLY F 248 -60.63 9.38 26.42
N SER F 249 -60.66 8.34 27.25
CA SER F 249 -60.92 6.98 26.75
C SER F 249 -62.26 6.80 26.04
N PRO F 250 -63.38 7.48 26.42
CA PRO F 250 -64.65 7.21 25.74
C PRO F 250 -64.63 7.35 24.22
N ILE F 251 -63.66 8.10 23.69
CA ILE F 251 -63.58 8.34 22.25
C ILE F 251 -62.35 7.69 21.62
N VAL F 252 -61.52 7.00 22.40
CA VAL F 252 -60.27 6.45 21.92
C VAL F 252 -60.47 5.00 21.49
N ALA F 253 -59.94 4.65 20.31
CA ALA F 253 -59.83 3.26 19.85
C ALA F 253 -61.19 2.56 19.84
N LEU F 254 -62.16 3.19 19.17
CA LEU F 254 -63.48 2.60 19.03
C LEU F 254 -63.60 1.85 17.72
N SER F 255 -64.41 0.79 17.74
CA SER F 255 -64.79 0.08 16.53
C SER F 255 -66.31 0.12 16.39
N ASP F 256 -66.79 0.09 15.16
CA ASP F 256 -68.23 0.10 14.93
C ASP F 256 -68.80 -1.30 15.15
N VAL F 257 -70.11 -1.44 14.93
CA VAL F 257 -70.78 -2.71 15.14
C VAL F 257 -70.31 -3.80 14.18
N ASN F 258 -69.53 -3.46 13.17
CA ASN F 258 -68.98 -4.42 12.23
C ASN F 258 -67.52 -4.76 12.52
N GLY F 259 -66.96 -4.22 13.61
CA GLY F 259 -65.57 -4.45 13.94
C GLY F 259 -64.60 -3.48 13.30
N THR F 260 -65.06 -2.66 12.36
CA THR F 260 -64.17 -1.71 11.69
C THR F 260 -63.86 -0.54 12.61
N ALA F 261 -62.60 -0.10 12.59
CA ALA F 261 -62.19 1.06 13.36
C ALA F 261 -63.00 2.28 12.93
N VAL F 262 -63.34 3.12 13.91
CA VAL F 262 -64.23 4.25 13.67
C VAL F 262 -63.41 5.44 13.16
N THR F 263 -63.84 6.00 12.02
CA THR F 263 -63.23 7.22 11.51
C THR F 263 -63.54 8.37 12.47
N GLY F 264 -62.49 9.10 12.86
CA GLY F 264 -62.64 10.17 13.83
C GLY F 264 -62.38 9.78 15.26
N SER F 265 -62.15 8.48 15.54
CA SER F 265 -61.82 8.03 16.87
C SER F 265 -60.30 7.99 17.01
N PRO F 266 -59.70 8.88 17.80
CA PRO F 266 -58.23 8.89 17.89
C PRO F 266 -57.69 7.60 18.47
N VAL F 267 -56.45 7.29 18.12
CA VAL F 267 -55.72 6.16 18.67
C VAL F 267 -54.44 6.68 19.32
N ASN F 268 -53.72 5.77 19.97
CA ASN F 268 -52.48 6.15 20.64
C ASN F 268 -51.46 6.68 19.63
N ALA F 269 -50.64 7.61 20.10
CA ALA F 269 -49.54 8.11 19.27
C ALA F 269 -48.49 7.02 19.08
N ALA F 270 -47.80 7.08 17.94
CA ALA F 270 -46.74 6.14 17.64
C ALA F 270 -45.34 6.74 17.82
N ILE F 271 -45.24 8.07 17.87
CA ILE F 271 -43.97 8.74 18.10
C ILE F 271 -44.12 9.65 19.32
N THR F 272 -42.98 10.04 19.87
CA THR F 272 -42.91 11.00 20.97
C THR F 272 -42.31 12.28 20.43
N ALA F 273 -43.15 13.31 20.26
CA ALA F 273 -42.75 14.52 19.58
C ALA F 273 -43.23 15.75 20.34
N ARG F 274 -42.63 16.89 20.00
CA ARG F 274 -42.98 18.18 20.56
C ARG F 274 -42.97 19.21 19.44
N LYS F 275 -43.62 20.35 19.69
CA LYS F 275 -43.78 21.38 18.68
C LYS F 275 -42.74 22.47 18.84
N LEU F 276 -42.24 22.96 17.71
CA LEU F 276 -41.38 24.14 17.67
C LEU F 276 -42.18 25.32 17.13
N THR F 277 -42.01 26.48 17.74
CA THR F 277 -42.59 27.72 17.23
C THR F 277 -41.53 28.80 17.25
N GLN F 278 -41.70 29.79 16.38
CA GLN F 278 -40.80 30.92 16.28
C GLN F 278 -41.47 32.13 16.91
N VAL F 279 -40.75 32.82 17.80
CA VAL F 279 -41.22 34.05 18.41
C VAL F 279 -40.29 35.18 18.00
N VAL F 280 -40.82 36.40 18.04
CA VAL F 280 -40.05 37.62 17.79
C VAL F 280 -40.37 38.59 18.91
N PHE F 281 -39.33 39.23 19.46
CA PHE F 281 -39.48 40.19 20.54
C PHE F 281 -38.39 41.26 20.39
N GLY F 282 -38.33 41.86 19.21
CA GLY F 282 -37.33 42.87 18.93
C GLY F 282 -37.88 44.21 18.51
N ALA F 283 -37.24 44.84 17.52
CA ALA F 283 -37.55 46.22 17.18
C ALA F 283 -38.90 46.37 16.48
N GLN F 284 -39.35 45.33 15.77
CA GLN F 284 -40.61 45.40 15.04
C GLN F 284 -41.81 44.99 15.89
N THR F 285 -41.58 44.51 17.09
CA THR F 285 -42.65 44.05 17.98
C THR F 285 -43.09 45.18 18.91
N PRO F 286 -44.39 45.45 19.03
CA PRO F 286 -44.85 46.54 19.90
C PRO F 286 -44.45 46.30 21.35
N LYS F 287 -43.92 47.34 21.99
CA LYS F 287 -43.46 47.25 23.36
C LYS F 287 -43.76 48.55 24.09
N ALA F 288 -43.90 48.46 25.41
CA ALA F 288 -44.07 49.65 26.23
C ALA F 288 -42.87 50.59 26.07
N THR F 289 -41.67 50.02 26.16
CA THR F 289 -40.44 50.75 25.86
C THR F 289 -39.64 49.97 24.83
N GLN F 290 -39.31 50.62 23.72
CA GLN F 290 -38.39 50.03 22.76
C GLN F 290 -36.97 50.34 23.20
N GLU F 291 -36.15 49.30 23.35
CA GLU F 291 -34.80 49.46 23.87
C GLU F 291 -33.98 50.39 22.98
N GLN F 292 -32.83 50.83 23.51
CA GLN F 292 -31.87 51.56 22.70
C GLN F 292 -31.47 50.72 21.50
N LEU F 293 -31.77 51.22 20.31
CA LEU F 293 -31.50 50.48 19.08
C LEU F 293 -30.09 50.80 18.58
N ASN F 294 -29.31 49.75 18.34
CA ASN F 294 -27.96 49.89 17.83
C ASN F 294 -27.85 49.11 16.53
N MET F 295 -27.42 49.79 15.47
CA MET F 295 -27.28 49.20 14.15
C MET F 295 -25.91 49.51 13.59
N PHE F 296 -25.44 48.62 12.71
CA PHE F 296 -24.20 48.82 11.95
C PHE F 296 -24.56 48.67 10.48
N VAL F 297 -25.05 49.76 9.90
CA VAL F 297 -25.55 49.77 8.52
C VAL F 297 -24.38 49.76 7.56
N PRO F 298 -24.22 48.73 6.74
CA PRO F 298 -23.14 48.73 5.75
C PRO F 298 -23.43 49.70 4.61
N LEU F 299 -22.35 50.28 4.09
CA LEU F 299 -22.43 51.16 2.93
C LEU F 299 -22.12 50.33 1.69
N LEU F 300 -23.10 50.23 0.79
CA LEU F 300 -23.06 49.24 -0.29
C LEU F 300 -22.42 49.83 -1.55
N PHE F 301 -21.16 50.23 -1.40
CA PHE F 301 -20.37 50.76 -2.50
C PHE F 301 -19.44 49.68 -3.06
N TRP F 302 -19.07 49.84 -4.34
CA TRP F 302 -18.29 48.82 -5.01
C TRP F 302 -16.97 48.54 -4.31
N PHE F 303 -16.35 49.57 -3.72
CA PHE F 303 -15.02 49.43 -3.15
C PHE F 303 -15.01 48.73 -1.80
N ARG F 304 -16.13 48.11 -1.41
CA ARG F 304 -16.09 47.20 -0.27
C ARG F 304 -15.24 45.97 -0.60
N ASP F 305 -15.22 45.58 -1.86
CA ASP F 305 -14.32 44.54 -2.35
C ASP F 305 -12.88 44.87 -1.97
N PRO F 306 -12.18 43.98 -1.25
CA PRO F 306 -10.77 44.27 -0.91
C PRO F 306 -9.89 44.53 -2.12
N ARG F 307 -10.15 43.86 -3.24
CA ARG F 307 -9.35 44.09 -4.44
C ARG F 307 -9.51 45.51 -4.97
N LEU F 308 -10.65 46.15 -4.70
CA LEU F 308 -10.99 47.44 -5.27
C LEU F 308 -10.82 48.59 -4.29
N ALA F 309 -10.00 48.41 -3.26
CA ALA F 309 -9.77 49.49 -2.30
C ALA F 309 -9.21 50.72 -3.00
N ILE F 310 -9.64 51.89 -2.55
CA ILE F 310 -9.38 53.15 -3.26
C ILE F 310 -8.06 53.73 -2.80
N ALA F 311 -7.17 54.01 -3.75
CA ALA F 311 -5.88 54.59 -3.43
C ALA F 311 -6.05 56.00 -2.84
N SER F 312 -5.45 56.22 -1.68
CA SER F 312 -5.60 57.50 -1.00
C SER F 312 -4.91 58.62 -1.78
N VAL F 313 -3.83 58.32 -2.49
CA VAL F 313 -3.11 59.36 -3.22
C VAL F 313 -3.94 59.89 -4.38
N SER F 314 -4.82 59.05 -4.95
CA SER F 314 -5.66 59.48 -6.05
C SER F 314 -6.95 60.17 -5.59
N ILE F 315 -7.35 59.96 -4.35
CA ILE F 315 -8.42 60.74 -3.73
C ILE F 315 -7.90 61.21 -2.38
N PRO F 316 -7.05 62.23 -2.34
CA PRO F 316 -6.42 62.63 -1.07
C PRO F 316 -7.42 63.26 -0.13
N TYR F 317 -7.02 63.32 1.14
CA TYR F 317 -7.83 63.98 2.16
C TYR F 317 -7.99 65.47 1.80
N GLY F 318 -9.13 66.01 2.17
CA GLY F 318 -9.45 67.39 1.85
C GLY F 318 -10.87 67.54 1.38
N GLN F 319 -11.25 66.77 0.35
CA GLN F 319 -12.61 66.78 -0.16
C GLN F 319 -13.02 65.37 -0.57
N ARG F 320 -12.88 64.43 0.35
CA ARG F 320 -13.47 63.10 0.23
C ARG F 320 -14.35 62.89 1.46
N PHE F 321 -15.65 62.71 1.23
CA PHE F 321 -16.61 62.65 2.31
C PHE F 321 -17.62 61.54 2.09
N ILE F 322 -18.26 61.15 3.18
CA ILE F 322 -19.46 60.33 3.15
C ILE F 322 -20.61 61.21 3.64
N THR F 323 -21.63 61.37 2.80
CA THR F 323 -22.76 62.22 3.11
C THR F 323 -24.01 61.36 3.19
N VAL F 324 -24.71 61.42 4.32
CA VAL F 324 -25.89 60.59 4.57
C VAL F 324 -27.06 61.51 4.92
N ASP F 325 -28.17 61.35 4.20
CA ASP F 325 -29.41 61.99 4.57
C ASP F 325 -30.24 61.03 5.40
N ILE F 326 -30.84 61.55 6.48
CA ILE F 326 -31.56 60.73 7.44
C ILE F 326 -33.06 60.90 7.22
N GLU F 327 -33.79 59.79 7.30
CA GLU F 327 -35.23 59.78 7.16
C GLU F 327 -35.89 60.52 8.32
N GLN F 328 -37.11 60.98 8.09
CA GLN F 328 -37.92 61.55 9.16
C GLN F 328 -38.29 60.47 10.17
N GLN F 329 -38.44 60.90 11.43
CA GLN F 329 -38.82 59.94 12.47
C GLN F 329 -40.20 59.35 12.22
N SER F 330 -41.10 60.13 11.59
CA SER F 330 -42.45 59.66 11.31
C SER F 330 -42.49 58.51 10.31
N ASN F 331 -41.35 58.15 9.71
CA ASN F 331 -41.26 57.00 8.82
C ASN F 331 -40.45 55.86 9.42
N ILE F 332 -39.89 56.03 10.61
CA ILE F 332 -39.05 55.04 11.24
C ILE F 332 -39.71 54.46 12.49
N LEU F 333 -40.40 55.28 13.27
CA LEU F 333 -40.99 54.88 14.53
C LEU F 333 -42.51 55.06 14.46
N PHE F 334 -43.24 54.08 15.00
CA PHE F 334 -44.69 54.06 14.91
C PHE F 334 -45.30 53.60 16.23
N THR F 335 -46.43 54.19 16.59
CA THR F 335 -47.22 53.68 17.70
C THR F 335 -47.98 52.43 17.27
N ALA F 336 -48.22 51.55 18.23
CA ALA F 336 -48.96 50.32 18.01
C ALA F 336 -49.80 50.03 19.24
N PRO F 337 -50.88 49.25 19.09
CA PRO F 337 -51.70 48.92 20.26
C PRO F 337 -50.89 48.22 21.34
N GLY F 338 -51.14 48.61 22.59
CA GLY F 338 -50.46 48.01 23.71
C GLY F 338 -51.36 47.06 24.49
N ASN F 339 -51.42 47.24 25.80
CA ASN F 339 -52.21 46.36 26.66
C ASN F 339 -53.66 46.85 26.76
N LEU F 340 -54.29 46.96 25.60
CA LEU F 340 -55.69 47.39 25.49
C LEU F 340 -56.37 46.62 24.39
N PHE F 341 -57.50 45.99 24.70
CA PHE F 341 -58.20 45.12 23.78
C PHE F 341 -59.68 45.44 23.77
N LEU F 342 -60.28 45.46 22.57
CA LEU F 342 -61.72 45.56 22.43
C LEU F 342 -62.32 44.17 22.44
N GLN F 343 -63.16 43.89 23.44
CA GLN F 343 -63.81 42.60 23.58
C GLN F 343 -65.21 42.68 22.97
N THR F 344 -65.44 41.93 21.91
CA THR F 344 -66.74 41.87 21.24
C THR F 344 -67.39 40.54 21.54
N THR F 345 -68.51 40.57 22.26
CA THR F 345 -69.18 39.36 22.73
C THR F 345 -70.62 39.34 22.23
N VAL F 346 -70.98 38.30 21.51
CA VAL F 346 -72.36 38.06 21.07
C VAL F 346 -72.87 36.83 21.80
N GLU F 347 -74.05 36.97 22.42
CA GLU F 347 -74.71 35.87 23.10
C GLU F 347 -76.11 35.68 22.53
N THR F 348 -76.48 34.43 22.30
CA THR F 348 -77.83 34.08 21.87
C THR F 348 -78.45 33.16 22.92
N LEU F 349 -79.68 33.50 23.33
CA LEU F 349 -80.43 32.73 24.31
C LEU F 349 -81.69 32.21 23.62
N LEU F 350 -81.78 30.90 23.43
CA LEU F 350 -82.93 30.28 22.78
C LEU F 350 -83.92 29.85 23.86
N THR F 351 -85.04 30.55 23.93
CA THR F 351 -86.12 30.21 24.86
C THR F 351 -87.33 29.69 24.10
N THR F 352 -88.17 28.94 24.80
CA THR F 352 -89.33 28.30 24.20
C THR F 352 -90.66 28.71 24.81
N GLY F 353 -90.66 29.38 25.96
CA GLY F 353 -91.88 29.76 26.65
C GLY F 353 -92.43 31.09 26.19
N ALA F 354 -93.22 31.70 27.07
CA ALA F 354 -93.83 32.99 26.75
C ALA F 354 -92.77 34.09 26.72
N GLY F 355 -92.85 34.94 25.70
CA GLY F 355 -91.86 35.98 25.51
C GLY F 355 -90.59 35.51 24.86
N LYS F 356 -90.63 34.37 24.16
CA LYS F 356 -89.42 33.84 23.53
C LYS F 356 -88.82 34.84 22.56
N GLY F 357 -87.48 34.82 22.48
CA GLY F 357 -86.77 35.70 21.59
C GLY F 357 -86.57 37.12 22.08
N THR F 358 -87.08 37.46 23.25
CA THR F 358 -86.88 38.78 23.84
C THR F 358 -86.21 38.62 25.21
N ALA F 359 -86.07 39.75 25.91
CA ALA F 359 -85.39 39.74 27.20
C ALA F 359 -86.20 39.10 28.31
N THR F 360 -87.51 38.90 28.10
CA THR F 360 -88.36 38.25 29.09
C THR F 360 -88.66 36.80 28.74
N GLY F 361 -87.92 36.22 27.80
CA GLY F 361 -88.19 34.85 27.41
C GLY F 361 -87.94 33.88 28.55
N VAL F 362 -88.75 32.84 28.61
CA VAL F 362 -88.73 31.87 29.69
C VAL F 362 -88.49 30.48 29.11
N LEU F 363 -87.82 29.63 29.90
CA LEU F 363 -87.47 28.26 29.53
C LEU F 363 -86.36 28.28 28.48
N LEU F 364 -85.12 28.40 28.94
CA LEU F 364 -83.95 28.54 28.09
C LEU F 364 -83.31 27.17 27.88
N THR F 365 -83.18 26.77 26.62
CA THR F 365 -82.65 25.46 26.26
C THR F 365 -81.21 25.50 25.76
N GLN F 366 -80.87 26.47 24.93
CA GLN F 366 -79.53 26.56 24.34
C GLN F 366 -78.98 27.97 24.56
N TYR F 367 -77.79 28.04 25.14
CA TYR F 367 -77.04 29.30 25.27
C TYR F 367 -75.78 29.21 24.42
N ASN F 368 -75.44 30.32 23.77
CA ASN F 368 -74.23 30.42 22.98
C ASN F 368 -73.52 31.73 23.29
N ARG F 369 -72.20 31.69 23.34
CA ARG F 369 -71.38 32.89 23.48
C ARG F 369 -70.27 32.86 22.44
N TYR F 370 -70.11 33.98 21.74
CA TYR F 370 -69.03 34.17 20.77
C TYR F 370 -68.27 35.41 21.18
N THR F 371 -66.94 35.32 21.19
CA THR F 371 -66.12 36.42 21.71
C THR F 371 -64.80 36.49 20.96
N THR F 372 -64.51 37.66 20.39
CA THR F 372 -63.21 37.97 19.80
C THR F 372 -62.56 39.09 20.60
N TYR F 373 -61.29 39.35 20.28
CA TYR F 373 -60.54 40.42 20.90
C TYR F 373 -59.75 41.16 19.82
N THR F 374 -59.78 42.48 19.86
CA THR F 374 -59.11 43.31 18.85
C THR F 374 -58.19 44.30 19.56
N PRO F 375 -56.88 44.24 19.33
CA PRO F 375 -55.99 45.26 19.90
C PRO F 375 -56.37 46.65 19.42
N THR F 376 -56.34 47.61 20.33
CA THR F 376 -56.85 48.95 20.08
C THR F 376 -55.78 49.99 20.41
N LEU F 377 -55.74 51.04 19.60
CA LEU F 377 -54.89 52.19 19.91
C LEU F 377 -55.53 53.02 21.01
N ALA F 378 -54.70 53.61 21.86
CA ALA F 378 -55.17 54.53 22.89
C ALA F 378 -55.23 55.94 22.32
N SER F 379 -56.20 56.72 22.81
CA SER F 379 -56.41 58.07 22.31
C SER F 379 -55.32 59.00 22.84
N GLY F 380 -54.78 59.82 21.94
CA GLY F 380 -53.80 60.83 22.32
C GLY F 380 -52.48 60.29 22.82
N SER F 381 -52.02 59.17 22.27
CA SER F 381 -50.74 58.57 22.64
C SER F 381 -49.86 58.54 21.39
N SER F 382 -48.80 59.33 21.39
CA SER F 382 -47.96 59.50 20.22
C SER F 382 -46.51 59.20 20.55
N ILE F 383 -45.69 59.07 19.51
CA ILE F 383 -44.27 58.79 19.69
C ILE F 383 -43.56 60.01 20.26
N ASP F 384 -42.45 59.76 20.93
CA ASP F 384 -41.60 60.82 21.46
C ASP F 384 -40.87 61.49 20.30
N GLY F 385 -41.24 62.73 20.00
CA GLY F 385 -40.57 63.49 18.97
C GLY F 385 -39.21 64.04 19.36
N THR F 386 -38.85 63.92 20.64
CA THR F 386 -37.56 64.35 21.13
C THR F 386 -36.55 63.21 21.19
N GLN F 387 -36.85 62.08 20.55
CA GLN F 387 -35.93 60.95 20.55
C GLN F 387 -34.60 61.37 19.94
N ALA F 388 -33.53 61.22 20.71
CA ALA F 388 -32.21 61.63 20.27
C ALA F 388 -31.52 60.53 19.50
N VAL F 389 -30.73 60.93 18.51
CA VAL F 389 -29.73 60.06 17.90
C VAL F 389 -28.52 60.10 18.83
N GLN F 390 -28.38 59.09 19.68
CA GLN F 390 -27.39 59.17 20.75
C GLN F 390 -25.96 59.06 20.23
N ASN F 391 -25.76 58.43 19.08
CA ASN F 391 -24.42 58.35 18.51
C ASN F 391 -24.53 57.91 17.06
N ILE F 392 -23.61 58.40 16.24
CA ILE F 392 -23.47 57.92 14.87
C ILE F 392 -22.00 58.07 14.47
N GLU F 393 -21.39 56.97 14.03
CA GLU F 393 -19.97 56.94 13.71
C GLU F 393 -19.73 56.09 12.49
N LEU F 394 -18.79 56.52 11.65
CA LEU F 394 -18.43 55.81 10.43
C LEU F 394 -17.16 54.99 10.66
N TYR F 395 -17.23 53.71 10.35
CA TYR F 395 -16.09 52.81 10.43
C TYR F 395 -15.54 52.60 9.01
N ILE F 396 -14.23 52.75 8.86
CA ILE F 396 -13.58 52.66 7.56
C ILE F 396 -12.41 51.69 7.66
N ASN F 397 -12.37 50.72 6.76
CA ASN F 397 -11.24 49.79 6.69
C ASN F 397 -10.11 50.45 5.91
N ASN F 398 -8.99 50.69 6.58
CA ASN F 398 -7.81 51.30 5.96
C ASN F 398 -6.76 50.21 5.72
N ILE F 399 -6.25 50.15 4.49
CA ILE F 399 -5.31 49.12 4.07
C ILE F 399 -3.94 49.76 3.87
N PHE F 400 -2.90 49.07 4.33
CA PHE F 400 -1.53 49.56 4.27
C PHE F 400 -0.67 48.57 3.49
N VAL F 401 0.19 49.10 2.61
CA VAL F 401 1.07 48.29 1.78
C VAL F 401 2.48 48.87 1.88
N THR F 402 3.44 48.10 1.36
CA THR F 402 4.83 48.52 1.40
C THR F 402 5.06 49.71 0.46
N PRO F 403 6.05 50.56 0.77
CA PRO F 403 6.30 51.72 -0.11
C PRO F 403 6.77 51.31 -1.49
N GLU F 404 7.52 50.20 -1.60
CA GLU F 404 7.97 49.75 -2.92
C GLU F 404 6.79 49.29 -3.77
N ILE F 405 5.84 48.58 -3.18
CA ILE F 405 4.70 48.09 -3.94
C ILE F 405 3.71 49.22 -4.21
N HIS F 406 3.57 50.15 -3.27
CA HIS F 406 2.68 51.27 -3.47
C HIS F 406 3.12 52.12 -4.66
N ASP F 407 4.43 52.33 -4.80
CA ASP F 407 4.92 53.15 -5.90
C ASP F 407 4.77 52.44 -7.24
N ILE F 408 4.90 51.11 -7.26
CA ILE F 408 4.72 50.37 -8.51
C ILE F 408 3.26 50.38 -8.94
N TYR F 409 2.34 50.24 -7.97
CA TYR F 409 0.93 50.07 -8.31
C TYR F 409 0.34 51.35 -8.91
N ILE F 410 0.56 52.49 -8.24
CA ILE F 410 -0.01 53.74 -8.75
C ILE F 410 0.59 54.12 -10.09
N LYS F 411 1.83 53.73 -10.35
CA LYS F 411 2.46 54.03 -11.63
C LYS F 411 2.01 53.10 -12.75
N ARG F 412 1.53 51.89 -12.42
CA ARG F 412 1.30 50.86 -13.42
C ARG F 412 -0.15 50.41 -13.57
N ILE F 413 -1.04 50.76 -12.64
CA ILE F 413 -2.40 50.25 -12.75
C ILE F 413 -3.22 51.06 -13.76
N GLY F 414 -2.92 52.35 -13.90
CA GLY F 414 -3.63 53.18 -14.85
C GLY F 414 -5.03 53.56 -14.41
N PHE F 415 -5.96 52.60 -14.45
CA PHE F 415 -7.35 52.87 -14.12
C PHE F 415 -7.94 51.69 -13.37
N THR F 416 -9.14 51.89 -12.83
CA THR F 416 -9.85 50.87 -12.07
C THR F 416 -11.30 50.81 -12.52
N LEU F 417 -11.82 49.61 -12.73
CA LEU F 417 -13.20 49.40 -13.15
C LEU F 417 -14.10 49.33 -11.93
N ILE F 418 -15.18 50.12 -11.94
CA ILE F 418 -16.07 50.26 -10.79
C ILE F 418 -17.51 50.07 -11.23
N ARG F 419 -18.39 49.88 -10.25
CA ARG F 419 -19.83 49.76 -10.48
C ARG F 419 -20.57 50.84 -9.70
N VAL F 420 -21.59 51.42 -10.34
CA VAL F 420 -22.28 52.60 -9.82
C VAL F 420 -23.79 52.43 -10.00
N TYR F 421 -24.55 52.98 -9.06
CA TYR F 421 -26.01 52.96 -9.14
C TYR F 421 -26.53 54.08 -10.03
N ARG F 422 -27.60 53.78 -10.77
CA ARG F 422 -28.40 54.80 -11.45
C ARG F 422 -29.86 54.45 -11.24
N GLU F 423 -30.63 55.38 -10.67
CA GLU F 423 -31.98 55.12 -10.20
C GLU F 423 -32.97 56.06 -10.87
N GLN F 424 -34.14 55.53 -11.21
CA GLN F 424 -35.25 56.32 -11.74
C GLN F 424 -36.54 55.87 -11.10
N VAL F 425 -37.37 56.84 -10.70
CA VAL F 425 -38.67 56.59 -10.10
C VAL F 425 -39.68 57.47 -10.82
N GLN F 426 -40.55 56.86 -11.61
CA GLN F 426 -41.64 57.58 -12.27
C GLN F 426 -42.97 57.10 -11.68
N ARG F 427 -43.70 58.02 -11.06
CA ARG F 427 -45.05 57.73 -10.61
C ARG F 427 -45.91 57.37 -11.82
N GLU F 428 -46.57 56.21 -11.75
CA GLU F 428 -47.40 55.72 -12.83
C GLU F 428 -48.83 55.56 -12.35
N VAL F 429 -49.77 55.93 -13.22
CA VAL F 429 -51.19 55.70 -13.00
C VAL F 429 -51.80 54.83 -14.09
N ASN F 430 -51.04 54.47 -15.12
CA ASN F 430 -51.53 53.70 -16.25
C ASN F 430 -51.36 52.21 -16.00
N ALA F 431 -52.33 51.43 -16.48
CA ALA F 431 -52.21 49.97 -16.43
C ALA F 431 -51.13 49.47 -17.38
N ALA F 432 -50.86 50.22 -18.45
CA ALA F 432 -49.81 49.88 -19.40
C ALA F 432 -49.14 51.16 -19.87
N ASP F 433 -47.81 51.17 -19.87
CA ASP F 433 -47.08 52.34 -20.34
C ASP F 433 -45.67 51.90 -20.73
N GLN F 434 -45.01 52.77 -21.50
CA GLN F 434 -43.63 52.58 -21.91
C GLN F 434 -42.81 53.72 -21.33
N VAL F 435 -41.89 53.38 -20.43
CA VAL F 435 -41.25 54.37 -19.56
C VAL F 435 -39.81 54.56 -20.03
N LEU F 436 -39.52 55.78 -20.50
CA LEU F 436 -38.17 56.13 -20.91
C LEU F 436 -37.25 56.19 -19.71
N GLN F 437 -36.14 55.45 -19.77
CA GLN F 437 -35.18 55.39 -18.66
C GLN F 437 -34.09 56.45 -18.91
N SER F 438 -34.41 57.68 -18.51
CA SER F 438 -33.52 58.81 -18.72
C SER F 438 -32.33 58.84 -17.78
N GLN F 439 -32.31 57.99 -16.76
CA GLN F 439 -31.21 57.98 -15.80
C GLN F 439 -30.03 57.15 -16.27
N LEU F 440 -30.20 56.35 -17.33
CA LEU F 440 -29.12 55.48 -17.80
C LEU F 440 -28.17 56.29 -18.68
N LYS F 441 -26.90 56.33 -18.29
CA LYS F 441 -25.87 57.05 -19.02
C LYS F 441 -24.71 56.17 -19.46
N TRP F 442 -24.48 55.05 -18.80
CA TRP F 442 -23.27 54.25 -18.93
C TRP F 442 -23.62 52.82 -19.31
N PRO F 443 -22.65 51.94 -19.55
CA PRO F 443 -23.00 50.53 -19.81
C PRO F 443 -23.71 49.92 -18.61
N VAL F 444 -24.86 49.30 -18.86
CA VAL F 444 -25.73 48.78 -17.81
C VAL F 444 -25.50 47.28 -17.69
N GLU F 445 -25.16 46.82 -16.49
CA GLU F 445 -24.96 45.40 -16.24
C GLU F 445 -26.28 44.69 -15.99
N PHE F 446 -27.12 45.26 -15.12
CA PHE F 446 -28.45 44.73 -14.85
C PHE F 446 -29.27 45.80 -14.15
N ILE F 447 -30.58 45.57 -14.09
CA ILE F 447 -31.54 46.54 -13.59
C ILE F 447 -32.49 45.85 -12.63
N TYR F 448 -32.57 46.35 -11.40
CA TYR F 448 -33.63 45.94 -10.48
C TYR F 448 -34.92 46.67 -10.85
N LEU F 449 -36.02 45.92 -10.85
CA LEU F 449 -37.30 46.46 -11.32
C LEU F 449 -38.41 46.14 -10.33
N GLY F 450 -39.31 47.10 -10.14
CA GLY F 450 -40.46 46.92 -9.27
C GLY F 450 -41.47 48.03 -9.45
N LEU F 451 -42.75 47.72 -9.21
CA LEU F 451 -43.84 48.69 -9.30
C LEU F 451 -44.52 48.71 -7.94
N ARG F 452 -44.08 49.63 -7.08
CA ARG F 452 -44.52 49.66 -5.68
C ARG F 452 -45.73 50.56 -5.54
N PRO F 453 -46.85 50.08 -5.02
CA PRO F 453 -48.03 50.94 -4.85
C PRO F 453 -47.72 52.11 -3.93
N ALA F 454 -48.31 53.27 -4.24
CA ALA F 454 -48.03 54.48 -3.48
C ALA F 454 -48.48 54.36 -2.04
N ASN F 455 -49.46 53.50 -1.76
CA ASN F 455 -49.98 53.37 -0.40
C ASN F 455 -48.97 52.74 0.56
N ASN F 456 -47.99 51.99 0.04
CA ASN F 456 -47.03 51.32 0.89
C ASN F 456 -46.17 52.30 1.68
N ILE F 457 -46.00 53.52 1.19
CA ILE F 457 -45.22 54.53 1.89
C ILE F 457 -46.11 55.69 2.35
N ALA F 458 -47.43 55.47 2.40
CA ALA F 458 -48.36 56.50 2.80
C ALA F 458 -48.58 56.46 4.32
N ALA F 459 -48.67 57.64 4.92
CA ALA F 459 -48.91 57.71 6.36
C ALA F 459 -50.26 57.10 6.72
N GLY F 460 -51.26 57.27 5.85
CA GLY F 460 -52.58 56.71 6.09
C GLY F 460 -52.64 55.20 6.11
N ASN F 461 -51.56 54.52 5.70
CA ASN F 461 -51.49 53.07 5.75
C ASN F 461 -51.00 52.66 7.13
N THR F 462 -51.91 52.09 7.93
CA THR F 462 -51.55 51.62 9.26
C THR F 462 -50.55 50.47 9.22
N TYR F 463 -50.33 49.87 8.04
CA TYR F 463 -49.33 48.83 7.86
C TYR F 463 -48.10 49.34 7.10
N GLN F 464 -47.87 50.66 7.11
CA GLN F 464 -46.73 51.21 6.38
C GLN F 464 -45.40 50.70 6.92
N TRP F 465 -45.33 50.45 8.23
CA TRP F 465 -44.09 49.97 8.84
C TRP F 465 -43.61 48.67 8.20
N ARG F 466 -44.54 47.88 7.64
CA ARG F 466 -44.22 46.62 7.00
C ARG F 466 -44.26 46.70 5.48
N ASP F 467 -45.18 47.47 4.91
CA ASP F 467 -45.36 47.50 3.46
C ASP F 467 -44.30 48.35 2.74
N TRP F 468 -43.55 49.18 3.46
CA TRP F 468 -42.74 50.21 2.81
C TRP F 468 -41.69 49.61 1.89
N HIS F 469 -41.22 48.40 2.16
CA HIS F 469 -40.19 47.77 1.35
C HIS F 469 -40.74 46.71 0.40
N HIS F 470 -42.03 46.42 0.46
CA HIS F 470 -42.63 45.45 -0.45
C HIS F 470 -42.93 46.12 -1.80
N LEU F 471 -42.69 45.36 -2.88
CA LEU F 471 -42.92 45.85 -4.23
C LEU F 471 -44.25 45.38 -4.80
N THR F 472 -45.17 44.93 -3.94
CA THR F 472 -46.51 44.53 -4.34
C THR F 472 -47.51 45.24 -3.45
N SER F 473 -48.80 45.07 -3.78
CA SER F 473 -49.86 45.50 -2.89
C SER F 473 -50.14 44.41 -1.88
N VAL F 474 -50.09 44.76 -0.60
CA VAL F 474 -50.21 43.80 0.49
C VAL F 474 -51.57 43.96 1.15
N THR F 475 -52.35 42.89 1.17
CA THR F 475 -53.62 42.85 1.88
C THR F 475 -53.49 41.90 3.06
N ASN F 476 -54.19 42.23 4.15
CA ASN F 476 -54.07 41.53 5.42
C ASN F 476 -55.22 40.54 5.57
N GLU F 477 -54.89 39.24 5.60
CA GLU F 477 -55.88 38.20 5.75
C GLU F 477 -55.82 37.65 7.17
N PRO F 478 -56.92 37.67 7.92
CA PRO F 478 -56.90 37.12 9.28
C PRO F 478 -56.94 35.60 9.28
N VAL F 479 -56.23 35.01 10.23
CA VAL F 479 -56.33 33.59 10.56
C VAL F 479 -56.64 33.49 12.04
N TYR F 480 -57.75 32.86 12.38
CA TYR F 480 -58.25 32.80 13.75
C TYR F 480 -57.90 31.47 14.40
N ASP F 481 -57.45 31.54 15.65
CA ASP F 481 -57.42 30.38 16.54
C ASP F 481 -58.62 30.50 17.46
N VAL F 482 -59.56 29.56 17.34
CA VAL F 482 -60.83 29.63 18.05
C VAL F 482 -60.92 28.45 19.00
N SER F 483 -61.32 28.73 20.25
CA SER F 483 -61.51 27.71 21.27
C SER F 483 -63.00 27.40 21.38
N GLN F 484 -63.37 26.17 21.06
CA GLN F 484 -64.74 25.70 21.15
C GLN F 484 -64.93 24.94 22.46
N SER F 485 -66.06 25.18 23.11
CA SER F 485 -66.39 24.47 24.34
C SER F 485 -67.87 24.12 24.34
N TYR F 486 -68.21 23.08 25.11
CA TYR F 486 -69.58 22.66 25.28
C TYR F 486 -69.83 22.33 26.74
N ALA F 487 -71.07 22.52 27.17
CA ALA F 487 -71.47 22.20 28.53
C ALA F 487 -72.95 21.87 28.55
N ARG F 488 -73.30 20.80 29.26
CA ARG F 488 -74.69 20.40 29.44
C ARG F 488 -74.93 20.09 30.91
N VAL F 489 -76.05 20.58 31.43
CA VAL F 489 -76.38 20.46 32.85
C VAL F 489 -77.86 20.11 32.97
N SER F 490 -78.16 19.11 33.79
CA SER F 490 -79.54 18.78 34.12
C SER F 490 -79.96 19.55 35.37
N ILE F 491 -81.08 20.28 35.27
CA ILE F 491 -81.54 21.12 36.36
C ILE F 491 -82.66 20.49 37.18
N ASP F 492 -83.05 19.26 36.86
CA ASP F 492 -84.09 18.55 37.61
C ASP F 492 -83.58 17.14 37.91
N ASP F 493 -83.26 16.88 39.17
CA ASP F 493 -82.71 15.60 39.59
C ASP F 493 -83.75 14.51 39.70
N THR F 494 -85.00 14.76 39.31
CA THR F 494 -86.04 13.74 39.32
C THR F 494 -86.50 13.34 37.92
N VAL F 495 -86.00 14.01 36.88
CA VAL F 495 -86.40 13.76 35.51
C VAL F 495 -85.17 13.32 34.72
N ALA F 496 -85.32 12.26 33.94
CA ALA F 496 -84.20 11.74 33.14
C ALA F 496 -83.71 12.80 32.18
N PRO F 497 -82.40 13.04 32.09
CA PRO F 497 -81.92 14.14 31.23
C PRO F 497 -82.13 13.88 29.74
N VAL F 498 -81.97 12.64 29.29
CA VAL F 498 -81.99 12.34 27.87
C VAL F 498 -83.35 12.69 27.28
N GLY F 499 -83.38 13.63 26.34
CA GLY F 499 -84.61 13.99 25.67
C GLY F 499 -85.51 14.94 26.43
N SER F 500 -84.97 15.67 27.41
CA SER F 500 -85.76 16.56 28.25
C SER F 500 -85.22 17.98 28.15
N THR F 501 -86.14 18.96 28.15
CA THR F 501 -85.72 20.35 28.14
C THR F 501 -85.05 20.78 29.44
N THR F 502 -85.11 19.96 30.48
CA THR F 502 -84.32 20.21 31.69
C THR F 502 -82.85 19.88 31.47
N PHE F 503 -82.50 19.26 30.35
CA PHE F 503 -81.11 18.96 29.99
C PHE F 503 -80.61 20.13 29.14
N LYS F 504 -79.93 21.07 29.79
CA LYS F 504 -79.60 22.34 29.15
C LYS F 504 -78.38 22.21 28.24
N GLN F 505 -78.26 23.15 27.30
CA GLN F 505 -77.16 23.21 26.35
C GLN F 505 -76.44 24.55 26.45
N SER F 506 -75.12 24.50 26.39
CA SER F 506 -74.31 25.71 26.38
C SER F 506 -73.09 25.47 25.50
N ALA F 507 -72.67 26.49 24.77
CA ALA F 507 -71.51 26.41 23.91
C ALA F 507 -70.88 27.80 23.81
N SER F 508 -69.59 27.82 23.48
CA SER F 508 -68.87 29.08 23.39
C SER F 508 -67.72 28.97 22.42
N GLN F 509 -67.48 30.05 21.67
CA GLN F 509 -66.32 30.20 20.80
C GLN F 509 -65.57 31.45 21.25
N VAL F 510 -64.37 31.27 21.79
CA VAL F 510 -63.54 32.38 22.27
C VAL F 510 -62.29 32.44 21.41
N MET F 511 -61.99 33.63 20.88
CA MET F 511 -60.78 33.82 20.09
C MET F 511 -59.55 33.59 20.95
N GLN F 512 -58.74 32.60 20.58
CA GLN F 512 -57.51 32.33 21.32
C GLN F 512 -56.37 33.21 20.83
N ASN F 513 -56.27 33.39 19.52
CA ASN F 513 -55.28 34.27 18.92
C ASN F 513 -55.72 34.56 17.49
N GLN F 514 -55.10 35.59 16.91
CA GLN F 514 -55.37 35.96 15.52
C GLN F 514 -54.05 36.26 14.83
N TYR F 515 -53.87 35.67 13.65
CA TYR F 515 -52.69 35.90 12.82
C TYR F 515 -53.07 36.77 11.63
N ILE F 516 -52.10 37.50 11.12
CA ILE F 516 -52.27 38.35 9.94
C ILE F 516 -51.37 37.79 8.84
N VAL F 517 -51.98 37.21 7.82
CA VAL F 517 -51.25 36.67 6.67
C VAL F 517 -51.11 37.79 5.64
N PRO F 518 -49.89 38.22 5.31
CA PRO F 518 -49.71 39.20 4.23
C PRO F 518 -49.86 38.53 2.87
N VAL F 519 -50.91 38.92 2.15
CA VAL F 519 -51.19 38.38 0.82
C VAL F 519 -50.69 39.38 -0.22
N GLU F 520 -49.73 38.94 -1.03
CA GLU F 520 -49.10 39.80 -2.03
C GLU F 520 -49.86 39.71 -3.34
N THR F 521 -50.27 40.86 -3.86
CA THR F 521 -50.92 40.97 -5.16
C THR F 521 -49.95 41.64 -6.12
N GLU F 522 -49.50 40.90 -7.13
CA GLU F 522 -48.47 41.40 -8.03
C GLU F 522 -48.97 42.61 -8.82
N THR F 523 -48.10 43.61 -8.97
CA THR F 523 -48.43 44.81 -9.72
C THR F 523 -47.95 44.74 -11.16
N LEU F 524 -46.90 43.97 -11.44
CA LEU F 524 -46.38 43.79 -12.78
C LEU F 524 -46.76 42.40 -13.28
N ASP F 525 -47.34 42.34 -14.48
CA ASP F 525 -47.72 41.07 -15.08
C ASP F 525 -46.73 40.62 -16.15
N THR F 526 -46.41 41.48 -17.12
CA THR F 526 -45.34 41.23 -18.06
C THR F 526 -44.49 42.48 -18.20
N VAL F 527 -43.22 42.29 -18.54
CA VAL F 527 -42.26 43.38 -18.68
C VAL F 527 -41.51 43.21 -19.98
N ARG F 528 -41.26 44.33 -20.66
CA ARG F 528 -40.53 44.34 -21.92
C ARG F 528 -39.42 45.37 -21.85
N VAL F 529 -38.25 45.02 -22.38
CA VAL F 529 -37.08 45.88 -22.39
C VAL F 529 -36.66 46.09 -23.83
N LYS F 530 -36.38 47.35 -24.19
CA LYS F 530 -36.15 47.67 -25.60
C LYS F 530 -35.30 48.93 -25.68
N ALA F 531 -34.18 48.84 -26.39
CA ALA F 531 -33.29 49.96 -26.60
C ALA F 531 -33.06 50.15 -28.09
N HIS F 532 -33.22 51.39 -28.56
CA HIS F 532 -33.27 51.70 -30.00
C HIS F 532 -34.47 50.94 -30.58
N GLY F 533 -34.43 50.62 -31.87
CA GLY F 533 -35.45 49.78 -32.46
C GLY F 533 -35.14 48.32 -32.27
N ILE F 534 -34.69 47.96 -31.07
CA ILE F 534 -34.19 46.62 -30.78
C ILE F 534 -34.75 46.16 -29.44
N GLU F 535 -35.44 45.02 -29.44
CA GLU F 535 -35.90 44.41 -28.20
C GLU F 535 -34.75 43.69 -27.52
N LEU F 536 -34.40 44.14 -26.32
CA LEU F 536 -33.44 43.38 -25.50
C LEU F 536 -34.13 42.22 -24.80
N TYR F 537 -35.38 42.42 -24.40
CA TYR F 537 -36.21 41.38 -23.81
C TYR F 537 -37.60 41.46 -24.41
N ALA F 538 -38.09 40.34 -24.94
CA ALA F 538 -39.46 40.29 -25.40
C ALA F 538 -40.42 40.38 -24.21
N GLN F 539 -41.70 40.55 -24.51
CA GLN F 539 -42.73 40.69 -23.48
C GLN F 539 -42.89 39.35 -22.77
N TYR F 540 -42.26 39.20 -21.62
CA TYR F 540 -42.31 37.98 -20.83
C TYR F 540 -43.02 38.22 -19.51
N ARG F 541 -43.65 37.17 -19.01
CA ARG F 541 -44.34 37.23 -17.72
C ARG F 541 -43.37 37.63 -16.61
N ALA F 542 -43.93 38.21 -15.54
CA ALA F 542 -43.09 38.71 -14.46
C ALA F 542 -42.30 37.59 -13.78
N GLN F 543 -42.89 36.41 -13.67
CA GLN F 543 -42.21 35.29 -13.02
C GLN F 543 -40.93 34.88 -13.75
N PHE F 544 -40.80 35.23 -15.03
CA PHE F 544 -39.55 34.96 -15.74
C PHE F 544 -38.43 35.84 -15.20
N TYR F 545 -38.72 37.12 -14.94
CA TYR F 545 -37.70 38.02 -14.43
C TYR F 545 -37.47 37.86 -12.93
N ARG F 546 -38.49 37.41 -12.19
CA ARG F 546 -38.37 37.27 -10.75
C ARG F 546 -37.84 35.91 -10.33
N ASP F 547 -38.30 34.84 -10.98
CA ASP F 547 -37.97 33.49 -10.55
C ASP F 547 -36.84 32.86 -11.35
N TYR F 548 -36.96 32.84 -12.69
CA TYR F 548 -36.01 32.09 -13.50
C TYR F 548 -34.65 32.76 -13.56
N ILE F 549 -34.62 34.05 -13.93
CA ILE F 549 -33.34 34.73 -14.11
C ILE F 549 -32.54 34.78 -12.81
N PRO F 550 -33.11 35.10 -11.65
CA PRO F 550 -32.32 34.99 -10.41
C PRO F 550 -31.95 33.56 -10.05
N TRP F 551 -32.74 32.57 -10.45
CA TRP F 551 -32.37 31.18 -10.18
C TRP F 551 -31.18 30.75 -11.04
N ASN F 552 -31.19 31.15 -12.31
CA ASN F 552 -30.21 30.62 -13.26
C ASN F 552 -28.87 31.35 -13.19
N TYR F 553 -28.87 32.63 -12.86
CA TYR F 553 -27.66 33.44 -12.88
C TYR F 553 -27.18 33.78 -11.49
N GLY F 554 -25.90 34.20 -11.41
CA GLY F 554 -25.36 34.82 -10.23
C GLY F 554 -24.74 33.87 -9.21
N SER F 555 -25.13 32.60 -9.22
CA SER F 555 -24.66 31.60 -8.23
C SER F 555 -25.00 32.14 -6.84
N PHE F 556 -24.11 32.01 -5.86
CA PHE F 556 -24.40 32.51 -4.51
C PHE F 556 -24.42 34.03 -4.43
N ASN F 557 -24.11 34.74 -5.51
CA ASN F 557 -24.20 36.19 -5.52
C ASN F 557 -25.60 36.71 -5.80
N LEU F 558 -26.51 35.86 -6.30
CA LEU F 558 -27.85 36.28 -6.68
C LEU F 558 -28.86 35.38 -5.98
N VAL F 559 -29.71 35.98 -5.16
CA VAL F 559 -30.72 35.26 -4.38
C VAL F 559 -32.06 35.39 -5.10
N THR F 560 -32.78 34.27 -5.21
CA THR F 560 -34.15 34.31 -5.70
C THR F 560 -34.99 35.10 -4.71
N PRO F 561 -35.52 36.26 -5.13
CA PRO F 561 -36.11 37.18 -4.15
C PRO F 561 -37.41 36.62 -3.56
N GLN F 562 -37.57 36.84 -2.26
CA GLN F 562 -38.81 36.45 -1.59
C GLN F 562 -39.97 37.35 -2.02
N ASP F 563 -39.70 38.65 -2.17
CA ASP F 563 -40.71 39.60 -2.63
C ASP F 563 -41.22 39.17 -4.00
N LYS F 564 -42.55 39.05 -4.11
CA LYS F 564 -43.15 38.63 -5.37
C LYS F 564 -43.13 39.72 -6.44
N GLY F 565 -42.71 40.94 -6.10
CA GLY F 565 -42.64 42.03 -7.04
C GLY F 565 -41.26 42.46 -7.47
N ALA F 566 -40.21 41.70 -7.12
CA ALA F 566 -38.84 42.06 -7.44
C ALA F 566 -38.43 41.37 -8.73
N LEU F 567 -38.03 42.17 -9.73
CA LEU F 567 -37.67 41.66 -11.05
C LEU F 567 -36.21 42.00 -11.34
N PHE F 568 -35.51 41.08 -11.98
CA PHE F 568 -34.09 41.22 -12.28
C PHE F 568 -33.91 41.16 -13.79
N LEU F 569 -33.63 42.30 -14.41
CA LEU F 569 -33.40 42.38 -15.86
C LEU F 569 -31.90 42.24 -16.08
N ASN F 570 -31.48 41.05 -16.47
CA ASN F 570 -30.05 40.72 -16.55
C ASN F 570 -29.51 40.94 -17.95
N PHE F 571 -28.28 41.47 -18.02
CA PHE F 571 -27.60 41.66 -19.28
C PHE F 571 -26.18 41.10 -19.29
N CYS F 572 -25.76 40.45 -18.21
CA CYS F 572 -24.45 39.83 -18.13
C CYS F 572 -24.60 38.35 -17.80
N LEU F 573 -23.50 37.60 -17.97
CA LEU F 573 -23.52 36.17 -17.75
C LEU F 573 -23.23 35.78 -16.31
N TYR F 574 -22.50 36.63 -15.57
CA TYR F 574 -22.14 36.35 -14.18
C TYR F 574 -22.38 37.59 -13.33
N PRO F 575 -23.65 37.90 -13.04
CA PRO F 575 -23.96 39.09 -12.24
C PRO F 575 -23.43 38.95 -10.82
N GLY F 576 -22.57 39.89 -10.44
CA GLY F 576 -21.96 39.91 -9.13
C GLY F 576 -20.45 39.76 -9.13
N THR F 577 -19.87 39.13 -10.15
CA THR F 577 -18.43 38.98 -10.24
C THR F 577 -17.79 40.21 -10.88
N TYR F 578 -16.53 40.43 -10.53
CA TYR F 578 -15.85 41.66 -10.95
C TYR F 578 -15.55 41.64 -12.45
N GLN F 579 -15.07 40.52 -12.97
CA GLN F 579 -14.75 40.40 -14.38
C GLN F 579 -15.99 40.67 -15.23
N PRO F 580 -15.96 41.67 -16.12
CA PRO F 580 -17.15 41.96 -16.93
C PRO F 580 -17.54 40.78 -17.79
N SER F 581 -18.86 40.65 -18.03
CA SER F 581 -19.38 39.51 -18.78
C SER F 581 -20.66 39.85 -19.52
N GLY F 582 -20.82 41.11 -19.96
CA GLY F 582 -22.00 41.50 -20.68
C GLY F 582 -22.62 42.78 -20.18
N HIS F 583 -22.97 43.67 -21.11
CA HIS F 583 -23.56 44.95 -20.75
C HIS F 583 -24.34 45.47 -21.94
N VAL F 584 -25.15 46.50 -21.70
CA VAL F 584 -25.90 47.18 -22.76
C VAL F 584 -25.07 48.37 -23.22
N ASN F 585 -24.74 48.42 -24.51
CA ASN F 585 -23.93 49.49 -25.05
C ASN F 585 -24.56 50.84 -24.76
N ILE F 586 -23.72 51.87 -24.70
CA ILE F 586 -24.18 53.19 -24.30
C ILE F 586 -25.12 53.78 -25.35
N SER F 587 -24.83 53.53 -26.63
CA SER F 587 -25.70 54.03 -27.71
C SER F 587 -27.14 53.60 -27.47
N ARG F 588 -27.34 52.33 -27.14
CA ARG F 588 -28.69 51.84 -26.85
C ARG F 588 -29.18 52.35 -25.50
N ALA F 589 -28.27 52.50 -24.54
CA ALA F 589 -28.68 52.92 -23.20
C ALA F 589 -29.26 54.33 -23.22
N ARG F 590 -28.93 55.12 -24.22
CA ARG F 590 -29.42 56.49 -24.29
C ARG F 590 -30.84 56.58 -24.81
N GLU F 591 -31.36 55.51 -25.43
CA GLU F 591 -32.77 55.44 -25.84
C GLU F 591 -33.30 54.10 -25.32
N PHE F 592 -33.56 54.03 -24.02
CA PHE F 592 -33.84 52.80 -23.30
C PHE F 592 -35.24 52.88 -22.71
N TYR F 593 -36.06 51.86 -22.98
CA TYR F 593 -37.44 51.83 -22.51
C TYR F 593 -37.71 50.56 -21.75
N ILE F 594 -38.47 50.68 -20.65
CA ILE F 594 -39.00 49.56 -19.90
C ILE F 594 -40.52 49.60 -20.03
N GLU F 595 -41.08 48.60 -20.71
CA GLU F 595 -42.51 48.53 -20.96
C GLU F 595 -43.13 47.52 -20.02
N TYR F 596 -44.20 47.92 -19.34
CA TYR F 596 -44.86 47.06 -18.36
C TYR F 596 -46.36 47.01 -18.64
N THR F 597 -46.98 45.95 -18.15
CA THR F 597 -48.43 45.85 -18.06
C THR F 597 -48.81 45.49 -16.63
N SER F 598 -50.00 45.90 -16.22
CA SER F 598 -50.42 45.75 -14.84
C SER F 598 -51.89 45.40 -14.76
N SER F 599 -52.23 44.55 -13.78
CA SER F 599 -53.61 44.31 -13.39
C SER F 599 -54.00 45.10 -12.15
N PHE F 600 -53.07 45.86 -11.59
CA PHE F 600 -53.31 46.61 -10.36
C PHE F 600 -53.27 48.12 -10.57
N CYS F 601 -52.23 48.63 -11.21
CA CYS F 601 -52.03 50.07 -11.33
C CYS F 601 -53.14 50.71 -12.15
N ASP F 602 -53.85 51.66 -11.55
CA ASP F 602 -54.89 52.41 -12.23
C ASP F 602 -55.01 53.77 -11.55
N SER F 603 -56.10 54.48 -11.85
CA SER F 603 -56.30 55.82 -11.30
C SER F 603 -56.47 55.77 -9.78
N SER F 604 -57.13 54.74 -9.26
CA SER F 604 -57.33 54.61 -7.82
C SER F 604 -56.13 54.01 -7.11
N ASN F 605 -55.15 53.49 -7.84
CA ASN F 605 -53.97 52.84 -7.25
C ASN F 605 -52.72 53.33 -7.95
N PRO F 606 -52.23 54.52 -7.59
CA PRO F 606 -50.96 54.99 -8.15
C PRO F 606 -49.80 54.17 -7.65
N CYS F 607 -48.84 53.93 -8.53
CA CYS F 607 -47.67 53.12 -8.22
C CYS F 607 -46.41 53.81 -8.72
N ASP F 608 -45.27 53.36 -8.20
CA ASP F 608 -43.97 53.91 -8.56
C ASP F 608 -43.16 52.83 -9.29
N LEU F 609 -42.86 53.08 -10.55
CA LEU F 609 -41.99 52.18 -11.31
C LEU F 609 -40.55 52.45 -10.93
N ILE F 610 -39.95 51.54 -10.17
CA ILE F 610 -38.61 51.70 -9.64
C ILE F 610 -37.65 50.93 -10.53
N SER F 611 -36.64 51.64 -11.05
CA SER F 611 -35.58 51.02 -11.85
C SER F 611 -34.25 51.48 -11.30
N ILE F 612 -33.45 50.54 -10.82
CA ILE F 612 -32.14 50.83 -10.25
C ILE F 612 -31.14 49.97 -11.03
N ALA F 613 -30.40 50.60 -11.94
CA ALA F 613 -29.42 49.89 -12.74
C ALA F 613 -28.04 49.98 -12.10
N LYS F 614 -27.27 48.90 -12.26
CA LYS F 614 -25.87 48.87 -11.86
C LYS F 614 -25.02 49.06 -13.11
N CYS F 615 -24.29 50.16 -13.16
CA CYS F 615 -23.55 50.57 -14.35
C CYS F 615 -22.06 50.39 -14.16
N ILE F 616 -21.37 50.19 -15.27
CA ILE F 616 -19.92 50.06 -15.29
C ILE F 616 -19.30 51.42 -15.57
N ASN F 617 -18.26 51.76 -14.83
CA ASN F 617 -17.50 52.97 -15.08
C ASN F 617 -16.05 52.71 -14.67
N PHE F 618 -15.23 53.74 -14.83
CA PHE F 618 -13.83 53.65 -14.51
C PHE F 618 -13.35 54.91 -13.88
N LEU F 619 -12.25 54.77 -13.17
CA LEU F 619 -11.62 55.87 -12.49
C LEU F 619 -10.13 55.81 -12.77
N LEU F 620 -9.52 56.97 -12.94
CA LEU F 620 -8.11 57.04 -13.17
C LEU F 620 -7.37 57.24 -11.85
N ILE F 621 -6.08 57.50 -11.97
CA ILE F 621 -5.24 57.77 -10.84
C ILE F 621 -4.34 58.89 -11.33
N SER F 622 -4.45 60.08 -10.76
CA SER F 622 -5.29 60.34 -9.61
C SER F 622 -6.49 61.24 -9.84
N ASP F 623 -7.69 60.68 -9.76
CA ASP F 623 -8.95 61.40 -9.94
C ASP F 623 -10.08 60.43 -10.26
N GLY F 624 -10.76 60.66 -11.37
CA GLY F 624 -11.84 59.78 -11.75
C GLY F 624 -12.83 60.36 -12.71
N SER F 625 -13.65 59.47 -13.26
CA SER F 625 -14.71 59.76 -14.21
C SER F 625 -14.23 59.55 -15.61
N ALA F 626 -14.16 58.30 -16.04
CA ALA F 626 -13.72 58.02 -17.40
C ALA F 626 -14.88 58.09 -18.37
N VAL F 627 -16.06 57.65 -17.96
CA VAL F 627 -17.25 57.69 -18.78
C VAL F 627 -18.36 58.44 -18.06
N UNK G 1 -22.25 -13.23 17.68
CA UNK G 1 -21.20 -14.24 17.75
C UNK G 1 -21.34 -15.26 16.62
N UNK G 2 -20.31 -15.35 15.79
CA UNK G 2 -20.24 -16.37 14.76
C UNK G 2 -19.61 -17.62 15.34
N UNK G 3 -19.35 -18.63 14.49
CA UNK G 3 -18.72 -19.87 14.91
C UNK G 3 -17.69 -20.27 13.84
N UNK G 4 -16.57 -19.56 13.82
CA UNK G 4 -15.54 -19.77 12.82
C UNK G 4 -14.18 -20.17 13.39
N UNK G 5 -14.05 -20.29 14.70
CA UNK G 5 -12.82 -20.82 15.27
C UNK G 5 -12.73 -22.31 14.98
N UNK G 6 -12.45 -22.66 13.72
CA UNK G 6 -12.50 -24.04 13.26
C UNK G 6 -11.19 -24.76 13.58
N UNK G 7 -11.13 -26.04 13.22
CA UNK G 7 -9.99 -26.88 13.50
C UNK G 7 -9.16 -27.10 12.24
N UNK G 8 -8.09 -27.88 12.37
CA UNK G 8 -7.23 -28.18 11.24
C UNK G 8 -7.94 -29.07 10.23
N UNK G 9 -8.64 -30.11 10.71
CA UNK G 9 -9.41 -30.96 9.81
C UNK G 9 -10.54 -30.18 9.16
N UNK G 10 -11.14 -29.24 9.89
CA UNK G 10 -12.21 -28.42 9.31
C UNK G 10 -11.65 -27.43 8.29
N UNK G 11 -10.44 -26.91 8.55
CA UNK G 11 -9.85 -25.94 7.63
C UNK G 11 -9.47 -26.60 6.30
N UNK G 12 -8.94 -27.82 6.37
CA UNK G 12 -8.62 -28.55 5.13
C UNK G 12 -9.88 -28.84 4.32
N UNK G 13 -11.03 -28.95 5.00
CA UNK G 13 -12.29 -29.17 4.29
C UNK G 13 -12.84 -27.88 3.70
N UNK G 14 -12.60 -26.74 4.35
CA UNK G 14 -13.00 -25.46 3.77
C UNK G 14 -12.18 -25.16 2.52
N UNK G 15 -10.88 -25.45 2.55
CA UNK G 15 -10.06 -25.32 1.36
C UNK G 15 -10.49 -26.32 0.29
N UNK G 16 -11.01 -27.49 0.70
CA UNK G 16 -11.49 -28.47 -0.26
C UNK G 16 -12.82 -28.03 -0.87
N UNK G 17 -13.71 -27.44 -0.06
CA UNK G 17 -14.99 -26.99 -0.56
C UNK G 17 -14.83 -25.88 -1.60
N UNK G 18 -13.74 -25.11 -1.51
CA UNK G 18 -13.47 -24.08 -2.50
C UNK G 18 -12.95 -24.65 -3.82
N UNK G 19 -12.39 -25.87 -3.80
CA UNK G 19 -11.83 -26.44 -5.02
C UNK G 19 -12.89 -26.64 -6.09
N UNK G 20 -14.08 -27.11 -5.70
CA UNK G 20 -15.22 -27.23 -6.60
C UNK G 20 -16.18 -26.09 -6.24
N UNK G 21 -16.01 -24.96 -6.91
CA UNK G 21 -16.84 -23.78 -6.65
C UNK G 21 -16.88 -22.87 -7.87
N UNK H 1 -18.21 -50.75 19.60
CA UNK H 1 -17.09 -49.84 19.65
C UNK H 1 -16.04 -50.29 20.65
N UNK H 2 -14.81 -50.49 20.16
CA UNK H 2 -13.68 -50.74 21.04
C UNK H 2 -13.16 -49.40 21.56
N UNK H 3 -12.00 -49.41 22.22
CA UNK H 3 -11.42 -48.22 22.82
C UNK H 3 -9.96 -48.11 22.38
N UNK H 4 -9.76 -47.64 21.15
CA UNK H 4 -8.42 -47.58 20.58
C UNK H 4 -8.01 -46.20 20.06
N UNK H 5 -8.91 -45.22 20.02
CA UNK H 5 -8.55 -43.87 19.60
C UNK H 5 -7.63 -43.26 20.65
N UNK H 6 -6.38 -43.71 20.62
CA UNK H 6 -5.39 -43.37 21.65
C UNK H 6 -4.61 -42.12 21.28
N UNK H 7 -3.79 -41.67 22.22
CA UNK H 7 -3.04 -40.42 22.08
C UNK H 7 -1.60 -40.71 21.66
N UNK H 8 -0.84 -39.62 21.49
CA UNK H 8 0.59 -39.76 21.17
C UNK H 8 1.35 -40.31 22.37
N UNK H 9 0.97 -39.90 23.58
CA UNK H 9 1.58 -40.46 24.78
C UNK H 9 1.33 -41.96 24.88
N UNK H 10 0.12 -42.40 24.53
CA UNK H 10 -0.22 -43.81 24.67
C UNK H 10 0.50 -44.67 23.64
N UNK H 11 0.59 -44.20 22.39
CA UNK H 11 1.24 -45.00 21.35
C UNK H 11 2.71 -45.19 21.63
N UNK H 12 3.37 -44.17 22.21
CA UNK H 12 4.78 -44.30 22.56
C UNK H 12 5.01 -45.37 23.62
N UNK H 13 3.99 -45.73 24.39
CA UNK H 13 4.09 -46.81 25.35
C UNK H 13 3.65 -48.15 24.76
N UNK H 14 2.70 -48.14 23.83
CA UNK H 14 2.33 -49.38 23.14
C UNK H 14 3.49 -49.90 22.30
N UNK H 15 4.19 -49.01 21.61
CA UNK H 15 5.41 -49.41 20.91
C UNK H 15 6.50 -49.82 21.90
N UNK H 16 6.53 -49.18 23.07
CA UNK H 16 7.50 -49.57 24.10
C UNK H 16 7.13 -50.90 24.73
N UNK H 17 5.83 -51.14 24.95
CA UNK H 17 5.40 -52.44 25.44
C UNK H 17 5.71 -53.55 24.45
N UNK H 18 5.66 -53.23 23.15
CA UNK H 18 6.03 -54.20 22.13
C UNK H 18 7.51 -54.51 22.14
N UNK H 19 8.34 -53.61 22.71
CA UNK H 19 9.78 -53.86 22.74
C UNK H 19 10.13 -55.05 23.62
N UNK H 20 9.36 -55.27 24.68
CA UNK H 20 9.59 -56.38 25.62
C UNK H 20 8.43 -57.37 25.48
N UNK H 21 8.63 -58.40 24.68
CA UNK H 21 7.62 -59.44 24.48
C UNK H 21 8.23 -60.70 23.90
N UNK I 1 -1.93 -27.71 46.55
CA UNK I 1 -2.38 -27.13 45.30
C UNK I 1 -1.24 -26.44 44.55
N UNK I 2 -1.34 -26.46 43.22
CA UNK I 2 -0.40 -25.80 42.31
C UNK I 2 -0.87 -25.99 40.88
N UNK I 3 -0.88 -24.91 40.09
CA UNK I 3 -1.45 -24.94 38.73
C UNK I 3 -0.47 -24.28 37.76
N UNK I 4 0.60 -25.00 37.41
CA UNK I 4 1.60 -24.50 36.49
C UNK I 4 1.69 -25.28 35.19
N UNK I 5 0.88 -26.34 35.02
CA UNK I 5 0.84 -27.09 33.76
C UNK I 5 0.17 -26.20 32.71
N UNK I 6 0.98 -25.31 32.14
CA UNK I 6 0.49 -24.28 31.24
C UNK I 6 0.67 -24.68 29.78
N UNK I 7 0.13 -23.86 28.88
CA UNK I 7 0.12 -24.11 27.46
C UNK I 7 1.26 -23.36 26.77
N UNK I 8 1.36 -23.56 25.45
CA UNK I 8 2.41 -22.89 24.68
C UNK I 8 2.20 -21.38 24.68
N UNK I 9 0.94 -20.93 24.62
CA UNK I 9 0.68 -19.50 24.66
C UNK I 9 1.10 -18.90 26.00
N UNK I 10 0.86 -19.63 27.09
CA UNK I 10 1.23 -19.11 28.41
C UNK I 10 2.75 -19.11 28.59
N UNK I 11 3.43 -20.13 28.08
CA UNK I 11 4.89 -20.18 28.20
C UNK I 11 5.53 -19.03 27.44
N UNK I 12 5.07 -18.77 26.21
CA UNK I 12 5.57 -17.63 25.45
C UNK I 12 5.24 -16.30 26.13
N UNK I 13 4.20 -16.27 26.95
CA UNK I 13 3.88 -15.07 27.70
C UNK I 13 4.75 -14.92 28.94
N UNK I 14 5.17 -16.05 29.54
CA UNK I 14 6.10 -15.98 30.65
C UNK I 14 7.49 -15.56 30.16
N UNK I 15 7.94 -16.16 29.06
CA UNK I 15 9.19 -15.72 28.45
C UNK I 15 9.12 -14.25 28.05
N UNK I 16 7.96 -13.79 27.58
CA UNK I 16 7.78 -12.39 27.24
C UNK I 16 7.85 -11.51 28.49
N UNK I 17 7.14 -11.92 29.55
CA UNK I 17 7.17 -11.14 30.79
C UNK I 17 8.54 -11.14 31.45
N UNK I 18 9.36 -12.15 31.18
CA UNK I 18 10.71 -12.16 31.72
C UNK I 18 11.61 -11.13 31.03
N UNK I 19 11.28 -10.76 29.80
CA UNK I 19 12.10 -9.81 29.05
C UNK I 19 12.12 -8.44 29.72
N UNK I 20 10.99 -8.02 30.29
CA UNK I 20 10.86 -6.74 30.95
C UNK I 20 10.77 -7.00 32.46
N UNK I 21 11.90 -6.87 33.14
CA UNK I 21 11.96 -7.07 34.59
C UNK I 21 13.19 -6.41 35.19
N UNK J 1 1.91 41.20 -42.77
CA UNK J 1 2.49 40.89 -41.48
C UNK J 1 2.47 42.09 -40.55
N UNK J 2 1.34 42.30 -39.88
CA UNK J 2 1.30 43.26 -38.79
C UNK J 2 1.98 42.67 -37.56
N UNK J 3 2.12 43.48 -36.52
CA UNK J 3 2.77 43.09 -35.28
C UNK J 3 1.82 43.37 -34.12
N UNK J 4 0.74 42.59 -34.03
CA UNK J 4 -0.29 42.81 -33.04
C UNK J 4 -0.45 41.69 -32.03
N UNK J 5 0.15 40.52 -32.25
CA UNK J 5 0.07 39.42 -31.29
C UNK J 5 0.83 39.84 -30.04
N UNK J 6 0.16 40.64 -29.21
CA UNK J 6 0.79 41.28 -28.06
C UNK J 6 0.61 40.44 -26.80
N UNK J 7 1.25 40.89 -25.73
CA UNK J 7 1.24 40.17 -24.46
C UNK J 7 0.13 40.69 -23.54
N UNK J 8 -0.01 40.02 -22.40
CA UNK J 8 -1.01 40.44 -21.41
C UNK J 8 -0.67 41.81 -20.84
N UNK J 9 0.60 42.06 -20.54
CA UNK J 9 1.01 43.38 -20.07
C UNK J 9 0.78 44.43 -21.14
N UNK J 10 1.03 44.08 -22.41
CA UNK J 10 0.76 45.01 -23.49
C UNK J 10 -0.73 45.25 -23.68
N UNK J 11 -1.56 44.25 -23.40
CA UNK J 11 -3.01 44.41 -23.52
C UNK J 11 -3.55 45.35 -22.45
N UNK J 12 -3.09 45.18 -21.21
CA UNK J 12 -3.53 46.06 -20.13
C UNK J 12 -3.13 47.51 -20.36
N UNK J 13 -2.06 47.75 -21.12
CA UNK J 13 -1.67 49.11 -21.49
C UNK J 13 -2.44 49.63 -22.70
N UNK J 14 -2.80 48.75 -23.63
CA UNK J 14 -3.64 49.15 -24.75
C UNK J 14 -5.03 49.55 -24.27
N UNK J 15 -5.58 48.80 -23.31
CA UNK J 15 -6.84 49.22 -22.68
C UNK J 15 -6.66 50.46 -21.83
N UNK J 16 -5.45 50.70 -21.32
CA UNK J 16 -5.18 51.89 -20.52
C UNK J 16 -5.10 53.13 -21.40
N UNK J 17 -4.36 53.03 -22.52
CA UNK J 17 -4.28 54.15 -23.44
C UNK J 17 -5.65 54.50 -24.02
N UNK J 18 -6.53 53.52 -24.13
CA UNK J 18 -7.90 53.79 -24.58
C UNK J 18 -8.71 54.53 -23.52
N UNK J 19 -8.29 54.48 -22.26
CA UNK J 19 -9.05 55.14 -21.19
C UNK J 19 -8.95 56.65 -21.27
N UNK J 20 -7.80 57.18 -21.68
CA UNK J 20 -7.57 58.62 -21.80
C UNK J 20 -7.44 58.96 -23.28
N UNK J 21 -8.54 59.43 -23.86
CA UNK J 21 -8.57 59.77 -25.28
C UNK J 21 -9.78 60.66 -25.59
N UNK K 1 23.34 45.98 -12.03
CA UNK K 1 22.56 44.85 -12.53
C UNK K 1 22.77 43.59 -11.70
N UNK K 2 21.74 43.23 -10.95
CA UNK K 2 21.74 41.96 -10.22
C UNK K 2 21.14 40.88 -11.12
N UNK K 3 20.44 39.91 -10.51
CA UNK K 3 19.79 38.86 -11.28
C UNK K 3 18.75 38.14 -10.44
N UNK K 4 17.72 38.87 -10.00
CA UNK K 4 16.71 38.30 -9.13
C UNK K 4 15.34 38.20 -9.79
N UNK K 5 15.21 38.55 -11.07
CA UNK K 5 13.96 38.37 -11.80
C UNK K 5 13.71 36.88 -11.98
N UNK K 6 13.28 36.24 -10.90
CA UNK K 6 13.17 34.79 -10.84
C UNK K 6 11.76 34.35 -11.23
N UNK K 7 11.55 33.03 -11.26
CA UNK K 7 10.30 32.45 -11.72
C UNK K 7 9.44 32.00 -10.54
N UNK K 8 8.21 31.56 -10.86
CA UNK K 8 7.34 31.02 -9.85
C UNK K 8 7.88 29.72 -9.28
N UNK K 9 8.47 28.88 -10.14
CA UNK K 9 9.17 27.69 -9.66
C UNK K 9 10.36 28.07 -8.80
N UNK K 10 11.02 29.18 -9.13
CA UNK K 10 12.15 29.64 -8.34
C UNK K 10 11.71 30.20 -7.01
N UNK K 11 10.57 30.90 -6.98
CA UNK K 11 10.10 31.48 -5.73
C UNK K 11 9.68 30.40 -4.74
N UNK K 12 9.02 29.35 -5.23
CA UNK K 12 8.62 28.25 -4.34
C UNK K 12 9.82 27.61 -3.67
N UNK K 13 10.98 27.64 -4.33
CA UNK K 13 12.21 27.13 -3.71
C UNK K 13 12.85 28.15 -2.78
N UNK K 14 12.73 29.44 -3.09
CA UNK K 14 13.21 30.46 -2.18
C UNK K 14 12.38 30.49 -0.90
N UNK K 15 11.05 30.33 -1.04
CA UNK K 15 10.21 30.17 0.13
C UNK K 15 10.48 28.84 0.83
N UNK K 16 10.88 27.82 0.07
CA UNK K 16 11.21 26.53 0.67
C UNK K 16 12.53 26.58 1.42
N UNK K 17 13.51 27.30 0.89
CA UNK K 17 14.81 27.38 1.54
C UNK K 17 14.71 28.03 2.91
N UNK K 18 13.76 28.96 3.08
CA UNK K 18 13.55 29.58 4.39
C UNK K 18 12.89 28.61 5.37
N UNK K 19 12.21 27.58 4.88
CA UNK K 19 11.53 26.65 5.78
C UNK K 19 12.51 25.90 6.67
N UNK K 20 13.71 25.60 6.16
CA UNK K 20 14.74 24.92 6.93
C UNK K 20 15.89 25.90 7.12
N UNK K 21 15.74 26.79 8.10
CA UNK K 21 16.75 27.79 8.39
C UNK K 21 16.63 28.29 9.83
N UNK L 1 15.91 10.16 -25.15
CA UNK L 1 15.84 11.53 -25.62
C UNK L 1 14.65 11.72 -26.56
N UNK L 2 13.45 11.67 -25.99
CA UNK L 2 12.23 11.89 -26.75
C UNK L 2 11.89 13.38 -26.75
N UNK L 3 10.76 13.71 -27.40
CA UNK L 3 10.27 15.09 -27.47
C UNK L 3 8.84 15.11 -26.97
N UNK L 4 8.68 14.95 -25.65
CA UNK L 4 7.35 14.92 -25.04
C UNK L 4 7.07 16.09 -24.11
N UNK L 5 8.07 16.91 -23.79
CA UNK L 5 7.83 18.12 -22.99
C UNK L 5 7.02 19.10 -23.85
N UNK L 6 5.74 18.79 -23.98
CA UNK L 6 4.85 19.52 -24.85
C UNK L 6 4.14 20.65 -24.11
N UNK L 7 3.41 21.46 -24.87
CA UNK L 7 2.70 22.62 -24.32
C UNK L 7 1.21 22.32 -24.20
N UNK L 8 0.49 23.25 -23.56
CA UNK L 8 -0.94 23.10 -23.39
C UNK L 8 -1.66 23.06 -24.72
N UNK L 9 -1.25 23.93 -25.66
CA UNK L 9 -1.84 23.89 -27.00
C UNK L 9 -1.54 22.55 -27.68
N UNK L 10 -0.34 22.02 -27.48
CA UNK L 10 0.00 20.71 -28.03
C UNK L 10 -0.78 19.61 -27.32
N UNK L 11 -0.97 19.74 -26.00
CA UNK L 11 -1.75 18.75 -25.28
C UNK L 11 -3.23 18.84 -25.64
N UNK L 12 -3.75 20.06 -25.76
CA UNK L 12 -5.14 20.25 -26.19
C UNK L 12 -5.39 19.76 -27.60
N UNK L 13 -4.35 19.34 -28.33
CA UNK L 13 -4.50 18.64 -29.59
C UNK L 13 -4.23 17.15 -29.50
N UNK L 14 -3.50 16.70 -28.48
CA UNK L 14 -3.17 15.28 -28.36
C UNK L 14 -4.36 14.48 -27.84
N UNK L 15 -5.01 14.95 -26.79
CA UNK L 15 -6.22 14.29 -26.32
C UNK L 15 -7.38 14.45 -27.29
N UNK L 16 -7.35 15.47 -28.15
CA UNK L 16 -8.36 15.61 -29.19
C UNK L 16 -8.13 14.60 -30.30
N UNK L 17 -6.88 14.45 -30.74
CA UNK L 17 -6.55 13.38 -31.67
C UNK L 17 -6.81 12.01 -31.06
N UNK L 18 -6.81 11.92 -29.74
CA UNK L 18 -7.15 10.66 -29.08
C UNK L 18 -8.64 10.34 -29.24
N UNK L 19 -9.48 11.36 -29.37
CA UNK L 19 -10.92 11.17 -29.53
C UNK L 19 -11.24 10.42 -30.81
#